data_8DH3
#
_entry.id   8DH3
#
_cell.length_a   79.067
_cell.length_b   86.271
_cell.length_c   201.967
_cell.angle_alpha   89.700
_cell.angle_beta   86.010
_cell.angle_gamma   69.450
#
_symmetry.space_group_name_H-M   'P 1'
#
loop_
_entity.id
_entity.type
_entity.pdbx_description
1 polymer 'T7 RNA polymerase'
2 polymer 'Template strand DNA'
3 polymer RNA
4 polymer 'Non-template strand DNA'
#
loop_
_entity_poly.entity_id
_entity_poly.type
_entity_poly.pdbx_seq_one_letter_code
_entity_poly.pdbx_strand_id
1 'polypeptide(L)'
;MNTINIAKNDFSDIELAAIPFNTLADHYGERLAREQLALEHESYEMGEARFRKMFERQLKAGEVADNAAAKPLITTLLPK
MIARINDWFEEVKAKRGKRPTAFQFLQEIKPEAVAYITIKTTLACLTSADNTTVQAVASAIGRAIEDEARFGRIRDLEAK
HFKKNVEEQLNKRVGHVYKKAFMQVVEADMLSKGLLGGEAWSSWHKEDSIHVGVRCIEMLIESTGMVSLHRQNAGVVGQD
SETIELAPEYAEAIATRAGALAGISPMFQPCVVPPKPWTGITGGGYWANGRRPLALVRTHSKKALMRYEDVYMPEVYKAI
NIAQNTAWKINKKVLAVANVITKWKHCPVEDIPAIEREELPMKPEDIDMNPEALTAWKRAAAAVYRKDKARKSRRISLEF
MLEQANKFANHKAIWFPYNMDWRGRVYAVSMFNPQGNDMTKGLLTLAKGKPIGKEGYYWLKIHGANCAGVDKVPFPERIK
FIEENHENIMACAKSPLENTWWAEQDSPFCFLAFCFEYAGVQHHGLSYNCSLPLAFDGSCSGIQHFSAMLRDEVGGRAVN
LLPSETVQDIYGIVAKKVNEILQADAINGTDNEVVTVTDENTGEISEKVKLGTKALAGQWLAYGVTRSVTKRSVMTLAYG
SKEFGFRQQVLEDTIQPAIDSGKGLMFTQPNQAAGYMAKLIWESVSVTVVAAVEAMNWLKSAAKLLAAEVKDKKTGEILR
KRCAVHWVTPDGFPVWQEYKKPIQTRLNLMFLGQFRLQPTINTNKDSEIDAHKQESGIAPNFVHSQDGSHLRKTVVWAHE
KYGIESFALIHDSFGTIPADAANLFKAVRETMVDTYESCDVLADFYDQFADQLHESQLDKMPALPAKGNLNLRDILESDF
AFA
;
B,E,I,M
2 'polydeoxyribonucleotide' (DG)(DG)(DG)(DA)(DA)(DT)(DC)(DG)(DA)(S8U)(DA)(DT)(DC)(DG)(DC)(DC)(DG)(DC) A,F,J,N
3 'polyribonucleotide' AACUGCGGCGAU C,G,K,O
4 'polydeoxyribonucleotide' (DT)(DC)(DG)(DA)(DT)(DT)(DC)(DC)(DC) D,H,L,P
#
# COMPACT_ATOMS: atom_id res chain seq x y z
N MET A 1 -22.61 -34.32 -29.66
CA MET A 1 -22.48 -35.58 -28.95
C MET A 1 -21.08 -36.16 -29.15
N ASN A 2 -20.66 -36.26 -30.41
CA ASN A 2 -19.33 -36.74 -30.77
C ASN A 2 -18.67 -35.67 -31.63
N THR A 3 -17.61 -35.07 -31.11
CA THR A 3 -16.94 -33.95 -31.77
C THR A 3 -15.85 -34.45 -32.69
N ILE A 4 -15.76 -33.84 -33.87
CA ILE A 4 -14.67 -34.13 -34.78
C ILE A 4 -13.37 -33.58 -34.21
N ASN A 5 -12.26 -34.20 -34.58
CA ASN A 5 -10.93 -33.75 -34.16
C ASN A 5 -10.32 -32.95 -35.29
N ILE A 6 -10.19 -31.64 -35.09
CA ILE A 6 -9.62 -30.75 -36.10
C ILE A 6 -8.12 -30.99 -36.25
N ALA A 7 -7.50 -31.65 -35.27
CA ALA A 7 -6.04 -31.77 -35.23
C ALA A 7 -5.49 -32.69 -36.32
N LYS A 8 -6.26 -33.67 -36.77
CA LYS A 8 -5.73 -34.71 -37.65
C LYS A 8 -5.35 -34.17 -39.03
N ASN A 9 -6.12 -33.20 -39.54
CA ASN A 9 -5.83 -32.63 -40.85
C ASN A 9 -5.43 -31.17 -40.78
N ASP A 10 -6.18 -30.34 -40.06
CA ASP A 10 -5.94 -28.90 -40.06
C ASP A 10 -4.70 -28.51 -39.26
N PHE A 11 -4.52 -29.10 -38.07
CA PHE A 11 -3.41 -28.69 -37.22
C PHE A 11 -2.07 -29.21 -37.75
N SER A 12 -2.10 -30.31 -38.49
CA SER A 12 -0.86 -30.81 -39.11
C SER A 12 -0.37 -29.89 -40.21
N ASP A 13 -1.27 -29.12 -40.82
CA ASP A 13 -0.90 -28.27 -41.94
C ASP A 13 0.04 -27.14 -41.52
N ILE A 14 -0.19 -26.57 -40.33
CA ILE A 14 0.62 -25.43 -39.89
C ILE A 14 2.07 -25.79 -39.63
N GLU A 15 2.37 -27.08 -39.44
CA GLU A 15 3.75 -27.52 -39.30
C GLU A 15 4.40 -27.88 -40.62
N LEU A 16 3.63 -28.38 -41.58
CA LEU A 16 4.18 -28.89 -42.84
C LEU A 16 3.92 -27.96 -44.02
N ALA A 17 3.36 -26.77 -43.79
CA ALA A 17 3.05 -25.86 -44.88
C ALA A 17 4.33 -25.34 -45.53
N ALA A 18 4.30 -25.21 -46.86
CA ALA A 18 5.52 -24.96 -47.63
C ALA A 18 6.08 -23.56 -47.37
N ILE A 19 5.25 -22.54 -47.50
CA ILE A 19 5.73 -21.15 -47.44
C ILE A 19 6.00 -20.63 -46.03
N PRO A 20 5.23 -20.94 -44.97
CA PRO A 20 5.62 -20.42 -43.65
C PRO A 20 6.94 -20.95 -43.13
N PHE A 21 7.26 -22.21 -43.41
CA PHE A 21 8.49 -22.80 -42.88
C PHE A 21 9.72 -22.21 -43.55
N ASN A 22 9.66 -22.00 -44.87
CA ASN A 22 10.80 -21.42 -45.58
C ASN A 22 11.07 -20.00 -45.14
N THR A 23 10.02 -19.18 -45.00
CA THR A 23 10.21 -17.80 -44.55
C THR A 23 10.78 -17.73 -43.14
N LEU A 24 10.46 -18.74 -42.31
CA LEU A 24 11.09 -18.83 -41.00
C LEU A 24 12.50 -19.38 -41.11
N ALA A 25 12.74 -20.31 -42.05
CA ALA A 25 14.05 -20.92 -42.18
C ALA A 25 15.08 -19.94 -42.75
N ASP A 26 14.65 -19.08 -43.68
CA ASP A 26 15.57 -18.12 -44.26
C ASP A 26 16.04 -17.08 -43.24
N HIS A 27 15.18 -16.69 -42.31
CA HIS A 27 15.56 -15.71 -41.31
C HIS A 27 16.37 -16.33 -40.17
N TYR A 28 15.99 -17.53 -39.72
CA TYR A 28 16.57 -18.06 -38.49
C TYR A 28 16.98 -19.52 -38.58
N GLY A 29 17.15 -20.06 -39.77
CA GLY A 29 17.57 -21.46 -39.86
C GLY A 29 16.38 -22.41 -39.84
N GLU A 30 16.58 -23.59 -40.44
CA GLU A 30 15.48 -24.54 -40.52
C GLU A 30 15.23 -25.24 -39.19
N ARG A 31 16.25 -25.43 -38.36
CA ARG A 31 16.07 -26.20 -37.13
C ARG A 31 15.31 -25.40 -36.09
N LEU A 32 15.55 -24.09 -36.02
CA LEU A 32 14.73 -23.24 -35.17
C LEU A 32 13.30 -23.15 -35.68
N ALA A 33 13.12 -23.29 -37.00
CA ALA A 33 11.77 -23.28 -37.58
C ALA A 33 10.97 -24.50 -37.16
N ARG A 34 11.62 -25.67 -37.09
CA ARG A 34 10.92 -26.89 -36.67
C ARG A 34 10.45 -26.79 -35.23
N GLU A 35 11.29 -26.24 -34.34
CA GLU A 35 10.89 -26.10 -32.95
C GLU A 35 9.76 -25.08 -32.79
N GLN A 36 9.85 -23.96 -33.50
CA GLN A 36 8.81 -22.93 -33.41
C GLN A 36 7.47 -23.43 -33.94
N LEU A 37 7.49 -24.08 -35.11
CA LEU A 37 6.26 -24.57 -35.70
C LEU A 37 5.62 -25.68 -34.87
N ALA A 38 6.43 -26.52 -34.23
CA ALA A 38 5.89 -27.51 -33.31
C ALA A 38 5.31 -26.86 -32.06
N LEU A 39 5.94 -25.77 -31.60
CA LEU A 39 5.41 -25.03 -30.46
C LEU A 39 4.07 -24.39 -30.78
N GLU A 40 3.95 -23.79 -31.97
CA GLU A 40 2.67 -23.24 -32.39
C GLU A 40 1.64 -24.34 -32.65
N HIS A 41 2.09 -25.53 -33.05
CA HIS A 41 1.19 -26.67 -33.15
C HIS A 41 0.71 -27.11 -31.77
N GLU A 42 1.61 -27.12 -30.78
CA GLU A 42 1.21 -27.43 -29.41
C GLU A 42 0.27 -26.38 -28.86
N SER A 43 0.47 -25.11 -29.25
CA SER A 43 -0.42 -24.04 -28.81
C SER A 43 -1.85 -24.29 -29.28
N TYR A 44 -2.02 -24.77 -30.51
CA TYR A 44 -3.34 -25.14 -30.99
C TYR A 44 -3.80 -26.47 -30.41
N GLU A 45 -2.86 -27.37 -30.11
CA GLU A 45 -3.20 -28.63 -29.46
C GLU A 45 -3.80 -28.40 -28.07
N MET A 46 -3.17 -27.51 -27.29
CA MET A 46 -3.63 -27.27 -25.92
C MET A 46 -4.96 -26.54 -25.89
N GLY A 47 -5.19 -25.63 -26.85
CA GLY A 47 -6.44 -24.89 -26.87
C GLY A 47 -7.63 -25.77 -27.21
N GLU A 48 -7.44 -26.73 -28.13
CA GLU A 48 -8.52 -27.66 -28.45
C GLU A 48 -8.85 -28.55 -27.25
N ALA A 49 -7.83 -28.99 -26.52
CA ALA A 49 -8.06 -29.77 -25.30
C ALA A 49 -8.77 -28.96 -24.24
N ARG A 50 -8.53 -27.65 -24.19
CA ARG A 50 -9.24 -26.79 -23.25
C ARG A 50 -10.74 -26.73 -23.58
N PHE A 51 -11.07 -26.63 -24.87
CA PHE A 51 -12.48 -26.59 -25.26
C PHE A 51 -13.15 -27.94 -25.01
N ARG A 52 -12.42 -29.04 -25.22
CA ARG A 52 -13.02 -30.37 -25.05
C ARG A 52 -13.35 -30.66 -23.59
N LYS A 53 -12.45 -30.28 -22.67
CA LYS A 53 -12.72 -30.50 -21.25
C LYS A 53 -13.87 -29.62 -20.78
N MET A 54 -13.92 -28.36 -21.24
CA MET A 54 -15.02 -27.49 -20.89
C MET A 54 -16.33 -28.00 -21.47
N PHE A 55 -16.30 -28.48 -22.71
CA PHE A 55 -17.51 -29.01 -23.35
C PHE A 55 -18.03 -30.23 -22.59
N GLU A 56 -17.13 -31.16 -22.24
CA GLU A 56 -17.53 -32.35 -21.51
C GLU A 56 -18.11 -32.02 -20.14
N ARG A 57 -17.53 -31.01 -19.48
CA ARG A 57 -18.08 -30.54 -18.21
C ARG A 57 -19.46 -29.92 -18.41
N GLN A 58 -19.64 -29.14 -19.47
CA GLN A 58 -20.96 -28.58 -19.78
C GLN A 58 -21.94 -29.65 -20.22
N LEU A 59 -21.46 -30.70 -20.89
CA LEU A 59 -22.30 -31.85 -21.19
C LEU A 59 -22.82 -32.53 -19.93
N LYS A 60 -21.96 -32.71 -18.92
CA LYS A 60 -22.37 -33.42 -17.72
C LYS A 60 -23.42 -32.64 -16.92
N ALA A 61 -23.24 -31.34 -16.79
CA ALA A 61 -24.12 -30.50 -15.97
C ALA A 61 -25.28 -29.91 -16.76
N GLY A 62 -25.45 -30.30 -18.02
CA GLY A 62 -26.54 -29.77 -18.81
C GLY A 62 -26.35 -28.37 -19.32
N GLU A 63 -25.11 -27.85 -19.28
CA GLU A 63 -24.81 -26.49 -19.68
C GLU A 63 -24.42 -26.39 -21.16
N VAL A 64 -24.93 -27.31 -21.99
CA VAL A 64 -24.56 -27.33 -23.40
C VAL A 64 -25.10 -26.11 -24.12
N ALA A 65 -26.28 -25.63 -23.73
CA ALA A 65 -26.85 -24.43 -24.34
C ALA A 65 -26.02 -23.19 -24.04
N ASP A 66 -25.30 -23.19 -22.91
CA ASP A 66 -24.39 -22.08 -22.61
C ASP A 66 -23.18 -22.08 -23.52
N ASN A 67 -22.79 -23.25 -24.04
CA ASN A 67 -21.66 -23.33 -24.96
C ASN A 67 -21.99 -22.63 -26.27
N ALA A 68 -20.96 -22.04 -26.88
CA ALA A 68 -21.15 -21.29 -28.11
C ALA A 68 -21.52 -22.15 -29.31
N ALA A 69 -21.37 -23.48 -29.20
CA ALA A 69 -21.76 -24.36 -30.30
C ALA A 69 -23.29 -24.42 -30.45
N ALA A 70 -24.01 -24.38 -29.34
CA ALA A 70 -25.47 -24.45 -29.36
C ALA A 70 -26.14 -23.12 -29.59
N LYS A 71 -25.40 -22.01 -29.50
CA LYS A 71 -26.02 -20.68 -29.63
C LYS A 71 -26.61 -20.41 -31.02
N PRO A 72 -25.91 -20.68 -32.14
CA PRO A 72 -26.57 -20.43 -33.45
C PRO A 72 -27.81 -21.27 -33.69
N LEU A 73 -27.85 -22.49 -33.16
CA LEU A 73 -29.03 -23.33 -33.32
C LEU A 73 -30.23 -22.75 -32.57
N ILE A 74 -30.02 -22.32 -31.32
CA ILE A 74 -31.10 -21.76 -30.52
C ILE A 74 -31.57 -20.43 -31.09
N THR A 75 -30.65 -19.64 -31.64
CA THR A 75 -30.99 -18.33 -32.18
C THR A 75 -31.97 -18.44 -33.34
N THR A 76 -31.85 -19.47 -34.16
CA THR A 76 -32.81 -19.71 -35.23
C THR A 76 -34.01 -20.53 -34.79
N LEU A 77 -33.83 -21.38 -33.77
CA LEU A 77 -34.93 -22.21 -33.28
C LEU A 77 -35.91 -21.42 -32.43
N LEU A 78 -35.44 -20.40 -31.71
CA LEU A 78 -36.29 -19.67 -30.79
C LEU A 78 -37.46 -18.94 -31.45
N PRO A 79 -37.33 -18.23 -32.58
CA PRO A 79 -38.49 -17.52 -33.13
C PRO A 79 -39.66 -18.40 -33.50
N LYS A 80 -39.43 -19.67 -33.84
CA LYS A 80 -40.56 -20.55 -34.14
C LYS A 80 -41.17 -21.14 -32.87
N MET A 81 -40.36 -21.34 -31.83
CA MET A 81 -40.90 -21.87 -30.57
C MET A 81 -41.76 -20.85 -29.85
N ILE A 82 -41.36 -19.57 -29.89
CA ILE A 82 -42.15 -18.54 -29.22
C ILE A 82 -43.48 -18.34 -29.95
N ALA A 83 -43.48 -18.42 -31.28
CA ALA A 83 -44.70 -18.21 -32.04
C ALA A 83 -45.68 -19.36 -31.83
N ARG A 84 -45.17 -20.59 -31.71
CA ARG A 84 -46.06 -21.75 -31.56
C ARG A 84 -46.83 -21.70 -30.24
N ILE A 85 -46.17 -21.27 -29.15
CA ILE A 85 -46.88 -21.21 -27.88
C ILE A 85 -47.79 -20.00 -27.81
N ASN A 86 -47.47 -18.92 -28.54
CA ASN A 86 -48.37 -17.78 -28.60
C ASN A 86 -49.62 -18.12 -29.41
N ASP A 87 -49.45 -18.83 -30.54
CA ASP A 87 -50.60 -19.26 -31.32
C ASP A 87 -51.45 -20.26 -30.55
N TRP A 88 -50.81 -21.16 -29.78
CA TRP A 88 -51.57 -22.16 -29.04
C TRP A 88 -52.42 -21.53 -27.95
N PHE A 89 -51.97 -20.42 -27.35
CA PHE A 89 -52.84 -19.69 -26.44
C PHE A 89 -54.06 -19.14 -27.16
N GLU A 90 -53.87 -18.64 -28.39
CA GLU A 90 -54.99 -18.11 -29.16
C GLU A 90 -55.95 -19.21 -29.59
N GLU A 91 -55.43 -20.41 -29.90
CA GLU A 91 -56.32 -21.52 -30.24
C GLU A 91 -57.12 -21.98 -29.03
N VAL A 92 -56.48 -22.05 -27.86
CA VAL A 92 -57.18 -22.47 -26.65
C VAL A 92 -58.23 -21.45 -26.24
N LYS A 93 -57.91 -20.15 -26.38
CA LYS A 93 -58.88 -19.11 -26.07
C LYS A 93 -60.09 -19.20 -27.00
N ALA A 94 -59.86 -19.49 -28.28
CA ALA A 94 -60.96 -19.73 -29.19
C ALA A 94 -61.66 -21.06 -28.91
N LYS A 95 -60.92 -22.02 -28.35
CA LYS A 95 -61.50 -23.33 -28.06
C LYS A 95 -62.48 -23.25 -26.90
N ARG A 96 -63.59 -23.98 -27.03
CA ARG A 96 -64.61 -24.03 -26.00
C ARG A 96 -64.33 -25.15 -25.00
N GLY A 97 -65.02 -25.09 -23.87
CA GLY A 97 -64.94 -26.14 -22.89
C GLY A 97 -63.80 -25.96 -21.90
N LYS A 98 -63.38 -27.08 -21.31
CA LYS A 98 -62.29 -27.07 -20.34
C LYS A 98 -60.99 -26.62 -20.98
N ARG A 99 -60.34 -25.64 -20.35
CA ARG A 99 -58.97 -25.31 -20.71
C ARG A 99 -58.05 -26.45 -20.28
N PRO A 100 -56.97 -26.70 -21.02
CA PRO A 100 -56.03 -27.74 -20.62
C PRO A 100 -55.32 -27.39 -19.32
N THR A 101 -54.78 -28.43 -18.67
CA THR A 101 -54.08 -28.24 -17.40
C THR A 101 -52.89 -27.31 -17.56
N ALA A 102 -52.13 -27.48 -18.63
CA ALA A 102 -50.92 -26.68 -18.83
C ALA A 102 -51.22 -25.24 -19.23
N PHE A 103 -52.44 -24.94 -19.68
CA PHE A 103 -52.73 -23.61 -20.22
C PHE A 103 -52.64 -22.53 -19.15
N GLN A 104 -53.13 -22.82 -17.95
CA GLN A 104 -53.08 -21.82 -16.87
C GLN A 104 -51.64 -21.58 -16.40
N PHE A 105 -50.82 -22.63 -16.41
CA PHE A 105 -49.45 -22.49 -15.92
C PHE A 105 -48.56 -21.76 -16.92
N LEU A 106 -48.89 -21.85 -18.22
CA LEU A 106 -48.04 -21.24 -19.24
C LEU A 106 -48.18 -19.73 -19.28
N GLN A 107 -49.34 -19.19 -18.88
CA GLN A 107 -49.61 -17.77 -19.10
C GLN A 107 -48.83 -16.88 -18.14
N GLU A 108 -48.69 -17.29 -16.88
CA GLU A 108 -48.06 -16.44 -15.87
C GLU A 108 -46.59 -16.19 -16.17
N ILE A 109 -45.85 -17.23 -16.54
CA ILE A 109 -44.46 -17.08 -16.93
C ILE A 109 -44.37 -16.40 -18.29
N LYS A 110 -43.24 -15.74 -18.54
CA LYS A 110 -43.01 -15.07 -19.81
C LYS A 110 -42.94 -16.10 -20.94
N PRO A 111 -43.61 -15.88 -22.07
CA PRO A 111 -43.57 -16.89 -23.14
C PRO A 111 -42.20 -17.08 -23.76
N GLU A 112 -41.42 -16.01 -23.92
CA GLU A 112 -40.04 -16.19 -24.37
C GLU A 112 -39.20 -16.93 -23.34
N ALA A 113 -39.54 -16.80 -22.06
CA ALA A 113 -38.87 -17.57 -21.03
C ALA A 113 -39.21 -19.05 -21.13
N VAL A 114 -40.40 -19.39 -21.63
CA VAL A 114 -40.74 -20.79 -21.89
C VAL A 114 -39.82 -21.36 -22.97
N ALA A 115 -39.63 -20.59 -24.05
CA ALA A 115 -38.95 -21.12 -25.23
C ALA A 115 -37.51 -21.50 -24.94
N TYR A 116 -36.80 -20.67 -24.16
CA TYR A 116 -35.43 -21.03 -23.80
C TYR A 116 -35.39 -22.12 -22.74
N ILE A 117 -36.33 -22.10 -21.78
CA ILE A 117 -36.35 -23.10 -20.72
C ILE A 117 -36.61 -24.48 -21.32
N THR A 118 -37.53 -24.57 -22.28
CA THR A 118 -37.80 -25.84 -22.95
C THR A 118 -36.58 -26.33 -23.72
N ILE A 119 -35.99 -25.46 -24.55
CA ILE A 119 -34.86 -25.88 -25.37
C ILE A 119 -33.66 -26.26 -24.53
N LYS A 120 -33.34 -25.45 -23.51
CA LYS A 120 -32.18 -25.72 -22.67
C LYS A 120 -32.37 -27.00 -21.84
N THR A 121 -33.55 -27.18 -21.25
CA THR A 121 -33.76 -28.35 -20.40
C THR A 121 -33.97 -29.63 -21.20
N THR A 122 -34.48 -29.54 -22.43
CA THR A 122 -34.53 -30.72 -23.29
C THR A 122 -33.13 -31.17 -23.67
N LEU A 123 -32.30 -30.24 -24.14
CA LEU A 123 -30.94 -30.59 -24.50
C LEU A 123 -30.10 -30.97 -23.27
N ALA A 124 -30.42 -30.39 -22.11
CA ALA A 124 -29.76 -30.83 -20.88
C ALA A 124 -30.13 -32.26 -20.53
N CYS A 125 -31.40 -32.62 -20.68
CA CYS A 125 -31.84 -33.96 -20.34
C CYS A 125 -31.41 -34.99 -21.37
N LEU A 126 -31.37 -34.62 -22.65
CA LEU A 126 -30.97 -35.56 -23.69
C LEU A 126 -29.46 -35.82 -23.64
N THR A 127 -28.67 -34.78 -23.35
CA THR A 127 -27.22 -34.93 -23.39
C THR A 127 -26.68 -35.64 -22.15
N SER A 128 -27.22 -35.34 -20.97
CA SER A 128 -26.64 -35.78 -19.71
C SER A 128 -27.46 -36.81 -18.97
N ALA A 129 -28.78 -36.64 -18.91
CA ALA A 129 -29.59 -37.36 -17.93
C ALA A 129 -29.65 -38.87 -18.18
N ASP A 130 -29.36 -39.32 -19.40
CA ASP A 130 -29.35 -40.71 -19.89
C ASP A 130 -30.80 -41.24 -20.01
N ASN A 131 -31.79 -40.52 -19.49
CA ASN A 131 -33.20 -40.88 -19.69
C ASN A 131 -33.75 -40.02 -20.80
N THR A 132 -34.29 -40.66 -21.83
CA THR A 132 -34.92 -39.98 -22.96
C THR A 132 -36.44 -39.94 -22.89
N THR A 133 -37.02 -40.43 -21.79
CA THR A 133 -38.47 -40.47 -21.66
C THR A 133 -39.04 -39.06 -21.57
N VAL A 134 -40.27 -38.90 -22.07
CA VAL A 134 -40.86 -37.57 -22.18
C VAL A 134 -41.20 -37.01 -20.81
N GLN A 135 -41.64 -37.85 -19.88
CA GLN A 135 -42.13 -37.35 -18.60
C GLN A 135 -41.01 -36.78 -17.73
N ALA A 136 -39.81 -37.33 -17.82
CA ALA A 136 -38.71 -36.85 -16.99
C ALA A 136 -38.25 -35.46 -17.42
N VAL A 137 -38.12 -35.24 -18.74
CA VAL A 137 -37.79 -33.91 -19.21
C VAL A 137 -38.97 -32.96 -19.04
N ALA A 138 -40.21 -33.47 -19.24
CA ALA A 138 -41.39 -32.63 -19.05
C ALA A 138 -41.51 -32.16 -17.61
N SER A 139 -41.23 -33.04 -16.65
CA SER A 139 -41.17 -32.63 -15.26
C SER A 139 -40.06 -31.61 -15.04
N ALA A 140 -38.92 -31.81 -15.72
CA ALA A 140 -37.82 -30.86 -15.62
C ALA A 140 -38.18 -29.51 -16.22
N ILE A 141 -38.89 -29.51 -17.36
CA ILE A 141 -39.36 -28.25 -17.94
C ILE A 141 -40.34 -27.55 -17.02
N GLY A 142 -41.29 -28.32 -16.45
CA GLY A 142 -42.28 -27.72 -15.57
C GLY A 142 -41.69 -27.19 -14.28
N ARG A 143 -40.75 -27.94 -13.69
CA ARG A 143 -40.09 -27.47 -12.47
C ARG A 143 -39.26 -26.22 -12.74
N ALA A 144 -38.57 -26.17 -13.88
CA ALA A 144 -37.82 -24.98 -14.25
C ALA A 144 -38.75 -23.81 -14.54
N ILE A 145 -39.92 -24.07 -15.12
CA ILE A 145 -40.91 -23.02 -15.31
C ILE A 145 -41.44 -22.53 -13.98
N GLU A 146 -41.76 -23.45 -13.06
CA GLU A 146 -42.28 -23.06 -11.76
C GLU A 146 -41.25 -22.27 -10.96
N ASP A 147 -39.97 -22.67 -11.04
CA ASP A 147 -38.93 -21.94 -10.33
C ASP A 147 -38.80 -20.51 -10.84
N GLU A 148 -38.90 -20.32 -12.16
CA GLU A 148 -38.89 -18.96 -12.70
C GLU A 148 -40.21 -18.24 -12.42
N ALA A 149 -41.33 -18.98 -12.41
CA ALA A 149 -42.62 -18.35 -12.17
C ALA A 149 -42.79 -17.95 -10.70
N ARG A 150 -42.33 -18.81 -9.78
CA ARG A 150 -42.50 -18.52 -8.36
C ARG A 150 -41.68 -17.33 -7.91
N PHE A 151 -40.42 -17.25 -8.34
CA PHE A 151 -39.53 -16.19 -7.90
C PHE A 151 -39.42 -15.05 -8.89
N GLY A 152 -39.98 -15.20 -10.11
CA GLY A 152 -39.97 -14.12 -11.07
C GLY A 152 -40.81 -12.93 -10.65
N ARG A 153 -41.91 -13.17 -9.94
CA ARG A 153 -42.76 -12.09 -9.47
C ARG A 153 -42.02 -11.13 -8.54
N ILE A 154 -40.96 -11.60 -7.88
CA ILE A 154 -40.09 -10.70 -7.14
C ILE A 154 -39.41 -9.72 -8.09
N ARG A 155 -38.84 -10.24 -9.18
CA ARG A 155 -38.17 -9.37 -10.14
C ARG A 155 -39.18 -8.52 -10.91
N ASP A 156 -40.33 -9.10 -11.27
CA ASP A 156 -41.21 -8.48 -12.24
C ASP A 156 -42.01 -7.32 -11.65
N LEU A 157 -42.87 -7.60 -10.67
CA LEU A 157 -43.95 -6.67 -10.33
C LEU A 157 -43.81 -6.02 -8.96
N GLU A 158 -43.69 -6.79 -7.89
CA GLU A 158 -43.82 -6.23 -6.55
C GLU A 158 -42.51 -5.67 -6.00
N ALA A 159 -41.37 -6.13 -6.50
CA ALA A 159 -40.08 -5.70 -5.97
C ALA A 159 -39.17 -5.21 -7.07
N LYS A 160 -39.74 -4.66 -8.16
CA LYS A 160 -38.93 -4.20 -9.29
C LYS A 160 -37.95 -3.10 -8.90
N HIS A 161 -38.23 -2.37 -7.82
CA HIS A 161 -37.24 -1.48 -7.22
C HIS A 161 -36.45 -2.17 -6.12
N PHE A 162 -37.09 -3.08 -5.38
CA PHE A 162 -36.43 -3.86 -4.35
C PHE A 162 -35.52 -4.95 -4.91
N LYS A 163 -35.75 -5.38 -6.16
CA LYS A 163 -34.90 -6.39 -6.78
C LYS A 163 -33.50 -5.84 -7.01
N LYS A 164 -33.40 -4.55 -7.38
CA LYS A 164 -32.11 -3.96 -7.72
C LYS A 164 -31.13 -3.97 -6.56
N ASN A 165 -31.60 -4.14 -5.32
CA ASN A 165 -30.70 -4.36 -4.21
C ASN A 165 -30.46 -5.84 -3.91
N VAL A 166 -31.39 -6.73 -4.30
CA VAL A 166 -31.14 -8.17 -4.16
C VAL A 166 -30.58 -8.78 -5.44
N GLU A 167 -30.58 -8.04 -6.56
CA GLU A 167 -30.05 -8.58 -7.80
C GLU A 167 -28.55 -8.79 -7.73
N GLU A 168 -27.82 -7.82 -7.16
CA GLU A 168 -26.38 -7.96 -7.01
C GLU A 168 -26.04 -9.12 -6.06
N GLN A 169 -26.82 -9.26 -4.98
CA GLN A 169 -26.62 -10.37 -4.06
C GLN A 169 -26.90 -11.71 -4.74
N LEU A 170 -27.94 -11.76 -5.59
CA LEU A 170 -28.24 -12.98 -6.32
C LEU A 170 -27.15 -13.31 -7.33
N ASN A 171 -26.63 -12.30 -8.03
CA ASN A 171 -25.56 -12.53 -9.00
C ASN A 171 -24.27 -12.98 -8.33
N LYS A 172 -24.03 -12.54 -7.10
CA LYS A 172 -22.85 -12.99 -6.36
C LYS A 172 -22.89 -14.48 -6.07
N ARG A 173 -24.08 -15.02 -5.81
CA ARG A 173 -24.22 -16.46 -5.62
C ARG A 173 -24.01 -17.19 -6.94
N VAL A 174 -23.36 -18.35 -6.87
CA VAL A 174 -23.02 -19.14 -8.04
C VAL A 174 -23.63 -20.53 -7.88
N GLY A 175 -24.25 -21.03 -8.95
CA GLY A 175 -24.95 -22.29 -8.90
C GLY A 175 -26.44 -22.11 -8.70
N HIS A 176 -27.25 -22.90 -9.41
CA HIS A 176 -28.70 -22.73 -9.34
C HIS A 176 -29.25 -23.06 -7.97
N VAL A 177 -28.64 -24.03 -7.27
CA VAL A 177 -29.11 -24.37 -5.93
C VAL A 177 -28.79 -23.25 -4.94
N TYR A 178 -27.59 -22.67 -5.06
CA TYR A 178 -27.24 -21.52 -4.22
C TYR A 178 -28.09 -20.31 -4.56
N LYS A 179 -28.38 -20.09 -5.84
CA LYS A 179 -29.24 -18.98 -6.25
C LYS A 179 -30.66 -19.20 -5.79
N LYS A 180 -31.13 -20.45 -5.75
CA LYS A 180 -32.50 -20.72 -5.32
C LYS A 180 -32.66 -20.48 -3.82
N ALA A 181 -31.69 -20.91 -3.02
CA ALA A 181 -31.80 -20.81 -1.57
C ALA A 181 -31.92 -19.36 -1.11
N PHE A 182 -31.12 -18.47 -1.71
CA PHE A 182 -31.27 -17.05 -1.41
C PHE A 182 -32.60 -16.51 -1.93
N MET A 183 -33.09 -17.05 -3.05
CA MET A 183 -34.38 -16.61 -3.56
C MET A 183 -35.53 -17.07 -2.67
N GLN A 184 -35.38 -18.22 -2.01
CA GLN A 184 -36.36 -18.60 -1.00
C GLN A 184 -36.28 -17.69 0.22
N VAL A 185 -35.05 -17.36 0.66
CA VAL A 185 -34.88 -16.52 1.84
C VAL A 185 -35.40 -15.12 1.57
N VAL A 186 -35.14 -14.57 0.39
CA VAL A 186 -35.64 -13.23 0.08
C VAL A 186 -37.16 -13.22 -0.01
N GLU A 187 -37.77 -14.33 -0.48
CA GLU A 187 -39.23 -14.39 -0.52
C GLU A 187 -39.84 -14.38 0.87
N ALA A 188 -39.21 -15.07 1.82
CA ALA A 188 -39.70 -15.06 3.19
C ALA A 188 -39.59 -13.66 3.81
N ASP A 189 -38.49 -12.96 3.53
CA ASP A 189 -38.35 -11.58 4.01
C ASP A 189 -39.38 -10.66 3.37
N MET A 190 -39.60 -10.80 2.05
CA MET A 190 -40.59 -9.96 1.36
C MET A 190 -42.00 -10.27 1.83
N LEU A 191 -42.33 -11.54 2.06
CA LEU A 191 -43.67 -11.88 2.52
C LEU A 191 -43.92 -11.38 3.94
N SER A 192 -42.87 -11.31 4.77
CA SER A 192 -43.02 -10.71 6.09
C SER A 192 -43.31 -9.22 5.99
N LYS A 193 -42.71 -8.54 5.00
CA LYS A 193 -43.03 -7.13 4.77
C LYS A 193 -44.41 -6.95 4.15
N GLY A 194 -44.96 -7.99 3.52
CA GLY A 194 -46.18 -7.84 2.75
C GLY A 194 -45.99 -7.22 1.39
N LEU A 195 -44.78 -7.24 0.85
CA LEU A 195 -44.49 -6.54 -0.39
C LEU A 195 -45.11 -7.25 -1.59
N LEU A 196 -45.12 -8.58 -1.59
CA LEU A 196 -45.66 -9.37 -2.70
C LEU A 196 -47.18 -9.45 -2.70
N GLY A 197 -47.87 -8.60 -1.95
CA GLY A 197 -49.30 -8.70 -1.80
C GLY A 197 -49.75 -9.70 -0.76
N GLY A 198 -48.83 -10.31 -0.02
CA GLY A 198 -49.18 -11.26 1.02
C GLY A 198 -49.59 -12.62 0.54
N GLU A 199 -49.48 -12.90 -0.76
CA GLU A 199 -49.91 -14.17 -1.34
C GLU A 199 -48.70 -15.10 -1.44
N ALA A 200 -48.68 -16.12 -0.59
CA ALA A 200 -47.64 -17.13 -0.67
C ALA A 200 -47.84 -18.00 -1.92
N TRP A 201 -46.74 -18.52 -2.45
CA TRP A 201 -46.80 -19.35 -3.63
C TRP A 201 -47.40 -20.71 -3.27
N SER A 202 -48.38 -21.15 -4.07
CA SER A 202 -48.92 -22.49 -3.95
C SER A 202 -48.09 -23.43 -4.81
N SER A 203 -47.45 -24.41 -4.18
CA SER A 203 -46.55 -25.31 -4.88
C SER A 203 -47.31 -26.14 -5.90
N TRP A 204 -46.77 -26.22 -7.12
CA TRP A 204 -47.37 -27.03 -8.16
C TRP A 204 -47.25 -28.51 -7.77
N HIS A 205 -48.33 -29.25 -7.97
CA HIS A 205 -48.28 -30.69 -7.74
C HIS A 205 -47.45 -31.36 -8.83
N LYS A 206 -46.93 -32.54 -8.50
CA LYS A 206 -46.02 -33.23 -9.41
C LYS A 206 -46.70 -33.60 -10.73
N GLU A 207 -47.97 -33.99 -10.67
CA GLU A 207 -48.70 -34.29 -11.90
C GLU A 207 -48.96 -33.03 -12.73
N ASP A 208 -49.11 -31.88 -12.08
CA ASP A 208 -49.32 -30.63 -12.81
C ASP A 208 -48.08 -30.23 -13.60
N SER A 209 -46.89 -30.41 -13.02
CA SER A 209 -45.66 -29.97 -13.68
C SER A 209 -45.36 -30.78 -14.93
N ILE A 210 -45.72 -32.07 -14.94
CA ILE A 210 -45.50 -32.89 -16.13
C ILE A 210 -46.38 -32.39 -17.28
N HIS A 211 -47.64 -32.05 -16.99
CA HIS A 211 -48.54 -31.55 -18.03
C HIS A 211 -48.02 -30.25 -18.64
N VAL A 212 -47.34 -29.42 -17.84
CA VAL A 212 -46.70 -28.22 -18.35
C VAL A 212 -45.62 -28.59 -19.36
N GLY A 213 -44.73 -29.51 -18.99
CA GLY A 213 -43.62 -29.87 -19.86
C GLY A 213 -44.04 -30.62 -21.11
N VAL A 214 -45.05 -31.50 -20.98
CA VAL A 214 -45.48 -32.32 -22.12
C VAL A 214 -45.99 -31.43 -23.26
N ARG A 215 -46.86 -30.47 -22.93
CA ARG A 215 -47.37 -29.56 -23.95
C ARG A 215 -46.25 -28.73 -24.57
N CYS A 216 -45.29 -28.31 -23.74
CA CYS A 216 -44.16 -27.54 -24.25
C CYS A 216 -43.24 -28.38 -25.14
N ILE A 217 -43.11 -29.68 -24.86
CA ILE A 217 -42.36 -30.55 -25.76
C ILE A 217 -43.08 -30.71 -27.10
N GLU A 218 -44.40 -30.93 -27.06
CA GLU A 218 -45.18 -31.02 -28.29
C GLU A 218 -45.13 -29.71 -29.07
N MET A 219 -45.27 -28.58 -28.37
CA MET A 219 -45.24 -27.29 -29.05
C MET A 219 -43.87 -27.00 -29.65
N LEU A 220 -42.81 -27.56 -29.07
CA LEU A 220 -41.50 -27.46 -29.71
C LEU A 220 -41.43 -28.34 -30.95
N ILE A 221 -42.09 -29.50 -30.92
CA ILE A 221 -42.05 -30.43 -32.05
C ILE A 221 -42.74 -29.83 -33.27
N GLU A 222 -43.91 -29.19 -33.07
CA GLU A 222 -44.57 -28.52 -34.19
C GLU A 222 -43.76 -27.35 -34.70
N SER A 223 -43.09 -26.62 -33.79
CA SER A 223 -42.28 -25.47 -34.20
C SER A 223 -41.02 -25.92 -34.95
N THR A 224 -40.29 -26.88 -34.39
CA THR A 224 -39.04 -27.35 -34.98
C THR A 224 -38.94 -28.86 -34.80
N GLY A 225 -38.13 -29.48 -35.66
CA GLY A 225 -37.85 -30.89 -35.51
C GLY A 225 -36.69 -31.17 -34.58
N MET A 226 -36.65 -30.51 -33.43
CA MET A 226 -35.58 -30.75 -32.46
C MET A 226 -35.62 -32.18 -31.93
N VAL A 227 -36.81 -32.66 -31.58
CA VAL A 227 -36.97 -34.03 -31.10
C VAL A 227 -38.09 -34.70 -31.87
N SER A 228 -37.94 -36.01 -32.07
CA SER A 228 -38.95 -36.83 -32.72
C SER A 228 -39.56 -37.77 -31.69
N LEU A 229 -40.89 -37.84 -31.68
CA LEU A 229 -41.59 -38.65 -30.68
C LEU A 229 -41.44 -40.14 -31.00
N HIS A 230 -41.21 -40.93 -29.96
CA HIS A 230 -41.06 -42.37 -30.08
C HIS A 230 -41.93 -43.04 -29.03
N ARG A 231 -42.60 -44.12 -29.41
CA ARG A 231 -43.45 -44.87 -28.49
C ARG A 231 -42.99 -46.32 -28.48
N GLN A 232 -42.69 -46.84 -27.29
CA GLN A 232 -42.09 -48.14 -27.12
C GLN A 232 -43.05 -49.06 -26.37
N ASN A 233 -43.19 -50.29 -26.87
CA ASN A 233 -44.06 -51.31 -26.28
C ASN A 233 -45.49 -50.82 -26.14
N ALA A 234 -45.99 -50.19 -27.21
CA ALA A 234 -47.36 -49.69 -27.21
C ALA A 234 -48.36 -50.84 -27.19
N GLY A 235 -49.48 -50.61 -26.49
CA GLY A 235 -50.47 -51.63 -26.28
C GLY A 235 -50.26 -52.44 -25.01
N VAL A 236 -49.08 -52.40 -24.43
CA VAL A 236 -48.80 -53.06 -23.16
C VAL A 236 -48.96 -52.04 -22.06
N VAL A 237 -49.89 -52.31 -21.14
CA VAL A 237 -50.21 -51.33 -20.09
C VAL A 237 -49.03 -51.13 -19.16
N GLY A 238 -48.27 -52.20 -18.90
CA GLY A 238 -47.13 -52.08 -17.99
C GLY A 238 -45.90 -51.44 -18.61
N GLN A 239 -45.69 -51.63 -19.91
CA GLN A 239 -44.44 -51.24 -20.56
C GLN A 239 -44.60 -50.09 -21.53
N ASP A 240 -45.76 -49.42 -21.57
CA ASP A 240 -45.95 -48.32 -22.50
C ASP A 240 -45.15 -47.10 -22.05
N SER A 241 -44.29 -46.61 -22.92
CA SER A 241 -43.46 -45.45 -22.62
C SER A 241 -43.27 -44.64 -23.88
N GLU A 242 -42.99 -43.35 -23.70
CA GLU A 242 -42.75 -42.43 -24.80
C GLU A 242 -41.41 -41.73 -24.59
N THR A 243 -40.58 -41.72 -25.63
CA THR A 243 -39.26 -41.11 -25.57
C THR A 243 -39.09 -40.12 -26.72
N ILE A 244 -38.22 -39.14 -26.50
CA ILE A 244 -37.85 -38.16 -27.51
C ILE A 244 -36.35 -38.27 -27.78
N GLU A 245 -35.98 -38.22 -29.04
CA GLU A 245 -34.59 -38.30 -29.46
C GLU A 245 -34.19 -37.02 -30.18
N LEU A 246 -33.02 -36.51 -29.85
CA LEU A 246 -32.54 -35.27 -30.45
C LEU A 246 -32.32 -35.47 -31.95
N ALA A 247 -32.56 -34.41 -32.72
CA ALA A 247 -32.43 -34.46 -34.16
C ALA A 247 -30.98 -34.76 -34.55
N PRO A 248 -30.74 -35.77 -35.40
CA PRO A 248 -29.36 -36.03 -35.83
C PRO A 248 -28.72 -34.86 -36.56
N GLU A 249 -29.50 -34.07 -37.30
CA GLU A 249 -28.97 -32.89 -37.95
C GLU A 249 -28.56 -31.83 -36.94
N TYR A 250 -29.37 -31.65 -35.89
CA TYR A 250 -29.07 -30.62 -34.90
C TYR A 250 -27.89 -31.01 -34.02
N ALA A 251 -27.80 -32.30 -33.65
CA ALA A 251 -26.64 -32.76 -32.89
C ALA A 251 -25.38 -32.74 -33.75
N GLU A 252 -25.51 -32.90 -35.06
CA GLU A 252 -24.36 -32.75 -35.96
C GLU A 252 -23.90 -31.30 -36.01
N ALA A 253 -24.85 -30.36 -35.97
CA ALA A 253 -24.51 -28.94 -36.08
C ALA A 253 -23.71 -28.46 -34.87
N ILE A 254 -24.07 -28.92 -33.67
CA ILE A 254 -23.32 -28.51 -32.49
C ILE A 254 -21.93 -29.13 -32.49
N ALA A 255 -21.79 -30.36 -33.00
CA ALA A 255 -20.48 -31.01 -33.03
C ALA A 255 -19.58 -30.38 -34.09
N THR A 256 -20.13 -30.03 -35.25
CA THR A 256 -19.35 -29.35 -36.27
C THR A 256 -18.91 -27.97 -35.79
N ARG A 257 -19.81 -27.26 -35.12
CA ARG A 257 -19.45 -25.97 -34.53
C ARG A 257 -18.42 -26.14 -33.41
N ALA A 258 -18.56 -27.18 -32.58
CA ALA A 258 -17.63 -27.41 -31.49
C ALA A 258 -16.23 -27.72 -32.01
N GLY A 259 -16.14 -28.53 -33.07
CA GLY A 259 -14.84 -28.81 -33.68
C GLY A 259 -14.23 -27.57 -34.31
N ALA A 260 -15.07 -26.70 -34.88
CA ALA A 260 -14.56 -25.45 -35.45
C ALA A 260 -14.01 -24.53 -34.38
N LEU A 261 -14.74 -24.36 -33.27
CA LEU A 261 -14.28 -23.48 -32.20
C LEU A 261 -13.07 -24.06 -31.47
N ALA A 262 -12.93 -25.39 -31.44
CA ALA A 262 -11.76 -26.00 -30.81
C ALA A 262 -10.48 -25.65 -31.57
N GLY A 263 -10.57 -25.48 -32.89
CA GLY A 263 -9.42 -25.03 -33.66
C GLY A 263 -9.24 -23.53 -33.69
N ILE A 264 -10.28 -22.78 -33.32
CA ILE A 264 -10.20 -21.32 -33.34
C ILE A 264 -9.53 -20.79 -32.08
N SER A 265 -9.61 -21.52 -30.96
CA SER A 265 -9.09 -21.04 -29.69
C SER A 265 -7.75 -21.72 -29.37
N PRO A 266 -6.61 -21.04 -29.54
CA PRO A 266 -5.33 -21.59 -29.09
C PRO A 266 -4.90 -21.08 -27.71
N MET A 267 -3.97 -21.79 -27.07
CA MET A 267 -3.31 -21.30 -25.87
C MET A 267 -1.94 -20.75 -26.30
N PHE A 268 -1.86 -19.43 -26.40
CA PHE A 268 -0.67 -18.79 -26.96
C PHE A 268 0.52 -18.93 -26.03
N GLN A 269 1.67 -19.28 -26.62
CA GLN A 269 2.90 -19.53 -25.91
C GLN A 269 4.01 -18.64 -26.46
N PRO A 270 5.07 -18.39 -25.68
CA PRO A 270 6.17 -17.56 -26.18
C PRO A 270 6.87 -18.18 -27.38
N CYS A 271 7.41 -17.33 -28.24
CA CYS A 271 8.13 -17.77 -29.41
C CYS A 271 9.59 -18.06 -29.08
N VAL A 272 10.12 -19.15 -29.63
CA VAL A 272 11.53 -19.49 -29.47
C VAL A 272 12.40 -18.82 -30.52
N VAL A 273 11.80 -18.20 -31.53
CA VAL A 273 12.50 -17.38 -32.51
C VAL A 273 11.92 -15.98 -32.41
N PRO A 274 12.60 -14.96 -32.94
CA PRO A 274 11.99 -13.62 -32.99
C PRO A 274 10.70 -13.64 -33.78
N PRO A 275 9.69 -12.90 -33.35
CA PRO A 275 8.36 -13.00 -33.95
C PRO A 275 8.36 -12.45 -35.37
N LYS A 276 7.39 -12.92 -36.15
CA LYS A 276 7.27 -12.47 -37.53
C LYS A 276 6.90 -10.99 -37.55
N PRO A 277 7.66 -10.17 -38.27
CA PRO A 277 7.37 -8.72 -38.27
C PRO A 277 5.99 -8.43 -38.85
N TRP A 278 5.35 -7.41 -38.29
CA TRP A 278 3.99 -7.06 -38.67
C TRP A 278 4.05 -6.29 -39.98
N THR A 279 3.99 -7.02 -41.09
CA THR A 279 3.91 -6.39 -42.39
C THR A 279 2.52 -5.86 -42.68
N GLY A 280 1.49 -6.53 -42.20
CA GLY A 280 0.13 -6.10 -42.40
C GLY A 280 -0.76 -6.28 -41.18
N ILE A 281 -2.08 -6.30 -41.40
CA ILE A 281 -3.03 -6.45 -40.30
C ILE A 281 -2.94 -7.85 -39.70
N THR A 282 -2.90 -8.87 -40.54
CA THR A 282 -2.99 -10.25 -40.09
C THR A 282 -1.67 -10.98 -40.34
N GLY A 283 -1.53 -12.12 -39.67
CA GLY A 283 -0.38 -12.99 -39.87
C GLY A 283 0.85 -12.62 -39.09
N GLY A 284 0.86 -11.50 -38.37
CA GLY A 284 2.01 -11.10 -37.60
C GLY A 284 2.16 -11.95 -36.35
N GLY A 285 3.28 -11.75 -35.66
CA GLY A 285 3.58 -12.55 -34.49
C GLY A 285 3.98 -13.96 -34.88
N TYR A 286 3.08 -14.91 -34.69
CA TYR A 286 3.36 -16.30 -35.05
C TYR A 286 3.45 -16.46 -36.56
N TRP A 287 4.40 -17.29 -37.00
CA TRP A 287 4.72 -17.40 -38.41
C TRP A 287 3.72 -18.24 -39.21
N ALA A 288 3.16 -19.27 -38.58
CA ALA A 288 2.39 -20.26 -39.33
C ALA A 288 1.05 -19.72 -39.78
N ASN A 289 0.65 -20.09 -41.00
CA ASN A 289 -0.71 -19.85 -41.47
C ASN A 289 -1.67 -20.75 -40.69
N GLY A 290 -2.43 -20.16 -39.78
CA GLY A 290 -3.25 -20.90 -38.86
C GLY A 290 -4.73 -20.55 -38.96
N ARG A 291 -5.54 -21.35 -38.27
CA ARG A 291 -6.99 -21.11 -38.25
C ARG A 291 -7.32 -19.81 -37.54
N ARG A 292 -6.61 -19.50 -36.45
CA ARG A 292 -6.78 -18.23 -35.77
C ARG A 292 -5.59 -17.33 -36.09
N PRO A 293 -5.77 -16.31 -36.92
CA PRO A 293 -4.65 -15.40 -37.20
C PRO A 293 -4.63 -14.19 -36.28
N LEU A 294 -3.43 -13.81 -35.86
CA LEU A 294 -3.27 -12.62 -35.04
C LEU A 294 -3.64 -11.37 -35.82
N ALA A 295 -4.30 -10.44 -35.14
CA ALA A 295 -4.67 -9.16 -35.72
C ALA A 295 -3.82 -8.06 -35.10
N LEU A 296 -3.43 -7.07 -35.92
CA LEU A 296 -2.72 -5.92 -35.39
C LEU A 296 -3.56 -5.17 -34.38
N VAL A 297 -4.86 -5.04 -34.65
CA VAL A 297 -5.81 -4.37 -33.78
C VAL A 297 -6.82 -5.39 -33.30
N ARG A 298 -6.97 -5.52 -31.99
CA ARG A 298 -7.97 -6.43 -31.42
C ARG A 298 -9.32 -5.75 -31.50
N THR A 299 -10.13 -6.16 -32.47
CA THR A 299 -11.43 -5.55 -32.74
C THR A 299 -12.53 -6.58 -32.54
N HIS A 300 -13.64 -6.14 -31.92
CA HIS A 300 -14.78 -7.02 -31.75
C HIS A 300 -15.48 -7.30 -33.09
N SER A 301 -15.50 -6.32 -33.99
CA SER A 301 -16.08 -6.48 -35.31
C SER A 301 -14.98 -6.54 -36.36
N LYS A 302 -15.17 -7.40 -37.36
CA LYS A 302 -14.19 -7.51 -38.44
C LYS A 302 -14.19 -6.30 -39.35
N LYS A 303 -15.30 -5.55 -39.39
CA LYS A 303 -15.34 -4.32 -40.17
C LYS A 303 -14.38 -3.27 -39.61
N ALA A 304 -14.33 -3.16 -38.28
CA ALA A 304 -13.40 -2.22 -37.66
C ALA A 304 -11.95 -2.59 -37.96
N LEU A 305 -11.66 -3.89 -38.03
CA LEU A 305 -10.33 -4.33 -38.44
C LEU A 305 -10.03 -3.90 -39.88
N MET A 306 -11.00 -4.02 -40.78
CA MET A 306 -10.78 -3.73 -42.19
C MET A 306 -10.50 -2.26 -42.45
N ARG A 307 -10.84 -1.36 -41.52
CA ARG A 307 -10.52 0.05 -41.69
C ARG A 307 -9.01 0.32 -41.58
N TYR A 308 -8.25 -0.60 -41.00
CA TYR A 308 -6.83 -0.38 -40.76
C TYR A 308 -5.94 -0.79 -41.93
N GLU A 309 -6.49 -1.45 -42.95
CA GLU A 309 -5.64 -1.93 -44.03
C GLU A 309 -5.34 -0.84 -45.05
N ASP A 310 -6.25 0.11 -45.24
CA ASP A 310 -6.00 1.20 -46.18
C ASP A 310 -5.07 2.24 -45.57
N VAL A 311 -5.19 2.49 -44.27
CA VAL A 311 -4.40 3.54 -43.64
C VAL A 311 -2.93 3.13 -43.60
N TYR A 312 -2.06 4.12 -43.77
CA TYR A 312 -0.61 3.90 -43.81
C TYR A 312 -0.03 4.54 -42.55
N MET A 313 0.41 3.71 -41.62
CA MET A 313 0.90 4.14 -40.32
C MET A 313 2.29 3.53 -40.12
N PRO A 314 3.31 4.06 -40.78
CA PRO A 314 4.64 3.44 -40.72
C PRO A 314 5.24 3.40 -39.33
N GLU A 315 5.03 4.45 -38.52
CA GLU A 315 5.63 4.50 -37.20
C GLU A 315 4.98 3.51 -36.25
N VAL A 316 3.68 3.25 -36.42
CA VAL A 316 3.01 2.26 -35.59
C VAL A 316 3.56 0.87 -35.84
N TYR A 317 3.79 0.52 -37.11
CA TYR A 317 4.27 -0.82 -37.45
C TYR A 317 5.68 -1.05 -36.92
N LYS A 318 6.55 -0.03 -36.99
CA LYS A 318 7.92 -0.19 -36.50
C LYS A 318 7.94 -0.41 -34.99
N ALA A 319 7.13 0.33 -34.25
CA ALA A 319 7.19 0.28 -32.78
C ALA A 319 6.77 -1.07 -32.23
N ILE A 320 5.79 -1.72 -32.87
CA ILE A 320 5.41 -3.07 -32.45
C ILE A 320 6.53 -4.06 -32.78
N ASN A 321 7.13 -3.93 -33.96
CA ASN A 321 8.16 -4.88 -34.39
C ASN A 321 9.42 -4.77 -33.53
N ILE A 322 9.79 -3.56 -33.12
CA ILE A 322 10.91 -3.42 -32.19
C ILE A 322 10.57 -4.07 -30.85
N ALA A 323 9.34 -3.87 -30.38
CA ALA A 323 8.92 -4.46 -29.11
C ALA A 323 8.91 -5.98 -29.19
N GLN A 324 8.53 -6.53 -30.34
CA GLN A 324 8.60 -7.98 -30.53
C GLN A 324 10.04 -8.47 -30.55
N ASN A 325 10.94 -7.68 -31.14
CA ASN A 325 12.34 -8.06 -31.29
C ASN A 325 13.09 -8.12 -29.96
N THR A 326 12.55 -7.55 -28.90
CA THR A 326 13.17 -7.64 -27.58
C THR A 326 13.16 -9.09 -27.12
N ALA A 327 14.34 -9.62 -26.81
CA ALA A 327 14.50 -11.01 -26.43
C ALA A 327 14.50 -11.13 -24.91
N TRP A 328 13.75 -12.09 -24.39
CA TRP A 328 13.68 -12.35 -22.97
C TRP A 328 14.20 -13.74 -22.66
N LYS A 329 14.73 -13.90 -21.47
CA LYS A 329 15.12 -15.21 -20.94
C LYS A 329 14.51 -15.36 -19.56
N ILE A 330 14.22 -16.60 -19.18
CA ILE A 330 13.69 -16.87 -17.85
C ILE A 330 14.81 -16.75 -16.83
N ASN A 331 14.60 -15.93 -15.81
CA ASN A 331 15.58 -15.80 -14.73
C ASN A 331 15.54 -17.09 -13.92
N LYS A 332 16.63 -17.87 -14.00
CA LYS A 332 16.63 -19.18 -13.34
C LYS A 332 16.75 -19.06 -11.83
N LYS A 333 17.46 -18.04 -11.33
CA LYS A 333 17.67 -17.94 -9.89
C LYS A 333 16.37 -17.68 -9.15
N VAL A 334 15.53 -16.76 -9.65
CA VAL A 334 14.24 -16.55 -9.02
C VAL A 334 13.33 -17.76 -9.23
N LEU A 335 13.51 -18.48 -10.34
CA LEU A 335 12.72 -19.68 -10.59
C LEU A 335 13.04 -20.78 -9.59
N ALA A 336 14.32 -20.95 -9.26
CA ALA A 336 14.70 -21.95 -8.27
C ALA A 336 14.14 -21.62 -6.90
N VAL A 337 14.10 -20.34 -6.55
CA VAL A 337 13.42 -19.93 -5.32
C VAL A 337 11.92 -20.15 -5.45
N ALA A 338 11.33 -19.72 -6.58
CA ALA A 338 9.88 -19.81 -6.73
C ALA A 338 9.39 -21.25 -6.77
N ASN A 339 10.21 -22.18 -7.27
CA ASN A 339 9.77 -23.57 -7.36
C ASN A 339 9.61 -24.21 -5.99
N VAL A 340 10.43 -23.83 -5.01
CA VAL A 340 10.35 -24.48 -3.70
C VAL A 340 9.32 -23.79 -2.80
N ILE A 341 9.18 -22.47 -2.86
CA ILE A 341 8.26 -21.79 -1.96
C ILE A 341 6.80 -21.92 -2.41
N THR A 342 6.56 -22.21 -3.69
CA THR A 342 5.20 -22.42 -4.17
C THR A 342 4.64 -23.79 -3.78
N LYS A 343 5.50 -24.79 -3.55
CA LYS A 343 5.00 -26.07 -3.06
C LYS A 343 4.63 -26.01 -1.59
N TRP A 344 5.24 -25.10 -0.83
CA TRP A 344 4.95 -24.99 0.59
C TRP A 344 3.80 -24.04 0.89
N LYS A 345 3.57 -23.06 0.02
CA LYS A 345 2.53 -22.05 0.22
C LYS A 345 1.72 -21.86 -1.05
N HIS A 346 0.41 -21.61 -0.86
CA HIS A 346 -0.46 -21.30 -2.00
C HIS A 346 0.00 -20.03 -2.69
N CYS A 347 0.21 -18.97 -1.92
CA CYS A 347 0.97 -17.82 -2.36
C CYS A 347 2.19 -17.69 -1.45
N PRO A 348 3.39 -17.63 -2.01
CA PRO A 348 4.59 -17.55 -1.15
C PRO A 348 4.67 -16.30 -0.31
N VAL A 349 3.96 -15.24 -0.68
CA VAL A 349 4.06 -13.94 -0.03
C VAL A 349 2.86 -13.65 0.87
N GLU A 350 1.79 -14.45 0.79
CA GLU A 350 0.52 -14.08 1.43
C GLU A 350 0.61 -14.08 2.95
N ASP A 351 1.41 -14.95 3.56
CA ASP A 351 1.59 -14.93 5.01
C ASP A 351 3.04 -15.20 5.35
N ILE A 352 3.68 -14.25 6.03
CA ILE A 352 5.05 -14.40 6.51
C ILE A 352 5.03 -14.14 8.00
N PRO A 353 5.56 -15.04 8.83
CA PRO A 353 5.68 -14.75 10.26
C PRO A 353 6.63 -13.58 10.49
N ALA A 354 6.14 -12.58 11.21
CA ALA A 354 6.89 -11.37 11.48
C ALA A 354 6.88 -11.09 12.98
N ILE A 355 7.55 -10.02 13.38
CA ILE A 355 7.67 -9.62 14.78
C ILE A 355 6.31 -9.23 15.35
N GLU A 372 -26.67 -4.29 14.20
CA GLU A 372 -26.24 -4.65 12.86
C GLU A 372 -25.12 -5.68 12.92
N ALA A 373 -24.98 -6.32 14.08
CA ALA A 373 -23.93 -7.34 14.24
C ALA A 373 -24.16 -8.52 13.30
N LEU A 374 -25.42 -8.89 13.09
CA LEU A 374 -25.72 -9.97 12.14
C LEU A 374 -25.28 -9.62 10.73
N THR A 375 -25.54 -8.37 10.31
CA THR A 375 -25.05 -7.92 9.01
C THR A 375 -23.53 -7.90 8.96
N ALA A 376 -22.89 -7.53 10.08
CA ALA A 376 -21.43 -7.54 10.16
C ALA A 376 -20.90 -8.96 10.00
N TRP A 377 -21.55 -9.94 10.63
CA TRP A 377 -21.14 -11.33 10.42
C TRP A 377 -21.50 -11.81 9.03
N LYS A 378 -22.60 -11.30 8.46
CA LYS A 378 -22.95 -11.64 7.08
C LYS A 378 -21.91 -11.12 6.10
N ARG A 379 -21.44 -9.89 6.28
CA ARG A 379 -20.37 -9.37 5.45
C ARG A 379 -19.05 -10.07 5.76
N ALA A 380 -18.84 -10.48 7.01
CA ALA A 380 -17.65 -11.28 7.34
C ALA A 380 -17.72 -12.66 6.69
N ALA A 381 -18.92 -13.26 6.64
CA ALA A 381 -19.08 -14.54 5.96
C ALA A 381 -18.86 -14.40 4.47
N ALA A 382 -19.32 -13.29 3.88
CA ALA A 382 -19.05 -13.03 2.47
C ALA A 382 -17.58 -12.73 2.22
N ALA A 383 -16.85 -12.26 3.24
CA ALA A 383 -15.42 -12.02 3.08
C ALA A 383 -14.65 -13.32 2.96
N VAL A 384 -14.96 -14.31 3.80
CA VAL A 384 -14.27 -15.58 3.73
C VAL A 384 -14.73 -16.41 2.54
N TYR A 385 -15.92 -16.14 2.00
CA TYR A 385 -16.36 -16.81 0.79
C TYR A 385 -15.58 -16.34 -0.43
N ARG A 386 -15.46 -15.02 -0.58
CA ARG A 386 -14.74 -14.47 -1.74
C ARG A 386 -13.24 -14.75 -1.63
N LYS A 387 -12.69 -14.72 -0.41
CA LYS A 387 -11.28 -15.03 -0.21
C LYS A 387 -10.99 -16.47 -0.62
N ASP A 388 -11.90 -17.39 -0.32
CA ASP A 388 -11.73 -18.78 -0.76
C ASP A 388 -11.78 -18.86 -2.28
N LYS A 389 -12.68 -18.12 -2.92
CA LYS A 389 -12.68 -18.03 -4.38
C LYS A 389 -11.42 -17.34 -4.88
N ALA A 390 -10.96 -16.29 -4.16
CA ALA A 390 -9.78 -15.55 -4.58
C ALA A 390 -8.53 -16.40 -4.50
N ARG A 391 -8.33 -17.09 -3.38
CA ARG A 391 -7.10 -17.85 -3.18
C ARG A 391 -7.01 -19.05 -4.12
N LYS A 392 -8.15 -19.57 -4.58
CA LYS A 392 -8.12 -20.61 -5.59
C LYS A 392 -7.84 -20.03 -6.97
N SER A 393 -8.48 -18.90 -7.31
CA SER A 393 -8.28 -18.30 -8.62
C SER A 393 -6.89 -17.70 -8.77
N ARG A 394 -6.31 -17.19 -7.68
CA ARG A 394 -4.95 -16.66 -7.74
C ARG A 394 -3.93 -17.78 -7.95
N ARG A 395 -4.16 -18.95 -7.34
CA ARG A 395 -3.19 -20.03 -7.42
C ARG A 395 -3.15 -20.65 -8.83
N ILE A 396 -4.32 -20.87 -9.44
CA ILE A 396 -4.35 -21.53 -10.75
C ILE A 396 -3.66 -20.68 -11.82
N SER A 397 -3.63 -19.36 -11.65
CA SER A 397 -2.82 -18.53 -12.53
C SER A 397 -1.33 -18.74 -12.25
N LEU A 398 -0.98 -18.87 -10.96
CA LEU A 398 0.42 -19.05 -10.59
C LEU A 398 0.99 -20.37 -11.11
N GLU A 399 0.20 -21.45 -11.05
CA GLU A 399 0.67 -22.75 -11.50
C GLU A 399 0.93 -22.75 -13.00
N PHE A 400 0.11 -22.03 -13.76
CA PHE A 400 0.35 -21.93 -15.20
C PHE A 400 1.58 -21.10 -15.51
N MET A 401 1.78 -19.99 -14.79
CA MET A 401 2.95 -19.16 -15.02
C MET A 401 4.25 -19.88 -14.67
N LEU A 402 4.24 -20.63 -13.57
CA LEU A 402 5.42 -21.39 -13.17
C LEU A 402 5.75 -22.47 -14.18
N GLU A 403 4.74 -23.17 -14.68
CA GLU A 403 4.96 -24.21 -15.70
C GLU A 403 5.51 -23.59 -16.98
N GLN A 404 4.97 -22.43 -17.39
CA GLN A 404 5.50 -21.74 -18.55
C GLN A 404 6.93 -21.26 -18.32
N ALA A 405 7.23 -20.79 -17.11
CA ALA A 405 8.58 -20.36 -16.79
C ALA A 405 9.54 -21.54 -16.74
N ASN A 406 9.09 -22.66 -16.16
CA ASN A 406 9.95 -23.85 -16.09
C ASN A 406 10.16 -24.47 -17.48
N LYS A 407 9.16 -24.37 -18.35
CA LYS A 407 9.29 -24.95 -19.69
C LYS A 407 10.35 -24.22 -20.51
N PHE A 408 10.37 -22.89 -20.45
CA PHE A 408 11.28 -22.09 -21.25
C PHE A 408 12.52 -21.64 -20.48
N ALA A 409 12.78 -22.24 -19.32
CA ALA A 409 13.93 -21.84 -18.51
C ALA A 409 15.25 -22.14 -19.22
N ASN A 410 15.35 -23.30 -19.88
CA ASN A 410 16.61 -23.71 -20.49
C ASN A 410 16.87 -23.02 -21.82
N HIS A 411 15.87 -22.40 -22.42
CA HIS A 411 16.07 -21.74 -23.71
C HIS A 411 16.90 -20.48 -23.55
N LYS A 412 17.81 -20.25 -24.50
CA LYS A 412 18.73 -19.12 -24.40
C LYS A 412 18.01 -17.78 -24.51
N ALA A 413 16.88 -17.76 -25.21
CA ALA A 413 16.05 -16.56 -25.33
C ALA A 413 14.68 -16.96 -25.81
N ILE A 414 13.67 -16.21 -25.38
CA ILE A 414 12.31 -16.34 -25.89
C ILE A 414 11.82 -14.96 -26.30
N TRP A 415 10.85 -14.96 -27.21
CA TRP A 415 10.29 -13.73 -27.74
C TRP A 415 8.78 -13.75 -27.56
N PHE A 416 8.21 -12.57 -27.35
CA PHE A 416 6.78 -12.44 -27.14
C PHE A 416 6.17 -11.67 -28.30
N PRO A 417 5.16 -12.22 -28.98
CA PRO A 417 4.45 -11.45 -30.01
C PRO A 417 3.68 -10.30 -29.37
N TYR A 418 3.52 -9.23 -30.14
CA TYR A 418 2.83 -8.04 -29.65
C TYR A 418 1.74 -7.62 -30.63
N ASN A 419 0.56 -7.35 -30.09
CA ASN A 419 -0.52 -6.70 -30.83
C ASN A 419 -1.11 -5.64 -29.91
N MET A 420 -2.20 -5.02 -30.33
CA MET A 420 -2.75 -3.91 -29.55
C MET A 420 -4.26 -3.86 -29.68
N ASP A 421 -4.90 -3.24 -28.69
CA ASP A 421 -6.34 -3.10 -28.66
C ASP A 421 -6.79 -2.00 -29.62
N TRP A 422 -8.10 -1.75 -29.65
CA TRP A 422 -8.63 -0.75 -30.59
C TRP A 422 -8.25 0.67 -30.22
N ARG A 423 -7.80 0.91 -28.99
CA ARG A 423 -7.36 2.24 -28.59
C ARG A 423 -5.92 2.51 -28.98
N GLY A 424 -5.04 1.52 -28.86
CA GLY A 424 -3.67 1.70 -29.27
C GLY A 424 -2.64 1.17 -28.28
N ARG A 425 -3.07 0.86 -27.07
CA ARG A 425 -2.18 0.27 -26.07
C ARG A 425 -1.71 -1.10 -26.53
N VAL A 426 -0.41 -1.36 -26.45
CA VAL A 426 0.14 -2.62 -26.93
C VAL A 426 0.10 -3.65 -25.81
N TYR A 427 -0.16 -4.90 -26.17
CA TYR A 427 -0.14 -6.02 -25.25
C TYR A 427 0.61 -7.18 -25.87
N ALA A 428 1.14 -8.05 -25.02
CA ALA A 428 1.80 -9.26 -25.48
C ALA A 428 0.76 -10.35 -25.72
N VAL A 429 0.88 -11.03 -26.87
CA VAL A 429 -0.13 -12.02 -27.26
C VAL A 429 -0.04 -13.27 -26.39
N SER A 430 1.17 -13.68 -26.02
CA SER A 430 1.36 -14.92 -25.28
C SER A 430 0.79 -14.80 -23.88
N MET A 431 0.27 -15.93 -23.38
CA MET A 431 -0.35 -15.95 -22.05
C MET A 431 0.67 -15.67 -20.96
N PHE A 432 1.85 -16.28 -21.07
CA PHE A 432 3.00 -15.89 -20.26
C PHE A 432 3.61 -14.65 -20.91
N ASN A 433 3.72 -13.56 -20.17
CA ASN A 433 4.09 -12.29 -20.77
C ASN A 433 4.78 -11.42 -19.73
N PRO A 434 5.62 -10.47 -20.16
CA PRO A 434 6.24 -9.54 -19.20
C PRO A 434 5.26 -8.55 -18.58
N GLN A 435 4.01 -8.51 -19.05
CA GLN A 435 2.99 -7.61 -18.53
C GLN A 435 2.15 -8.24 -17.42
N GLY A 436 2.65 -9.28 -16.78
CA GLY A 436 1.92 -10.00 -15.76
C GLY A 436 2.12 -9.44 -14.37
N ASN A 437 1.88 -10.29 -13.38
CA ASN A 437 1.97 -9.90 -11.97
C ASN A 437 3.43 -9.85 -11.53
N ASP A 438 3.65 -9.69 -10.23
CA ASP A 438 5.01 -9.54 -9.70
C ASP A 438 5.85 -10.80 -9.93
N MET A 439 5.27 -11.98 -9.69
CA MET A 439 6.02 -13.21 -9.89
C MET A 439 6.38 -13.40 -11.36
N THR A 440 5.41 -13.20 -12.25
CA THR A 440 5.67 -13.33 -13.68
C THR A 440 6.65 -12.27 -14.17
N LYS A 441 6.55 -11.05 -13.63
CA LYS A 441 7.53 -10.01 -13.96
C LYS A 441 8.91 -10.40 -13.48
N GLY A 442 9.02 -10.99 -12.28
CA GLY A 442 10.30 -11.39 -11.75
C GLY A 442 10.90 -12.59 -12.45
N LEU A 443 10.05 -13.49 -12.97
CA LEU A 443 10.52 -14.67 -13.67
C LEU A 443 11.10 -14.36 -15.05
N LEU A 444 10.86 -13.16 -15.57
CA LEU A 444 11.32 -12.77 -16.89
C LEU A 444 12.35 -11.66 -16.79
N THR A 445 13.49 -11.85 -17.45
CA THR A 445 14.50 -10.81 -17.63
C THR A 445 14.86 -10.74 -19.10
N LEU A 446 15.43 -9.60 -19.49
CA LEU A 446 15.85 -9.44 -20.87
C LEU A 446 17.03 -10.36 -21.18
N ALA A 447 17.19 -10.68 -22.47
CA ALA A 447 18.21 -11.65 -22.86
C ALA A 447 19.54 -11.02 -23.23
N LYS A 448 19.51 -9.92 -23.97
CA LYS A 448 20.74 -9.26 -24.41
C LYS A 448 21.11 -8.19 -23.39
N GLY A 449 22.18 -8.43 -22.63
CA GLY A 449 22.65 -7.48 -21.65
C GLY A 449 23.96 -6.83 -22.04
N LYS A 450 24.28 -5.72 -21.41
CA LYS A 450 25.51 -4.97 -21.62
C LYS A 450 26.15 -4.72 -20.26
N PRO A 451 27.46 -4.45 -20.23
CA PRO A 451 28.11 -4.15 -18.94
C PRO A 451 27.46 -2.96 -18.25
N ILE A 452 27.29 -3.10 -16.93
CA ILE A 452 26.36 -2.25 -16.20
C ILE A 452 26.88 -0.82 -16.08
N GLY A 453 28.17 -0.64 -15.78
CA GLY A 453 28.73 0.69 -15.63
C GLY A 453 28.27 1.37 -14.34
N LYS A 454 28.74 2.61 -14.18
CA LYS A 454 28.36 3.38 -13.00
C LYS A 454 26.92 3.87 -13.10
N GLU A 455 26.52 4.35 -14.28
CA GLU A 455 25.14 4.82 -14.47
C GLU A 455 24.13 3.69 -14.34
N GLY A 456 24.45 2.52 -14.90
CA GLY A 456 23.53 1.40 -14.80
C GLY A 456 23.40 0.87 -13.38
N TYR A 457 24.52 0.83 -12.64
CA TYR A 457 24.48 0.42 -11.25
C TYR A 457 23.66 1.39 -10.40
N TYR A 458 23.76 2.69 -10.72
CA TYR A 458 22.92 3.68 -10.06
C TYR A 458 21.44 3.41 -10.34
N TRP A 459 21.10 3.18 -11.60
CA TRP A 459 19.70 2.96 -11.97
C TRP A 459 19.21 1.59 -11.51
N LEU A 460 20.10 0.60 -11.42
CA LEU A 460 19.72 -0.68 -10.83
C LEU A 460 19.36 -0.52 -9.37
N LYS A 461 20.12 0.31 -8.65
CA LYS A 461 19.80 0.58 -7.25
C LYS A 461 18.47 1.33 -7.12
N ILE A 462 18.21 2.28 -8.03
CA ILE A 462 16.94 2.99 -8.04
C ILE A 462 15.79 2.02 -8.29
N HIS A 463 15.99 1.08 -9.22
CA HIS A 463 14.99 0.04 -9.47
C HIS A 463 14.82 -0.87 -8.27
N GLY A 464 15.88 -1.08 -7.49
CA GLY A 464 15.75 -1.83 -6.26
C GLY A 464 14.89 -1.12 -5.23
N ALA A 465 14.99 0.22 -5.18
CA ALA A 465 14.17 0.98 -4.25
C ALA A 465 12.70 1.00 -4.67
N ASN A 466 12.45 1.06 -5.98
CA ASN A 466 11.06 1.05 -6.46
C ASN A 466 10.39 -0.28 -6.19
N CYS A 467 11.11 -1.39 -6.33
CA CYS A 467 10.58 -2.69 -5.95
C CYS A 467 10.34 -2.80 -4.45
N ALA A 468 11.01 -1.95 -3.66
CA ALA A 468 10.86 -1.97 -2.21
C ALA A 468 9.78 -1.01 -1.70
N GLY A 469 9.20 -0.20 -2.58
CA GLY A 469 8.23 0.78 -2.15
C GLY A 469 8.82 2.08 -1.65
N VAL A 470 10.01 2.44 -2.12
CA VAL A 470 10.67 3.67 -1.69
C VAL A 470 10.56 4.63 -2.87
N ASP A 471 9.48 4.48 -3.65
CA ASP A 471 9.26 5.31 -4.81
C ASP A 471 8.80 6.72 -4.47
N LYS A 472 8.20 6.92 -3.29
CA LYS A 472 7.71 8.24 -2.90
C LYS A 472 8.81 9.18 -2.46
N VAL A 473 10.05 8.72 -2.40
CA VAL A 473 11.14 9.44 -1.77
C VAL A 473 12.10 9.80 -2.91
N PRO A 474 12.75 10.97 -2.91
CA PRO A 474 13.57 11.36 -4.08
C PRO A 474 14.78 10.44 -4.28
N PHE A 475 15.40 10.63 -5.45
CA PHE A 475 16.47 9.75 -5.93
C PHE A 475 17.65 9.59 -4.99
N PRO A 476 18.26 10.66 -4.43
CA PRO A 476 19.41 10.43 -3.54
C PRO A 476 19.08 9.58 -2.32
N GLU A 477 17.87 9.72 -1.78
CA GLU A 477 17.50 8.93 -0.60
C GLU A 477 17.15 7.49 -1.00
N ARG A 478 16.67 7.29 -2.23
CA ARG A 478 16.47 5.93 -2.74
C ARG A 478 17.79 5.19 -2.84
N ILE A 479 18.84 5.88 -3.29
CA ILE A 479 20.18 5.29 -3.32
C ILE A 479 20.65 4.97 -1.91
N LYS A 480 20.41 5.88 -0.96
CA LYS A 480 20.85 5.68 0.41
C LYS A 480 20.19 4.46 1.05
N PHE A 481 18.88 4.27 0.79
CA PHE A 481 18.17 3.15 1.40
C PHE A 481 18.73 1.82 0.94
N ILE A 482 19.11 1.71 -0.33
CA ILE A 482 19.74 0.50 -0.84
C ILE A 482 21.09 0.27 -0.15
N GLU A 483 21.88 1.33 -0.01
CA GLU A 483 23.20 1.21 0.60
C GLU A 483 23.10 0.92 2.10
N GLU A 484 22.08 1.47 2.77
CA GLU A 484 21.85 1.13 4.17
C GLU A 484 21.47 -0.34 4.34
N ASN A 485 20.63 -0.87 3.44
CA ASN A 485 20.22 -2.26 3.48
C ASN A 485 21.09 -3.16 2.61
N HIS A 486 22.35 -2.79 2.39
CA HIS A 486 23.23 -3.57 1.52
C HIS A 486 23.47 -4.96 2.09
N GLU A 487 23.70 -5.06 3.40
CA GLU A 487 23.96 -6.36 4.01
C GLU A 487 22.74 -7.26 3.97
N ASN A 488 21.53 -6.69 4.03
CA ASN A 488 20.32 -7.48 3.90
C ASN A 488 20.09 -7.93 2.46
N ILE A 489 20.44 -7.07 1.49
CA ILE A 489 20.29 -7.44 0.09
C ILE A 489 21.24 -8.58 -0.27
N MET A 490 22.49 -8.49 0.19
CA MET A 490 23.45 -9.56 -0.08
C MET A 490 23.06 -10.85 0.60
N ALA A 491 22.52 -10.77 1.83
CA ALA A 491 22.08 -11.96 2.54
C ALA A 491 20.91 -12.63 1.84
N CYS A 492 19.95 -11.84 1.34
CA CYS A 492 18.83 -12.40 0.60
C CYS A 492 19.29 -13.05 -0.69
N ALA A 493 20.21 -12.41 -1.42
CA ALA A 493 20.74 -13.01 -2.63
C ALA A 493 21.60 -14.23 -2.35
N LYS A 494 22.27 -14.25 -1.19
CA LYS A 494 23.10 -15.40 -0.84
C LYS A 494 22.25 -16.65 -0.65
N SER A 495 21.13 -16.53 0.04
CA SER A 495 20.20 -17.64 0.22
C SER A 495 18.81 -17.06 0.43
N PRO A 496 17.99 -17.01 -0.62
CA PRO A 496 16.65 -16.43 -0.47
C PRO A 496 15.73 -17.20 0.46
N LEU A 497 15.99 -18.49 0.68
CA LEU A 497 15.18 -19.25 1.62
C LEU A 497 15.53 -18.93 3.06
N GLU A 498 16.78 -18.56 3.33
CA GLU A 498 17.21 -18.29 4.70
C GLU A 498 16.71 -16.93 5.20
N ASN A 499 16.60 -15.95 4.32
CA ASN A 499 16.16 -14.61 4.69
C ASN A 499 14.87 -14.28 3.94
N THR A 500 13.82 -13.97 4.69
CA THR A 500 12.51 -13.68 4.12
C THR A 500 12.29 -12.19 3.85
N TRP A 501 13.34 -11.38 3.95
CA TRP A 501 13.18 -9.94 3.87
C TRP A 501 12.68 -9.50 2.50
N TRP A 502 13.17 -10.14 1.44
CA TRP A 502 12.73 -9.76 0.09
C TRP A 502 11.24 -10.03 -0.12
N ALA A 503 10.71 -11.07 0.53
CA ALA A 503 9.28 -11.37 0.41
C ALA A 503 8.43 -10.30 1.08
N GLU A 504 8.94 -9.67 2.14
CA GLU A 504 8.21 -8.62 2.85
C GLU A 504 8.05 -7.36 2.02
N GLN A 505 8.81 -7.21 0.94
CA GLN A 505 8.80 -6.01 0.13
C GLN A 505 7.53 -5.94 -0.74
N ASP A 506 7.30 -4.76 -1.31
CA ASP A 506 6.07 -4.52 -2.07
C ASP A 506 6.03 -5.36 -3.35
N SER A 507 7.16 -5.51 -4.02
CA SER A 507 7.26 -6.29 -5.26
C SER A 507 8.31 -7.36 -5.02
N PRO A 508 7.95 -8.44 -4.32
CA PRO A 508 9.00 -9.31 -3.74
C PRO A 508 9.84 -10.05 -4.78
N PHE A 509 9.21 -10.68 -5.78
CA PHE A 509 9.96 -11.46 -6.75
C PHE A 509 10.81 -10.58 -7.66
N CYS A 510 10.34 -9.38 -7.98
CA CYS A 510 11.17 -8.43 -8.71
C CYS A 510 12.25 -7.81 -7.83
N PHE A 511 11.96 -7.62 -6.54
CA PHE A 511 13.00 -7.16 -5.62
C PHE A 511 14.09 -8.21 -5.45
N LEU A 512 13.69 -9.49 -5.36
CA LEU A 512 14.68 -10.56 -5.30
C LEU A 512 15.47 -10.65 -6.60
N ALA A 513 14.85 -10.33 -7.73
CA ALA A 513 15.58 -10.25 -8.98
C ALA A 513 16.63 -9.15 -8.94
N PHE A 514 16.31 -8.03 -8.29
CA PHE A 514 17.29 -6.96 -8.11
C PHE A 514 18.41 -7.41 -7.18
N CYS A 515 18.07 -8.17 -6.14
CA CYS A 515 19.07 -8.62 -5.16
C CYS A 515 20.12 -9.50 -5.81
N PHE A 516 19.70 -10.37 -6.74
CA PHE A 516 20.66 -11.21 -7.45
C PHE A 516 21.58 -10.37 -8.32
N GLU A 517 21.03 -9.37 -9.01
CA GLU A 517 21.87 -8.51 -9.84
C GLU A 517 22.70 -7.56 -9.01
N TYR A 518 22.21 -7.16 -7.83
CA TYR A 518 23.02 -6.35 -6.93
C TYR A 518 24.20 -7.15 -6.40
N ALA A 519 23.99 -8.43 -6.10
CA ALA A 519 25.08 -9.26 -5.60
C ALA A 519 26.11 -9.55 -6.68
N GLY A 520 25.67 -9.66 -7.93
CA GLY A 520 26.61 -9.91 -9.02
C GLY A 520 27.56 -8.75 -9.27
N VAL A 521 27.06 -7.52 -9.10
CA VAL A 521 27.90 -6.35 -9.32
C VAL A 521 28.89 -6.13 -8.19
N GLN A 522 28.63 -6.68 -7.00
CA GLN A 522 29.62 -6.63 -5.93
C GLN A 522 30.74 -7.64 -6.16
N HIS A 523 30.40 -8.84 -6.65
CA HIS A 523 31.41 -9.85 -6.90
C HIS A 523 32.22 -9.54 -8.14
N HIS A 524 31.57 -9.11 -9.22
CA HIS A 524 32.22 -8.95 -10.52
C HIS A 524 32.47 -7.50 -10.91
N GLY A 525 32.17 -6.54 -10.04
CA GLY A 525 32.46 -5.16 -10.34
C GLY A 525 31.51 -4.56 -11.36
N LEU A 526 31.86 -3.35 -11.81
CA LEU A 526 31.03 -2.61 -12.77
C LEU A 526 31.15 -3.14 -14.19
N SER A 527 32.03 -4.10 -14.45
CA SER A 527 32.09 -4.77 -15.74
C SER A 527 31.07 -5.90 -15.85
N TYR A 528 30.26 -6.12 -14.81
CA TYR A 528 29.27 -7.17 -14.80
C TYR A 528 28.21 -6.92 -15.87
N ASN A 529 27.87 -7.97 -16.62
CA ASN A 529 26.84 -7.89 -17.64
C ASN A 529 25.49 -8.08 -17.00
N CYS A 530 24.69 -7.03 -16.96
CA CYS A 530 23.37 -7.05 -16.33
C CYS A 530 22.30 -6.94 -17.41
N SER A 531 21.38 -7.91 -17.41
CA SER A 531 20.29 -7.95 -18.39
C SER A 531 18.93 -7.72 -17.73
N LEU A 532 18.91 -7.19 -16.51
CA LEU A 532 17.68 -7.02 -15.76
C LEU A 532 16.86 -5.85 -16.33
N PRO A 533 15.55 -6.03 -16.49
CA PRO A 533 14.69 -4.91 -16.90
C PRO A 533 14.59 -3.87 -15.79
N LEU A 534 14.76 -2.60 -16.16
CA LEU A 534 14.71 -1.49 -15.21
C LEU A 534 13.51 -0.62 -15.57
N ALA A 535 12.43 -0.77 -14.81
CA ALA A 535 11.15 -0.15 -15.16
C ALA A 535 11.06 1.27 -14.65
N PHE A 536 10.73 2.20 -15.55
CA PHE A 536 10.34 3.56 -15.20
C PHE A 536 8.85 3.69 -15.47
N ASP A 537 8.07 4.00 -14.43
CA ASP A 537 6.61 3.99 -14.51
C ASP A 537 6.06 5.37 -14.17
N GLY A 538 5.27 5.93 -15.08
CA GLY A 538 4.62 7.20 -14.82
C GLY A 538 3.63 7.09 -13.68
N SER A 539 3.54 8.16 -12.88
CA SER A 539 2.74 8.13 -11.66
C SER A 539 1.25 7.99 -11.97
N CYS A 540 0.74 8.84 -12.87
CA CYS A 540 -0.67 8.78 -13.26
C CYS A 540 -0.74 9.23 -14.72
N SER A 541 -0.80 8.25 -15.63
CA SER A 541 -0.64 8.55 -17.06
C SER A 541 -1.77 9.39 -17.60
N GLY A 542 -3.02 9.11 -17.20
CA GLY A 542 -4.14 9.87 -17.71
C GLY A 542 -4.05 11.35 -17.35
N ILE A 543 -3.71 11.65 -16.09
CA ILE A 543 -3.60 13.03 -15.67
C ILE A 543 -2.35 13.69 -16.24
N GLN A 544 -1.25 12.94 -16.37
CA GLN A 544 -0.05 13.49 -17.00
C GLN A 544 -0.33 13.94 -18.43
N HIS A 545 -1.01 13.11 -19.20
CA HIS A 545 -1.33 13.47 -20.58
C HIS A 545 -2.35 14.60 -20.63
N PHE A 546 -3.34 14.57 -19.74
CA PHE A 546 -4.34 15.63 -19.70
C PHE A 546 -3.73 16.96 -19.29
N SER A 547 -2.80 16.95 -18.35
CA SER A 547 -2.12 18.18 -17.97
C SER A 547 -1.18 18.66 -19.07
N ALA A 548 -0.70 17.75 -19.92
CA ALA A 548 0.20 18.13 -20.99
C ALA A 548 -0.55 18.80 -22.15
N MET A 549 -1.77 18.35 -22.44
CA MET A 549 -2.55 18.94 -23.53
C MET A 549 -2.90 20.39 -23.23
N LEU A 550 -3.31 20.68 -22.01
CA LEU A 550 -3.80 22.00 -21.64
C LEU A 550 -2.81 22.81 -20.82
N ARG A 551 -1.60 22.28 -20.60
CA ARG A 551 -0.49 22.99 -19.96
C ARG A 551 -0.84 23.48 -18.55
N ASP A 552 -1.49 22.63 -17.77
CA ASP A 552 -1.85 23.01 -16.41
C ASP A 552 -0.63 22.80 -15.51
N GLU A 553 -0.18 23.89 -14.87
CA GLU A 553 1.02 23.82 -14.03
C GLU A 553 0.78 23.03 -12.77
N VAL A 554 -0.31 23.32 -12.05
CA VAL A 554 -0.54 22.69 -10.75
C VAL A 554 -0.91 21.22 -10.92
N GLY A 555 -1.53 20.87 -12.05
CA GLY A 555 -1.76 19.46 -12.33
C GLY A 555 -0.47 18.72 -12.65
N GLY A 556 0.38 19.32 -13.48
CA GLY A 556 1.63 18.68 -13.85
C GLY A 556 2.57 18.51 -12.66
N ARG A 557 2.60 19.49 -11.76
CA ARG A 557 3.37 19.34 -10.54
C ARG A 557 2.81 18.22 -9.66
N ALA A 558 1.48 18.08 -9.63
CA ALA A 558 0.85 17.03 -8.84
C ALA A 558 1.17 15.65 -9.38
N VAL A 559 1.29 15.51 -10.70
CA VAL A 559 1.64 14.24 -11.32
C VAL A 559 3.13 14.18 -11.70
N ASN A 560 3.93 15.08 -11.12
CA ASN A 560 5.40 15.10 -11.27
C ASN A 560 5.82 15.32 -12.71
N LEU A 561 4.99 15.99 -13.52
CA LEU A 561 5.42 16.41 -14.85
C LEU A 561 6.43 17.53 -14.77
N LEU A 562 6.27 18.42 -13.82
CA LEU A 562 7.20 19.51 -13.58
C LEU A 562 8.26 19.09 -12.57
N PRO A 563 9.47 19.66 -12.68
CA PRO A 563 10.49 19.41 -11.66
C PRO A 563 10.02 19.92 -10.30
N SER A 564 10.34 19.17 -9.26
CA SER A 564 9.82 19.45 -7.94
C SER A 564 10.93 19.25 -6.91
N GLU A 565 10.72 19.85 -5.74
CA GLU A 565 11.65 19.66 -4.62
C GLU A 565 11.66 18.22 -4.13
N THR A 566 10.56 17.49 -4.33
CA THR A 566 10.43 16.12 -3.89
C THR A 566 9.34 15.44 -4.72
N VAL A 567 9.24 14.13 -4.58
CA VAL A 567 8.20 13.38 -5.27
C VAL A 567 6.85 13.81 -4.72
N GLN A 568 5.93 14.18 -5.61
CA GLN A 568 4.66 14.76 -5.23
C GLN A 568 3.56 13.71 -5.33
N ASP A 569 2.90 13.43 -4.21
CA ASP A 569 1.84 12.43 -4.15
C ASP A 569 0.50 13.13 -4.34
N ILE A 570 -0.16 12.84 -5.47
CA ILE A 570 -1.43 13.47 -5.78
C ILE A 570 -2.49 13.08 -4.76
N TYR A 571 -2.43 11.84 -4.24
CA TYR A 571 -3.34 11.43 -3.18
C TYR A 571 -3.09 12.23 -1.91
N GLY A 572 -1.82 12.47 -1.58
CA GLY A 572 -1.50 13.30 -0.42
C GLY A 572 -1.89 14.75 -0.61
N ILE A 573 -1.75 15.27 -1.84
CA ILE A 573 -2.14 16.65 -2.12
C ILE A 573 -3.64 16.82 -1.95
N VAL A 574 -4.43 15.86 -2.46
CA VAL A 574 -5.87 15.91 -2.28
C VAL A 574 -6.24 15.71 -0.82
N ALA A 575 -5.54 14.79 -0.14
CA ALA A 575 -5.80 14.55 1.29
C ALA A 575 -5.50 15.78 2.13
N LYS A 576 -4.44 16.52 1.77
CA LYS A 576 -4.20 17.81 2.42
C LYS A 576 -5.32 18.78 2.13
N LYS A 577 -5.81 18.80 0.89
CA LYS A 577 -6.86 19.75 0.52
C LYS A 577 -8.19 19.42 1.21
N VAL A 578 -8.55 18.14 1.29
CA VAL A 578 -9.79 17.79 1.99
C VAL A 578 -9.62 18.02 3.49
N ASN A 579 -8.39 17.91 4.02
CA ASN A 579 -8.15 18.21 5.42
C ASN A 579 -8.38 19.68 5.72
N GLU A 580 -7.98 20.56 4.79
CA GLU A 580 -8.23 21.99 4.96
C GLU A 580 -9.72 22.31 4.99
N ILE A 581 -10.50 21.64 4.13
CA ILE A 581 -11.95 21.81 4.16
C ILE A 581 -12.51 21.25 5.47
N LEU A 582 -11.94 20.16 5.97
CA LEU A 582 -12.45 19.55 7.20
C LEU A 582 -12.26 20.46 8.40
N GLN A 583 -11.10 21.10 8.52
CA GLN A 583 -10.86 21.99 9.65
C GLN A 583 -11.69 23.26 9.54
N ALA A 584 -11.87 23.77 8.32
CA ALA A 584 -12.70 24.96 8.13
C ALA A 584 -14.17 24.65 8.41
N ASP A 585 -14.63 23.46 8.01
CA ASP A 585 -16.02 23.08 8.26
C ASP A 585 -16.27 22.79 9.73
N ALA A 586 -15.22 22.37 10.46
CA ALA A 586 -15.39 22.13 11.89
C ALA A 586 -15.66 23.40 12.68
N ILE A 587 -15.34 24.57 12.12
CA ILE A 587 -15.58 25.85 12.78
C ILE A 587 -16.83 26.52 12.23
N ASN A 588 -17.00 26.55 10.91
CA ASN A 588 -18.05 27.33 10.26
C ASN A 588 -19.05 26.45 9.51
N GLY A 589 -19.15 25.17 9.85
CA GLY A 589 -20.05 24.29 9.15
C GLY A 589 -21.50 24.41 9.59
N THR A 590 -22.37 23.79 8.80
CA THR A 590 -23.79 23.79 9.10
C THR A 590 -24.11 22.87 10.27
N ASP A 591 -25.11 23.27 11.06
CA ASP A 591 -25.57 22.45 12.16
C ASP A 591 -26.53 21.38 11.64
N ASN A 592 -26.75 20.35 12.47
CA ASN A 592 -27.62 19.26 12.08
C ASN A 592 -29.09 19.69 12.11
N GLU A 593 -29.86 19.17 11.15
CA GLU A 593 -31.29 19.43 11.06
C GLU A 593 -32.02 18.12 10.83
N VAL A 594 -33.24 18.04 11.33
CA VAL A 594 -34.06 16.85 11.13
C VAL A 594 -34.77 16.99 9.78
N VAL A 595 -34.83 15.89 9.05
CA VAL A 595 -35.39 15.87 7.70
C VAL A 595 -36.33 14.66 7.58
N THR A 596 -37.50 14.89 7.00
CA THR A 596 -38.45 13.81 6.77
C THR A 596 -37.99 12.95 5.59
N VAL A 597 -38.09 11.63 5.74
CA VAL A 597 -37.72 10.67 4.71
C VAL A 597 -38.83 9.63 4.61
N THR A 598 -39.22 9.32 3.38
CA THR A 598 -40.31 8.38 3.11
C THR A 598 -39.78 7.24 2.24
N ASP A 599 -39.92 6.02 2.73
CA ASP A 599 -39.66 4.84 1.90
C ASP A 599 -40.91 4.58 1.05
N GLU A 600 -40.74 4.63 -0.28
CA GLU A 600 -41.89 4.64 -1.19
C GLU A 600 -42.64 3.31 -1.16
N ASN A 601 -41.92 2.20 -1.13
CA ASN A 601 -42.58 0.89 -1.16
C ASN A 601 -43.39 0.66 0.11
N THR A 602 -42.85 1.02 1.27
CA THR A 602 -43.61 0.92 2.50
C THR A 602 -44.65 2.03 2.63
N GLY A 603 -44.35 3.23 2.12
CA GLY A 603 -45.17 4.38 2.34
C GLY A 603 -45.00 5.03 3.70
N GLU A 604 -44.07 4.53 4.52
CA GLU A 604 -43.91 4.99 5.89
C GLU A 604 -43.20 6.33 5.92
N ILE A 605 -43.73 7.25 6.73
CA ILE A 605 -43.14 8.57 6.91
C ILE A 605 -42.37 8.57 8.21
N SER A 606 -41.07 8.88 8.15
CA SER A 606 -40.20 8.87 9.31
C SER A 606 -39.36 10.14 9.33
N GLU A 607 -38.87 10.50 10.52
CA GLU A 607 -38.16 11.74 10.76
C GLU A 607 -36.75 11.40 11.25
N LYS A 608 -35.77 11.48 10.34
CA LYS A 608 -34.38 11.21 10.67
C LYS A 608 -33.59 12.52 10.67
N VAL A 609 -32.53 12.56 11.47
CA VAL A 609 -31.66 13.73 11.52
C VAL A 609 -30.69 13.69 10.36
N LYS A 610 -30.36 14.87 9.84
CA LYS A 610 -29.35 15.01 8.79
C LYS A 610 -28.13 15.68 9.40
N LEU A 611 -26.98 15.01 9.30
CA LEU A 611 -25.76 15.54 9.88
C LEU A 611 -25.27 16.73 9.07
N GLY A 612 -25.00 17.83 9.75
CA GLY A 612 -24.45 19.00 9.10
C GLY A 612 -22.98 18.83 8.76
N THR A 613 -22.46 19.78 7.99
CA THR A 613 -21.04 19.73 7.63
C THR A 613 -20.14 19.92 8.84
N LYS A 614 -20.60 20.66 9.85
CA LYS A 614 -19.81 20.82 11.06
C LYS A 614 -19.68 19.50 11.82
N ALA A 615 -20.78 18.76 11.96
CA ALA A 615 -20.73 17.49 12.66
C ALA A 615 -19.99 16.43 11.84
N LEU A 616 -20.21 16.43 10.51
CA LEU A 616 -19.52 15.46 9.66
C LEU A 616 -18.02 15.71 9.60
N ALA A 617 -17.60 16.97 9.70
CA ALA A 617 -16.18 17.27 9.75
C ALA A 617 -15.53 16.72 11.01
N GLY A 618 -16.25 16.79 12.14
CA GLY A 618 -15.72 16.25 13.38
C GLY A 618 -15.54 14.75 13.35
N GLN A 619 -16.45 14.04 12.67
CA GLN A 619 -16.32 12.60 12.55
C GLN A 619 -15.08 12.21 11.76
N TRP A 620 -14.87 12.87 10.61
CA TRP A 620 -13.78 12.49 9.71
C TRP A 620 -12.42 12.85 10.30
N LEU A 621 -12.35 13.99 10.99
CA LEU A 621 -11.11 14.36 11.67
C LEU A 621 -10.80 13.41 12.81
N ALA A 622 -11.83 12.88 13.47
CA ALA A 622 -11.61 11.87 14.49
C ALA A 622 -11.05 10.58 13.90
N TYR A 623 -11.46 10.24 12.66
CA TYR A 623 -10.87 9.11 11.97
C TYR A 623 -9.44 9.41 11.54
N GLY A 624 -9.23 10.61 10.99
CA GLY A 624 -7.95 10.95 10.42
C GLY A 624 -7.93 10.54 8.96
N VAL A 625 -7.84 11.50 8.06
CA VAL A 625 -7.85 11.22 6.64
C VAL A 625 -6.43 11.29 6.12
N THR A 626 -6.06 10.30 5.30
CA THR A 626 -4.73 10.23 4.72
C THR A 626 -4.84 10.11 3.21
N ARG A 627 -3.72 9.79 2.55
CA ARG A 627 -3.75 9.52 1.12
C ARG A 627 -4.60 8.31 0.80
N SER A 628 -4.75 7.38 1.75
CA SER A 628 -5.50 6.16 1.51
C SER A 628 -7.00 6.42 1.36
N VAL A 629 -7.53 7.45 2.03
CA VAL A 629 -8.94 7.78 1.87
C VAL A 629 -9.20 8.32 0.47
N THR A 630 -8.24 9.03 -0.12
CA THR A 630 -8.42 9.67 -1.41
C THR A 630 -7.78 8.91 -2.58
N LYS A 631 -7.03 7.84 -2.30
CA LYS A 631 -6.18 7.24 -3.33
C LYS A 631 -7.00 6.67 -4.49
N ARG A 632 -7.98 5.81 -4.19
CA ARG A 632 -8.74 5.16 -5.25
C ARG A 632 -9.57 6.17 -6.04
N SER A 633 -10.03 7.23 -5.38
CA SER A 633 -10.83 8.24 -6.08
C SER A 633 -10.01 8.97 -7.14
N VAL A 634 -8.72 9.22 -6.87
CA VAL A 634 -7.88 9.89 -7.86
C VAL A 634 -7.60 8.98 -9.05
N MET A 635 -7.36 7.69 -8.79
CA MET A 635 -7.06 6.76 -9.87
C MET A 635 -8.22 6.61 -10.84
N THR A 636 -9.44 6.54 -10.31
CA THR A 636 -10.62 6.34 -11.14
C THR A 636 -11.11 7.61 -11.81
N LEU A 637 -10.46 8.75 -11.55
CA LEU A 637 -10.85 9.99 -12.22
C LEU A 637 -10.61 9.90 -13.73
N ALA A 638 -9.48 9.31 -14.14
CA ALA A 638 -9.21 9.13 -15.55
C ALA A 638 -10.15 8.14 -16.21
N TYR A 639 -10.82 7.30 -15.44
CA TYR A 639 -11.81 6.37 -15.96
C TYR A 639 -13.22 6.97 -16.00
N GLY A 640 -13.40 8.18 -15.44
CA GLY A 640 -14.68 8.86 -15.50
C GLY A 640 -15.41 8.99 -14.17
N SER A 641 -14.82 8.53 -13.07
CA SER A 641 -15.50 8.62 -11.78
C SER A 641 -15.54 10.05 -11.28
N LYS A 642 -16.63 10.37 -10.59
CA LYS A 642 -16.90 11.72 -10.08
C LYS A 642 -17.50 11.58 -8.68
N GLU A 643 -18.16 12.64 -8.21
CA GLU A 643 -18.64 12.71 -6.83
C GLU A 643 -19.53 11.53 -6.47
N PHE A 644 -20.43 11.11 -7.37
CA PHE A 644 -21.28 9.97 -7.06
C PHE A 644 -20.48 8.69 -6.93
N GLY A 645 -19.53 8.48 -7.85
CA GLY A 645 -18.70 7.28 -7.77
C GLY A 645 -17.82 7.26 -6.54
N PHE A 646 -17.36 8.43 -6.11
CA PHE A 646 -16.52 8.51 -4.91
C PHE A 646 -17.29 8.11 -3.67
N ARG A 647 -18.60 8.36 -3.63
CA ARG A 647 -19.41 8.06 -2.45
C ARG A 647 -19.43 6.56 -2.16
N GLN A 648 -19.58 5.73 -3.19
CA GLN A 648 -19.50 4.29 -2.99
C GLN A 648 -18.10 3.86 -2.58
N GLN A 649 -17.07 4.52 -3.16
CA GLN A 649 -15.69 4.12 -2.91
C GLN A 649 -15.27 4.34 -1.46
N VAL A 650 -15.54 5.53 -0.91
CA VAL A 650 -15.10 5.82 0.45
C VAL A 650 -15.83 4.95 1.45
N LEU A 651 -17.07 4.55 1.14
CA LEU A 651 -17.81 3.64 2.00
C LEU A 651 -17.14 2.27 2.06
N GLU A 652 -16.87 1.67 0.90
CA GLU A 652 -16.35 0.31 0.88
C GLU A 652 -14.87 0.23 1.24
N ASP A 653 -14.11 1.31 1.07
CA ASP A 653 -12.67 1.26 1.28
C ASP A 653 -12.22 1.74 2.65
N THR A 654 -12.91 2.71 3.24
CA THR A 654 -12.51 3.25 4.54
C THR A 654 -13.55 3.06 5.62
N ILE A 655 -14.81 3.40 5.35
CA ILE A 655 -15.83 3.42 6.40
C ILE A 655 -16.22 2.00 6.81
N GLN A 656 -16.62 1.18 5.83
CA GLN A 656 -16.99 -0.20 6.13
C GLN A 656 -15.85 -1.04 6.72
N PRO A 657 -14.61 -0.98 6.22
CA PRO A 657 -13.52 -1.66 6.95
C PRO A 657 -13.31 -1.14 8.37
N ALA A 658 -13.62 0.13 8.63
CA ALA A 658 -13.47 0.67 9.98
C ALA A 658 -14.46 0.04 10.95
N ILE A 659 -15.73 -0.07 10.55
CA ILE A 659 -16.75 -0.55 11.48
C ILE A 659 -16.59 -2.04 11.75
N ASP A 660 -16.00 -2.79 10.82
CA ASP A 660 -15.65 -4.17 11.11
C ASP A 660 -14.48 -4.26 12.09
N SER A 661 -13.59 -3.28 12.07
CA SER A 661 -12.42 -3.28 12.94
C SER A 661 -12.70 -2.69 14.32
N GLY A 662 -13.89 -2.15 14.56
CA GLY A 662 -14.21 -1.46 15.78
C GLY A 662 -14.09 0.05 15.70
N LYS A 663 -13.37 0.56 14.71
CA LYS A 663 -13.35 1.98 14.42
C LYS A 663 -14.67 2.35 13.74
N GLY A 664 -14.85 3.61 13.38
CA GLY A 664 -16.08 4.00 12.73
C GLY A 664 -17.25 4.17 13.68
N LEU A 665 -17.01 4.12 14.99
CA LEU A 665 -18.00 4.57 15.96
C LEU A 665 -18.36 6.04 15.72
N MET A 666 -17.41 6.80 15.18
CA MET A 666 -17.65 8.19 14.80
C MET A 666 -18.67 8.29 13.67
N PHE A 667 -18.60 7.39 12.68
CA PHE A 667 -19.56 7.39 11.58
C PHE A 667 -20.88 6.81 12.09
N THR A 668 -21.65 7.67 12.75
CA THR A 668 -22.96 7.25 13.27
C THR A 668 -23.91 6.91 12.13
N GLN A 669 -23.87 7.68 11.04
CA GLN A 669 -24.60 7.37 9.82
C GLN A 669 -23.61 7.31 8.67
N PRO A 670 -23.26 6.11 8.20
CA PRO A 670 -22.14 5.97 7.25
C PRO A 670 -22.36 6.64 5.90
N ASN A 671 -23.60 6.69 5.40
CA ASN A 671 -23.83 7.24 4.07
C ASN A 671 -23.64 8.76 4.03
N GLN A 672 -23.98 9.45 5.12
CA GLN A 672 -23.77 10.89 5.18
C GLN A 672 -22.29 11.22 5.19
N ALA A 673 -21.48 10.42 5.87
CA ALA A 673 -20.03 10.62 5.85
C ALA A 673 -19.46 10.34 4.47
N ALA A 674 -20.01 9.36 3.75
CA ALA A 674 -19.52 9.06 2.41
C ALA A 674 -19.85 10.18 1.43
N GLY A 675 -21.07 10.70 1.48
CA GLY A 675 -21.43 11.81 0.60
C GLY A 675 -20.68 13.08 0.95
N TYR A 676 -20.43 13.32 2.23
CA TYR A 676 -19.62 14.46 2.64
C TYR A 676 -18.19 14.33 2.16
N MET A 677 -17.61 13.13 2.28
CA MET A 677 -16.25 12.90 1.84
C MET A 677 -16.13 12.96 0.33
N ALA A 678 -17.15 12.44 -0.38
CA ALA A 678 -17.13 12.46 -1.85
C ALA A 678 -17.17 13.88 -2.38
N LYS A 679 -17.96 14.75 -1.76
CA LYS A 679 -17.99 16.15 -2.17
C LYS A 679 -16.63 16.82 -1.91
N LEU A 680 -16.03 16.55 -0.76
CA LEU A 680 -14.75 17.16 -0.41
C LEU A 680 -13.64 16.69 -1.35
N ILE A 681 -13.64 15.41 -1.71
CA ILE A 681 -12.64 14.89 -2.64
C ILE A 681 -12.83 15.50 -4.03
N TRP A 682 -14.09 15.58 -4.48
CA TRP A 682 -14.36 16.09 -5.83
C TRP A 682 -14.01 17.57 -5.96
N GLU A 683 -14.28 18.35 -4.91
CA GLU A 683 -13.85 19.74 -4.91
C GLU A 683 -12.33 19.84 -4.94
N SER A 684 -11.64 18.93 -4.26
CA SER A 684 -10.19 19.00 -4.17
C SER A 684 -9.53 18.54 -5.47
N VAL A 685 -10.05 17.49 -6.11
CA VAL A 685 -9.43 17.05 -7.36
C VAL A 685 -9.68 18.05 -8.49
N SER A 686 -10.84 18.71 -8.48
CA SER A 686 -11.16 19.66 -9.55
C SER A 686 -10.25 20.87 -9.51
N VAL A 687 -9.79 21.27 -8.33
CA VAL A 687 -8.87 22.39 -8.20
C VAL A 687 -7.41 21.95 -8.22
N THR A 688 -7.12 20.68 -7.97
CA THR A 688 -5.75 20.18 -8.02
C THR A 688 -5.32 19.93 -9.45
N VAL A 689 -6.15 19.26 -10.23
CA VAL A 689 -5.86 18.94 -11.63
C VAL A 689 -7.01 19.50 -12.45
N VAL A 690 -6.86 20.76 -12.87
CA VAL A 690 -7.95 21.46 -13.54
C VAL A 690 -8.09 20.98 -14.98
N ALA A 691 -6.97 20.72 -15.65
CA ALA A 691 -7.00 20.33 -17.05
C ALA A 691 -7.67 18.98 -17.25
N ALA A 692 -7.48 18.05 -16.30
CA ALA A 692 -8.07 16.72 -16.42
C ALA A 692 -9.59 16.78 -16.41
N VAL A 693 -10.17 17.61 -15.53
CA VAL A 693 -11.62 17.71 -15.44
C VAL A 693 -12.19 18.39 -16.68
N GLU A 694 -11.52 19.44 -17.16
CA GLU A 694 -12.03 20.17 -18.32
C GLU A 694 -11.90 19.36 -19.60
N ALA A 695 -10.78 18.67 -19.78
CA ALA A 695 -10.56 17.89 -21.01
C ALA A 695 -11.55 16.74 -21.12
N MET A 696 -11.79 16.02 -20.02
CA MET A 696 -12.75 14.93 -20.05
C MET A 696 -14.17 15.43 -20.29
N ASN A 697 -14.51 16.62 -19.78
CA ASN A 697 -15.82 17.19 -20.05
C ASN A 697 -15.98 17.59 -21.51
N TRP A 698 -14.91 18.11 -22.11
CA TRP A 698 -14.97 18.48 -23.53
C TRP A 698 -15.13 17.25 -24.41
N LEU A 699 -14.45 16.15 -24.07
CA LEU A 699 -14.58 14.93 -24.85
C LEU A 699 -15.94 14.30 -24.69
N LYS A 700 -16.47 14.30 -23.46
CA LYS A 700 -17.77 13.68 -23.19
C LYS A 700 -18.90 14.40 -23.92
N SER A 701 -18.87 15.74 -23.90
CA SER A 701 -19.90 16.51 -24.60
C SER A 701 -19.76 16.37 -26.12
N ALA A 702 -18.53 16.25 -26.61
CA ALA A 702 -18.33 16.01 -28.04
C ALA A 702 -18.91 14.67 -28.47
N ALA A 703 -18.67 13.63 -27.68
CA ALA A 703 -19.24 12.32 -28.00
C ALA A 703 -20.76 12.32 -27.85
N LYS A 704 -21.28 13.04 -26.85
CA LYS A 704 -22.72 13.09 -26.64
C LYS A 704 -23.44 13.73 -27.82
N LEU A 705 -22.89 14.84 -28.34
CA LEU A 705 -23.49 15.49 -29.49
C LEU A 705 -23.38 14.63 -30.74
N LEU A 706 -22.24 13.96 -30.92
CA LEU A 706 -22.09 13.06 -32.06
C LEU A 706 -22.96 11.81 -31.91
N ALA A 707 -23.15 11.33 -30.68
CA ALA A 707 -23.96 10.13 -30.48
C ALA A 707 -25.41 10.37 -30.83
N ALA A 708 -26.00 11.44 -30.29
CA ALA A 708 -27.45 11.62 -30.34
C ALA A 708 -27.95 11.85 -31.76
N GLU A 709 -29.04 11.18 -32.10
CA GLU A 709 -29.73 11.44 -33.35
C GLU A 709 -30.47 12.77 -33.27
N VAL A 710 -30.49 13.51 -34.37
CA VAL A 710 -31.04 14.85 -34.39
C VAL A 710 -32.32 14.84 -35.22
N LYS A 711 -33.43 15.20 -34.58
CA LYS A 711 -34.70 15.38 -35.28
C LYS A 711 -35.46 16.51 -34.63
N ASP A 712 -36.28 17.18 -35.42
CA ASP A 712 -37.30 18.06 -34.87
C ASP A 712 -38.48 17.22 -34.43
N LYS A 713 -39.06 17.57 -33.27
CA LYS A 713 -40.11 16.73 -32.70
C LYS A 713 -41.37 16.72 -33.57
N LYS A 714 -41.60 17.78 -34.35
CA LYS A 714 -42.75 17.82 -35.24
C LYS A 714 -42.50 17.18 -36.59
N THR A 715 -41.26 16.94 -36.98
CA THR A 715 -40.98 16.36 -38.29
C THR A 715 -40.76 14.85 -38.25
N GLY A 716 -40.40 14.28 -37.10
CA GLY A 716 -40.25 12.84 -36.99
C GLY A 716 -38.99 12.29 -37.63
N GLU A 717 -38.76 12.63 -38.91
CA GLU A 717 -37.57 12.18 -39.61
C GLU A 717 -36.32 12.73 -38.97
N ILE A 718 -35.27 11.92 -38.95
CA ILE A 718 -34.01 12.31 -38.31
C ILE A 718 -33.20 13.15 -39.30
N LEU A 719 -32.85 14.37 -38.88
CA LEU A 719 -31.97 15.20 -39.70
C LEU A 719 -30.55 14.66 -39.70
N ARG A 720 -30.10 14.11 -38.58
CA ARG A 720 -28.76 13.55 -38.46
C ARG A 720 -28.83 12.21 -37.73
N LYS A 721 -28.18 11.21 -38.33
CA LYS A 721 -28.13 9.85 -37.80
C LYS A 721 -27.14 9.78 -36.63
N ARG A 722 -27.34 8.78 -35.76
CA ARG A 722 -26.40 8.49 -34.70
C ARG A 722 -25.00 8.25 -35.29
N CYS A 723 -24.03 9.05 -34.86
CA CYS A 723 -22.70 9.02 -35.44
C CYS A 723 -21.66 8.51 -34.45
N ALA A 724 -20.71 7.75 -34.96
CA ALA A 724 -19.60 7.24 -34.15
C ALA A 724 -18.50 8.29 -34.05
N VAL A 725 -17.52 8.01 -33.19
CA VAL A 725 -16.44 8.95 -32.87
C VAL A 725 -15.13 8.36 -33.38
N HIS A 726 -14.38 9.17 -34.13
CA HIS A 726 -13.10 8.77 -34.69
C HIS A 726 -12.07 9.88 -34.48
N TRP A 727 -10.85 9.48 -34.10
CA TRP A 727 -9.73 10.40 -34.02
C TRP A 727 -8.47 9.68 -34.41
N VAL A 728 -7.44 10.45 -34.76
CA VAL A 728 -6.14 9.92 -35.13
C VAL A 728 -5.10 10.43 -34.15
N THR A 729 -4.38 9.49 -33.53
CA THR A 729 -3.36 9.77 -32.54
C THR A 729 -2.09 10.29 -33.25
N PRO A 730 -1.19 10.97 -32.53
CA PRO A 730 -0.03 11.59 -33.21
C PRO A 730 0.88 10.65 -33.98
N ASP A 731 1.09 9.41 -33.54
CA ASP A 731 2.01 8.56 -34.28
C ASP A 731 1.37 7.83 -35.46
N GLY A 732 0.16 8.24 -35.86
CA GLY A 732 -0.47 7.76 -37.07
C GLY A 732 -1.56 6.72 -36.89
N PHE A 733 -1.80 6.25 -35.68
CA PHE A 733 -2.81 5.22 -35.46
C PHE A 733 -4.20 5.82 -35.44
N PRO A 734 -5.11 5.38 -36.30
CA PRO A 734 -6.50 5.78 -36.19
C PRO A 734 -7.28 4.88 -35.23
N VAL A 735 -8.28 5.48 -34.58
CA VAL A 735 -9.11 4.75 -33.64
C VAL A 735 -10.56 5.20 -33.82
N TRP A 736 -11.46 4.22 -33.95
CA TRP A 736 -12.89 4.46 -34.09
C TRP A 736 -13.59 3.94 -32.84
N GLN A 737 -14.37 4.81 -32.20
CA GLN A 737 -15.22 4.41 -31.08
C GLN A 737 -16.63 4.21 -31.60
N GLU A 738 -17.04 2.95 -31.75
CA GLU A 738 -18.40 2.60 -32.14
C GLU A 738 -18.94 1.62 -31.10
N TYR A 739 -19.45 2.17 -30.00
CA TYR A 739 -20.17 1.35 -29.02
C TYR A 739 -21.57 1.10 -29.55
N LYS A 740 -21.96 -0.17 -29.60
CA LYS A 740 -23.22 -0.57 -30.21
C LYS A 740 -23.96 -1.49 -29.25
N LYS A 741 -25.28 -1.30 -29.16
CA LYS A 741 -26.07 -2.05 -28.20
C LYS A 741 -27.08 -2.96 -28.92
N PRO A 742 -27.29 -4.17 -28.41
CA PRO A 742 -28.35 -5.02 -28.97
C PRO A 742 -29.73 -4.47 -28.66
N ILE A 743 -30.66 -4.69 -29.58
CA ILE A 743 -32.02 -4.18 -29.41
C ILE A 743 -32.75 -4.93 -28.30
N GLN A 744 -32.67 -6.27 -28.32
CA GLN A 744 -33.40 -7.11 -27.39
C GLN A 744 -32.44 -8.06 -26.69
N THR A 745 -32.70 -8.32 -25.42
CA THR A 745 -31.95 -9.30 -24.64
C THR A 745 -32.91 -10.07 -23.74
N ARG A 746 -32.53 -11.30 -23.40
CA ARG A 746 -33.37 -12.17 -22.59
C ARG A 746 -32.66 -12.47 -21.28
N LEU A 747 -33.43 -12.45 -20.19
CA LEU A 747 -32.89 -12.70 -18.86
C LEU A 747 -33.80 -13.66 -18.10
N ASN A 748 -33.18 -14.63 -17.43
CA ASN A 748 -33.86 -15.57 -16.55
C ASN A 748 -33.19 -15.52 -15.18
N LEU A 749 -33.99 -15.67 -14.13
CA LEU A 749 -33.44 -15.55 -12.78
C LEU A 749 -32.55 -16.73 -12.43
N MET A 750 -32.99 -17.94 -12.75
CA MET A 750 -32.27 -19.15 -12.37
C MET A 750 -31.46 -19.76 -13.50
N PHE A 751 -31.58 -19.24 -14.72
CA PHE A 751 -30.88 -19.78 -15.87
C PHE A 751 -30.13 -18.66 -16.58
N LEU A 752 -29.10 -19.05 -17.32
CA LEU A 752 -28.26 -18.06 -18.00
C LEU A 752 -29.06 -17.34 -19.09
N GLY A 753 -28.86 -16.02 -19.16
CA GLY A 753 -29.55 -15.24 -20.17
C GLY A 753 -28.98 -15.49 -21.56
N GLN A 754 -29.87 -15.41 -22.54
CA GLN A 754 -29.48 -15.65 -23.93
C GLN A 754 -29.87 -14.47 -24.82
N ASP A 766 -27.30 -2.10 -38.79
CA ASP A 766 -27.15 -3.34 -38.03
C ASP A 766 -27.75 -3.18 -36.64
N SER A 767 -26.99 -2.54 -35.75
CA SER A 767 -27.44 -2.26 -34.39
C SER A 767 -27.15 -0.79 -34.07
N GLU A 768 -27.98 -0.21 -33.23
CA GLU A 768 -27.87 1.21 -32.94
C GLU A 768 -26.68 1.49 -32.04
N ILE A 769 -26.17 2.72 -32.13
CA ILE A 769 -25.08 3.15 -31.27
C ILE A 769 -25.62 3.42 -29.87
N ASP A 770 -24.96 2.85 -28.87
CA ASP A 770 -25.32 3.12 -27.48
C ASP A 770 -24.68 4.45 -27.10
N ALA A 771 -25.50 5.49 -26.93
CA ALA A 771 -24.98 6.82 -26.64
C ALA A 771 -24.29 6.87 -25.29
N HIS A 772 -24.83 6.15 -24.30
CA HIS A 772 -24.27 6.21 -22.95
C HIS A 772 -22.86 5.63 -22.91
N LYS A 773 -22.63 4.50 -23.58
CA LYS A 773 -21.28 3.93 -23.63
C LYS A 773 -20.33 4.83 -24.42
N GLN A 774 -20.84 5.53 -25.44
CA GLN A 774 -20.01 6.46 -26.19
C GLN A 774 -19.53 7.62 -25.31
N GLU A 775 -20.42 8.14 -24.46
CA GLU A 775 -20.00 9.19 -23.53
C GLU A 775 -19.19 8.63 -22.37
N SER A 776 -19.51 7.41 -21.92
CA SER A 776 -18.81 6.84 -20.78
C SER A 776 -17.36 6.47 -21.13
N GLY A 777 -17.08 6.19 -22.39
CA GLY A 777 -15.77 5.69 -22.75
C GLY A 777 -14.89 6.62 -23.57
N ILE A 778 -15.41 7.77 -23.99
CA ILE A 778 -14.68 8.62 -24.92
C ILE A 778 -13.42 9.19 -24.27
N ALA A 779 -13.57 9.78 -23.07
CA ALA A 779 -12.40 10.40 -22.42
C ALA A 779 -11.38 9.37 -21.94
N PRO A 780 -11.75 8.25 -21.30
CA PRO A 780 -10.70 7.28 -20.93
C PRO A 780 -9.99 6.64 -22.12
N ASN A 781 -10.72 6.36 -23.21
CA ASN A 781 -10.08 5.73 -24.37
C ASN A 781 -9.20 6.71 -25.13
N PHE A 782 -9.57 7.99 -25.15
CA PHE A 782 -8.77 8.99 -25.85
C PHE A 782 -7.41 9.16 -25.19
N VAL A 783 -7.39 9.26 -23.86
CA VAL A 783 -6.11 9.41 -23.17
C VAL A 783 -5.35 8.09 -23.18
N HIS A 784 -6.05 6.95 -23.30
CA HIS A 784 -5.37 5.68 -23.47
C HIS A 784 -4.83 5.53 -24.89
N SER A 785 -5.44 6.20 -25.86
CA SER A 785 -4.85 6.25 -27.19
C SER A 785 -3.60 7.12 -27.19
N GLN A 786 -3.56 8.16 -26.34
CA GLN A 786 -2.41 9.04 -26.27
C GLN A 786 -1.22 8.36 -25.61
N ASP A 787 -1.46 7.59 -24.54
CA ASP A 787 -0.35 6.92 -23.88
C ASP A 787 0.22 5.78 -24.73
N GLY A 788 -0.62 5.14 -25.54
CA GLY A 788 -0.12 4.16 -26.48
C GLY A 788 0.75 4.78 -27.56
N SER A 789 0.34 5.94 -28.07
CA SER A 789 1.18 6.66 -29.03
C SER A 789 2.47 7.14 -28.37
N HIS A 790 2.38 7.56 -27.11
CA HIS A 790 3.58 7.95 -26.37
C HIS A 790 4.51 6.76 -26.16
N LEU A 791 3.96 5.60 -25.81
CA LEU A 791 4.77 4.40 -25.65
C LEU A 791 5.41 3.98 -26.97
N ARG A 792 4.62 4.03 -28.05
CA ARG A 792 5.14 3.62 -29.35
C ARG A 792 6.19 4.61 -29.86
N LYS A 793 5.96 5.91 -29.67
CA LYS A 793 6.96 6.91 -30.05
C LYS A 793 8.22 6.78 -29.21
N THR A 794 8.08 6.42 -27.94
CA THR A 794 9.26 6.23 -27.09
C THR A 794 10.10 5.05 -27.57
N VAL A 795 9.45 3.99 -28.04
CA VAL A 795 10.18 2.80 -28.48
C VAL A 795 11.05 3.11 -29.70
N VAL A 796 10.47 3.77 -30.70
CA VAL A 796 11.23 4.07 -31.91
C VAL A 796 12.29 5.13 -31.63
N TRP A 797 11.97 6.13 -30.80
CA TRP A 797 12.95 7.16 -30.47
C TRP A 797 14.13 6.57 -29.70
N ALA A 798 13.86 5.68 -28.75
CA ALA A 798 14.94 5.03 -28.02
C ALA A 798 15.70 4.05 -28.90
N HIS A 799 15.04 3.50 -29.93
CA HIS A 799 15.71 2.57 -30.83
C HIS A 799 16.60 3.28 -31.86
N GLU A 800 16.22 4.48 -32.29
CA GLU A 800 16.93 5.16 -33.38
C GLU A 800 17.84 6.27 -32.88
N LYS A 801 17.35 7.15 -32.01
CA LYS A 801 18.21 8.19 -31.45
C LYS A 801 19.27 7.60 -30.54
N TYR A 802 18.92 6.56 -29.79
CA TYR A 802 19.83 5.83 -28.92
C TYR A 802 19.91 4.38 -29.39
N GLY A 803 20.71 3.59 -28.68
CA GLY A 803 20.98 2.23 -29.12
C GLY A 803 20.13 1.16 -28.47
N ILE A 804 18.97 1.54 -27.94
CA ILE A 804 18.17 0.63 -27.13
C ILE A 804 17.49 -0.39 -28.04
N GLU A 805 17.71 -1.67 -27.75
CA GLU A 805 17.10 -2.77 -28.48
C GLU A 805 16.20 -3.65 -27.64
N SER A 806 16.29 -3.56 -26.31
CA SER A 806 15.47 -4.37 -25.40
C SER A 806 14.53 -3.44 -24.64
N PHE A 807 13.24 -3.77 -24.67
CA PHE A 807 12.19 -2.91 -24.11
C PHE A 807 11.26 -3.74 -23.25
N ALA A 808 10.94 -3.23 -22.07
CA ALA A 808 9.88 -3.77 -21.21
C ALA A 808 8.77 -2.74 -21.18
N LEU A 809 7.62 -3.07 -21.75
CA LEU A 809 6.54 -2.12 -21.97
C LEU A 809 5.26 -2.63 -21.32
N ILE A 810 4.81 -1.95 -20.27
CA ILE A 810 3.49 -2.20 -19.70
C ILE A 810 2.79 -0.84 -19.64
N HIS A 811 2.13 -0.46 -20.74
CA HIS A 811 1.33 0.76 -20.86
C HIS A 811 1.98 2.02 -20.29
N ASP A 812 2.14 2.08 -18.98
CA ASP A 812 2.76 3.22 -18.32
C ASP A 812 4.23 2.99 -17.99
N SER A 813 4.68 1.74 -17.92
CA SER A 813 6.03 1.42 -17.51
C SER A 813 6.91 1.20 -18.74
N PHE A 814 8.11 1.76 -18.69
CA PHE A 814 9.11 1.63 -19.74
C PHE A 814 10.37 1.04 -19.12
N GLY A 815 10.80 -0.10 -19.63
CA GLY A 815 11.92 -0.82 -19.04
C GLY A 815 12.95 -1.24 -20.07
N THR A 816 14.22 -1.19 -19.66
CA THR A 816 15.32 -1.63 -20.50
C THR A 816 16.45 -2.13 -19.60
N ILE A 817 17.55 -2.51 -20.23
CA ILE A 817 18.73 -3.00 -19.51
C ILE A 817 19.37 -1.84 -18.76
N PRO A 818 20.10 -2.09 -17.66
CA PRO A 818 20.64 -0.97 -16.87
C PRO A 818 21.61 -0.06 -17.64
N ALA A 819 22.41 -0.63 -18.55
CA ALA A 819 23.32 0.20 -19.34
C ALA A 819 22.56 1.10 -20.30
N ASP A 820 21.34 0.74 -20.69
CA ASP A 820 20.48 1.56 -21.51
C ASP A 820 19.47 2.37 -20.71
N ALA A 821 19.51 2.27 -19.37
CA ALA A 821 18.47 2.86 -18.54
C ALA A 821 18.49 4.39 -18.58
N ALA A 822 19.68 4.99 -18.68
CA ALA A 822 19.78 6.45 -18.70
C ALA A 822 19.16 7.03 -19.96
N ASN A 823 19.36 6.38 -21.10
CA ASN A 823 18.84 6.90 -22.37
C ASN A 823 17.33 6.72 -22.49
N LEU A 824 16.80 5.60 -22.01
CA LEU A 824 15.34 5.43 -21.97
C LEU A 824 14.69 6.45 -21.05
N PHE A 825 15.39 6.82 -19.98
CA PHE A 825 14.93 7.91 -19.11
C PHE A 825 14.83 9.21 -19.88
N LYS A 826 15.81 9.49 -20.75
CA LYS A 826 15.75 10.68 -21.59
C LYS A 826 14.74 10.53 -22.71
N ALA A 827 14.62 9.34 -23.29
CA ALA A 827 13.81 9.16 -24.50
C ALA A 827 12.32 9.31 -24.20
N VAL A 828 11.87 8.82 -23.05
CA VAL A 828 10.44 8.87 -22.75
C VAL A 828 10.00 10.30 -22.45
N ARG A 829 10.91 11.13 -21.93
CA ARG A 829 10.59 12.55 -21.75
C ARG A 829 10.59 13.29 -23.07
N GLU A 830 11.55 12.98 -23.94
CA GLU A 830 11.69 13.70 -25.21
C GLU A 830 10.50 13.46 -26.13
N THR A 831 9.91 12.27 -26.07
CA THR A 831 8.78 11.97 -26.95
C THR A 831 7.54 12.75 -26.56
N MET A 832 7.28 12.89 -25.25
CA MET A 832 6.10 13.62 -24.81
C MET A 832 6.23 15.11 -25.10
N VAL A 833 7.40 15.68 -24.83
CA VAL A 833 7.59 17.11 -25.06
C VAL A 833 7.55 17.44 -26.55
N ASP A 834 7.96 16.50 -27.40
CA ASP A 834 7.87 16.72 -28.84
C ASP A 834 6.45 16.52 -29.34
N THR A 835 5.72 15.57 -28.76
CA THR A 835 4.38 15.24 -29.27
C THR A 835 3.40 16.39 -29.05
N TYR A 836 3.35 16.92 -27.83
CA TYR A 836 2.40 17.96 -27.51
C TYR A 836 2.85 19.35 -27.93
N GLU A 837 4.14 19.52 -28.26
CA GLU A 837 4.57 20.74 -28.94
C GLU A 837 4.21 20.69 -30.42
N SER A 838 4.30 19.51 -31.04
CA SER A 838 4.00 19.40 -32.46
C SER A 838 2.50 19.49 -32.72
N CYS A 839 1.69 18.80 -31.92
CA CYS A 839 0.26 18.71 -32.17
C CYS A 839 -0.52 19.02 -30.90
N ASP A 840 -1.62 19.74 -31.06
CA ASP A 840 -2.64 19.87 -30.03
C ASP A 840 -3.72 18.86 -30.40
N VAL A 841 -3.71 17.72 -29.71
CA VAL A 841 -4.54 16.59 -30.12
C VAL A 841 -6.03 16.90 -29.96
N LEU A 842 -6.38 17.71 -28.95
CA LEU A 842 -7.77 18.12 -28.78
C LEU A 842 -8.23 18.99 -29.95
N ALA A 843 -7.37 19.88 -30.43
CA ALA A 843 -7.73 20.72 -31.57
C ALA A 843 -7.85 19.90 -32.85
N ASP A 844 -6.97 18.92 -33.03
CA ASP A 844 -7.09 18.00 -34.17
C ASP A 844 -8.38 17.19 -34.07
N PHE A 845 -8.74 16.77 -32.85
CA PHE A 845 -9.98 16.03 -32.63
C PHE A 845 -11.20 16.86 -33.05
N TYR A 846 -11.20 18.15 -32.70
CA TYR A 846 -12.31 19.02 -33.09
C TYR A 846 -12.43 19.14 -34.61
N ASP A 847 -11.31 19.03 -35.33
CA ASP A 847 -11.35 19.13 -36.79
C ASP A 847 -12.01 17.90 -37.42
N GLN A 848 -11.91 16.73 -36.79
CA GLN A 848 -12.49 15.53 -37.38
C GLN A 848 -14.02 15.56 -37.34
N PHE A 849 -14.61 15.94 -36.21
CA PHE A 849 -16.04 15.79 -36.03
C PHE A 849 -16.84 17.07 -36.28
N ALA A 850 -16.17 18.19 -36.56
CA ALA A 850 -16.89 19.45 -36.73
C ALA A 850 -17.82 19.41 -37.94
N ASP A 851 -17.37 18.79 -39.02
CA ASP A 851 -18.24 18.65 -40.19
C ASP A 851 -19.37 17.66 -39.94
N GLN A 852 -19.14 16.64 -39.10
CA GLN A 852 -20.20 15.69 -38.78
C GLN A 852 -21.28 16.31 -37.90
N LEU A 853 -20.99 17.39 -37.19
CA LEU A 853 -21.93 17.95 -36.22
C LEU A 853 -23.10 18.64 -36.92
N HIS A 854 -24.30 18.42 -36.39
CA HIS A 854 -25.48 19.11 -36.89
C HIS A 854 -25.43 20.58 -36.49
N GLU A 855 -26.06 21.42 -37.31
CA GLU A 855 -25.98 22.86 -37.10
C GLU A 855 -26.69 23.31 -35.82
N SER A 856 -27.71 22.56 -35.38
CA SER A 856 -28.38 22.91 -34.13
C SER A 856 -27.53 22.60 -32.92
N GLN A 857 -26.63 21.61 -33.04
CA GLN A 857 -25.74 21.23 -31.95
C GLN A 857 -24.54 22.16 -31.81
N LEU A 858 -24.28 23.01 -32.81
CA LEU A 858 -23.06 23.81 -32.83
C LEU A 858 -23.04 24.83 -31.69
N ASP A 859 -24.20 25.44 -31.38
CA ASP A 859 -24.26 26.38 -30.27
C ASP A 859 -24.07 25.69 -28.93
N LYS A 860 -24.50 24.43 -28.82
CA LYS A 860 -24.37 23.70 -27.55
C LYS A 860 -22.96 23.17 -27.32
N MET A 861 -22.15 23.10 -28.36
CA MET A 861 -20.82 22.49 -28.23
C MET A 861 -19.89 23.41 -27.45
N PRO A 862 -19.23 22.93 -26.40
CA PRO A 862 -18.32 23.78 -25.65
C PRO A 862 -17.07 24.11 -26.46
N ALA A 863 -16.47 25.26 -26.15
CA ALA A 863 -15.21 25.63 -26.77
C ALA A 863 -14.08 24.79 -26.21
N LEU A 864 -12.95 24.81 -26.90
CA LEU A 864 -11.79 24.06 -26.45
C LEU A 864 -11.29 24.63 -25.14
N PRO A 865 -10.87 23.78 -24.19
CA PRO A 865 -10.45 24.27 -22.87
C PRO A 865 -9.21 25.14 -22.96
N ALA A 866 -9.12 26.11 -22.04
CA ALA A 866 -8.06 27.10 -22.08
C ALA A 866 -6.71 26.48 -21.78
N LYS A 867 -5.69 26.96 -22.51
CA LYS A 867 -4.33 26.45 -22.34
C LYS A 867 -3.66 27.15 -21.18
N GLY A 868 -2.93 26.40 -20.37
CA GLY A 868 -2.33 26.90 -19.15
C GLY A 868 -0.92 27.41 -19.33
N ASN A 869 -0.23 27.56 -18.19
CA ASN A 869 1.08 28.19 -18.13
C ASN A 869 2.24 27.21 -18.09
N LEU A 870 1.98 25.90 -18.11
CA LEU A 870 3.04 24.91 -18.00
C LEU A 870 3.92 24.91 -19.25
N ASN A 871 5.22 24.81 -19.04
CA ASN A 871 6.19 24.72 -20.13
C ASN A 871 6.59 23.26 -20.29
N LEU A 872 6.46 22.74 -21.51
CA LEU A 872 6.74 21.34 -21.76
C LEU A 872 8.21 21.00 -21.55
N ARG A 873 9.11 21.95 -21.81
CA ARG A 873 10.55 21.69 -21.69
C ARG A 873 10.96 21.37 -20.26
N ASP A 874 10.14 21.74 -19.27
CA ASP A 874 10.42 21.37 -17.89
C ASP A 874 10.24 19.88 -17.63
N ILE A 875 9.46 19.18 -18.47
CA ILE A 875 9.30 17.74 -18.33
C ILE A 875 10.64 17.04 -18.57
N LEU A 876 11.48 17.62 -19.43
CA LEU A 876 12.78 17.03 -19.73
C LEU A 876 13.67 16.94 -18.48
N GLU A 877 13.53 17.88 -17.55
CA GLU A 877 14.34 17.92 -16.35
C GLU A 877 13.60 17.45 -15.10
N SER A 878 12.44 16.84 -15.26
CA SER A 878 11.65 16.35 -14.12
C SER A 878 12.09 14.92 -13.78
N ASP A 879 12.63 14.74 -12.58
CA ASP A 879 13.14 13.43 -12.18
C ASP A 879 12.03 12.40 -12.02
N PHE A 880 10.91 12.82 -11.44
CA PHE A 880 9.91 11.90 -10.90
C PHE A 880 8.75 11.65 -11.85
N ALA A 881 8.80 12.17 -13.08
CA ALA A 881 7.80 11.81 -14.07
C ALA A 881 7.90 10.34 -14.46
N PHE A 882 9.13 9.85 -14.65
CA PHE A 882 9.48 8.48 -15.07
C PHE A 882 8.96 8.16 -16.47
N ALA A 883 8.25 9.10 -17.09
CA ALA A 883 7.50 8.85 -18.31
C ALA A 883 6.95 10.16 -18.83
N ILE E 4 9.36 -3.21 41.25
CA ILE E 4 9.74 -2.38 42.38
C ILE E 4 10.82 -3.13 43.18
N ASN E 5 10.82 -4.45 43.06
CA ASN E 5 11.73 -5.30 43.82
C ASN E 5 12.67 -6.06 42.89
N ILE E 6 13.78 -6.50 43.45
CA ILE E 6 14.81 -7.26 42.73
C ILE E 6 15.20 -8.46 43.58
N ALA E 7 15.33 -9.62 42.95
CA ALA E 7 15.65 -10.88 43.63
C ALA E 7 16.88 -11.53 43.01
N LYS E 8 17.88 -10.74 42.65
CA LYS E 8 19.05 -11.25 41.94
C LYS E 8 20.03 -11.99 42.83
N ASN E 9 20.11 -11.61 44.12
CA ASN E 9 21.26 -12.03 44.94
C ASN E 9 21.24 -13.52 45.24
N ASP E 10 20.06 -14.10 45.47
CA ASP E 10 20.01 -15.52 45.82
C ASP E 10 20.29 -16.42 44.62
N PHE E 11 20.08 -15.94 43.39
CA PHE E 11 20.49 -16.72 42.22
C PHE E 11 22.00 -16.87 42.15
N SER E 12 22.75 -15.89 42.65
CA SER E 12 24.20 -15.94 42.57
C SER E 12 24.79 -16.99 43.52
N ASP E 13 24.08 -17.32 44.60
CA ASP E 13 24.64 -18.21 45.61
C ASP E 13 24.73 -19.65 45.12
N ILE E 14 23.85 -20.07 44.21
CA ILE E 14 23.81 -21.47 43.82
C ILE E 14 25.00 -21.89 42.97
N GLU E 15 25.70 -20.94 42.36
CA GLU E 15 26.89 -21.25 41.57
C GLU E 15 28.20 -20.97 42.28
N LEU E 16 28.16 -20.22 43.40
CA LEU E 16 29.34 -20.11 44.25
C LEU E 16 29.63 -21.42 44.99
N ALA E 17 28.59 -22.24 45.20
CA ALA E 17 28.71 -23.40 46.09
C ALA E 17 29.72 -24.41 45.56
N ALA E 18 30.80 -24.60 46.32
CA ALA E 18 31.93 -25.39 45.85
C ALA E 18 31.66 -26.89 45.87
N ILE E 19 30.88 -27.37 46.85
CA ILE E 19 30.56 -28.79 46.90
C ILE E 19 29.77 -29.26 45.68
N PRO E 20 28.75 -28.55 45.20
CA PRO E 20 28.21 -28.90 43.87
C PRO E 20 29.22 -28.75 42.74
N PHE E 21 30.13 -27.78 42.83
CA PHE E 21 31.10 -27.57 41.76
C PHE E 21 32.12 -28.70 41.70
N ASN E 22 32.64 -29.14 42.85
CA ASN E 22 33.68 -30.16 42.87
C ASN E 22 33.11 -31.54 42.54
N THR E 23 31.91 -31.85 43.06
CA THR E 23 31.30 -33.13 42.77
C THR E 23 30.95 -33.27 41.29
N LEU E 24 30.57 -32.18 40.64
CA LEU E 24 30.30 -32.21 39.21
C LEU E 24 31.57 -32.22 38.38
N ALA E 25 32.67 -31.65 38.89
CA ALA E 25 33.87 -31.50 38.07
C ALA E 25 34.61 -32.82 37.89
N ASP E 26 34.68 -33.65 38.93
CA ASP E 26 35.45 -34.87 38.82
C ASP E 26 34.75 -35.95 38.00
N HIS E 27 33.41 -36.03 38.07
CA HIS E 27 32.68 -36.99 37.26
C HIS E 27 32.53 -36.53 35.81
N TYR E 28 32.43 -35.22 35.57
CA TYR E 28 31.93 -34.70 34.31
C TYR E 28 32.77 -33.59 33.71
N GLY E 29 33.86 -33.20 34.35
CA GLY E 29 34.60 -32.07 33.80
C GLY E 29 34.12 -30.75 34.37
N GLU E 30 35.07 -29.85 34.58
CA GLU E 30 34.75 -28.53 35.12
C GLU E 30 33.94 -27.71 34.13
N ARG E 31 34.26 -27.82 32.84
CA ARG E 31 33.57 -27.01 31.83
C ARG E 31 32.09 -27.37 31.74
N LEU E 32 31.75 -28.66 31.83
CA LEU E 32 30.36 -29.06 31.91
C LEU E 32 29.74 -28.72 33.27
N ALA E 33 30.57 -28.61 34.30
CA ALA E 33 30.05 -28.32 35.64
C ALA E 33 29.56 -26.88 35.74
N ARG E 34 30.33 -25.92 35.23
CA ARG E 34 29.94 -24.52 35.33
C ARG E 34 28.73 -24.22 34.46
N GLU E 35 28.68 -24.82 33.27
CA GLU E 35 27.59 -24.51 32.34
C GLU E 35 26.26 -25.05 32.82
N GLN E 36 26.27 -26.15 33.58
CA GLN E 36 25.04 -26.61 34.22
C GLN E 36 24.56 -25.61 35.26
N LEU E 37 25.46 -25.18 36.15
CA LEU E 37 25.10 -24.16 37.12
C LEU E 37 24.78 -22.83 36.44
N ALA E 38 25.37 -22.58 35.26
CA ALA E 38 25.04 -21.38 34.50
C ALA E 38 23.61 -21.42 33.99
N LEU E 39 23.18 -22.57 33.45
CA LEU E 39 21.82 -22.64 32.92
C LEU E 39 20.79 -22.77 34.03
N GLU E 40 21.15 -23.39 35.16
CA GLU E 40 20.26 -23.38 36.33
C GLU E 40 20.07 -21.96 36.84
N HIS E 41 21.15 -21.18 36.89
CA HIS E 41 21.04 -19.78 37.26
C HIS E 41 20.32 -18.98 36.18
N GLU E 42 20.56 -19.32 34.91
CA GLU E 42 19.86 -18.64 33.82
C GLU E 42 18.36 -18.92 33.86
N SER E 43 17.98 -20.15 34.21
CA SER E 43 16.57 -20.51 34.29
C SER E 43 15.85 -19.69 35.36
N TYR E 44 16.47 -19.59 36.55
CA TYR E 44 15.86 -18.85 37.64
C TYR E 44 15.76 -17.36 37.30
N GLU E 45 16.79 -16.82 36.63
CA GLU E 45 16.74 -15.43 36.18
C GLU E 45 15.67 -15.23 35.11
N MET E 46 15.49 -16.22 34.24
CA MET E 46 14.46 -16.11 33.20
C MET E 46 13.06 -16.07 33.79
N GLY E 47 12.82 -16.86 34.84
CA GLY E 47 11.52 -16.84 35.49
C GLY E 47 11.21 -15.53 36.18
N GLU E 48 12.23 -14.87 36.72
CA GLU E 48 12.04 -13.53 37.28
C GLU E 48 11.62 -12.54 36.20
N ALA E 49 12.26 -12.63 35.02
CA ALA E 49 11.88 -11.76 33.92
C ALA E 49 10.48 -12.08 33.41
N ARG E 50 10.05 -13.34 33.51
CA ARG E 50 8.69 -13.69 33.14
C ARG E 50 7.67 -13.04 34.06
N PHE E 51 7.95 -13.04 35.37
CA PHE E 51 7.03 -12.45 36.32
C PHE E 51 7.01 -10.93 36.23
N ARG E 52 8.14 -10.32 35.87
CA ARG E 52 8.20 -8.86 35.77
C ARG E 52 7.40 -8.34 34.58
N LYS E 53 7.47 -9.05 33.44
CA LYS E 53 6.73 -8.62 32.25
C LYS E 53 5.23 -8.69 32.50
N MET E 54 4.77 -9.77 33.13
CA MET E 54 3.36 -9.91 33.44
C MET E 54 2.91 -8.87 34.47
N PHE E 55 3.81 -8.48 35.39
CA PHE E 55 3.46 -7.47 36.38
C PHE E 55 3.27 -6.09 35.77
N GLU E 56 4.13 -5.72 34.82
CA GLU E 56 4.02 -4.39 34.22
C GLU E 56 2.78 -4.25 33.36
N ARG E 57 2.37 -5.33 32.68
CA ARG E 57 1.18 -5.27 31.83
C ARG E 57 -0.09 -5.20 32.66
N GLN E 58 -0.18 -5.98 33.74
CA GLN E 58 -1.38 -5.97 34.56
C GLN E 58 -1.47 -4.71 35.41
N LEU E 59 -0.33 -4.10 35.76
CA LEU E 59 -0.38 -2.82 36.45
C LEU E 59 -0.88 -1.72 35.52
N LYS E 60 -0.50 -1.80 34.23
CA LYS E 60 -1.04 -0.89 33.24
C LYS E 60 -2.53 -1.17 32.99
N ALA E 61 -2.93 -2.44 33.02
CA ALA E 61 -4.32 -2.81 32.77
C ALA E 61 -5.18 -2.79 34.03
N GLY E 62 -4.59 -2.52 35.19
CA GLY E 62 -5.34 -2.58 36.43
C GLY E 62 -5.55 -3.97 36.99
N GLU E 63 -4.96 -4.98 36.36
CA GLU E 63 -5.11 -6.37 36.79
C GLU E 63 -4.06 -6.77 37.81
N VAL E 64 -3.41 -5.80 38.45
CA VAL E 64 -2.44 -6.09 39.51
C VAL E 64 -3.12 -6.72 40.71
N ALA E 65 -4.39 -6.37 40.97
CA ALA E 65 -5.14 -6.98 42.06
C ALA E 65 -5.37 -8.46 41.81
N ASP E 66 -5.61 -8.85 40.56
CA ASP E 66 -5.78 -10.26 40.21
C ASP E 66 -4.50 -11.06 40.41
N ASN E 67 -3.34 -10.41 40.36
CA ASN E 67 -2.07 -11.10 40.51
C ASN E 67 -1.88 -11.58 41.94
N ALA E 68 -1.09 -12.66 42.09
CA ALA E 68 -0.95 -13.32 43.39
C ALA E 68 -0.28 -12.43 44.42
N ALA E 69 0.67 -11.58 44.00
CA ALA E 69 1.46 -10.82 44.97
C ALA E 69 0.62 -9.77 45.70
N ALA E 70 -0.40 -9.22 45.06
CA ALA E 70 -1.28 -8.26 45.70
C ALA E 70 -2.40 -8.91 46.51
N LYS E 71 -2.65 -10.20 46.29
CA LYS E 71 -3.76 -10.88 46.97
C LYS E 71 -3.62 -11.01 48.49
N PRO E 72 -2.48 -11.44 49.07
CA PRO E 72 -2.52 -11.79 50.51
C PRO E 72 -2.82 -10.63 51.43
N LEU E 73 -2.48 -9.40 51.03
CA LEU E 73 -2.83 -8.25 51.85
C LEU E 73 -4.33 -7.96 51.79
N ILE E 74 -4.93 -8.05 50.61
CA ILE E 74 -6.35 -7.75 50.49
C ILE E 74 -7.22 -8.85 51.08
N THR E 75 -6.67 -10.05 51.31
CA THR E 75 -7.40 -11.07 52.05
C THR E 75 -7.46 -10.75 53.54
N THR E 76 -6.51 -9.97 54.05
CA THR E 76 -6.61 -9.43 55.40
C THR E 76 -7.35 -8.09 55.43
N LEU E 77 -7.43 -7.41 54.30
CA LEU E 77 -8.06 -6.10 54.19
C LEU E 77 -9.55 -6.18 53.87
N LEU E 78 -10.00 -7.26 53.24
CA LEU E 78 -11.42 -7.42 52.94
C LEU E 78 -12.30 -7.59 54.19
N PRO E 79 -11.97 -8.47 55.16
CA PRO E 79 -12.92 -8.66 56.29
C PRO E 79 -13.20 -7.40 57.10
N LYS E 80 -12.20 -6.55 57.31
CA LYS E 80 -12.43 -5.31 58.03
C LYS E 80 -13.23 -4.32 57.19
N MET E 81 -13.14 -4.41 55.87
CA MET E 81 -13.96 -3.56 55.00
C MET E 81 -15.40 -4.03 55.00
N ILE E 82 -15.63 -5.35 55.03
CA ILE E 82 -16.99 -5.88 55.07
C ILE E 82 -17.68 -5.53 56.37
N ALA E 83 -16.99 -5.71 57.50
CA ALA E 83 -17.60 -5.44 58.80
C ALA E 83 -17.87 -3.95 58.99
N ARG E 84 -16.91 -3.10 58.60
CA ARG E 84 -17.09 -1.65 58.74
C ARG E 84 -18.24 -1.14 57.89
N ILE E 85 -18.46 -1.75 56.72
CA ILE E 85 -19.61 -1.38 55.90
C ILE E 85 -20.91 -1.77 56.59
N ASN E 86 -20.95 -2.95 57.22
CA ASN E 86 -22.10 -3.34 58.01
C ASN E 86 -22.28 -2.44 59.24
N ASP E 87 -21.16 -2.00 59.84
CA ASP E 87 -21.26 -1.12 61.01
C ASP E 87 -21.84 0.24 60.65
N TRP E 88 -21.57 0.73 59.43
CA TRP E 88 -22.22 1.96 58.98
C TRP E 88 -23.72 1.72 58.73
N PHE E 89 -24.09 0.51 58.32
CA PHE E 89 -25.51 0.20 58.13
C PHE E 89 -26.28 0.26 59.44
N GLU E 90 -25.69 -0.22 60.52
CA GLU E 90 -26.33 -0.10 61.83
C GLU E 90 -25.66 1.01 62.63
N PRO E 100 -29.32 8.37 53.61
CA PRO E 100 -29.36 9.19 52.37
C PRO E 100 -29.62 8.34 51.13
N THR E 101 -29.41 8.95 49.96
CA THR E 101 -29.66 8.24 48.70
C THR E 101 -28.68 7.09 48.48
N ALA E 102 -27.45 7.24 48.95
CA ALA E 102 -26.43 6.21 48.72
C ALA E 102 -26.71 4.94 49.50
N PHE E 103 -27.38 5.05 50.65
CA PHE E 103 -27.56 3.88 51.51
C PHE E 103 -28.48 2.84 50.89
N GLN E 104 -29.57 3.28 50.26
CA GLN E 104 -30.49 2.30 49.67
C GLN E 104 -29.92 1.66 48.41
N PHE E 105 -29.00 2.34 47.72
CA PHE E 105 -28.34 1.73 46.57
C PHE E 105 -27.32 0.67 47.00
N LEU E 106 -26.79 0.76 48.22
CA LEU E 106 -25.80 -0.20 48.69
C LEU E 106 -26.44 -1.52 49.11
N GLN E 107 -27.71 -1.50 49.55
CA GLN E 107 -28.29 -2.68 50.18
C GLN E 107 -28.64 -3.77 49.17
N GLU E 108 -28.99 -3.39 47.93
CA GLU E 108 -29.45 -4.38 46.96
C GLU E 108 -28.34 -5.35 46.56
N ILE E 109 -27.12 -4.85 46.40
CA ILE E 109 -25.99 -5.72 46.11
C ILE E 109 -25.48 -6.28 47.43
N LYS E 110 -24.92 -7.50 47.39
CA LYS E 110 -24.38 -8.12 48.59
C LYS E 110 -23.24 -7.27 49.16
N PRO E 111 -23.20 -7.04 50.47
CA PRO E 111 -22.15 -6.18 51.03
C PRO E 111 -20.74 -6.72 50.85
N GLU E 112 -20.58 -8.04 50.79
CA GLU E 112 -19.26 -8.61 50.52
C GLU E 112 -18.84 -8.33 49.08
N ALA E 113 -19.80 -8.29 48.15
CA ALA E 113 -19.48 -8.06 46.75
C ALA E 113 -18.96 -6.64 46.52
N VAL E 114 -19.65 -5.64 47.09
CA VAL E 114 -19.21 -4.25 46.92
C VAL E 114 -17.88 -4.02 47.62
N ALA E 115 -17.65 -4.68 48.77
CA ALA E 115 -16.39 -4.50 49.49
C ALA E 115 -15.21 -5.01 48.68
N TYR E 116 -15.41 -6.10 47.93
CA TYR E 116 -14.39 -6.55 46.99
C TYR E 116 -14.17 -5.52 45.90
N ILE E 117 -15.25 -4.88 45.43
CA ILE E 117 -15.13 -3.85 44.40
C ILE E 117 -14.38 -2.64 44.94
N THR E 118 -14.61 -2.29 46.21
CA THR E 118 -13.91 -1.16 46.81
C THR E 118 -12.39 -1.39 46.82
N ILE E 119 -11.96 -2.56 47.28
CA ILE E 119 -10.54 -2.88 47.27
C ILE E 119 -10.00 -2.99 45.84
N LYS E 120 -10.74 -3.67 44.97
CA LYS E 120 -10.26 -3.92 43.61
C LYS E 120 -10.11 -2.64 42.80
N THR E 121 -11.08 -1.73 42.92
CA THR E 121 -11.06 -0.52 42.10
C THR E 121 -9.87 0.37 42.43
N THR E 122 -9.66 0.65 43.72
CA THR E 122 -8.67 1.65 44.12
C THR E 122 -7.24 1.24 43.75
N LEU E 123 -6.92 -0.05 43.88
CA LEU E 123 -5.62 -0.52 43.41
C LEU E 123 -5.55 -0.50 41.88
N ALA E 124 -6.65 -0.82 41.21
CA ALA E 124 -6.65 -0.91 39.75
C ALA E 124 -6.63 0.47 39.10
N CYS E 125 -7.51 1.37 39.53
CA CYS E 125 -7.69 2.64 38.83
C CYS E 125 -6.48 3.54 38.98
N LEU E 126 -5.87 3.57 40.17
CA LEU E 126 -4.72 4.44 40.40
C LEU E 126 -3.52 4.00 39.57
N THR E 127 -3.27 2.70 39.49
CA THR E 127 -2.12 2.21 38.75
C THR E 127 -2.34 2.33 37.23
N SER E 128 -3.55 2.01 36.77
CA SER E 128 -3.80 1.98 35.33
C SER E 128 -3.85 3.38 34.73
N ALA E 129 -4.59 4.29 35.36
CA ALA E 129 -4.85 5.59 34.76
C ALA E 129 -3.67 6.56 34.87
N ASP E 130 -2.78 6.36 35.84
CA ASP E 130 -1.70 7.29 36.18
C ASP E 130 -2.24 8.67 36.54
N ASN E 131 -3.49 8.75 36.99
CA ASN E 131 -4.12 9.98 37.45
C ASN E 131 -4.66 9.74 38.85
N THR E 132 -4.36 10.65 39.77
CA THR E 132 -4.69 10.50 41.17
C THR E 132 -6.03 11.11 41.56
N THR E 133 -6.86 11.47 40.58
CA THR E 133 -8.10 12.18 40.84
C THR E 133 -9.09 11.27 41.57
N VAL E 134 -9.51 11.69 42.77
CA VAL E 134 -10.45 10.90 43.57
C VAL E 134 -11.82 10.85 42.90
N GLN E 135 -12.23 11.95 42.26
CA GLN E 135 -13.56 12.01 41.66
C GLN E 135 -13.71 11.01 40.53
N ALA E 136 -12.65 10.79 39.74
CA ALA E 136 -12.69 9.75 38.73
C ALA E 136 -12.74 8.36 39.34
N VAL E 137 -12.09 8.17 40.48
CA VAL E 137 -12.17 6.89 41.19
C VAL E 137 -13.60 6.65 41.69
N ALA E 138 -14.22 7.69 42.25
CA ALA E 138 -15.54 7.54 42.87
C ALA E 138 -16.61 7.20 41.83
N SER E 139 -16.52 7.79 40.64
CA SER E 139 -17.48 7.46 39.59
C SER E 139 -17.31 6.03 39.12
N ALA E 140 -16.07 5.56 39.02
CA ALA E 140 -15.80 4.22 38.51
C ALA E 140 -16.32 3.14 39.47
N ILE E 141 -16.07 3.30 40.77
CA ILE E 141 -16.49 2.29 41.74
C ILE E 141 -18.01 2.28 41.89
N GLY E 142 -18.64 3.46 41.83
CA GLY E 142 -20.09 3.52 41.91
C GLY E 142 -20.78 2.92 40.69
N ARG E 143 -20.27 3.24 39.50
CA ARG E 143 -20.86 2.69 38.28
C ARG E 143 -20.67 1.18 38.20
N ALA E 144 -19.49 0.69 38.61
CA ALA E 144 -19.25 -0.75 38.59
C ALA E 144 -20.19 -1.48 39.54
N ILE E 145 -20.50 -0.87 40.69
CA ILE E 145 -21.52 -1.42 41.58
C ILE E 145 -22.89 -1.35 40.91
N GLU E 146 -23.20 -0.22 40.26
CA GLU E 146 -24.47 -0.10 39.54
C GLU E 146 -24.55 -1.06 38.36
N ASP E 147 -23.43 -1.25 37.64
CA ASP E 147 -23.40 -2.28 36.61
C ASP E 147 -23.58 -3.67 37.21
N GLU E 148 -23.02 -3.90 38.41
CA GLU E 148 -23.10 -5.21 39.04
C GLU E 148 -24.55 -5.55 39.40
N ALA E 149 -25.32 -4.55 39.84
CA ALA E 149 -26.70 -4.80 40.26
C ALA E 149 -27.58 -5.24 39.08
N ARG E 150 -27.34 -4.69 37.89
CA ARG E 150 -28.22 -4.95 36.75
C ARG E 150 -28.18 -6.42 36.33
N PHE E 151 -26.98 -7.00 36.27
CA PHE E 151 -26.83 -8.39 35.88
C PHE E 151 -26.53 -9.33 37.04
N GLY E 152 -26.31 -8.80 38.24
CA GLY E 152 -26.25 -9.65 39.42
C GLY E 152 -27.62 -10.14 39.85
N ARG E 153 -28.69 -9.47 39.41
CA ARG E 153 -30.03 -9.99 39.64
C ARG E 153 -30.25 -11.29 38.89
N ILE E 154 -29.67 -11.43 37.70
CA ILE E 154 -29.89 -12.60 36.86
C ILE E 154 -29.36 -13.86 37.53
N ARG E 155 -28.19 -13.76 38.17
CA ARG E 155 -27.69 -14.91 38.93
C ARG E 155 -28.33 -15.03 40.30
N ASP E 156 -29.15 -14.06 40.71
CA ASP E 156 -29.89 -14.12 41.96
C ASP E 156 -31.37 -14.42 41.78
N LEU E 157 -31.95 -14.06 40.64
CA LEU E 157 -33.34 -14.38 40.34
C LEU E 157 -33.46 -15.82 39.87
N GLU E 158 -34.71 -16.27 39.69
CA GLU E 158 -34.97 -17.64 39.26
C GLU E 158 -34.47 -17.92 37.86
N ALA E 159 -34.10 -16.88 37.10
CA ALA E 159 -33.46 -17.02 35.80
C ALA E 159 -32.00 -17.46 35.89
N LYS E 160 -31.47 -17.91 37.04
CA LYS E 160 -30.13 -18.47 37.05
C LYS E 160 -30.05 -19.73 36.22
N HIS E 161 -31.15 -20.49 36.16
CA HIS E 161 -31.15 -21.72 35.37
C HIS E 161 -31.00 -21.43 33.88
N PHE E 162 -31.54 -20.31 33.40
CA PHE E 162 -31.21 -19.87 32.05
C PHE E 162 -29.78 -19.34 31.98
N LYS E 163 -29.35 -18.65 33.04
CA LYS E 163 -27.96 -18.20 33.11
C LYS E 163 -27.01 -19.40 33.20
N LYS E 164 -27.41 -20.45 33.91
CA LYS E 164 -26.63 -21.68 33.95
C LYS E 164 -26.51 -22.32 32.58
N ASN E 165 -27.40 -21.98 31.64
CA ASN E 165 -27.27 -22.42 30.27
C ASN E 165 -26.33 -21.51 29.47
N VAL E 166 -26.34 -20.21 29.75
CA VAL E 166 -25.53 -19.26 28.99
C VAL E 166 -24.34 -18.75 29.81
N GLU E 167 -24.00 -19.42 30.91
CA GLU E 167 -22.80 -19.04 31.65
C GLU E 167 -21.52 -19.42 30.90
N GLU E 168 -21.61 -20.38 29.98
CA GLU E 168 -20.45 -20.74 29.16
C GLU E 168 -20.03 -19.58 28.26
N GLN E 169 -21.01 -18.89 27.66
CA GLN E 169 -20.68 -17.74 26.83
C GLN E 169 -20.13 -16.59 27.68
N LEU E 170 -20.62 -16.46 28.91
CA LEU E 170 -20.03 -15.49 29.84
C LEU E 170 -18.59 -15.86 30.14
N ASN E 171 -18.31 -17.16 30.30
CA ASN E 171 -16.93 -17.62 30.40
C ASN E 171 -16.19 -17.44 29.08
N LYS E 172 -16.89 -17.62 27.95
CA LYS E 172 -16.27 -17.42 26.64
C LYS E 172 -15.86 -15.97 26.44
N ARG E 173 -16.71 -15.04 26.88
CA ARG E 173 -16.41 -13.61 26.73
C ARG E 173 -15.23 -13.23 27.60
N VAL E 174 -14.31 -12.44 27.02
CA VAL E 174 -13.06 -12.06 27.66
C VAL E 174 -13.06 -10.55 27.88
N GLY E 175 -12.79 -10.14 29.12
CA GLY E 175 -12.78 -8.74 29.48
C GLY E 175 -14.16 -8.24 29.86
N HIS E 176 -14.17 -7.03 30.44
CA HIS E 176 -15.42 -6.44 30.91
C HIS E 176 -16.31 -6.03 29.74
N VAL E 177 -15.73 -5.60 28.62
CA VAL E 177 -16.53 -5.06 27.53
C VAL E 177 -17.23 -6.18 26.74
N TYR E 178 -16.59 -7.34 26.60
CA TYR E 178 -17.20 -8.43 25.83
C TYR E 178 -18.41 -9.03 26.56
N LYS E 179 -18.23 -9.34 27.84
CA LYS E 179 -19.31 -9.92 28.63
C LYS E 179 -20.44 -8.90 28.87
N LYS E 180 -20.12 -7.60 28.88
CA LYS E 180 -21.16 -6.58 29.02
C LYS E 180 -22.12 -6.62 27.85
N ALA E 181 -21.59 -6.72 26.63
CA ALA E 181 -22.44 -6.73 25.44
C ALA E 181 -23.28 -7.99 25.36
N PHE E 182 -22.71 -9.14 25.73
CA PHE E 182 -23.47 -10.39 25.71
C PHE E 182 -24.59 -10.36 26.73
N MET E 183 -24.32 -9.86 27.93
CA MET E 183 -25.32 -9.88 28.98
C MET E 183 -26.40 -8.83 28.75
N GLN E 184 -26.07 -7.74 28.06
CA GLN E 184 -27.10 -6.81 27.62
C GLN E 184 -28.05 -7.47 26.63
N VAL E 185 -27.50 -8.26 25.70
CA VAL E 185 -28.33 -9.02 24.76
C VAL E 185 -29.09 -10.12 25.50
N VAL E 186 -28.43 -10.77 26.47
CA VAL E 186 -29.08 -11.82 27.24
C VAL E 186 -30.20 -11.25 28.10
N GLU E 187 -30.01 -10.05 28.64
CA GLU E 187 -31.09 -9.40 29.38
C GLU E 187 -32.23 -9.01 28.45
N ALA E 188 -31.92 -8.58 27.23
CA ALA E 188 -32.96 -8.24 26.27
C ALA E 188 -33.78 -9.47 25.88
N ASP E 189 -33.13 -10.62 25.76
CA ASP E 189 -33.85 -11.87 25.52
C ASP E 189 -34.71 -12.24 26.73
N MET E 190 -34.21 -11.97 27.94
CA MET E 190 -35.02 -12.20 29.14
C MET E 190 -36.21 -11.26 29.22
N LEU E 191 -36.05 -10.03 28.74
CA LEU E 191 -37.14 -9.06 28.74
C LEU E 191 -38.25 -9.47 27.77
N SER E 202 -33.95 0.20 34.21
CA SER E 202 -33.70 1.14 35.31
C SER E 202 -32.30 1.72 35.23
N SER E 203 -32.08 2.62 34.27
CA SER E 203 -30.79 3.28 34.15
C SER E 203 -30.56 4.21 35.33
N TRP E 204 -29.33 4.23 35.82
CA TRP E 204 -28.98 4.97 37.02
C TRP E 204 -28.41 6.33 36.65
N HIS E 205 -28.88 7.37 37.34
CA HIS E 205 -28.40 8.72 37.08
C HIS E 205 -26.92 8.84 37.41
N LYS E 206 -26.21 9.62 36.59
CA LYS E 206 -24.75 9.68 36.69
C LYS E 206 -24.30 10.36 37.98
N GLU E 207 -25.11 11.28 38.52
CA GLU E 207 -24.67 12.09 39.65
C GLU E 207 -24.50 11.25 40.91
N ASP E 208 -25.50 10.42 41.25
CA ASP E 208 -25.40 9.61 42.46
C ASP E 208 -24.38 8.50 42.30
N SER E 209 -24.10 8.05 41.08
CA SER E 209 -23.07 7.04 40.86
C SER E 209 -21.70 7.57 41.27
N ILE E 210 -21.44 8.86 41.04
CA ILE E 210 -20.25 9.49 41.59
C ILE E 210 -20.39 9.66 43.10
N HIS E 211 -21.59 9.99 43.58
CA HIS E 211 -21.79 10.21 45.02
C HIS E 211 -21.82 8.90 45.79
N VAL E 212 -22.21 7.80 45.15
CA VAL E 212 -22.12 6.50 45.82
C VAL E 212 -20.65 6.13 46.04
N GLY E 213 -19.78 6.51 45.10
CA GLY E 213 -18.37 6.18 45.23
C GLY E 213 -17.68 6.85 46.41
N VAL E 214 -17.97 8.13 46.65
CA VAL E 214 -17.34 8.83 47.77
C VAL E 214 -17.82 8.26 49.10
N ARG E 215 -19.05 7.72 49.14
CA ARG E 215 -19.50 6.98 50.31
C ARG E 215 -18.68 5.72 50.51
N CYS E 216 -18.41 4.98 49.43
CA CYS E 216 -17.63 3.75 49.54
C CYS E 216 -16.15 4.03 49.73
N ILE E 217 -15.64 5.11 49.14
CA ILE E 217 -14.23 5.46 49.32
C ILE E 217 -13.96 5.90 50.75
N GLU E 218 -14.84 6.72 51.32
CA GLU E 218 -14.69 7.11 52.73
C GLU E 218 -14.85 5.92 53.65
N MET E 219 -15.73 4.98 53.29
CA MET E 219 -15.83 3.73 54.03
C MET E 219 -14.53 2.95 53.96
N LEU E 220 -13.87 2.98 52.80
CA LEU E 220 -12.56 2.35 52.67
C LEU E 220 -11.52 3.02 53.56
N ILE E 221 -11.51 4.35 53.59
CA ILE E 221 -10.58 5.08 54.45
C ILE E 221 -10.89 4.81 55.92
N GLU E 222 -12.18 4.68 56.25
CA GLU E 222 -12.58 4.31 57.61
C GLU E 222 -12.13 2.91 57.95
N SER E 223 -12.14 2.00 56.99
CA SER E 223 -11.83 0.59 57.23
C SER E 223 -10.34 0.29 57.04
N THR E 224 -9.77 0.72 55.93
CA THR E 224 -8.46 0.26 55.49
C THR E 224 -7.40 1.32 55.75
N GLY E 225 -6.31 0.90 56.41
CA GLY E 225 -5.16 1.76 56.59
C GLY E 225 -4.20 1.80 55.42
N MET E 226 -4.37 0.89 54.45
CA MET E 226 -3.52 0.89 53.27
C MET E 226 -3.82 2.09 52.38
N VAL E 227 -5.11 2.40 52.18
CA VAL E 227 -5.49 3.52 51.33
C VAL E 227 -5.15 4.83 52.04
N SER E 228 -4.45 5.72 51.34
CA SER E 228 -4.12 7.03 51.84
C SER E 228 -4.63 8.08 50.86
N LEU E 229 -5.07 9.21 51.40
CA LEU E 229 -5.62 10.29 50.59
C LEU E 229 -5.00 11.59 51.07
N HIS E 230 -4.34 12.30 50.17
CA HIS E 230 -3.65 13.54 50.54
C HIS E 230 -3.91 14.64 49.51
N GLU E 242 -6.46 17.12 47.21
CA GLU E 242 -6.88 15.86 47.83
C GLU E 242 -6.90 14.75 46.78
N THR E 243 -5.84 13.94 46.76
CA THR E 243 -5.65 12.91 45.76
C THR E 243 -5.49 11.55 46.43
N ILE E 244 -5.82 10.49 45.70
CA ILE E 244 -5.73 9.13 46.20
C ILE E 244 -4.35 8.56 45.90
N GLU E 245 -3.78 7.86 46.86
CA GLU E 245 -2.46 7.24 46.72
C GLU E 245 -2.47 5.92 47.48
N LEU E 246 -1.27 5.38 47.72
CA LEU E 246 -1.07 4.09 48.36
C LEU E 246 -0.01 4.23 49.45
N ALA E 247 -0.27 3.65 50.61
CA ALA E 247 0.67 3.77 51.72
C ALA E 247 1.97 3.01 51.40
N PRO E 248 3.12 3.51 51.86
CA PRO E 248 4.40 2.87 51.47
C PRO E 248 4.59 1.49 52.07
N GLU E 249 4.26 1.30 53.35
CA GLU E 249 4.54 0.02 53.99
C GLU E 249 3.65 -1.10 53.44
N TYR E 250 2.45 -0.77 52.98
CA TYR E 250 1.58 -1.76 52.35
C TYR E 250 1.99 -2.03 50.92
N ALA E 251 2.48 -1.01 50.20
CA ALA E 251 3.03 -1.22 48.87
C ALA E 251 4.31 -2.05 48.92
N GLU E 252 5.12 -1.87 49.96
CA GLU E 252 6.32 -2.68 50.13
C GLU E 252 5.97 -4.14 50.37
N ALA E 253 4.86 -4.40 51.07
CA ALA E 253 4.46 -5.78 51.37
C ALA E 253 4.10 -6.54 50.10
N ILE E 254 3.37 -5.90 49.19
CA ILE E 254 3.04 -6.57 47.92
C ILE E 254 4.23 -6.58 46.97
N ALA E 255 5.18 -5.65 47.13
CA ALA E 255 6.40 -5.69 46.34
C ALA E 255 7.37 -6.74 46.86
N THR E 256 7.37 -6.99 48.18
CA THR E 256 8.23 -8.03 48.74
C THR E 256 7.82 -9.41 48.26
N ARG E 257 6.51 -9.68 48.20
CA ARG E 257 6.04 -10.95 47.66
C ARG E 257 6.28 -11.03 46.16
N ALA E 258 6.23 -9.89 45.46
CA ALA E 258 6.51 -9.87 44.03
C ALA E 258 7.95 -10.29 43.75
N GLY E 259 8.90 -9.82 44.58
CA GLY E 259 10.27 -10.27 44.45
C GLY E 259 10.42 -11.75 44.77
N ALA E 260 9.66 -12.24 45.75
CA ALA E 260 9.67 -13.67 46.06
C ALA E 260 9.07 -14.48 44.92
N LEU E 261 7.91 -14.04 44.41
CA LEU E 261 7.24 -14.75 43.31
C LEU E 261 8.06 -14.75 42.03
N ALA E 262 8.96 -13.79 41.85
CA ALA E 262 9.88 -13.85 40.74
C ALA E 262 10.85 -15.02 40.86
N GLY E 263 11.16 -15.42 42.09
CA GLY E 263 12.08 -16.53 42.32
C GLY E 263 11.42 -17.88 42.40
N ILE E 264 10.12 -17.93 42.68
CA ILE E 264 9.46 -19.23 42.77
C ILE E 264 9.19 -19.82 41.39
N SER E 265 9.11 -18.98 40.35
CA SER E 265 8.96 -19.48 38.99
C SER E 265 10.35 -19.60 38.39
N PRO E 266 10.87 -20.81 38.19
CA PRO E 266 12.26 -20.97 37.72
C PRO E 266 12.43 -21.19 36.22
N MET E 267 11.39 -20.99 35.41
CA MET E 267 11.32 -21.53 34.05
C MET E 267 11.64 -23.01 34.14
N PHE E 268 12.34 -23.57 33.14
CA PHE E 268 13.23 -24.74 33.26
C PHE E 268 13.92 -25.02 31.94
N GLN E 269 15.15 -25.53 32.00
CA GLN E 269 15.94 -25.86 30.83
C GLN E 269 16.59 -27.23 30.99
N PRO E 270 16.83 -27.94 29.90
CA PRO E 270 17.45 -29.26 30.00
C PRO E 270 18.88 -29.20 30.52
N CYS E 271 19.30 -30.32 31.09
CA CYS E 271 20.65 -30.44 31.67
C CYS E 271 21.65 -30.79 30.58
N VAL E 272 22.84 -30.18 30.68
CA VAL E 272 23.93 -30.40 29.75
C VAL E 272 24.90 -31.40 30.39
N VAL E 273 24.42 -32.11 31.39
CA VAL E 273 25.21 -33.04 32.20
C VAL E 273 24.18 -34.05 32.69
N PRO E 274 24.54 -35.31 32.96
CA PRO E 274 23.58 -36.25 33.54
C PRO E 274 22.98 -35.71 34.83
N PRO E 275 21.67 -35.83 35.01
CA PRO E 275 20.99 -35.14 36.09
C PRO E 275 21.33 -35.74 37.44
N LYS E 276 21.05 -34.97 38.49
CA LYS E 276 21.31 -35.42 39.84
C LYS E 276 20.37 -36.56 40.17
N PRO E 277 20.87 -37.73 40.57
CA PRO E 277 19.98 -38.85 40.89
C PRO E 277 19.14 -38.56 42.13
N TRP E 278 17.94 -39.14 42.15
CA TRP E 278 17.05 -39.02 43.30
C TRP E 278 17.42 -40.08 44.32
N THR E 279 17.98 -39.64 45.44
CA THR E 279 18.10 -40.48 46.62
C THR E 279 17.12 -40.09 47.71
N GLY E 280 16.42 -38.97 47.56
CA GLY E 280 15.42 -38.53 48.50
C GLY E 280 14.25 -37.88 47.79
N ILE E 281 13.29 -37.42 48.58
CA ILE E 281 12.06 -36.86 48.03
C ILE E 281 12.34 -35.53 47.34
N THR E 282 13.25 -34.72 47.88
CA THR E 282 13.55 -33.42 47.31
C THR E 282 15.02 -33.32 46.96
N GLY E 283 15.34 -32.35 46.10
CA GLY E 283 16.71 -32.05 45.74
C GLY E 283 17.27 -32.80 44.55
N GLY E 284 16.49 -33.68 43.92
CA GLY E 284 16.96 -34.41 42.77
C GLY E 284 16.79 -33.64 41.47
N GLY E 285 17.30 -34.23 40.39
CA GLY E 285 17.18 -33.63 39.07
C GLY E 285 18.26 -32.60 38.80
N TYR E 286 17.93 -31.33 38.94
CA TYR E 286 18.92 -30.27 38.84
C TYR E 286 19.88 -30.34 40.03
N TRP E 287 21.16 -30.09 39.76
CA TRP E 287 22.19 -30.32 40.78
C TRP E 287 22.21 -29.24 41.85
N ALA E 288 21.99 -27.99 41.46
CA ALA E 288 22.13 -26.88 42.40
C ALA E 288 20.98 -26.88 43.41
N ASN E 289 21.30 -26.44 44.64
CA ASN E 289 20.31 -26.31 45.71
C ASN E 289 19.63 -24.95 45.57
N GLY E 290 18.68 -24.89 44.65
CA GLY E 290 18.00 -23.64 44.34
C GLY E 290 16.96 -23.25 45.38
N ARG E 291 16.32 -22.11 45.13
CA ARG E 291 15.24 -21.64 46.00
C ARG E 291 14.08 -22.63 46.00
N ARG E 292 13.73 -23.14 44.82
CA ARG E 292 12.62 -24.08 44.64
C ARG E 292 13.20 -25.47 44.34
N PRO E 293 13.39 -26.31 45.36
CA PRO E 293 13.86 -27.67 45.09
C PRO E 293 12.77 -28.49 44.43
N LEU E 294 13.20 -29.51 43.70
CA LEU E 294 12.29 -30.35 42.92
C LEU E 294 11.77 -31.50 43.77
N ALA E 295 10.46 -31.72 43.71
CA ALA E 295 9.84 -32.82 44.43
C ALA E 295 9.94 -34.11 43.62
N LEU E 296 10.11 -35.22 44.33
CA LEU E 296 9.99 -36.54 43.68
C LEU E 296 8.57 -36.74 43.16
N VAL E 297 7.58 -36.26 43.90
CA VAL E 297 6.18 -36.37 43.53
C VAL E 297 5.58 -34.97 43.54
N ARG E 298 5.03 -34.55 42.40
CA ARG E 298 4.30 -33.28 42.33
C ARG E 298 3.06 -33.36 43.21
N THR E 299 3.05 -32.63 44.32
CA THR E 299 1.98 -32.71 45.31
C THR E 299 1.29 -31.38 45.45
N HIS E 300 -0.04 -31.42 45.52
CA HIS E 300 -0.81 -30.21 45.75
C HIS E 300 -0.62 -29.67 47.16
N SER E 301 -0.36 -30.54 48.12
CA SER E 301 -0.14 -30.16 49.50
C SER E 301 1.21 -30.67 49.98
N LYS E 302 1.87 -29.89 50.84
CA LYS E 302 3.16 -30.29 51.37
C LYS E 302 3.05 -31.46 52.34
N LYS E 303 1.88 -31.68 52.94
CA LYS E 303 1.69 -32.84 53.79
C LYS E 303 1.68 -34.12 52.97
N ALA E 304 1.08 -34.09 51.79
CA ALA E 304 1.07 -35.26 50.91
C ALA E 304 2.47 -35.61 50.43
N LEU E 305 3.32 -34.60 50.24
CA LEU E 305 4.72 -34.85 49.93
C LEU E 305 5.42 -35.54 51.10
N MET E 306 5.07 -35.15 52.33
CA MET E 306 5.69 -35.74 53.52
C MET E 306 5.30 -37.19 53.72
N ARG E 307 4.15 -37.62 53.18
CA ARG E 307 3.79 -39.03 53.24
C ARG E 307 4.76 -39.89 52.44
N TYR E 308 5.40 -39.31 51.43
CA TYR E 308 6.35 -40.04 50.61
C TYR E 308 7.73 -40.14 51.24
N GLU E 309 8.03 -39.29 52.23
CA GLU E 309 9.40 -39.16 52.72
C GLU E 309 9.87 -40.42 53.44
N ASP E 310 8.98 -41.05 54.22
CA ASP E 310 9.36 -42.24 54.97
C ASP E 310 9.24 -43.52 54.17
N VAL E 311 8.41 -43.55 53.12
CA VAL E 311 8.11 -44.80 52.44
C VAL E 311 9.33 -45.28 51.66
N TYR E 312 9.47 -46.60 51.58
CA TYR E 312 10.60 -47.26 50.93
C TYR E 312 10.13 -47.82 49.60
N MET E 313 10.49 -47.16 48.50
CA MET E 313 10.08 -47.55 47.16
C MET E 313 11.34 -47.67 46.30
N PRO E 314 12.07 -48.79 46.41
CA PRO E 314 13.34 -48.91 45.67
C PRO E 314 13.16 -48.99 44.17
N GLU E 315 12.16 -49.73 43.69
CA GLU E 315 11.97 -49.88 42.24
C GLU E 315 11.50 -48.58 41.60
N VAL E 316 10.75 -47.76 42.33
CA VAL E 316 10.34 -46.46 41.82
C VAL E 316 11.55 -45.56 41.64
N TYR E 317 12.48 -45.60 42.59
CA TYR E 317 13.66 -44.74 42.52
C TYR E 317 14.60 -45.17 41.41
N LYS E 318 14.72 -46.47 41.15
CA LYS E 318 15.57 -46.94 40.07
C LYS E 318 15.04 -46.49 38.72
N ALA E 319 13.72 -46.58 38.51
CA ALA E 319 13.14 -46.27 37.21
C ALA E 319 13.29 -44.80 36.85
N ILE E 320 13.08 -43.89 37.81
CA ILE E 320 13.14 -42.47 37.51
C ILE E 320 14.58 -42.03 37.23
N ASN E 321 15.55 -42.62 37.93
CA ASN E 321 16.95 -42.27 37.70
C ASN E 321 17.43 -42.75 36.33
N ILE E 322 16.96 -43.91 35.88
CA ILE E 322 17.34 -44.41 34.56
C ILE E 322 16.75 -43.53 33.46
N ALA E 323 15.48 -43.11 33.62
CA ALA E 323 14.85 -42.22 32.64
C ALA E 323 15.56 -40.88 32.58
N GLN E 324 16.11 -40.41 33.70
CA GLN E 324 16.95 -39.22 33.68
C GLN E 324 18.28 -39.49 32.97
N ASN E 325 18.80 -40.70 33.10
CA ASN E 325 20.14 -41.04 32.61
C ASN E 325 20.22 -41.12 31.08
N THR E 326 19.08 -41.17 30.38
CA THR E 326 19.10 -41.28 28.93
C THR E 326 19.66 -40.01 28.31
N ALA E 327 20.71 -40.16 27.50
CA ALA E 327 21.35 -39.03 26.87
C ALA E 327 20.64 -38.68 25.56
N TRP E 328 20.24 -37.43 25.43
CA TRP E 328 19.51 -36.95 24.26
C TRP E 328 20.38 -35.94 23.52
N LYS E 329 20.44 -36.08 22.20
CA LYS E 329 21.08 -35.09 21.34
C LYS E 329 20.01 -34.48 20.44
N ILE E 330 20.22 -33.25 20.03
CA ILE E 330 19.26 -32.59 19.15
C ILE E 330 19.56 -32.99 17.71
N ASN E 331 18.55 -33.47 17.02
CA ASN E 331 18.69 -33.88 15.62
C ASN E 331 18.98 -32.64 14.80
N LYS E 332 20.22 -32.53 14.31
CA LYS E 332 20.61 -31.33 13.56
C LYS E 332 19.92 -31.26 12.20
N LYS E 333 19.70 -32.41 11.56
CA LYS E 333 19.11 -32.40 10.22
C LYS E 333 17.67 -31.92 10.24
N VAL E 334 16.86 -32.41 11.19
CA VAL E 334 15.49 -31.94 11.31
C VAL E 334 15.45 -30.49 11.74
N LEU E 335 16.40 -30.05 12.57
CA LEU E 335 16.43 -28.66 13.01
C LEU E 335 16.70 -27.73 11.84
N ALA E 336 17.64 -28.10 10.96
CA ALA E 336 17.99 -27.25 9.84
C ALA E 336 16.83 -27.09 8.88
N VAL E 337 16.03 -28.14 8.70
CA VAL E 337 14.77 -28.01 7.97
C VAL E 337 13.82 -27.10 8.73
N ALA E 338 13.78 -27.24 10.05
CA ALA E 338 12.76 -26.57 10.86
C ALA E 338 12.92 -25.06 10.86
N ASN E 339 14.15 -24.55 10.75
CA ASN E 339 14.36 -23.11 10.82
C ASN E 339 13.73 -22.40 9.62
N VAL E 340 13.99 -22.89 8.41
CA VAL E 340 13.58 -22.16 7.21
C VAL E 340 12.06 -22.20 7.04
N ILE E 341 11.43 -23.34 7.34
CA ILE E 341 9.99 -23.43 7.13
C ILE E 341 9.22 -22.62 8.17
N THR E 342 9.78 -22.46 9.37
CA THR E 342 9.14 -21.60 10.37
C THR E 342 9.26 -20.13 10.00
N LYS E 343 10.37 -19.71 9.39
CA LYS E 343 10.50 -18.34 8.93
C LYS E 343 9.48 -18.03 7.84
N TRP E 344 9.08 -19.03 7.05
CA TRP E 344 8.19 -18.79 5.93
C TRP E 344 6.71 -18.98 6.29
N LYS E 345 6.39 -19.88 7.21
CA LYS E 345 5.00 -20.18 7.53
C LYS E 345 4.80 -20.20 9.04
N HIS E 346 3.58 -19.84 9.46
CA HIS E 346 3.26 -19.80 10.89
C HIS E 346 3.38 -21.18 11.50
N CYS E 347 2.76 -22.19 10.89
CA CYS E 347 3.04 -23.57 11.20
C CYS E 347 3.51 -24.27 9.92
N PRO E 348 4.67 -24.91 9.94
CA PRO E 348 5.24 -25.44 8.68
C PRO E 348 4.40 -26.52 8.03
N VAL E 349 3.50 -27.17 8.77
CA VAL E 349 2.74 -28.30 8.26
C VAL E 349 1.26 -27.97 8.08
N GLU E 350 0.79 -26.85 8.64
CA GLU E 350 -0.64 -26.59 8.73
C GLU E 350 -1.29 -26.44 7.35
N ASP E 351 -0.61 -25.76 6.43
CA ASP E 351 -1.16 -25.52 5.08
C ASP E 351 -0.09 -25.85 4.04
N ILE E 352 -0.24 -26.99 3.39
CA ILE E 352 0.59 -27.38 2.25
C ILE E 352 -0.33 -27.50 1.04
N PRO E 353 -0.05 -26.81 -0.07
CA PRO E 353 -0.87 -26.98 -1.27
C PRO E 353 -0.83 -28.41 -1.78
N ALA E 354 -1.98 -28.88 -2.25
CA ALA E 354 -2.10 -30.23 -2.78
C ALA E 354 -2.97 -30.20 -4.03
N ILE E 355 -2.74 -31.16 -4.91
CA ILE E 355 -3.47 -31.24 -6.17
C ILE E 355 -4.88 -31.76 -5.91
N GLU E 372 -32.51 -20.37 13.53
CA GLU E 372 -31.45 -21.04 14.28
C GLU E 372 -30.22 -21.29 13.41
N ALA E 373 -30.42 -21.29 12.09
CA ALA E 373 -29.29 -21.36 11.17
C ALA E 373 -28.38 -20.17 11.33
N LEU E 374 -28.95 -19.01 11.68
CA LEU E 374 -28.16 -17.84 12.03
C LEU E 374 -27.26 -18.12 13.24
N THR E 375 -27.78 -18.87 14.21
CA THR E 375 -26.98 -19.25 15.37
C THR E 375 -25.92 -20.28 15.01
N ALA E 376 -26.20 -21.14 14.01
CA ALA E 376 -25.14 -22.00 13.49
C ALA E 376 -24.08 -21.18 12.75
N TRP E 377 -24.49 -20.10 12.09
CA TRP E 377 -23.53 -19.20 11.46
C TRP E 377 -22.74 -18.40 12.48
N LYS E 378 -23.31 -18.14 13.66
CA LYS E 378 -22.54 -17.46 14.70
C LYS E 378 -21.51 -18.38 15.31
N ARG E 379 -21.74 -19.70 15.27
CA ARG E 379 -20.74 -20.64 15.74
C ARG E 379 -19.58 -20.73 14.76
N ALA E 380 -19.86 -20.62 13.46
CA ALA E 380 -18.80 -20.62 12.46
C ALA E 380 -17.91 -19.38 12.60
N ALA E 381 -18.52 -18.22 12.85
CA ALA E 381 -17.74 -17.02 13.10
C ALA E 381 -16.96 -17.13 14.41
N ALA E 382 -17.56 -17.76 15.42
CA ALA E 382 -16.85 -17.99 16.67
C ALA E 382 -15.68 -18.94 16.48
N ALA E 383 -15.76 -19.85 15.50
CA ALA E 383 -14.64 -20.72 15.20
C ALA E 383 -13.47 -19.93 14.62
N VAL E 384 -13.76 -18.96 13.73
CA VAL E 384 -12.71 -18.22 13.03
C VAL E 384 -11.84 -17.45 14.01
N TYR E 385 -12.46 -16.88 15.06
CA TYR E 385 -11.67 -16.25 16.12
C TYR E 385 -10.82 -17.30 16.85
N ARG E 386 -11.39 -18.49 17.08
CA ARG E 386 -10.65 -19.52 17.78
C ARG E 386 -9.52 -20.10 16.92
N LYS E 387 -9.77 -20.25 15.61
CA LYS E 387 -8.71 -20.74 14.72
C LYS E 387 -7.53 -19.77 14.67
N ASP E 388 -7.81 -18.46 14.63
CA ASP E 388 -6.74 -17.48 14.61
C ASP E 388 -6.01 -17.43 15.95
N LYS E 389 -6.75 -17.43 17.05
CA LYS E 389 -6.12 -17.37 18.37
C LYS E 389 -5.41 -18.68 18.72
N ALA E 390 -5.82 -19.80 18.14
CA ALA E 390 -5.08 -21.04 18.32
C ALA E 390 -3.73 -20.99 17.64
N ARG E 391 -3.69 -20.45 16.42
CA ARG E 391 -2.44 -20.40 15.66
C ARG E 391 -1.43 -19.46 16.30
N LYS E 392 -1.89 -18.36 16.90
CA LYS E 392 -0.98 -17.46 17.61
C LYS E 392 -0.37 -18.13 18.83
N SER E 393 -1.20 -18.83 19.61
CA SER E 393 -0.69 -19.53 20.80
C SER E 393 0.16 -20.73 20.43
N ARG E 394 -0.18 -21.43 19.35
CA ARG E 394 0.64 -22.54 18.88
C ARG E 394 2.00 -22.06 18.39
N ARG E 395 2.04 -20.88 17.77
CA ARG E 395 3.31 -20.31 17.31
C ARG E 395 4.19 -19.90 18.49
N ILE E 396 3.58 -19.41 19.59
CA ILE E 396 4.35 -19.03 20.76
C ILE E 396 5.07 -20.24 21.34
N SER E 397 4.38 -21.37 21.44
CA SER E 397 5.04 -22.61 21.85
C SER E 397 6.07 -23.05 20.81
N LEU E 398 5.77 -22.83 19.53
CA LEU E 398 6.68 -23.19 18.45
C LEU E 398 8.01 -22.44 18.56
N GLU E 399 7.95 -21.12 18.79
CA GLU E 399 9.16 -20.32 18.79
C GLU E 399 10.03 -20.59 20.00
N PHE E 400 9.43 -20.99 21.12
CA PHE E 400 10.24 -21.33 22.29
C PHE E 400 10.92 -22.69 22.11
N MET E 401 10.20 -23.68 21.58
CA MET E 401 10.77 -25.01 21.40
C MET E 401 11.91 -24.97 20.38
N LEU E 402 11.77 -24.16 19.33
CA LEU E 402 12.79 -24.07 18.31
C LEU E 402 14.06 -23.43 18.85
N GLU E 403 13.92 -22.37 19.66
CA GLU E 403 15.09 -21.70 20.22
C GLU E 403 15.83 -22.60 21.21
N GLN E 404 15.08 -23.39 21.99
CA GLN E 404 15.73 -24.35 22.88
C GLN E 404 16.48 -25.42 22.10
N ALA E 405 15.92 -25.83 20.95
CA ALA E 405 16.65 -26.74 20.07
C ALA E 405 17.85 -26.06 19.44
N ASN E 406 17.70 -24.79 19.07
CA ASN E 406 18.82 -24.02 18.53
C ASN E 406 19.94 -23.87 19.56
N LYS E 407 19.55 -23.67 20.83
CA LYS E 407 20.54 -23.39 21.87
C LYS E 407 21.42 -24.60 22.17
N PHE E 408 20.84 -25.78 22.25
CA PHE E 408 21.56 -26.98 22.68
C PHE E 408 21.93 -27.89 21.52
N ALA E 409 21.85 -27.40 20.27
CA ALA E 409 22.17 -28.23 19.12
C ALA E 409 23.64 -28.63 19.10
N ASN E 410 24.54 -27.68 19.39
CA ASN E 410 25.97 -27.97 19.35
C ASN E 410 26.41 -28.84 20.51
N HIS E 411 25.62 -28.92 21.58
CA HIS E 411 25.96 -29.78 22.71
C HIS E 411 25.92 -31.24 22.29
N LYS E 412 26.94 -32.00 22.68
CA LYS E 412 27.07 -33.36 22.20
C LYS E 412 25.99 -34.27 22.76
N ALA E 413 25.56 -34.01 24.00
CA ALA E 413 24.42 -34.70 24.59
C ALA E 413 23.83 -33.80 25.66
N ILE E 414 22.50 -33.86 25.79
CA ILE E 414 21.79 -33.18 26.87
C ILE E 414 20.84 -34.17 27.53
N TRP E 415 20.58 -33.93 28.82
CA TRP E 415 19.78 -34.83 29.62
C TRP E 415 18.58 -34.09 30.22
N PHE E 416 17.54 -34.85 30.52
CA PHE E 416 16.29 -34.28 31.04
C PHE E 416 16.06 -34.78 32.46
N PRO E 417 15.87 -33.90 33.44
CA PRO E 417 15.42 -34.35 34.76
C PRO E 417 13.97 -34.82 34.69
N TYR E 418 13.63 -35.73 35.60
CA TYR E 418 12.30 -36.33 35.58
C TYR E 418 11.62 -36.23 36.94
N ASN E 419 10.30 -36.13 36.90
CA ASN E 419 9.45 -35.94 38.07
C ASN E 419 8.20 -36.79 37.87
N MET E 420 7.52 -37.06 38.98
CA MET E 420 6.30 -37.86 38.96
C MET E 420 5.12 -37.04 39.47
N ASP E 421 3.94 -37.34 38.95
CA ASP E 421 2.71 -36.79 39.50
C ASP E 421 2.29 -37.60 40.72
N TRP E 422 1.19 -37.19 41.36
CA TRP E 422 0.73 -37.90 42.54
C TRP E 422 0.18 -39.29 42.18
N ARG E 423 -0.28 -39.46 40.94
CA ARG E 423 -0.73 -40.78 40.49
C ARG E 423 0.45 -41.70 40.23
N GLY E 424 1.58 -41.16 39.80
CA GLY E 424 2.77 -41.96 39.54
C GLY E 424 3.29 -41.88 38.12
N ARG E 425 2.61 -41.20 37.20
CA ARG E 425 3.13 -41.03 35.85
C ARG E 425 4.38 -40.16 35.87
N VAL E 426 5.39 -40.56 35.11
CA VAL E 426 6.64 -39.81 35.08
C VAL E 426 6.51 -38.65 34.10
N TYR E 427 7.16 -37.54 34.43
CA TYR E 427 7.14 -36.36 33.58
C TYR E 427 8.54 -35.78 33.53
N ALA E 428 8.87 -35.15 32.41
CA ALA E 428 10.13 -34.43 32.27
C ALA E 428 9.95 -33.02 32.80
N VAL E 429 10.83 -32.63 33.73
CA VAL E 429 10.67 -31.37 34.43
C VAL E 429 10.89 -30.19 33.49
N SER E 430 11.80 -30.33 32.53
CA SER E 430 12.16 -29.22 31.65
C SER E 430 11.03 -28.87 30.72
N MET E 431 10.95 -27.58 30.37
CA MET E 431 9.93 -27.11 29.44
C MET E 431 10.12 -27.73 28.05
N PHE E 432 11.36 -27.75 27.57
CA PHE E 432 11.71 -28.52 26.39
C PHE E 432 11.90 -29.97 26.81
N ASN E 433 11.14 -30.89 26.21
CA ASN E 433 11.12 -32.26 26.72
C ASN E 433 10.75 -33.21 25.60
N PRO E 434 11.16 -34.48 25.70
CA PRO E 434 10.74 -35.48 24.69
C PRO E 434 9.25 -35.76 24.70
N GLN E 435 8.52 -35.36 25.74
CA GLN E 435 7.09 -35.60 25.86
C GLN E 435 6.25 -34.50 25.21
N GLY E 436 6.81 -33.78 24.24
CA GLY E 436 6.11 -32.69 23.59
C GLY E 436 5.39 -33.12 22.33
N ASN E 437 5.16 -32.16 21.45
CA ASN E 437 4.41 -32.39 20.22
C ASN E 437 5.31 -33.06 19.18
N ASP E 438 4.82 -33.12 17.94
CA ASP E 438 5.51 -33.88 16.89
C ASP E 438 6.87 -33.26 16.55
N MET E 439 6.91 -31.94 16.38
CA MET E 439 8.17 -31.29 16.02
C MET E 439 9.20 -31.41 17.12
N THR E 440 8.78 -31.18 18.37
CA THR E 440 9.70 -31.29 19.50
C THR E 440 10.23 -32.72 19.63
N LYS E 441 9.37 -33.72 19.42
CA LYS E 441 9.82 -35.10 19.34
C LYS E 441 10.74 -35.31 18.15
N GLY E 442 10.45 -34.64 17.03
CA GLY E 442 11.32 -34.74 15.86
C GLY E 442 12.66 -34.09 16.08
N LEU E 443 12.70 -32.97 16.80
CA LEU E 443 13.95 -32.25 17.01
C LEU E 443 14.88 -32.96 17.99
N LEU E 444 14.35 -33.85 18.81
CA LEU E 444 15.14 -34.57 19.82
C LEU E 444 15.35 -36.02 19.39
N THR E 445 16.55 -36.53 19.65
CA THR E 445 16.85 -37.94 19.44
C THR E 445 17.85 -38.37 20.51
N LEU E 446 17.95 -39.68 20.71
CA LEU E 446 18.87 -40.19 21.70
C LEU E 446 20.31 -40.01 21.23
N ALA E 447 21.22 -39.86 22.20
CA ALA E 447 22.59 -39.50 21.87
C ALA E 447 23.48 -40.70 21.58
N LYS E 448 23.35 -41.77 22.36
CA LYS E 448 24.17 -42.96 22.20
C LYS E 448 23.43 -43.99 21.37
N GLY E 449 24.00 -44.35 20.22
CA GLY E 449 23.41 -45.31 19.33
C GLY E 449 24.25 -46.57 19.20
N LYS E 450 23.65 -47.59 18.61
CA LYS E 450 24.26 -48.88 18.35
C LYS E 450 24.02 -49.24 16.90
N PRO E 451 24.88 -50.08 16.31
CA PRO E 451 24.66 -50.49 14.91
C PRO E 451 23.30 -51.14 14.71
N ILE E 452 22.62 -50.73 13.63
CA ILE E 452 21.18 -50.97 13.53
C ILE E 452 20.88 -52.45 13.28
N GLY E 453 21.73 -53.15 12.53
CA GLY E 453 21.49 -54.54 12.24
C GLY E 453 20.27 -54.76 11.36
N LYS E 454 19.92 -56.04 11.21
CA LYS E 454 18.72 -56.39 10.46
C LYS E 454 17.46 -56.08 11.25
N GLU E 455 17.46 -56.44 12.53
CA GLU E 455 16.25 -56.26 13.36
C GLU E 455 15.93 -54.80 13.58
N GLY E 456 16.94 -53.98 13.88
CA GLY E 456 16.71 -52.56 14.07
C GLY E 456 16.26 -51.86 12.80
N TYR E 457 16.80 -52.28 11.65
CA TYR E 457 16.33 -51.76 10.37
C TYR E 457 14.87 -52.12 10.14
N TYR E 458 14.47 -53.33 10.51
CA TYR E 458 13.07 -53.73 10.41
C TYR E 458 12.20 -52.82 11.29
N TRP E 459 12.63 -52.60 12.53
CA TRP E 459 11.84 -51.78 13.45
C TRP E 459 11.88 -50.30 13.06
N LEU E 460 12.97 -49.85 12.46
CA LEU E 460 13.02 -48.47 11.97
C LEU E 460 12.02 -48.25 10.84
N LYS E 461 11.88 -49.24 9.95
CA LYS E 461 10.84 -49.17 8.92
C LYS E 461 9.45 -49.24 9.54
N ILE E 462 9.29 -50.01 10.62
CA ILE E 462 8.02 -50.03 11.34
C ILE E 462 7.70 -48.66 11.92
N HIS E 463 8.71 -48.02 12.51
CA HIS E 463 8.50 -46.68 13.08
C HIS E 463 8.14 -45.68 12.00
N GLY E 464 8.75 -45.80 10.82
CA GLY E 464 8.44 -44.88 9.74
C GLY E 464 7.01 -45.00 9.25
N ALA E 465 6.46 -46.22 9.26
CA ALA E 465 5.06 -46.41 8.90
C ALA E 465 4.14 -45.79 9.95
N ASN E 466 4.49 -45.94 11.23
CA ASN E 466 3.66 -45.37 12.30
C ASN E 466 3.66 -43.85 12.25
N CYS E 467 4.80 -43.24 11.93
CA CYS E 467 4.86 -41.79 11.79
C CYS E 467 4.00 -41.29 10.63
N ALA E 468 3.87 -42.11 9.58
CA ALA E 468 3.04 -41.76 8.43
C ALA E 468 1.57 -42.05 8.66
N GLY E 469 1.20 -42.62 9.79
CA GLY E 469 -0.18 -42.99 10.05
C GLY E 469 -0.53 -44.42 9.67
N VAL E 470 0.44 -45.20 9.21
CA VAL E 470 0.19 -46.60 8.84
C VAL E 470 0.46 -47.42 10.09
N ASP E 471 -0.55 -47.49 10.96
CA ASP E 471 -0.43 -48.24 12.21
C ASP E 471 -1.64 -49.11 12.52
N LYS E 472 -2.66 -49.12 11.65
CA LYS E 472 -3.81 -50.00 11.80
C LYS E 472 -3.67 -51.28 10.99
N VAL E 473 -2.52 -51.50 10.37
CA VAL E 473 -2.31 -52.63 9.47
C VAL E 473 -1.26 -53.53 10.08
N PRO E 474 -1.20 -54.81 9.67
CA PRO E 474 -0.17 -55.71 10.20
C PRO E 474 1.23 -55.30 9.74
N PHE E 475 2.21 -55.82 10.47
CA PHE E 475 3.61 -55.42 10.25
C PHE E 475 4.14 -55.64 8.84
N PRO E 476 3.89 -56.76 8.14
CA PRO E 476 4.37 -56.87 6.75
C PRO E 476 3.80 -55.80 5.82
N GLU E 477 2.57 -55.36 6.05
CA GLU E 477 2.03 -54.26 5.25
C GLU E 477 2.73 -52.95 5.56
N ARG E 478 3.15 -52.75 6.81
CA ARG E 478 3.92 -51.56 7.15
C ARG E 478 5.28 -51.55 6.45
N ILE E 479 5.94 -52.71 6.38
CA ILE E 479 7.22 -52.80 5.70
C ILE E 479 7.05 -52.58 4.20
N LYS E 480 5.97 -53.12 3.63
CA LYS E 480 5.71 -52.95 2.21
C LYS E 480 5.49 -51.48 1.84
N PHE E 481 4.80 -50.75 2.71
CA PHE E 481 4.51 -49.33 2.44
C PHE E 481 5.79 -48.51 2.36
N ILE E 482 6.76 -48.81 3.23
CA ILE E 482 8.04 -48.11 3.21
C ILE E 482 8.80 -48.42 1.94
N GLU E 483 8.85 -49.70 1.55
CA GLU E 483 9.60 -50.10 0.36
C GLU E 483 8.93 -49.58 -0.91
N GLU E 484 7.60 -49.52 -0.94
CA GLU E 484 6.90 -48.94 -2.09
C GLU E 484 7.13 -47.43 -2.16
N ASN E 485 7.34 -46.77 -1.03
CA ASN E 485 7.62 -45.35 -0.97
C ASN E 485 9.10 -45.06 -0.74
N HIS E 486 9.97 -46.01 -1.07
CA HIS E 486 11.39 -45.87 -0.75
C HIS E 486 12.03 -44.72 -1.49
N GLU E 487 11.66 -44.53 -2.77
CA GLU E 487 12.23 -43.42 -3.54
C GLU E 487 11.79 -42.07 -3.01
N ASN E 488 10.55 -41.98 -2.50
CA ASN E 488 10.10 -40.73 -1.89
C ASN E 488 10.82 -40.45 -0.59
N ILE E 489 11.10 -41.50 0.21
CA ILE E 489 11.79 -41.32 1.48
C ILE E 489 13.20 -40.79 1.26
N MET E 490 13.91 -41.38 0.29
CA MET E 490 15.25 -40.90 -0.04
C MET E 490 15.21 -39.49 -0.62
N ALA E 491 14.16 -39.17 -1.39
CA ALA E 491 14.01 -37.83 -1.94
C ALA E 491 13.81 -36.79 -0.84
N CYS E 492 12.96 -37.11 0.14
CA CYS E 492 12.77 -36.20 1.26
C CYS E 492 14.03 -36.08 2.10
N ALA E 493 14.76 -37.19 2.26
CA ALA E 493 16.02 -37.14 3.01
C ALA E 493 17.07 -36.33 2.27
N LYS E 494 17.11 -36.45 0.94
CA LYS E 494 18.14 -35.76 0.15
C LYS E 494 17.96 -34.24 0.19
N SER E 495 16.71 -33.77 0.07
CA SER E 495 16.43 -32.34 0.13
C SER E 495 15.02 -32.14 0.65
N PRO E 496 14.88 -31.95 1.97
CA PRO E 496 13.54 -31.85 2.56
C PRO E 496 12.74 -30.65 2.10
N LEU E 497 13.41 -29.57 1.67
CA LEU E 497 12.72 -28.39 1.19
C LEU E 497 12.18 -28.54 -0.22
N GLU E 498 12.63 -29.57 -0.95
CA GLU E 498 12.19 -29.78 -2.33
C GLU E 498 11.08 -30.81 -2.46
N ASN E 499 10.87 -31.63 -1.44
CA ASN E 499 9.81 -32.63 -1.45
C ASN E 499 8.94 -32.45 -0.21
N THR E 500 7.66 -32.13 -0.44
CA THR E 500 6.72 -31.88 0.65
C THR E 500 6.02 -33.14 1.13
N TRP E 501 6.53 -34.32 0.75
CA TRP E 501 5.86 -35.57 1.13
C TRP E 501 5.95 -35.83 2.63
N TRP E 502 7.06 -35.46 3.27
CA TRP E 502 7.19 -35.75 4.70
C TRP E 502 6.22 -34.92 5.54
N ALA E 503 5.88 -33.71 5.06
CA ALA E 503 4.92 -32.88 5.79
C ALA E 503 3.53 -33.50 5.76
N GLU E 504 3.14 -34.11 4.64
CA GLU E 504 1.78 -34.64 4.49
C GLU E 504 1.49 -35.82 5.42
N GLN E 505 2.51 -36.47 5.95
CA GLN E 505 2.29 -37.59 6.85
C GLN E 505 1.78 -37.09 8.21
N ASP E 506 1.19 -38.01 8.97
CA ASP E 506 0.47 -37.65 10.19
C ASP E 506 1.42 -37.10 11.25
N SER E 507 2.60 -37.70 11.40
CA SER E 507 3.62 -37.15 12.29
C SER E 507 4.78 -36.66 11.44
N PRO E 508 4.72 -35.42 10.93
CA PRO E 508 5.66 -35.01 9.89
C PRO E 508 7.12 -34.92 10.32
N PHE E 509 7.42 -34.21 11.40
CA PHE E 509 8.81 -34.00 11.78
C PHE E 509 9.46 -35.26 12.34
N CYS E 510 8.69 -36.12 13.00
CA CYS E 510 9.22 -37.42 13.38
C CYS E 510 9.43 -38.31 12.16
N PHE E 511 8.56 -38.20 11.16
CA PHE E 511 8.76 -38.95 9.91
C PHE E 511 10.02 -38.49 9.19
N LEU E 512 10.26 -37.17 9.17
CA LEU E 512 11.47 -36.65 8.53
C LEU E 512 12.72 -37.15 9.24
N ALA E 513 12.66 -37.28 10.56
CA ALA E 513 13.77 -37.87 11.30
C ALA E 513 14.00 -39.32 10.91
N PHE E 514 12.92 -40.04 10.62
CA PHE E 514 13.04 -41.43 10.17
C PHE E 514 13.65 -41.49 8.77
N CYS E 515 13.31 -40.52 7.90
CA CYS E 515 13.82 -40.53 6.53
C CYS E 515 15.33 -40.36 6.49
N PHE E 516 15.87 -39.49 7.35
CA PHE E 516 17.31 -39.28 7.39
C PHE E 516 18.05 -40.53 7.82
N GLU E 517 17.52 -41.25 8.82
CA GLU E 517 18.14 -42.48 9.28
C GLU E 517 18.01 -43.58 8.24
N TYR E 518 16.86 -43.66 7.57
CA TYR E 518 16.66 -44.68 6.54
C TYR E 518 17.64 -44.47 5.38
N ALA E 519 17.87 -43.21 5.01
CA ALA E 519 18.89 -42.92 4.00
C ALA E 519 20.28 -43.29 4.50
N GLY E 520 20.54 -43.12 5.79
CA GLY E 520 21.82 -43.52 6.35
C GLY E 520 22.06 -45.02 6.28
N VAL E 521 21.01 -45.81 6.50
CA VAL E 521 21.13 -47.26 6.36
C VAL E 521 21.35 -47.65 4.90
N GLN E 522 20.66 -46.96 3.99
CA GLN E 522 20.84 -47.26 2.57
C GLN E 522 22.26 -46.93 2.12
N HIS E 523 22.82 -45.82 2.59
CA HIS E 523 24.16 -45.43 2.19
C HIS E 523 25.23 -46.22 2.91
N HIS E 524 25.04 -46.53 4.19
CA HIS E 524 26.08 -47.13 5.01
C HIS E 524 25.76 -48.55 5.46
N GLY E 525 24.76 -49.20 4.87
CA GLY E 525 24.48 -50.58 5.17
C GLY E 525 23.81 -50.77 6.52
N LEU E 526 23.68 -52.05 6.90
CA LEU E 526 23.10 -52.41 8.19
C LEU E 526 24.04 -52.13 9.36
N SER E 527 25.32 -51.81 9.08
CA SER E 527 26.27 -51.50 10.13
C SER E 527 26.16 -50.07 10.64
N TYR E 528 25.41 -49.21 9.95
CA TYR E 528 25.28 -47.82 10.35
C TYR E 528 24.52 -47.72 11.66
N ASN E 529 25.12 -47.04 12.64
CA ASN E 529 24.52 -46.95 13.96
C ASN E 529 23.36 -45.95 13.94
N CYS E 530 22.24 -46.34 14.52
CA CYS E 530 21.04 -45.52 14.58
C CYS E 530 20.78 -45.13 16.02
N SER E 531 20.68 -43.84 16.28
CA SER E 531 20.39 -43.32 17.60
C SER E 531 18.96 -42.79 17.72
N LEU E 532 18.12 -43.05 16.73
CA LEU E 532 16.77 -42.52 16.73
C LEU E 532 15.90 -43.26 17.73
N PRO E 533 15.02 -42.56 18.46
CA PRO E 533 14.08 -43.23 19.37
C PRO E 533 12.96 -43.88 18.58
N LEU E 534 12.78 -45.19 18.79
CA LEU E 534 11.74 -45.96 18.11
C LEU E 534 10.63 -46.25 19.12
N ALA E 535 9.44 -45.73 18.84
CA ALA E 535 8.37 -45.65 19.81
C ALA E 535 7.27 -46.67 19.53
N PHE E 536 6.90 -47.44 20.55
CA PHE E 536 5.75 -48.33 20.51
C PHE E 536 4.72 -47.83 21.51
N ASP E 537 3.51 -47.59 21.04
CA ASP E 537 2.45 -46.98 21.85
C ASP E 537 1.25 -47.91 21.92
N GLY E 538 0.78 -48.18 23.14
CA GLY E 538 -0.41 -48.99 23.30
C GLY E 538 -1.65 -48.30 22.78
N SER E 539 -2.60 -49.11 22.31
CA SER E 539 -3.79 -48.56 21.65
C SER E 539 -4.68 -47.81 22.64
N CYS E 540 -5.00 -48.43 23.77
CA CYS E 540 -5.80 -47.79 24.81
C CYS E 540 -5.35 -48.38 26.14
N SER E 541 -4.48 -47.64 26.85
CA SER E 541 -3.81 -48.18 28.02
C SER E 541 -4.80 -48.51 29.15
N GLY E 542 -5.76 -47.61 29.39
CA GLY E 542 -6.70 -47.83 30.47
C GLY E 542 -7.54 -49.08 30.27
N ILE E 543 -8.05 -49.26 29.05
CA ILE E 543 -8.83 -50.46 28.74
C ILE E 543 -7.93 -51.69 28.73
N GLN E 544 -6.69 -51.55 28.24
CA GLN E 544 -5.73 -52.65 28.29
C GLN E 544 -5.49 -53.12 29.72
N HIS E 545 -5.27 -52.16 30.63
CA HIS E 545 -5.00 -52.51 32.01
C HIS E 545 -6.24 -53.09 32.68
N PHE E 546 -7.40 -52.47 32.46
CA PHE E 546 -8.64 -52.96 33.07
C PHE E 546 -8.99 -54.36 32.59
N SER E 547 -8.81 -54.63 31.30
CA SER E 547 -9.06 -55.97 30.78
C SER E 547 -8.06 -56.99 31.31
N ALA E 548 -6.87 -56.53 31.71
CA ALA E 548 -5.86 -57.44 32.23
C ALA E 548 -6.17 -57.89 33.66
N MET E 549 -6.71 -57.00 34.49
CA MET E 549 -7.06 -57.36 35.85
C MET E 549 -8.19 -58.39 35.88
N LEU E 550 -9.25 -58.13 35.10
CA LEU E 550 -10.45 -58.95 35.13
C LEU E 550 -10.47 -60.00 34.01
N ARG E 551 -9.37 -60.13 33.27
CA ARG E 551 -9.18 -61.18 32.26
C ARG E 551 -10.27 -61.17 31.19
N ASP E 552 -10.63 -59.99 30.72
CA ASP E 552 -11.69 -59.85 29.73
C ASP E 552 -11.11 -60.11 28.34
N GLU E 553 -11.42 -61.27 27.77
CA GLU E 553 -10.93 -61.61 26.43
C GLU E 553 -11.51 -60.69 25.37
N VAL E 554 -12.82 -60.43 25.43
CA VAL E 554 -13.47 -59.58 24.43
C VAL E 554 -12.90 -58.17 24.48
N GLY E 555 -12.69 -57.65 25.69
CA GLY E 555 -12.00 -56.38 25.82
C GLY E 555 -10.55 -56.47 25.39
N GLY E 556 -9.86 -57.53 25.80
CA GLY E 556 -8.45 -57.67 25.46
C GLY E 556 -8.21 -57.83 23.97
N ARG E 557 -9.12 -58.54 23.29
CA ARG E 557 -9.03 -58.63 21.83
C ARG E 557 -9.23 -57.25 21.19
N ALA E 558 -10.14 -56.44 21.74
CA ALA E 558 -10.43 -55.13 21.17
C ALA E 558 -9.28 -54.16 21.32
N VAL E 559 -8.38 -54.36 22.28
CA VAL E 559 -7.20 -53.52 22.43
C VAL E 559 -5.93 -54.29 22.07
N ASN E 560 -6.08 -55.39 21.34
CA ASN E 560 -4.96 -56.15 20.76
C ASN E 560 -4.05 -56.75 21.83
N LEU E 561 -4.58 -56.99 23.04
CA LEU E 561 -3.83 -57.71 24.04
C LEU E 561 -3.63 -59.17 23.64
N LEU E 562 -4.62 -59.75 23.01
CA LEU E 562 -4.57 -61.13 22.56
C LEU E 562 -3.92 -61.21 21.18
N PRO E 563 -3.17 -62.27 20.88
CA PRO E 563 -2.47 -62.33 19.58
C PRO E 563 -3.45 -62.49 18.43
N SER E 564 -3.35 -61.57 17.47
CA SER E 564 -4.27 -61.52 16.35
C SER E 564 -3.51 -61.38 15.04
N GLU E 565 -4.14 -61.85 13.96
CA GLU E 565 -3.55 -61.70 12.64
C GLU E 565 -3.65 -60.26 12.14
N THR E 566 -4.66 -59.52 12.59
CA THR E 566 -4.90 -58.16 12.15
C THR E 566 -5.00 -57.24 13.35
N VAL E 567 -4.68 -55.96 13.12
CA VAL E 567 -4.81 -54.97 14.19
C VAL E 567 -6.29 -54.69 14.42
N GLN E 568 -6.72 -54.84 15.67
CA GLN E 568 -8.12 -54.67 16.02
C GLN E 568 -8.39 -53.24 16.47
N ASP E 569 -9.37 -52.61 15.84
CA ASP E 569 -9.73 -51.21 16.11
C ASP E 569 -10.98 -51.20 16.97
N ILE E 570 -10.82 -50.81 18.24
CA ILE E 570 -11.95 -50.79 19.17
C ILE E 570 -13.02 -49.80 18.71
N TYR E 571 -12.61 -48.70 18.08
CA TYR E 571 -13.58 -47.75 17.55
C TYR E 571 -14.42 -48.38 16.44
N GLY E 572 -13.79 -49.19 15.59
CA GLY E 572 -14.54 -49.90 14.57
C GLY E 572 -15.45 -50.97 15.14
N ILE E 573 -14.98 -51.69 16.17
CA ILE E 573 -15.79 -52.75 16.77
C ILE E 573 -17.07 -52.19 17.37
N VAL E 574 -16.96 -51.05 18.07
CA VAL E 574 -18.14 -50.36 18.57
C VAL E 574 -18.99 -49.86 17.40
N ALA E 575 -18.34 -49.33 16.36
CA ALA E 575 -19.07 -48.83 15.20
C ALA E 575 -19.84 -49.94 14.49
N LYS E 576 -19.24 -51.13 14.39
CA LYS E 576 -20.00 -52.28 13.91
C LYS E 576 -21.12 -52.64 14.87
N LYS E 577 -20.87 -52.52 16.18
CA LYS E 577 -21.87 -52.90 17.16
C LYS E 577 -23.05 -51.92 17.18
N VAL E 578 -22.79 -50.63 16.99
CA VAL E 578 -23.91 -49.69 16.92
C VAL E 578 -24.69 -49.90 15.63
N ASN E 579 -24.03 -50.37 14.56
CA ASN E 579 -24.73 -50.63 13.31
C ASN E 579 -25.75 -51.75 13.47
N GLU E 580 -25.41 -52.77 14.27
CA GLU E 580 -26.33 -53.89 14.50
C GLU E 580 -27.59 -53.41 15.22
N ILE E 581 -27.44 -52.51 16.20
CA ILE E 581 -28.60 -51.94 16.87
C ILE E 581 -29.39 -51.06 15.91
N LEU E 582 -28.69 -50.27 15.10
CA LEU E 582 -29.35 -49.32 14.21
C LEU E 582 -30.19 -50.02 13.16
N GLN E 583 -29.69 -51.12 12.60
CA GLN E 583 -30.50 -51.91 11.67
C GLN E 583 -31.72 -52.48 12.36
N ALA E 584 -31.56 -52.98 13.59
CA ALA E 584 -32.67 -53.57 14.32
C ALA E 584 -33.75 -52.53 14.63
N ASP E 585 -33.34 -51.33 15.00
CA ASP E 585 -34.30 -50.27 15.28
C ASP E 585 -35.00 -49.81 14.00
N ALA E 586 -34.27 -49.79 12.88
CA ALA E 586 -34.88 -49.41 11.62
C ALA E 586 -35.91 -50.43 11.16
N ILE E 587 -35.70 -51.71 11.45
CA ILE E 587 -36.69 -52.74 11.13
C ILE E 587 -37.84 -52.68 12.13
N ASN E 588 -37.52 -52.85 13.42
CA ASN E 588 -38.51 -52.79 14.49
C ASN E 588 -38.08 -51.71 15.46
N GLY E 589 -38.84 -50.60 15.49
CA GLY E 589 -38.51 -49.50 16.37
C GLY E 589 -39.76 -48.79 16.84
N THR E 590 -39.58 -47.94 17.85
CA THR E 590 -40.67 -47.13 18.35
C THR E 590 -41.10 -46.11 17.31
N ASP E 591 -42.41 -45.95 17.16
CA ASP E 591 -42.95 -44.99 16.21
C ASP E 591 -42.82 -43.57 16.75
N ASN E 592 -42.75 -42.62 15.83
CA ASN E 592 -42.72 -41.21 16.22
C ASN E 592 -44.05 -40.81 16.84
N GLU E 593 -43.99 -40.10 17.96
CA GLU E 593 -45.16 -39.65 18.69
C GLU E 593 -45.17 -38.13 18.72
N VAL E 594 -46.37 -37.55 18.78
CA VAL E 594 -46.55 -36.11 18.85
C VAL E 594 -46.99 -35.75 20.27
N VAL E 595 -46.28 -34.82 20.88
CA VAL E 595 -46.61 -34.28 22.19
C VAL E 595 -46.83 -32.78 22.06
N THR E 596 -47.80 -32.27 22.79
CA THR E 596 -48.12 -30.85 22.78
C THR E 596 -47.23 -30.13 23.78
N VAL E 597 -46.62 -29.03 23.33
CA VAL E 597 -45.69 -28.27 24.14
C VAL E 597 -46.21 -26.84 24.26
N THR E 598 -46.39 -26.37 25.50
CA THR E 598 -46.69 -24.98 25.77
C THR E 598 -45.41 -24.28 26.22
N ASP E 599 -45.14 -23.13 25.61
CA ASP E 599 -43.95 -22.36 25.99
C ASP E 599 -44.08 -21.86 27.42
N GLU E 600 -42.94 -21.70 28.09
CA GLU E 600 -42.95 -21.07 29.40
C GLU E 600 -43.17 -19.58 29.29
N ASN E 601 -42.59 -18.95 28.27
CA ASN E 601 -42.94 -17.57 27.93
C ASN E 601 -44.33 -17.47 27.31
N THR E 602 -44.88 -18.60 26.85
CA THR E 602 -46.20 -18.68 26.23
C THR E 602 -46.32 -17.73 25.03
N GLY E 603 -45.28 -17.70 24.21
CA GLY E 603 -45.41 -17.05 22.90
C GLY E 603 -46.42 -17.76 22.04
N GLU E 604 -46.43 -19.10 22.08
CA GLU E 604 -47.41 -19.91 21.39
C GLU E 604 -47.42 -21.30 22.00
N ILE E 605 -48.50 -22.03 21.74
CA ILE E 605 -48.56 -23.47 21.99
C ILE E 605 -48.34 -24.19 20.66
N SER E 606 -47.42 -25.15 20.64
CA SER E 606 -47.01 -25.77 19.39
C SER E 606 -46.90 -27.28 19.58
N GLU E 607 -47.04 -27.99 18.46
CA GLU E 607 -46.91 -29.44 18.45
C GLU E 607 -45.46 -29.81 18.16
N LYS E 608 -44.89 -30.65 19.01
CA LYS E 608 -43.52 -31.11 18.88
C LYS E 608 -43.52 -32.61 18.65
N VAL E 609 -42.79 -33.05 17.64
CA VAL E 609 -42.68 -34.47 17.33
C VAL E 609 -41.45 -35.05 18.02
N LYS E 610 -41.68 -36.02 18.91
CA LYS E 610 -40.58 -36.77 19.48
C LYS E 610 -40.23 -37.93 18.55
N LEU E 611 -38.96 -38.01 18.17
CA LEU E 611 -38.55 -38.95 17.15
C LEU E 611 -38.45 -40.35 17.74
N GLY E 612 -39.10 -41.31 17.09
CA GLY E 612 -39.00 -42.69 17.51
C GLY E 612 -37.64 -43.27 17.17
N THR E 613 -37.37 -44.44 17.76
CA THR E 613 -36.10 -45.11 17.53
C THR E 613 -35.95 -45.56 16.08
N LYS E 614 -37.07 -45.90 15.43
CA LYS E 614 -37.01 -46.29 14.02
C LYS E 614 -36.60 -45.12 13.14
N ALA E 615 -37.20 -43.95 13.35
CA ALA E 615 -36.85 -42.78 12.55
C ALA E 615 -35.43 -42.30 12.86
N LEU E 616 -35.04 -42.34 14.14
CA LEU E 616 -33.69 -41.90 14.51
C LEU E 616 -32.63 -42.80 13.92
N ALA E 617 -32.90 -44.11 13.86
CA ALA E 617 -31.95 -45.03 13.25
C ALA E 617 -31.83 -44.79 11.75
N GLY E 618 -32.94 -44.42 11.09
CA GLY E 618 -32.90 -44.17 9.66
C GLY E 618 -32.01 -43.01 9.28
N GLN E 619 -32.04 -41.94 10.08
CA GLN E 619 -31.16 -40.80 9.83
C GLN E 619 -29.69 -41.17 10.00
N TRP E 620 -29.38 -41.95 11.05
CA TRP E 620 -27.99 -42.33 11.28
C TRP E 620 -27.47 -43.25 10.19
N LEU E 621 -28.34 -44.10 9.62
CA LEU E 621 -27.96 -44.90 8.47
C LEU E 621 -27.71 -44.03 7.24
N ALA E 622 -28.56 -43.02 7.03
CA ALA E 622 -28.37 -42.12 5.89
C ALA E 622 -27.06 -41.35 5.99
N TYR E 623 -26.74 -40.87 7.20
CA TYR E 623 -25.41 -40.31 7.43
C TYR E 623 -24.34 -41.37 7.33
N GLY E 624 -24.58 -42.54 7.91
CA GLY E 624 -23.60 -43.61 7.94
C GLY E 624 -22.64 -43.42 9.09
N VAL E 625 -22.54 -44.41 9.97
CA VAL E 625 -21.71 -44.28 11.15
C VAL E 625 -20.37 -44.96 10.88
N THR E 626 -19.34 -44.46 11.54
CA THR E 626 -17.96 -44.84 11.27
C THR E 626 -17.25 -44.91 12.62
N ARG E 627 -15.98 -45.35 12.60
CA ARG E 627 -15.16 -45.28 13.81
C ARG E 627 -15.01 -43.84 14.30
N SER E 628 -15.02 -42.87 13.38
CA SER E 628 -14.90 -41.47 13.76
C SER E 628 -16.08 -40.98 14.58
N VAL E 629 -17.26 -41.58 14.39
CA VAL E 629 -18.41 -41.25 15.20
C VAL E 629 -18.21 -41.71 16.65
N THR E 630 -17.55 -42.85 16.83
CA THR E 630 -17.42 -43.47 18.14
C THR E 630 -16.03 -43.30 18.75
N LYS E 631 -15.09 -42.65 18.04
CA LYS E 631 -13.69 -42.69 18.48
C LYS E 631 -13.49 -41.92 19.78
N ARG E 632 -14.01 -40.70 19.87
CA ARG E 632 -13.79 -39.88 21.06
C ARG E 632 -14.45 -40.49 22.29
N SER E 633 -15.62 -41.11 22.11
CA SER E 633 -16.34 -41.69 23.23
C SER E 633 -15.56 -42.83 23.88
N VAL E 634 -14.91 -43.67 23.05
CA VAL E 634 -14.13 -44.77 23.60
C VAL E 634 -12.87 -44.25 24.29
N MET E 635 -12.22 -43.24 23.71
CA MET E 635 -11.02 -42.68 24.34
C MET E 635 -11.34 -42.05 25.68
N THR E 636 -12.46 -41.33 25.78
CA THR E 636 -12.81 -40.63 27.01
C THR E 636 -13.39 -41.54 28.07
N LEU E 637 -13.62 -42.82 27.75
CA LEU E 637 -14.21 -43.75 28.71
C LEU E 637 -13.29 -43.95 29.92
N ALA E 638 -11.99 -44.09 29.69
CA ALA E 638 -11.05 -44.23 30.79
C ALA E 638 -10.90 -42.96 31.60
N TYR E 639 -11.34 -41.82 31.07
CA TYR E 639 -11.31 -40.56 31.78
C TYR E 639 -12.55 -40.34 32.64
N GLY E 640 -13.54 -41.24 32.56
CA GLY E 640 -14.76 -41.13 33.32
C GLY E 640 -15.99 -40.76 32.52
N SER E 641 -15.88 -40.61 31.20
CA SER E 641 -17.03 -40.25 30.39
C SER E 641 -18.00 -41.42 30.27
N LYS E 642 -19.28 -41.12 30.36
CA LYS E 642 -20.37 -42.10 30.34
C LYS E 642 -21.36 -41.71 29.23
N GLU E 643 -22.53 -42.34 29.26
CA GLU E 643 -23.51 -42.16 28.18
C GLU E 643 -23.95 -40.70 28.05
N PHE E 644 -24.19 -40.02 29.18
CA PHE E 644 -24.56 -38.61 29.11
C PHE E 644 -23.43 -37.78 28.51
N GLY E 645 -22.19 -38.06 28.90
CA GLY E 645 -21.07 -37.32 28.35
C GLY E 645 -20.88 -37.56 26.86
N PHE E 646 -21.25 -38.74 26.37
CA PHE E 646 -21.12 -39.04 24.95
C PHE E 646 -22.04 -38.18 24.10
N ARG E 647 -23.23 -37.83 24.63
CA ARG E 647 -24.20 -37.06 23.86
C ARG E 647 -23.64 -35.70 23.47
N GLN E 648 -22.88 -35.07 24.36
CA GLN E 648 -22.29 -33.77 24.06
C GLN E 648 -21.26 -33.89 22.95
N GLN E 649 -20.41 -34.92 23.00
CA GLN E 649 -19.37 -35.09 21.99
C GLN E 649 -19.95 -35.42 20.61
N VAL E 650 -20.98 -36.26 20.56
CA VAL E 650 -21.55 -36.71 19.28
C VAL E 650 -22.07 -35.52 18.49
N LEU E 651 -22.62 -34.52 19.19
CA LEU E 651 -23.14 -33.34 18.49
C LEU E 651 -21.99 -32.50 17.93
N GLU E 652 -20.95 -32.24 18.73
CA GLU E 652 -19.85 -31.41 18.24
C GLU E 652 -18.98 -32.13 17.23
N ASP E 653 -18.78 -33.44 17.38
CA ASP E 653 -17.86 -34.13 16.50
C ASP E 653 -18.51 -34.50 15.17
N THR E 654 -19.78 -34.89 15.20
CA THR E 654 -20.42 -35.52 14.04
C THR E 654 -21.58 -34.71 13.50
N ILE E 655 -22.53 -34.32 14.34
CA ILE E 655 -23.78 -33.73 13.85
C ILE E 655 -23.57 -32.27 13.43
N GLN E 656 -22.97 -31.46 14.31
CA GLN E 656 -22.78 -30.05 13.99
C GLN E 656 -21.87 -29.79 12.79
N PRO E 657 -20.69 -30.42 12.65
CA PRO E 657 -19.89 -30.17 11.43
C PRO E 657 -20.60 -30.62 10.15
N ALA E 658 -21.43 -31.67 10.23
CA ALA E 658 -22.24 -32.06 9.09
C ALA E 658 -23.23 -30.95 8.73
N ILE E 659 -23.85 -30.35 9.74
CA ILE E 659 -24.81 -29.26 9.52
C ILE E 659 -24.14 -28.09 8.82
N ASP E 660 -22.93 -27.74 9.25
CA ASP E 660 -22.20 -26.66 8.61
C ASP E 660 -21.79 -27.01 7.18
N SER E 661 -21.60 -28.30 6.89
CA SER E 661 -21.17 -28.74 5.57
C SER E 661 -22.33 -28.95 4.59
N GLY E 662 -23.57 -28.81 5.04
CA GLY E 662 -24.72 -29.13 4.24
C GLY E 662 -25.27 -30.53 4.49
N LYS E 663 -24.47 -31.40 5.10
CA LYS E 663 -24.94 -32.69 5.56
C LYS E 663 -25.81 -32.49 6.80
N GLY E 664 -26.27 -33.57 7.40
CA GLY E 664 -27.18 -33.43 8.52
C GLY E 664 -28.59 -33.09 8.12
N LEU E 665 -28.93 -33.18 6.83
CA LEU E 665 -30.33 -33.09 6.41
C LEU E 665 -31.16 -34.19 7.05
N MET E 666 -30.54 -35.34 7.32
CA MET E 666 -31.22 -36.40 8.05
C MET E 666 -31.46 -36.01 9.51
N PHE E 667 -30.52 -35.29 10.12
CA PHE E 667 -30.66 -34.84 11.51
C PHE E 667 -31.62 -33.65 11.52
N THR E 668 -32.93 -33.97 11.54
CA THR E 668 -33.94 -32.94 11.66
C THR E 668 -33.85 -32.25 13.02
N GLN E 669 -33.69 -33.03 14.09
CA GLN E 669 -33.45 -32.50 15.42
C GLN E 669 -32.09 -33.01 15.89
N PRO E 670 -31.10 -32.14 16.11
CA PRO E 670 -29.75 -32.64 16.41
C PRO E 670 -29.63 -33.32 17.76
N ASN E 671 -30.27 -32.79 18.80
CA ASN E 671 -30.09 -33.36 20.14
C ASN E 671 -30.76 -34.73 20.29
N GLN E 672 -31.88 -34.95 19.60
CA GLN E 672 -32.52 -36.26 19.63
C GLN E 672 -31.62 -37.32 18.98
N ALA E 673 -30.96 -36.95 17.88
CA ALA E 673 -29.99 -37.86 17.27
C ALA E 673 -28.77 -38.05 18.16
N ALA E 674 -28.36 -36.99 18.89
CA ALA E 674 -27.21 -37.10 19.79
C ALA E 674 -27.52 -38.00 20.98
N GLY E 675 -28.73 -37.87 21.55
CA GLY E 675 -29.09 -38.70 22.67
C GLY E 675 -29.25 -40.17 22.28
N TYR E 676 -29.83 -40.43 21.12
CA TYR E 676 -29.99 -41.79 20.64
C TYR E 676 -28.64 -42.44 20.37
N MET E 677 -27.71 -41.69 19.79
CA MET E 677 -26.37 -42.23 19.50
C MET E 677 -25.59 -42.47 20.78
N ALA E 678 -25.77 -41.63 21.80
CA ALA E 678 -25.06 -41.80 23.06
C ALA E 678 -25.45 -43.10 23.75
N LYS E 679 -26.75 -43.45 23.71
CA LYS E 679 -27.19 -44.72 24.28
C LYS E 679 -26.60 -45.89 23.49
N LEU E 680 -26.57 -45.78 22.17
CA LEU E 680 -26.09 -46.89 21.35
C LEU E 680 -24.59 -47.10 21.52
N ILE E 681 -23.84 -46.02 21.70
CA ILE E 681 -22.40 -46.14 21.93
C ILE E 681 -22.13 -46.80 23.27
N TRP E 682 -22.86 -46.41 24.32
CA TRP E 682 -22.60 -46.96 25.64
C TRP E 682 -23.02 -48.41 25.75
N GLU E 683 -24.15 -48.79 25.13
CA GLU E 683 -24.54 -50.19 25.11
C GLU E 683 -23.50 -51.03 24.38
N SER E 684 -22.99 -50.52 23.26
CA SER E 684 -21.95 -51.24 22.52
C SER E 684 -20.65 -51.31 23.31
N VAL E 685 -20.27 -50.21 23.96
CA VAL E 685 -19.02 -50.19 24.73
C VAL E 685 -19.11 -51.15 25.91
N SER E 686 -20.25 -51.14 26.62
CA SER E 686 -20.39 -51.99 27.80
C SER E 686 -20.37 -53.47 27.44
N VAL E 687 -20.74 -53.84 26.22
CA VAL E 687 -20.66 -55.22 25.79
C VAL E 687 -19.24 -55.57 25.34
N THR E 688 -18.60 -54.68 24.57
CA THR E 688 -17.28 -55.00 24.03
C THR E 688 -16.21 -55.03 25.11
N VAL E 689 -16.20 -54.03 26.00
CA VAL E 689 -15.23 -53.98 27.08
C VAL E 689 -16.01 -54.02 28.39
N VAL E 690 -16.24 -55.23 28.90
CA VAL E 690 -17.02 -55.40 30.11
C VAL E 690 -16.19 -55.06 31.34
N ALA E 691 -14.91 -55.44 31.34
CA ALA E 691 -14.06 -55.22 32.51
C ALA E 691 -13.84 -53.74 32.78
N ALA E 692 -13.72 -52.94 31.72
CA ALA E 692 -13.51 -51.50 31.89
C ALA E 692 -14.70 -50.84 32.56
N VAL E 693 -15.92 -51.19 32.14
CA VAL E 693 -17.10 -50.56 32.72
C VAL E 693 -17.45 -51.16 34.09
N GLU E 694 -16.96 -52.36 34.42
CA GLU E 694 -17.22 -52.94 35.72
C GLU E 694 -16.21 -52.49 36.77
N ALA E 695 -14.93 -52.41 36.41
CA ALA E 695 -13.92 -51.91 37.33
C ALA E 695 -14.14 -50.43 37.66
N MET E 696 -14.50 -49.63 36.66
CA MET E 696 -14.70 -48.21 36.89
C MET E 696 -15.93 -47.94 37.75
N ASN E 697 -16.98 -48.74 37.59
CA ASN E 697 -18.13 -48.62 38.48
C ASN E 697 -17.80 -49.10 39.89
N TRP E 698 -16.99 -50.16 40.01
CA TRP E 698 -16.59 -50.63 41.33
C TRP E 698 -15.66 -49.63 42.01
N LEU E 699 -14.73 -49.04 41.25
CA LEU E 699 -13.84 -48.03 41.81
C LEU E 699 -14.62 -46.79 42.22
N LYS E 700 -15.61 -46.40 41.42
CA LYS E 700 -16.42 -45.22 41.74
C LYS E 700 -17.23 -45.43 43.01
N SER E 701 -17.72 -46.65 43.23
CA SER E 701 -18.49 -46.94 44.44
C SER E 701 -17.63 -46.87 45.69
N ALA E 702 -16.35 -47.28 45.58
CA ALA E 702 -15.45 -47.26 46.73
C ALA E 702 -15.20 -45.84 47.21
N ALA E 703 -14.98 -44.91 46.28
CA ALA E 703 -14.69 -43.53 46.69
C ALA E 703 -15.93 -42.85 47.26
N LYS E 704 -17.12 -43.21 46.79
CA LYS E 704 -18.34 -42.58 47.29
C LYS E 704 -18.58 -42.92 48.76
N LEU E 705 -18.39 -44.19 49.14
CA LEU E 705 -18.59 -44.59 50.53
C LEU E 705 -17.54 -43.97 51.44
N LEU E 706 -16.29 -43.90 50.97
CA LEU E 706 -15.22 -43.35 51.81
C LEU E 706 -15.33 -41.85 51.97
N ALA E 707 -15.86 -41.15 50.96
CA ALA E 707 -16.00 -39.70 51.03
C ALA E 707 -17.27 -39.24 51.71
N ALA E 708 -18.21 -40.15 51.99
CA ALA E 708 -19.45 -39.78 52.64
C ALA E 708 -19.24 -39.65 54.14
N GLU E 709 -19.88 -38.65 54.74
CA GLU E 709 -19.88 -38.48 56.19
C GLU E 709 -21.06 -39.27 56.77
N VAL E 710 -20.76 -40.29 57.57
CA VAL E 710 -21.77 -41.17 58.12
C VAL E 710 -22.30 -40.53 59.41
N LYS E 711 -23.54 -40.04 59.36
CA LYS E 711 -24.22 -39.48 60.51
C LYS E 711 -25.51 -40.26 60.74
N ASP E 712 -25.74 -40.65 62.00
CA ASP E 712 -27.05 -41.18 62.35
C ASP E 712 -28.07 -40.05 62.29
N LYS E 713 -29.26 -40.36 61.75
CA LYS E 713 -30.22 -39.31 61.43
C LYS E 713 -30.75 -38.62 62.68
N LYS E 714 -31.02 -39.38 63.75
CA LYS E 714 -31.51 -38.77 64.97
C LYS E 714 -30.39 -38.06 65.74
N THR E 715 -29.19 -38.64 65.76
CA THR E 715 -28.11 -38.08 66.57
C THR E 715 -27.56 -36.80 65.96
N GLY E 716 -27.40 -36.77 64.64
CA GLY E 716 -26.90 -35.58 63.98
C GLY E 716 -25.42 -35.33 64.15
N GLU E 717 -24.65 -36.35 64.52
CA GLU E 717 -23.20 -36.23 64.67
C GLU E 717 -22.52 -37.20 63.72
N ILE E 718 -21.29 -36.88 63.36
CA ILE E 718 -20.52 -37.62 62.36
C ILE E 718 -19.97 -38.87 63.05
N LEU E 719 -20.58 -40.03 62.79
CA LEU E 719 -20.04 -41.28 63.32
C LEU E 719 -18.76 -41.66 62.59
N ARG E 720 -18.76 -41.55 61.26
CA ARG E 720 -17.56 -41.77 60.44
C ARG E 720 -17.31 -40.53 59.60
N LYS E 721 -16.14 -39.93 59.76
CA LYS E 721 -15.76 -38.80 58.94
C LYS E 721 -15.47 -39.26 57.52
N ARG E 722 -15.48 -38.30 56.59
CA ARG E 722 -15.04 -38.57 55.24
C ARG E 722 -13.57 -38.98 55.22
N CYS E 723 -13.27 -40.03 54.47
CA CYS E 723 -11.94 -40.62 54.44
C CYS E 723 -11.40 -40.64 53.02
N ALA E 724 -10.12 -40.34 52.88
CA ALA E 724 -9.47 -40.42 51.57
C ALA E 724 -9.26 -41.89 51.18
N VAL E 725 -9.01 -42.09 49.89
CA VAL E 725 -8.77 -43.42 49.34
C VAL E 725 -7.30 -43.53 48.96
N HIS E 726 -6.65 -44.60 49.42
CA HIS E 726 -5.22 -44.80 49.22
C HIS E 726 -4.95 -46.22 48.75
N TRP E 727 -4.03 -46.36 47.80
CA TRP E 727 -3.60 -47.66 47.31
C TRP E 727 -2.11 -47.62 47.05
N VAL E 728 -1.53 -48.78 46.80
CA VAL E 728 -0.11 -48.92 46.48
C VAL E 728 0.03 -49.59 45.12
N THR E 729 0.92 -49.04 44.29
CA THR E 729 1.20 -49.63 43.00
C THR E 729 2.07 -50.88 43.18
N PRO E 730 2.04 -51.80 42.21
CA PRO E 730 2.84 -53.03 42.36
C PRO E 730 4.35 -52.82 42.43
N ASP E 731 4.86 -51.69 41.93
CA ASP E 731 6.30 -51.43 42.05
C ASP E 731 6.66 -50.71 43.35
N GLY E 732 5.67 -50.38 44.18
CA GLY E 732 5.92 -49.84 45.50
C GLY E 732 5.50 -48.40 45.69
N PHE E 733 5.12 -47.69 44.64
CA PHE E 733 4.76 -46.28 44.76
C PHE E 733 3.39 -46.14 45.43
N PRO E 734 3.28 -45.43 46.55
CA PRO E 734 1.97 -45.18 47.15
C PRO E 734 1.31 -43.93 46.58
N VAL E 735 0.01 -43.82 46.80
CA VAL E 735 -0.77 -42.73 46.23
C VAL E 735 -2.00 -42.48 47.11
N TRP E 736 -2.24 -41.22 47.43
CA TRP E 736 -3.38 -40.80 48.23
C TRP E 736 -4.23 -39.84 47.42
N GLN E 737 -5.52 -40.16 47.30
CA GLN E 737 -6.48 -39.30 46.61
C GLN E 737 -7.27 -38.52 47.65
N GLU E 738 -6.91 -37.25 47.83
CA GLU E 738 -7.61 -36.34 48.74
C GLU E 738 -7.93 -35.04 48.00
N TYR E 739 -9.02 -35.05 47.24
CA TYR E 739 -9.53 -33.83 46.64
C TYR E 739 -10.23 -33.01 47.71
N LYS E 740 -9.93 -31.71 47.77
CA LYS E 740 -10.49 -30.84 48.80
C LYS E 740 -11.27 -29.70 48.15
N LYS E 741 -12.33 -29.26 48.84
CA LYS E 741 -13.13 -28.15 48.38
C LYS E 741 -13.07 -27.01 49.39
N PRO E 742 -12.84 -25.78 48.96
CA PRO E 742 -13.01 -24.63 49.86
C PRO E 742 -14.46 -24.45 50.26
N ILE E 743 -14.68 -23.95 51.46
CA ILE E 743 -16.03 -23.80 51.98
C ILE E 743 -16.77 -22.67 51.26
N GLN E 744 -16.13 -21.52 51.10
CA GLN E 744 -16.80 -20.35 50.55
C GLN E 744 -15.92 -19.68 49.50
N THR E 745 -16.56 -19.19 48.44
CA THR E 745 -15.89 -18.44 47.38
C THR E 745 -16.85 -17.38 46.88
N ARG E 746 -16.33 -16.19 46.57
CA ARG E 746 -17.12 -15.11 46.00
C ARG E 746 -16.85 -15.01 44.51
N LEU E 747 -17.91 -14.79 43.73
CA LEU E 747 -17.81 -14.65 42.29
C LEU E 747 -18.63 -13.47 41.82
N ASN E 748 -18.07 -12.69 40.91
CA ASN E 748 -18.76 -11.62 40.23
C ASN E 748 -18.64 -11.82 38.73
N LEU E 749 -19.66 -11.38 38.00
CA LEU E 749 -19.57 -11.40 36.54
C LEU E 749 -18.74 -10.23 36.02
N MET E 750 -18.67 -9.16 36.80
CA MET E 750 -17.91 -7.98 36.40
C MET E 750 -16.41 -8.19 36.55
N PHE E 751 -15.99 -8.81 37.66
CA PHE E 751 -14.58 -8.94 38.00
C PHE E 751 -14.27 -10.39 38.37
N LEU E 752 -12.98 -10.67 38.49
CA LEU E 752 -12.53 -12.03 38.75
C LEU E 752 -12.93 -12.50 40.14
N GLY E 753 -13.32 -13.77 40.24
CA GLY E 753 -13.60 -14.35 41.55
C GLY E 753 -12.35 -14.41 42.41
N GLN E 754 -12.54 -14.21 43.71
CA GLN E 754 -11.44 -14.02 44.63
C GLN E 754 -11.59 -14.94 45.83
N PHE E 755 -10.48 -15.52 46.28
CA PHE E 755 -10.47 -16.51 47.35
C PHE E 755 -10.31 -15.83 48.70
N ARG E 756 -11.00 -16.36 49.72
CA ARG E 756 -10.92 -15.82 51.06
C ARG E 756 -9.60 -16.18 51.73
N ASP E 766 -11.84 -23.79 56.48
CA ASP E 766 -10.68 -24.62 56.20
C ASP E 766 -10.93 -25.44 54.94
N SER E 767 -10.68 -26.74 55.00
CA SER E 767 -10.78 -27.62 53.84
C SER E 767 -11.55 -28.88 54.19
N GLU E 768 -12.45 -29.27 53.30
CA GLU E 768 -13.24 -30.49 53.42
C GLU E 768 -13.10 -31.24 52.11
N ILE E 769 -13.17 -32.57 52.15
CA ILE E 769 -12.88 -33.34 50.96
C ILE E 769 -14.10 -33.30 50.03
N ASP E 770 -13.83 -33.26 48.73
CA ASP E 770 -14.87 -33.11 47.72
C ASP E 770 -15.31 -34.51 47.29
N ALA E 771 -16.54 -34.88 47.66
CA ALA E 771 -17.03 -36.23 47.39
C ALA E 771 -17.17 -36.50 45.90
N HIS E 772 -17.66 -35.52 45.14
CA HIS E 772 -17.82 -35.71 43.70
C HIS E 772 -16.48 -35.86 43.00
N LYS E 773 -15.49 -35.06 43.40
CA LYS E 773 -14.16 -35.17 42.81
C LYS E 773 -13.50 -36.49 43.17
N GLN E 774 -13.74 -36.99 44.39
CA GLN E 774 -13.24 -38.31 44.76
C GLN E 774 -13.90 -39.39 43.92
N GLU E 775 -15.21 -39.27 43.68
CA GLU E 775 -15.91 -40.25 42.86
C GLU E 775 -15.47 -40.18 41.40
N SER E 776 -15.35 -38.96 40.86
CA SER E 776 -15.04 -38.82 39.44
C SER E 776 -13.62 -39.25 39.11
N GLY E 777 -12.69 -39.06 40.04
CA GLY E 777 -11.29 -39.28 39.74
C GLY E 777 -10.73 -40.66 40.05
N ILE E 778 -11.42 -41.46 40.86
CA ILE E 778 -10.81 -42.66 41.42
C ILE E 778 -10.46 -43.66 40.31
N ALA E 779 -11.40 -43.90 39.38
CA ALA E 779 -11.12 -44.84 38.29
C ALA E 779 -10.02 -44.35 37.35
N PRO E 780 -10.03 -43.08 36.87
CA PRO E 780 -8.87 -42.65 36.05
C PRO E 780 -7.56 -42.61 36.80
N ASN E 781 -7.56 -42.16 38.06
CA ASN E 781 -6.30 -42.07 38.80
C ASN E 781 -5.75 -43.44 39.16
N PHE E 782 -6.62 -44.42 39.41
CA PHE E 782 -6.16 -45.77 39.71
C PHE E 782 -5.45 -46.40 38.52
N VAL E 783 -6.02 -46.25 37.32
CA VAL E 783 -5.42 -46.88 36.15
C VAL E 783 -4.20 -46.12 35.67
N HIS E 784 -4.14 -44.80 35.94
CA HIS E 784 -2.93 -44.05 35.61
C HIS E 784 -1.79 -44.39 36.56
N SER E 785 -2.11 -44.83 37.77
CA SER E 785 -1.09 -45.39 38.65
C SER E 785 -0.59 -46.73 38.13
N GLN E 786 -1.46 -47.48 37.46
CA GLN E 786 -1.06 -48.79 36.93
C GLN E 786 -0.16 -48.65 35.71
N ASP E 787 -0.48 -47.73 34.81
CA ASP E 787 0.38 -47.53 33.64
C ASP E 787 1.71 -46.90 34.03
N GLY E 788 1.72 -46.07 35.08
CA GLY E 788 2.98 -45.61 35.63
C GLY E 788 3.77 -46.73 36.27
N SER E 789 3.09 -47.64 36.96
CA SER E 789 3.75 -48.84 37.49
C SER E 789 4.30 -49.71 36.38
N HIS E 790 3.50 -49.89 35.32
CA HIS E 790 3.95 -50.69 34.18
C HIS E 790 5.15 -50.05 33.49
N LEU E 791 5.14 -48.73 33.35
CA LEU E 791 6.27 -48.03 32.75
C LEU E 791 7.50 -48.10 33.63
N ARG E 792 7.33 -47.92 34.94
CA ARG E 792 8.48 -47.95 35.85
C ARG E 792 9.07 -49.35 35.93
N LYS E 793 8.23 -50.38 35.93
CA LYS E 793 8.73 -51.75 35.92
C LYS E 793 9.44 -52.05 34.60
N THR E 794 8.91 -51.55 33.48
CA THR E 794 9.50 -51.81 32.17
C THR E 794 10.89 -51.19 32.05
N VAL E 795 11.06 -49.97 32.56
CA VAL E 795 12.34 -49.28 32.45
C VAL E 795 13.43 -50.04 33.19
N VAL E 796 13.13 -50.50 34.40
CA VAL E 796 14.09 -51.32 35.14
C VAL E 796 14.29 -52.67 34.45
N TRP E 797 13.19 -53.29 33.99
CA TRP E 797 13.28 -54.60 33.34
C TRP E 797 14.11 -54.53 32.07
N ALA E 798 13.90 -53.50 31.26
CA ALA E 798 14.69 -53.35 30.04
C ALA E 798 16.13 -52.95 30.32
N HIS E 799 16.41 -52.45 31.53
CA HIS E 799 17.76 -52.03 31.88
C HIS E 799 18.58 -53.14 32.54
N GLU E 800 17.93 -54.10 33.19
CA GLU E 800 18.64 -55.19 33.87
C GLU E 800 18.59 -56.50 33.10
N LYS E 801 17.40 -56.91 32.63
CA LYS E 801 17.31 -58.12 31.84
C LYS E 801 17.96 -57.93 30.47
N TYR E 802 17.87 -56.73 29.92
CA TYR E 802 18.53 -56.37 28.67
C TYR E 802 19.44 -55.18 28.92
N GLY E 803 20.22 -54.82 27.89
CA GLY E 803 21.24 -53.81 28.07
C GLY E 803 20.81 -52.38 27.74
N ILE E 804 19.50 -52.14 27.75
CA ILE E 804 18.98 -50.85 27.33
C ILE E 804 19.28 -49.79 28.39
N GLU E 805 19.93 -48.70 27.96
CA GLU E 805 20.20 -47.55 28.82
C GLU E 805 19.51 -46.29 28.35
N SER E 806 18.94 -46.28 27.14
CA SER E 806 18.27 -45.11 26.59
C SER E 806 16.77 -45.38 26.46
N PHE E 807 15.96 -44.51 27.05
CA PHE E 807 14.52 -44.67 27.08
C PHE E 807 13.82 -43.38 26.66
N ALA E 808 12.66 -43.52 26.03
CA ALA E 808 11.79 -42.40 25.70
C ALA E 808 10.38 -42.77 26.14
N LEU E 809 9.85 -42.08 27.14
CA LEU E 809 8.62 -42.46 27.82
C LEU E 809 7.59 -41.34 27.73
N ILE E 810 6.39 -41.66 27.24
CA ILE E 810 5.31 -40.70 27.10
C ILE E 810 4.08 -41.26 27.82
N HIS E 811 4.33 -42.04 28.89
CA HIS E 811 3.38 -42.73 29.77
C HIS E 811 2.71 -43.93 29.08
N ASP E 812 2.78 -43.98 27.76
CA ASP E 812 2.28 -45.08 26.97
C ASP E 812 3.20 -45.46 25.82
N SER E 813 4.04 -44.55 25.36
CA SER E 813 5.01 -44.80 24.32
C SER E 813 6.35 -45.12 24.96
N PHE E 814 6.98 -46.21 24.52
CA PHE E 814 8.28 -46.64 25.02
C PHE E 814 9.26 -46.57 23.86
N GLY E 815 10.30 -45.77 24.01
CA GLY E 815 11.22 -45.48 22.93
C GLY E 815 12.62 -46.00 23.21
N THR E 816 13.29 -46.50 22.17
CA THR E 816 14.59 -47.12 22.33
C THR E 816 15.41 -46.94 21.04
N ILE E 817 16.72 -47.15 21.17
CA ILE E 817 17.63 -47.32 20.04
C ILE E 817 17.14 -48.48 19.19
N PRO E 818 17.19 -48.39 17.84
CA PRO E 818 16.69 -49.50 17.01
C PRO E 818 17.36 -50.84 17.27
N ALA E 819 18.67 -50.85 17.57
CA ALA E 819 19.33 -52.11 17.91
C ALA E 819 18.76 -52.70 19.19
N ASP E 820 18.41 -51.84 20.15
CA ASP E 820 17.82 -52.25 21.41
C ASP E 820 16.29 -52.23 21.39
N ALA E 821 15.69 -51.97 20.22
CA ALA E 821 14.24 -51.82 20.15
C ALA E 821 13.51 -53.14 20.32
N ALA E 822 14.10 -54.24 19.85
CA ALA E 822 13.43 -55.54 19.92
C ALA E 822 13.31 -56.03 21.36
N ASN E 823 14.34 -55.79 22.18
CA ASN E 823 14.28 -56.22 23.58
C ASN E 823 13.23 -55.44 24.36
N LEU E 824 13.11 -54.12 24.11
CA LEU E 824 12.06 -53.33 24.74
C LEU E 824 10.69 -53.85 24.35
N PHE E 825 10.50 -54.14 23.06
CA PHE E 825 9.23 -54.66 22.55
C PHE E 825 8.82 -55.93 23.30
N LYS E 826 9.81 -56.76 23.64
CA LYS E 826 9.56 -57.90 24.53
C LYS E 826 9.45 -57.50 25.99
N ALA E 827 10.13 -56.41 26.39
CA ALA E 827 10.21 -56.05 27.81
C ALA E 827 8.88 -55.53 28.33
N VAL E 828 8.17 -54.73 27.54
CA VAL E 828 6.91 -54.17 28.00
C VAL E 828 5.87 -55.27 28.18
N ARG E 829 5.85 -56.24 27.27
CA ARG E 829 4.91 -57.36 27.39
C ARG E 829 5.25 -58.24 28.59
N GLU E 830 6.55 -58.41 28.87
CA GLU E 830 6.96 -59.23 30.02
C GLU E 830 6.55 -58.60 31.33
N THR E 831 6.60 -57.27 31.43
CA THR E 831 6.26 -56.60 32.68
C THR E 831 4.76 -56.64 32.94
N MET E 832 3.94 -56.51 31.89
CA MET E 832 2.50 -56.49 32.07
C MET E 832 1.97 -57.85 32.52
N VAL E 833 2.51 -58.93 31.96
CA VAL E 833 2.06 -60.26 32.35
C VAL E 833 2.49 -60.59 33.77
N ASP E 834 3.69 -60.13 34.17
CA ASP E 834 4.16 -60.41 35.52
C ASP E 834 3.42 -59.58 36.56
N THR E 835 3.10 -58.33 36.23
CA THR E 835 2.42 -57.45 37.17
C THR E 835 1.04 -57.96 37.52
N TYR E 836 0.29 -58.43 36.54
CA TYR E 836 -1.09 -58.84 36.76
C TYR E 836 -1.25 -60.32 37.09
N GLU E 837 -0.23 -61.14 36.84
CA GLU E 837 -0.24 -62.48 37.40
C GLU E 837 0.10 -62.47 38.89
N SER E 838 1.06 -61.62 39.29
CA SER E 838 1.49 -61.58 40.67
C SER E 838 0.47 -60.89 41.58
N CYS E 839 -0.11 -59.79 41.13
CA CYS E 839 -0.91 -58.93 42.00
C CYS E 839 -2.30 -58.73 41.41
N ASP E 840 -3.32 -58.93 42.24
CA ASP E 840 -4.68 -58.48 41.93
C ASP E 840 -4.80 -57.09 42.52
N VAL E 841 -4.69 -56.08 41.67
CA VAL E 841 -4.65 -54.70 42.15
C VAL E 841 -5.99 -54.30 42.76
N LEU E 842 -7.09 -54.80 42.20
CA LEU E 842 -8.41 -54.48 42.74
C LEU E 842 -8.62 -55.13 44.10
N ALA E 843 -8.15 -56.37 44.28
CA ALA E 843 -8.29 -57.04 45.56
C ALA E 843 -7.42 -56.39 46.64
N ASP E 844 -6.20 -55.97 46.25
CA ASP E 844 -5.35 -55.24 47.19
C ASP E 844 -5.94 -53.89 47.54
N PHE E 845 -6.58 -53.22 46.58
CA PHE E 845 -7.23 -51.95 46.85
C PHE E 845 -8.36 -52.12 47.86
N TYR E 846 -9.14 -53.20 47.73
CA TYR E 846 -10.24 -53.45 48.66
C TYR E 846 -9.73 -53.61 50.09
N ASP E 847 -8.60 -54.31 50.26
CA ASP E 847 -8.02 -54.51 51.59
C ASP E 847 -7.53 -53.21 52.21
N GLN E 848 -7.27 -52.17 51.40
CA GLN E 848 -6.84 -50.90 51.97
C GLN E 848 -7.99 -50.13 52.61
N PHE E 849 -9.19 -50.21 52.02
CA PHE E 849 -10.35 -49.48 52.54
C PHE E 849 -11.38 -50.38 53.21
N ALA E 850 -11.10 -51.68 53.35
CA ALA E 850 -12.07 -52.59 53.97
C ALA E 850 -12.30 -52.24 55.44
N ASP E 851 -11.23 -51.89 56.16
CA ASP E 851 -11.37 -51.53 57.56
C ASP E 851 -12.00 -50.15 57.74
N GLN E 852 -11.79 -49.25 56.76
CA GLN E 852 -12.26 -47.88 56.92
C GLN E 852 -13.77 -47.76 56.78
N LEU E 853 -14.40 -48.60 55.97
CA LEU E 853 -15.83 -48.47 55.73
C LEU E 853 -16.64 -48.85 56.96
N HIS E 854 -17.72 -48.11 57.19
CA HIS E 854 -18.60 -48.34 58.32
C HIS E 854 -19.40 -49.63 58.11
N GLU E 855 -19.90 -50.19 59.21
CA GLU E 855 -20.67 -51.44 59.15
C GLU E 855 -21.92 -51.28 58.28
N SER E 856 -22.59 -50.13 58.40
CA SER E 856 -23.73 -49.84 57.53
C SER E 856 -23.31 -49.75 56.06
N GLN E 857 -22.07 -49.32 55.80
CA GLN E 857 -21.58 -49.19 54.43
C GLN E 857 -21.21 -50.53 53.81
N LEU E 858 -21.02 -51.57 54.61
CA LEU E 858 -20.51 -52.84 54.10
C LEU E 858 -21.51 -53.48 53.14
N ASP E 859 -22.80 -53.45 53.47
CA ASP E 859 -23.80 -54.04 52.58
C ASP E 859 -23.98 -53.23 51.30
N LYS E 860 -23.68 -51.93 51.35
CA LYS E 860 -23.82 -51.08 50.16
C LYS E 860 -22.70 -51.31 49.15
N MET E 861 -21.55 -51.80 49.59
CA MET E 861 -20.42 -51.98 48.67
C MET E 861 -20.67 -53.13 47.72
N PRO E 862 -20.56 -52.91 46.41
CA PRO E 862 -20.65 -54.02 45.46
C PRO E 862 -19.45 -54.95 45.59
N ALA E 863 -19.67 -56.22 45.28
CA ALA E 863 -18.61 -57.20 45.30
C ALA E 863 -17.66 -56.97 44.12
N LEU E 864 -16.46 -57.53 44.23
CA LEU E 864 -15.46 -57.38 43.18
C LEU E 864 -15.92 -58.11 41.92
N PRO E 865 -15.64 -57.56 40.74
CA PRO E 865 -16.04 -58.24 39.51
C PRO E 865 -15.29 -59.55 39.31
N ALA E 866 -15.96 -60.50 38.66
CA ALA E 866 -15.39 -61.82 38.43
C ALA E 866 -14.34 -61.77 37.32
N LYS E 867 -13.28 -62.55 37.49
CA LYS E 867 -12.25 -62.66 36.46
C LYS E 867 -12.80 -63.40 35.25
N GLY E 868 -12.29 -63.03 34.08
CA GLY E 868 -12.70 -63.63 32.83
C GLY E 868 -11.81 -64.78 32.41
N ASN E 869 -11.87 -65.09 31.11
CA ASN E 869 -11.19 -66.26 30.56
C ASN E 869 -9.87 -65.93 29.87
N LEU E 870 -9.44 -64.68 29.89
CA LEU E 870 -8.24 -64.30 29.14
C LEU E 870 -6.98 -64.82 29.84
N ASN E 871 -6.02 -65.25 29.03
CA ASN E 871 -4.73 -65.70 29.53
C ASN E 871 -3.72 -64.58 29.34
N LEU E 872 -3.03 -64.21 30.43
CA LEU E 872 -2.04 -63.15 30.35
C LEU E 872 -0.84 -63.54 29.49
N ARG E 873 -0.46 -64.83 29.50
CA ARG E 873 0.69 -65.28 28.73
C ARG E 873 0.53 -65.05 27.23
N ASP E 874 -0.72 -64.94 26.74
CA ASP E 874 -0.96 -64.64 25.34
C ASP E 874 -0.62 -63.20 24.99
N ILE E 875 -0.62 -62.29 25.98
CA ILE E 875 -0.23 -60.90 25.73
C ILE E 875 1.23 -60.84 25.29
N LEU E 876 2.06 -61.76 25.80
CA LEU E 876 3.46 -61.81 25.41
C LEU E 876 3.62 -62.12 23.91
N GLU E 877 2.67 -62.83 23.33
CA GLU E 877 2.74 -63.21 21.93
C GLU E 877 2.12 -62.20 20.98
N SER E 878 1.33 -61.26 21.49
CA SER E 878 0.63 -60.31 20.64
C SER E 878 1.58 -59.24 20.14
N ASP E 879 1.66 -59.08 18.82
CA ASP E 879 2.55 -58.09 18.23
C ASP E 879 1.93 -56.70 18.18
N PHE E 880 0.60 -56.59 18.22
CA PHE E 880 -0.10 -55.33 18.03
C PHE E 880 -0.44 -54.64 19.34
N ALA E 881 -0.17 -55.26 20.49
CA ALA E 881 -0.43 -54.63 21.77
C ALA E 881 0.45 -53.40 21.97
N PHE E 882 1.72 -53.48 21.56
CA PHE E 882 2.73 -52.43 21.63
C PHE E 882 3.08 -52.05 23.07
N ALA E 883 2.44 -52.71 24.04
CA ALA E 883 2.57 -52.38 25.45
C ALA E 883 1.94 -53.48 26.29
N ASN I 5 -22.69 -22.08 -70.87
CA ASN I 5 -22.81 -23.53 -70.85
C ASN I 5 -24.06 -23.98 -70.10
N ILE I 6 -24.33 -23.36 -68.96
CA ILE I 6 -25.45 -23.70 -68.10
C ILE I 6 -26.35 -22.48 -67.93
N ALA I 7 -27.65 -22.70 -68.08
CA ALA I 7 -28.62 -21.62 -67.88
C ALA I 7 -28.75 -21.30 -66.40
N LYS I 8 -29.11 -20.05 -66.11
CA LYS I 8 -29.15 -19.55 -64.75
C LYS I 8 -30.58 -19.42 -64.27
N ASN I 9 -30.88 -20.04 -63.14
CA ASN I 9 -32.12 -19.79 -62.42
C ASN I 9 -31.97 -18.66 -61.42
N ASP I 10 -30.82 -17.99 -61.40
CA ASP I 10 -30.59 -16.85 -60.53
C ASP I 10 -31.49 -15.67 -60.88
N PHE I 11 -32.00 -15.61 -62.10
CA PHE I 11 -32.95 -14.56 -62.46
C PHE I 11 -34.26 -14.69 -61.69
N SER I 12 -34.64 -15.92 -61.33
CA SER I 12 -35.78 -16.10 -60.44
C SER I 12 -35.46 -15.60 -59.04
N ASP I 13 -34.20 -15.76 -58.61
CA ASP I 13 -33.76 -15.23 -57.32
C ASP I 13 -33.68 -13.71 -57.31
N ILE I 14 -33.57 -13.09 -58.49
CA ILE I 14 -33.45 -11.63 -58.57
C ILE I 14 -34.69 -10.95 -57.99
N GLU I 15 -35.88 -11.44 -58.37
CA GLU I 15 -37.14 -10.97 -57.80
C GLU I 15 -37.80 -12.16 -57.10
N LEU I 16 -37.63 -12.22 -55.78
CA LEU I 16 -38.21 -13.29 -54.98
C LEU I 16 -38.75 -12.83 -53.63
N ALA I 17 -38.60 -11.56 -53.27
CA ALA I 17 -39.03 -11.06 -51.98
C ALA I 17 -40.38 -10.35 -52.13
N ALA I 18 -41.37 -10.80 -51.37
CA ALA I 18 -42.73 -10.29 -51.48
C ALA I 18 -42.95 -9.00 -50.70
N ILE I 19 -42.36 -8.88 -49.50
CA ILE I 19 -42.65 -7.71 -48.66
C ILE I 19 -42.15 -6.39 -49.28
N PRO I 20 -40.91 -6.28 -49.79
CA PRO I 20 -40.55 -5.03 -50.49
C PRO I 20 -41.39 -4.76 -51.73
N PHE I 21 -41.84 -5.81 -52.42
CA PHE I 21 -42.72 -5.62 -53.56
C PHE I 21 -44.06 -5.03 -53.14
N ASN I 22 -44.56 -5.45 -51.98
CA ASN I 22 -45.81 -4.89 -51.45
C ASN I 22 -45.66 -3.41 -51.11
N THR I 23 -44.55 -3.03 -50.47
CA THR I 23 -44.31 -1.62 -50.17
C THR I 23 -44.09 -0.82 -51.44
N LEU I 24 -43.44 -1.44 -52.45
CA LEU I 24 -43.31 -0.80 -53.76
C LEU I 24 -44.68 -0.62 -54.40
N ALA I 25 -45.58 -1.58 -54.20
CA ALA I 25 -46.90 -1.54 -54.81
C ALA I 25 -47.78 -0.45 -54.21
N ASP I 26 -47.64 -0.18 -52.91
CA ASP I 26 -48.42 0.91 -52.31
C ASP I 26 -47.98 2.26 -52.85
N HIS I 27 -46.67 2.44 -53.08
CA HIS I 27 -46.17 3.72 -53.58
C HIS I 27 -46.48 3.92 -55.06
N TYR I 28 -46.28 2.89 -55.89
CA TYR I 28 -46.30 3.06 -57.34
C TYR I 28 -47.25 2.11 -58.06
N GLY I 29 -48.01 1.31 -57.34
CA GLY I 29 -48.92 0.40 -58.02
C GLY I 29 -48.34 -1.00 -58.18
N GLU I 30 -49.22 -1.99 -58.17
CA GLU I 30 -48.77 -3.37 -58.36
C GLU I 30 -48.28 -3.61 -59.79
N ARG I 31 -48.98 -3.05 -60.77
CA ARG I 31 -48.63 -3.27 -62.17
C ARG I 31 -47.26 -2.68 -62.50
N LEU I 32 -46.98 -1.47 -62.01
CA LEU I 32 -45.70 -0.83 -62.28
C LEU I 32 -44.57 -1.54 -61.53
N ALA I 33 -44.83 -1.97 -60.29
CA ALA I 33 -43.81 -2.67 -59.52
C ALA I 33 -43.51 -4.04 -60.12
N ARG I 34 -44.54 -4.73 -60.62
CA ARG I 34 -44.33 -6.01 -61.26
C ARG I 34 -43.55 -5.86 -62.56
N GLU I 35 -43.86 -4.82 -63.34
CA GLU I 35 -43.11 -4.54 -64.56
C GLU I 35 -41.67 -4.14 -64.23
N GLN I 36 -41.49 -3.35 -63.17
CA GLN I 36 -40.15 -2.90 -62.79
C GLN I 36 -39.27 -4.09 -62.39
N LEU I 37 -39.82 -5.02 -61.60
CA LEU I 37 -39.06 -6.19 -61.19
C LEU I 37 -38.86 -7.16 -62.35
N ALA I 38 -39.80 -7.21 -63.28
CA ALA I 38 -39.63 -8.05 -64.47
C ALA I 38 -38.62 -7.45 -65.44
N LEU I 39 -38.55 -6.12 -65.53
CA LEU I 39 -37.53 -5.48 -66.37
C LEU I 39 -36.13 -5.78 -65.87
N GLU I 40 -35.94 -5.76 -64.55
CA GLU I 40 -34.64 -6.12 -63.98
C GLU I 40 -34.32 -7.58 -64.22
N HIS I 41 -35.32 -8.46 -64.13
CA HIS I 41 -35.12 -9.87 -64.46
C HIS I 41 -34.77 -10.03 -65.93
N GLU I 42 -35.43 -9.27 -66.80
CA GLU I 42 -35.09 -9.28 -68.22
C GLU I 42 -33.69 -8.72 -68.45
N SER I 43 -33.31 -7.69 -67.68
CA SER I 43 -31.99 -7.08 -67.84
C SER I 43 -30.88 -8.07 -67.52
N TYR I 44 -31.06 -8.87 -66.45
CA TYR I 44 -30.07 -9.90 -66.13
C TYR I 44 -30.10 -11.03 -67.15
N GLU I 45 -31.29 -11.35 -67.67
CA GLU I 45 -31.40 -12.43 -68.65
C GLU I 45 -30.81 -12.02 -69.99
N MET I 46 -30.94 -10.75 -70.37
CA MET I 46 -30.41 -10.27 -71.64
C MET I 46 -28.88 -10.39 -71.68
N GLY I 47 -28.22 -10.08 -70.56
CA GLY I 47 -26.78 -10.18 -70.52
C GLY I 47 -26.25 -11.59 -70.49
N GLU I 48 -27.06 -12.55 -70.03
CA GLU I 48 -26.69 -13.95 -70.14
C GLU I 48 -26.62 -14.37 -71.61
N ALA I 49 -27.57 -13.92 -72.42
CA ALA I 49 -27.53 -14.21 -73.85
C ALA I 49 -26.36 -13.51 -74.52
N ARG I 50 -26.07 -12.27 -74.10
CA ARG I 50 -24.95 -11.53 -74.69
C ARG I 50 -23.62 -12.20 -74.38
N PHE I 51 -23.45 -12.68 -73.15
CA PHE I 51 -22.24 -13.42 -72.80
C PHE I 51 -22.16 -14.74 -73.54
N ARG I 52 -23.32 -15.40 -73.74
CA ARG I 52 -23.35 -16.69 -74.42
C ARG I 52 -22.98 -16.54 -75.90
N LYS I 53 -23.48 -15.50 -76.56
CA LYS I 53 -23.16 -15.27 -77.96
C LYS I 53 -21.67 -14.96 -78.14
N MET I 54 -21.09 -14.21 -77.20
CA MET I 54 -19.66 -13.95 -77.22
C MET I 54 -18.85 -15.22 -76.94
N PHE I 55 -19.38 -16.11 -76.08
CA PHE I 55 -18.65 -17.33 -75.74
C PHE I 55 -18.61 -18.30 -76.89
N GLU I 56 -19.73 -18.46 -77.63
CA GLU I 56 -19.75 -19.43 -78.72
C GLU I 56 -18.88 -18.97 -79.89
N ARG I 57 -18.80 -17.66 -80.14
CA ARG I 57 -17.86 -17.15 -81.14
C ARG I 57 -16.43 -17.37 -80.69
N GLN I 58 -16.16 -17.19 -79.40
CA GLN I 58 -14.82 -17.45 -78.88
C GLN I 58 -14.50 -18.94 -78.88
N LEU I 59 -15.48 -19.80 -78.62
CA LEU I 59 -15.24 -21.24 -78.71
C LEU I 59 -15.03 -21.67 -80.16
N LYS I 60 -15.77 -21.09 -81.10
CA LYS I 60 -15.60 -21.44 -82.52
C LYS I 60 -14.22 -21.03 -83.02
N ALA I 61 -13.74 -19.86 -82.62
CA ALA I 61 -12.46 -19.33 -83.12
C ALA I 61 -11.27 -19.69 -82.23
N GLY I 62 -11.49 -20.45 -81.16
CA GLY I 62 -10.40 -20.76 -80.25
C GLY I 62 -9.96 -19.61 -79.38
N GLU I 63 -10.82 -18.62 -79.18
CA GLU I 63 -10.53 -17.46 -78.34
C GLU I 63 -10.95 -17.68 -76.89
N VAL I 64 -11.02 -18.93 -76.44
CA VAL I 64 -11.50 -19.23 -75.09
C VAL I 64 -10.49 -18.74 -74.05
N ALA I 65 -9.20 -18.87 -74.34
CA ALA I 65 -8.18 -18.41 -73.40
C ALA I 65 -8.22 -16.90 -73.24
N ASP I 66 -8.71 -16.17 -74.24
CA ASP I 66 -8.90 -14.74 -74.10
C ASP I 66 -10.13 -14.41 -73.25
N ASN I 67 -11.10 -15.33 -73.19
CA ASN I 67 -12.30 -15.12 -72.38
C ASN I 67 -11.94 -15.19 -70.91
N ALA I 68 -12.68 -14.41 -70.09
CA ALA I 68 -12.36 -14.29 -68.68
C ALA I 68 -12.70 -15.54 -67.87
N ALA I 69 -13.51 -16.45 -68.42
CA ALA I 69 -13.85 -17.66 -67.66
C ALA I 69 -12.69 -18.64 -67.64
N ALA I 70 -11.90 -18.70 -68.72
CA ALA I 70 -10.78 -19.64 -68.77
C ALA I 70 -9.53 -19.10 -68.08
N LYS I 71 -9.45 -17.80 -67.84
CA LYS I 71 -8.23 -17.22 -67.30
C LYS I 71 -7.86 -17.68 -65.89
N PRO I 72 -8.77 -17.76 -64.90
CA PRO I 72 -8.35 -18.29 -63.58
C PRO I 72 -7.82 -19.71 -63.63
N LEU I 73 -8.31 -20.53 -64.57
CA LEU I 73 -7.72 -21.84 -64.78
C LEU I 73 -6.29 -21.72 -65.31
N ILE I 74 -6.04 -20.75 -66.21
CA ILE I 74 -4.72 -20.59 -66.79
C ILE I 74 -3.73 -20.07 -65.75
N THR I 75 -4.18 -19.16 -64.87
CA THR I 75 -3.29 -18.54 -63.90
C THR I 75 -2.74 -19.55 -62.89
N THR I 76 -3.59 -20.47 -62.41
CA THR I 76 -3.09 -21.51 -61.51
C THR I 76 -2.23 -22.53 -62.25
N LEU I 77 -2.56 -22.78 -63.52
CA LEU I 77 -1.85 -23.79 -64.31
C LEU I 77 -0.45 -23.34 -64.70
N LEU I 78 -0.29 -22.07 -65.07
CA LEU I 78 0.92 -21.62 -65.77
C LEU I 78 2.22 -21.79 -64.98
N PRO I 79 2.32 -21.37 -63.70
CA PRO I 79 3.63 -21.54 -63.01
C PRO I 79 4.08 -22.97 -62.85
N LYS I 80 3.15 -23.92 -62.69
CA LYS I 80 3.55 -25.33 -62.64
C LYS I 80 4.14 -25.77 -63.97
N MET I 81 3.58 -25.29 -65.08
CA MET I 81 4.16 -25.57 -66.39
C MET I 81 5.53 -24.90 -66.54
N ILE I 82 5.63 -23.63 -66.13
CA ILE I 82 6.88 -22.88 -66.26
C ILE I 82 8.00 -23.56 -65.47
N ALA I 83 7.67 -24.08 -64.30
CA ALA I 83 8.64 -24.88 -63.55
C ALA I 83 9.04 -26.14 -64.31
N ARG I 84 8.08 -26.77 -64.99
CA ARG I 84 8.36 -28.04 -65.67
C ARG I 84 9.25 -27.84 -66.89
N ILE I 85 9.11 -26.71 -67.60
CA ILE I 85 10.05 -26.40 -68.68
C ILE I 85 11.47 -26.26 -68.13
N ASN I 86 11.63 -25.50 -67.04
CA ASN I 86 12.96 -25.24 -66.50
C ASN I 86 13.56 -26.47 -65.86
N ASP I 87 12.74 -27.30 -65.19
CA ASP I 87 13.25 -28.53 -64.60
C ASP I 87 13.74 -29.49 -65.68
N TRP I 88 12.96 -29.67 -66.74
CA TRP I 88 13.43 -30.52 -67.84
C TRP I 88 14.58 -29.87 -68.58
N PHE I 89 14.63 -28.52 -68.61
CA PHE I 89 15.75 -27.83 -69.23
C PHE I 89 17.06 -28.11 -68.49
N GLU I 90 17.04 -28.08 -67.15
CA GLU I 90 18.27 -28.32 -66.42
C GLU I 90 18.64 -29.80 -66.40
N GLU I 91 17.66 -30.70 -66.48
CA GLU I 91 17.98 -32.13 -66.57
C GLU I 91 18.65 -32.47 -67.90
N VAL I 92 18.21 -31.82 -68.98
CA VAL I 92 18.80 -32.09 -70.29
C VAL I 92 20.23 -31.58 -70.35
N LYS I 93 20.46 -30.34 -69.91
CA LYS I 93 21.80 -29.79 -69.94
C LYS I 93 22.73 -30.45 -68.93
N ALA I 94 22.18 -31.02 -67.86
CA ALA I 94 23.01 -31.83 -66.95
C ALA I 94 23.33 -33.19 -67.56
N LYS I 95 22.45 -33.70 -68.43
CA LYS I 95 22.73 -34.94 -69.15
C LYS I 95 23.89 -34.70 -70.10
N ARG I 96 24.95 -35.51 -69.96
CA ARG I 96 26.10 -35.37 -70.81
C ARG I 96 25.79 -35.89 -72.22
N GLY I 97 26.67 -35.59 -73.16
CA GLY I 97 26.46 -35.99 -74.53
C GLY I 97 25.56 -35.03 -75.28
N LYS I 98 25.10 -35.49 -76.44
CA LYS I 98 24.27 -34.65 -77.30
C LYS I 98 22.88 -34.45 -76.70
N ARG I 99 22.43 -33.21 -76.68
CA ARG I 99 21.11 -32.86 -76.21
C ARG I 99 20.06 -33.18 -77.29
N PRO I 100 18.82 -33.44 -76.88
CA PRO I 100 17.75 -33.59 -77.88
C PRO I 100 17.58 -32.31 -78.69
N THR I 101 17.29 -32.49 -79.99
CA THR I 101 17.21 -31.34 -80.88
C THR I 101 15.99 -30.47 -80.58
N ALA I 102 14.87 -31.07 -80.16
CA ALA I 102 13.69 -30.29 -79.81
C ALA I 102 13.91 -29.45 -78.56
N PHE I 103 14.88 -29.83 -77.72
CA PHE I 103 15.24 -28.99 -76.58
C PHE I 103 15.88 -27.69 -77.05
N GLN I 104 16.66 -27.74 -78.13
CA GLN I 104 17.34 -26.55 -78.63
C GLN I 104 16.34 -25.54 -79.18
N PHE I 105 15.28 -26.01 -79.84
CA PHE I 105 14.26 -25.08 -80.34
C PHE I 105 13.45 -24.44 -79.22
N LEU I 106 13.47 -25.02 -78.02
CA LEU I 106 12.82 -24.40 -76.86
C LEU I 106 13.72 -23.43 -76.13
N GLN I 107 15.01 -23.36 -76.49
CA GLN I 107 15.93 -22.44 -75.83
C GLN I 107 15.73 -21.00 -76.26
N GLU I 108 15.45 -20.79 -77.55
CA GLU I 108 15.37 -19.45 -78.12
C GLU I 108 14.20 -18.65 -77.55
N ILE I 109 13.08 -19.29 -77.31
CA ILE I 109 11.88 -18.62 -76.81
C ILE I 109 11.87 -18.69 -75.29
N LYS I 110 11.44 -17.59 -74.66
CA LYS I 110 11.50 -17.47 -73.21
C LYS I 110 10.64 -18.55 -72.54
N PRO I 111 11.05 -19.08 -71.39
CA PRO I 111 10.31 -20.19 -70.76
C PRO I 111 8.88 -19.85 -70.38
N GLU I 112 8.61 -18.60 -70.00
CA GLU I 112 7.22 -18.22 -69.77
C GLU I 112 6.44 -18.14 -71.06
N ALA I 113 7.13 -17.85 -72.18
CA ALA I 113 6.45 -17.70 -73.46
C ALA I 113 6.07 -19.04 -74.06
N VAL I 114 6.90 -20.08 -73.90
CA VAL I 114 6.53 -21.39 -74.41
C VAL I 114 5.28 -21.90 -73.70
N ALA I 115 5.17 -21.63 -72.38
CA ALA I 115 4.11 -22.21 -71.57
C ALA I 115 2.74 -21.73 -72.03
N TYR I 116 2.58 -20.42 -72.21
CA TYR I 116 1.29 -19.91 -72.67
C TYR I 116 1.00 -20.31 -74.10
N ILE I 117 2.04 -20.45 -74.93
CA ILE I 117 1.82 -20.93 -76.30
C ILE I 117 1.38 -22.40 -76.29
N THR I 118 1.89 -23.21 -75.35
CA THR I 118 1.33 -24.55 -75.17
C THR I 118 -0.15 -24.48 -74.84
N ILE I 119 -0.50 -23.70 -73.82
CA ILE I 119 -1.83 -23.78 -73.22
C ILE I 119 -2.88 -23.14 -74.12
N LYS I 120 -2.57 -21.96 -74.67
CA LYS I 120 -3.55 -21.26 -75.51
C LYS I 120 -3.85 -22.05 -76.78
N THR I 121 -2.82 -22.64 -77.40
CA THR I 121 -3.03 -23.37 -78.64
C THR I 121 -3.80 -24.67 -78.41
N THR I 122 -3.48 -25.39 -77.32
CA THR I 122 -4.18 -26.66 -77.09
C THR I 122 -5.61 -26.43 -76.59
N LEU I 123 -5.86 -25.34 -75.86
CA LEU I 123 -7.22 -25.02 -75.48
C LEU I 123 -8.02 -24.54 -76.68
N ALA I 124 -7.38 -23.83 -77.61
CA ALA I 124 -8.07 -23.45 -78.84
C ALA I 124 -8.36 -24.65 -79.72
N CYS I 125 -7.42 -25.61 -79.79
CA CYS I 125 -7.54 -26.69 -80.76
C CYS I 125 -8.66 -27.66 -80.40
N LEU I 126 -8.80 -28.00 -79.11
CA LEU I 126 -9.81 -28.97 -78.72
C LEU I 126 -11.22 -28.40 -78.84
N THR I 127 -11.42 -27.16 -78.39
CA THR I 127 -12.77 -26.58 -78.42
C THR I 127 -13.20 -26.22 -79.83
N SER I 128 -12.33 -25.58 -80.61
CA SER I 128 -12.73 -25.05 -81.91
C SER I 128 -12.92 -26.14 -82.94
N ALA I 129 -11.88 -26.95 -83.17
CA ALA I 129 -11.94 -27.97 -84.21
C ALA I 129 -12.84 -29.14 -83.83
N ASP I 130 -13.07 -29.36 -82.54
CA ASP I 130 -13.76 -30.53 -81.98
C ASP I 130 -13.08 -31.85 -82.35
N ASN I 131 -11.85 -31.80 -82.86
CA ASN I 131 -11.03 -32.98 -83.06
C ASN I 131 -9.97 -33.09 -81.97
N THR I 132 -9.48 -34.31 -81.78
CA THR I 132 -8.62 -34.61 -80.65
C THR I 132 -7.25 -35.14 -81.05
N THR I 133 -6.93 -35.16 -82.36
CA THR I 133 -5.69 -35.76 -82.82
C THR I 133 -4.47 -35.00 -82.33
N VAL I 134 -3.41 -35.76 -82.01
CA VAL I 134 -2.20 -35.16 -81.44
C VAL I 134 -1.43 -34.38 -82.49
N GLN I 135 -1.32 -34.92 -83.71
CA GLN I 135 -0.39 -34.37 -84.69
C GLN I 135 -0.80 -32.97 -85.15
N ALA I 136 -2.09 -32.67 -85.18
CA ALA I 136 -2.53 -31.33 -85.55
C ALA I 136 -2.23 -30.33 -84.44
N VAL I 137 -2.47 -30.72 -83.19
CA VAL I 137 -2.18 -29.83 -82.07
C VAL I 137 -0.69 -29.66 -81.87
N ALA I 138 0.06 -30.77 -81.91
CA ALA I 138 1.50 -30.73 -81.68
C ALA I 138 2.25 -29.95 -82.75
N SER I 139 1.67 -29.82 -83.95
CA SER I 139 2.26 -28.97 -84.98
C SER I 139 1.80 -27.52 -84.86
N ALA I 140 0.60 -27.29 -84.33
CA ALA I 140 0.09 -25.92 -84.19
C ALA I 140 0.87 -25.15 -83.14
N ILE I 141 1.26 -25.79 -82.05
CA ILE I 141 2.16 -25.16 -81.08
C ILE I 141 3.54 -24.96 -81.69
N GLY I 142 4.03 -25.95 -82.44
CA GLY I 142 5.37 -25.88 -82.99
C GLY I 142 5.55 -24.76 -83.99
N ARG I 143 4.52 -24.49 -84.81
CA ARG I 143 4.59 -23.35 -85.70
C ARG I 143 4.53 -22.04 -84.92
N ALA I 144 3.69 -21.97 -83.89
CA ALA I 144 3.45 -20.72 -83.18
C ALA I 144 4.67 -20.30 -82.35
N ILE I 145 5.40 -21.27 -81.79
CA ILE I 145 6.65 -20.96 -81.13
C ILE I 145 7.66 -20.41 -82.15
N GLU I 146 7.70 -21.03 -83.33
CA GLU I 146 8.54 -20.51 -84.42
C GLU I 146 8.05 -19.14 -84.89
N ASP I 147 6.73 -18.96 -84.99
CA ASP I 147 6.19 -17.65 -85.36
C ASP I 147 6.57 -16.59 -84.33
N GLU I 148 6.51 -16.94 -83.04
CA GLU I 148 6.95 -16.01 -82.02
C GLU I 148 8.47 -15.85 -81.99
N ALA I 149 9.20 -16.90 -82.39
CA ALA I 149 10.66 -16.82 -82.38
C ALA I 149 11.18 -15.84 -83.43
N ARG I 150 10.71 -15.98 -84.66
CA ARG I 150 11.24 -15.16 -85.74
C ARG I 150 10.73 -13.73 -85.68
N PHE I 151 9.57 -13.52 -85.07
CA PHE I 151 9.02 -12.17 -84.93
C PHE I 151 9.35 -11.57 -83.57
N GLY I 152 9.68 -12.40 -82.58
CA GLY I 152 10.15 -11.87 -81.30
C GLY I 152 11.50 -11.20 -81.40
N ARG I 153 12.40 -11.76 -82.21
CA ARG I 153 13.73 -11.18 -82.40
C ARG I 153 13.64 -9.74 -82.90
N ILE I 154 12.59 -9.42 -83.66
CA ILE I 154 12.30 -8.04 -84.03
C ILE I 154 12.10 -7.19 -82.79
N ARG I 155 11.33 -7.71 -81.83
CA ARG I 155 11.04 -6.97 -80.60
C ARG I 155 12.12 -7.15 -79.55
N ASP I 156 12.78 -8.30 -79.51
CA ASP I 156 13.63 -8.66 -78.38
C ASP I 156 15.06 -8.15 -78.48
N LEU I 157 15.70 -8.22 -79.65
CA LEU I 157 17.09 -7.79 -79.76
C LEU I 157 17.33 -6.70 -80.79
N GLU I 158 16.90 -6.92 -82.04
CA GLU I 158 17.48 -6.18 -83.17
C GLU I 158 17.05 -4.72 -83.20
N ALA I 159 15.75 -4.47 -83.03
CA ALA I 159 15.21 -3.11 -83.20
C ALA I 159 14.26 -2.82 -82.05
N LYS I 160 14.75 -2.09 -81.04
CA LYS I 160 13.86 -1.59 -79.99
C LYS I 160 13.05 -0.40 -80.50
N HIS I 161 13.75 0.61 -81.02
CA HIS I 161 13.10 1.86 -81.43
C HIS I 161 12.19 1.63 -82.62
N PHE I 162 12.61 0.82 -83.59
CA PHE I 162 11.76 0.54 -84.74
C PHE I 162 10.58 -0.34 -84.35
N LYS I 163 10.73 -1.15 -83.30
CA LYS I 163 9.58 -1.88 -82.76
C LYS I 163 8.54 -0.90 -82.21
N LYS I 164 8.98 0.15 -81.52
CA LYS I 164 8.06 1.19 -81.08
C LYS I 164 7.43 1.92 -82.24
N ASN I 165 8.11 1.94 -83.40
CA ASN I 165 7.52 2.53 -84.60
C ASN I 165 6.55 1.59 -85.29
N VAL I 166 6.69 0.27 -85.11
CA VAL I 166 5.82 -0.70 -85.77
C VAL I 166 4.89 -1.42 -84.80
N GLU I 167 4.95 -1.11 -83.51
CA GLU I 167 4.03 -1.74 -82.57
C GLU I 167 2.60 -1.27 -82.79
N GLU I 168 2.42 0.03 -83.07
CA GLU I 168 1.07 0.58 -83.20
C GLU I 168 0.35 -0.01 -84.40
N GLN I 169 1.03 -0.11 -85.55
CA GLN I 169 0.41 -0.72 -86.71
C GLN I 169 0.15 -2.21 -86.48
N LEU I 170 1.06 -2.87 -85.75
CA LEU I 170 0.85 -4.28 -85.41
C LEU I 170 -0.37 -4.47 -84.53
N ASN I 171 -0.62 -3.52 -83.62
CA ASN I 171 -1.83 -3.57 -82.80
C ASN I 171 -3.08 -3.30 -83.63
N LYS I 172 -2.98 -2.46 -84.66
CA LYS I 172 -4.11 -2.24 -85.56
C LYS I 172 -4.43 -3.49 -86.36
N ARG I 173 -3.45 -4.35 -86.60
CA ARG I 173 -3.69 -5.61 -87.28
C ARG I 173 -4.56 -6.50 -86.40
N VAL I 174 -5.60 -7.09 -86.99
CA VAL I 174 -6.60 -7.85 -86.24
C VAL I 174 -6.63 -9.29 -86.75
N GLY I 175 -6.44 -10.23 -85.85
CA GLY I 175 -6.36 -11.64 -86.24
C GLY I 175 -4.93 -12.06 -86.52
N HIS I 176 -4.65 -13.33 -86.19
CA HIS I 176 -3.27 -13.83 -86.18
C HIS I 176 -2.63 -13.75 -87.57
N VAL I 177 -3.39 -14.07 -88.61
CA VAL I 177 -2.85 -14.00 -89.97
C VAL I 177 -2.55 -12.56 -90.36
N TYR I 178 -3.37 -11.61 -89.90
CA TYR I 178 -3.22 -10.22 -90.31
C TYR I 178 -2.06 -9.53 -89.58
N LYS I 179 -1.78 -9.89 -88.33
CA LYS I 179 -0.54 -9.45 -87.71
C LYS I 179 0.67 -10.12 -88.35
N LYS I 180 0.52 -11.39 -88.73
CA LYS I 180 1.61 -12.09 -89.42
C LYS I 180 1.90 -11.48 -90.78
N ALA I 181 0.85 -11.07 -91.50
CA ALA I 181 1.03 -10.48 -92.82
C ALA I 181 1.81 -9.18 -92.74
N PHE I 182 1.54 -8.35 -91.73
CA PHE I 182 2.32 -7.14 -91.51
C PHE I 182 3.73 -7.48 -91.01
N MET I 183 3.86 -8.55 -90.23
CA MET I 183 5.15 -8.91 -89.66
C MET I 183 6.14 -9.40 -90.73
N GLN I 184 5.65 -10.19 -91.70
CA GLN I 184 6.54 -10.66 -92.75
C GLN I 184 7.00 -9.53 -93.67
N VAL I 185 6.14 -8.54 -93.90
CA VAL I 185 6.53 -7.37 -94.67
C VAL I 185 7.55 -6.54 -93.89
N VAL I 186 7.37 -6.44 -92.57
CA VAL I 186 8.34 -5.74 -91.73
C VAL I 186 9.68 -6.43 -91.77
N GLU I 187 9.68 -7.77 -91.65
CA GLU I 187 10.93 -8.52 -91.62
C GLU I 187 11.68 -8.41 -92.95
N ALA I 188 10.94 -8.38 -94.06
CA ALA I 188 11.58 -8.17 -95.36
C ALA I 188 12.21 -6.78 -95.44
N ASP I 189 11.53 -5.77 -94.91
CA ASP I 189 12.11 -4.43 -94.87
C ASP I 189 13.28 -4.36 -93.89
N MET I 190 13.15 -5.01 -92.74
CA MET I 190 14.26 -5.04 -91.78
C MET I 190 15.47 -5.77 -92.35
N LEU I 191 15.24 -6.88 -93.06
CA LEU I 191 16.36 -7.59 -93.68
C LEU I 191 16.99 -6.77 -94.79
N SER I 192 16.17 -6.01 -95.53
CA SER I 192 16.71 -5.05 -96.50
C SER I 192 17.49 -3.95 -95.79
N LYS I 193 17.00 -3.48 -94.64
CA LYS I 193 17.77 -2.56 -93.82
C LYS I 193 19.03 -3.22 -93.26
N GLY I 194 18.96 -4.52 -92.97
CA GLY I 194 20.06 -5.20 -92.31
C GLY I 194 20.07 -5.06 -90.81
N LEU I 195 18.99 -4.53 -90.22
CA LEU I 195 18.93 -4.38 -88.77
C LEU I 195 18.84 -5.71 -88.05
N LEU I 196 18.35 -6.75 -88.71
CA LEU I 196 18.28 -8.08 -88.10
C LEU I 196 19.63 -8.79 -88.07
N GLY I 197 20.59 -8.34 -88.88
CA GLY I 197 21.83 -9.06 -89.07
C GLY I 197 21.94 -9.79 -90.38
N GLY I 198 20.97 -9.64 -91.27
CA GLY I 198 21.03 -10.25 -92.58
C GLY I 198 20.73 -11.73 -92.62
N GLU I 199 20.21 -12.30 -91.54
CA GLU I 199 19.90 -13.72 -91.46
C GLU I 199 18.38 -13.87 -91.55
N ALA I 200 17.92 -14.44 -92.66
CA ALA I 200 16.53 -14.84 -92.74
C ALA I 200 16.29 -16.04 -91.84
N TRP I 201 15.12 -16.08 -91.20
CA TRP I 201 14.86 -17.14 -90.25
C TRP I 201 14.76 -18.48 -90.96
N SER I 202 15.49 -19.47 -90.44
CA SER I 202 15.42 -20.82 -90.99
C SER I 202 14.03 -21.39 -90.75
N SER I 203 13.32 -21.72 -91.82
CA SER I 203 12.00 -22.31 -91.71
C SER I 203 12.11 -23.64 -90.98
N TRP I 204 11.37 -23.77 -89.89
CA TRP I 204 11.48 -24.94 -89.04
C TRP I 204 11.01 -26.18 -89.80
N HIS I 205 11.74 -27.28 -89.64
CA HIS I 205 11.35 -28.53 -90.25
C HIS I 205 10.00 -28.97 -89.71
N LYS I 206 9.18 -29.55 -90.57
CA LYS I 206 7.79 -29.85 -90.21
C LYS I 206 7.73 -30.85 -89.07
N GLU I 207 8.59 -31.86 -89.09
CA GLU I 207 8.63 -32.83 -88.00
C GLU I 207 9.20 -32.24 -86.73
N ASP I 208 10.06 -31.22 -86.84
CA ASP I 208 10.64 -30.60 -85.65
C ASP I 208 9.59 -29.82 -84.87
N SER I 209 8.72 -29.08 -85.57
CA SER I 209 7.65 -28.34 -84.90
C SER I 209 6.70 -29.30 -84.19
N ILE I 210 6.42 -30.46 -84.80
CA ILE I 210 5.69 -31.50 -84.09
C ILE I 210 6.51 -32.05 -82.93
N HIS I 211 7.81 -32.25 -83.16
CA HIS I 211 8.69 -32.74 -82.10
C HIS I 211 8.82 -31.72 -80.97
N VAL I 212 8.85 -30.43 -81.33
CA VAL I 212 8.75 -29.38 -80.32
C VAL I 212 7.43 -29.47 -79.58
N GLY I 213 6.34 -29.66 -80.31
CA GLY I 213 5.04 -29.72 -79.69
C GLY I 213 4.85 -30.94 -78.81
N VAL I 214 5.38 -32.09 -79.25
CA VAL I 214 5.16 -33.31 -78.49
C VAL I 214 5.91 -33.28 -77.16
N ARG I 215 7.05 -32.60 -77.09
CA ARG I 215 7.79 -32.52 -75.83
C ARG I 215 7.09 -31.58 -74.85
N CYS I 216 6.53 -30.48 -75.36
CA CYS I 216 5.81 -29.55 -74.50
C CYS I 216 4.55 -30.18 -73.93
N ILE I 217 3.82 -30.95 -74.74
CA ILE I 217 2.62 -31.61 -74.22
C ILE I 217 2.98 -32.75 -73.29
N GLU I 218 4.09 -33.45 -73.52
CA GLU I 218 4.54 -34.44 -72.54
C GLU I 218 4.89 -33.79 -71.22
N MET I 219 5.50 -32.60 -71.26
CA MET I 219 5.70 -31.81 -70.05
C MET I 219 4.38 -31.34 -69.47
N LEU I 220 3.40 -31.06 -70.34
CA LEU I 220 2.07 -30.64 -69.88
C LEU I 220 1.36 -31.76 -69.12
N ILE I 221 1.45 -33.00 -69.61
CA ILE I 221 0.74 -34.11 -68.96
C ILE I 221 1.31 -34.37 -67.57
N GLU I 222 2.63 -34.23 -67.40
CA GLU I 222 3.20 -34.38 -66.07
C GLU I 222 2.83 -33.20 -65.18
N SER I 223 2.88 -31.98 -65.73
CA SER I 223 2.66 -30.79 -64.92
C SER I 223 1.20 -30.66 -64.52
N THR I 224 0.27 -30.92 -65.44
CA THR I 224 -1.15 -30.76 -65.15
C THR I 224 -1.93 -31.96 -65.66
N GLY I 225 -3.12 -32.13 -65.10
CA GLY I 225 -4.04 -33.15 -65.55
C GLY I 225 -4.95 -32.75 -66.68
N MET I 226 -4.79 -31.53 -67.22
CA MET I 226 -5.65 -31.07 -68.30
C MET I 226 -5.54 -31.96 -69.54
N VAL I 227 -4.33 -32.17 -70.02
CA VAL I 227 -4.12 -32.94 -71.25
C VAL I 227 -3.96 -34.41 -70.88
N SER I 228 -4.87 -35.23 -71.38
CA SER I 228 -4.90 -36.65 -71.10
C SER I 228 -4.75 -37.43 -72.40
N LEU I 229 -3.84 -38.40 -72.40
CA LEU I 229 -3.62 -39.20 -73.59
C LEU I 229 -4.78 -40.15 -73.84
N HIS I 230 -5.26 -40.18 -75.08
CA HIS I 230 -6.33 -41.08 -75.50
C HIS I 230 -5.94 -41.74 -76.82
N ARG I 231 -6.69 -42.76 -77.20
CA ARG I 231 -6.45 -43.51 -78.42
C ARG I 231 -7.75 -43.55 -79.22
N GLN I 232 -7.72 -43.00 -80.42
CA GLN I 232 -8.90 -43.00 -81.28
C GLN I 232 -9.24 -44.42 -81.70
N ASN I 233 -10.54 -44.74 -81.63
CA ASN I 233 -11.10 -46.07 -81.90
C ASN I 233 -10.25 -47.18 -81.25
N ALA I 234 -10.04 -47.03 -79.94
CA ALA I 234 -9.10 -47.88 -79.21
C ALA I 234 -9.46 -49.37 -79.26
N GLY I 235 -10.74 -49.70 -79.51
CA GLY I 235 -11.10 -51.09 -79.72
C GLY I 235 -10.53 -51.66 -81.01
N VAL I 236 -10.52 -50.85 -82.07
CA VAL I 236 -10.07 -51.30 -83.38
C VAL I 236 -8.58 -50.99 -83.51
N VAL I 237 -7.78 -52.04 -83.76
CA VAL I 237 -6.33 -51.86 -83.81
C VAL I 237 -5.88 -51.26 -85.14
N GLY I 238 -6.60 -51.54 -86.23
CA GLY I 238 -6.17 -51.09 -87.54
C GLY I 238 -6.22 -49.59 -87.72
N GLN I 239 -7.27 -48.95 -87.21
CA GLN I 239 -7.50 -47.52 -87.39
C GLN I 239 -7.07 -46.72 -86.16
N ASP I 240 -6.24 -47.32 -85.29
CA ASP I 240 -5.82 -46.65 -84.06
C ASP I 240 -4.98 -45.42 -84.37
N SER I 241 -5.29 -44.33 -83.67
CA SER I 241 -4.53 -43.09 -83.77
C SER I 241 -4.51 -42.42 -82.39
N GLU I 242 -3.39 -41.79 -82.07
CA GLU I 242 -3.26 -41.12 -80.78
C GLU I 242 -4.13 -39.87 -80.74
N THR I 243 -4.76 -39.63 -79.59
CA THR I 243 -5.63 -38.48 -79.42
C THR I 243 -5.43 -37.87 -78.05
N ILE I 244 -5.78 -36.58 -77.93
CA ILE I 244 -5.62 -35.82 -76.69
C ILE I 244 -6.98 -35.28 -76.29
N GLU I 245 -7.37 -35.53 -75.04
CA GLU I 245 -8.64 -35.08 -74.49
C GLU I 245 -8.42 -34.12 -73.34
N LEU I 246 -9.14 -33.00 -73.37
CA LEU I 246 -9.21 -32.12 -72.21
C LEU I 246 -9.86 -32.84 -71.04
N ALA I 247 -9.29 -32.67 -69.85
CA ALA I 247 -9.87 -33.28 -68.66
C ALA I 247 -11.23 -32.66 -68.37
N PRO I 248 -12.22 -33.46 -67.96
CA PRO I 248 -13.54 -32.90 -67.64
C PRO I 248 -13.51 -31.89 -66.52
N GLU I 249 -12.68 -32.11 -65.49
CA GLU I 249 -12.65 -31.23 -64.33
C GLU I 249 -12.18 -29.83 -64.71
N TYR I 250 -11.21 -29.75 -65.61
CA TYR I 250 -10.80 -28.45 -66.13
C TYR I 250 -11.87 -27.86 -67.04
N ALA I 251 -12.63 -28.71 -67.73
CA ALA I 251 -13.71 -28.25 -68.59
C ALA I 251 -14.93 -27.80 -67.80
N GLU I 252 -15.19 -28.39 -66.63
CA GLU I 252 -16.30 -27.93 -65.81
C GLU I 252 -16.00 -26.58 -65.16
N ALA I 253 -14.72 -26.32 -64.87
CA ALA I 253 -14.36 -25.05 -64.22
C ALA I 253 -14.60 -23.86 -65.14
N ILE I 254 -14.26 -23.99 -66.43
CA ILE I 254 -14.49 -22.89 -67.35
C ILE I 254 -15.98 -22.74 -67.64
N ALA I 255 -16.74 -23.83 -67.57
CA ALA I 255 -18.19 -23.74 -67.76
C ALA I 255 -18.87 -23.12 -66.54
N THR I 256 -18.40 -23.47 -65.34
CA THR I 256 -18.96 -22.87 -64.12
C THR I 256 -18.62 -21.39 -64.02
N ARG I 257 -17.41 -21.02 -64.42
CA ARG I 257 -17.02 -19.60 -64.40
C ARG I 257 -17.80 -18.81 -65.44
N ALA I 258 -18.06 -19.41 -66.59
CA ALA I 258 -18.82 -18.72 -67.64
C ALA I 258 -20.27 -18.49 -67.21
N GLY I 259 -20.86 -19.44 -66.50
CA GLY I 259 -22.23 -19.27 -66.03
C GLY I 259 -22.36 -18.17 -64.99
N ALA I 260 -21.37 -18.06 -64.10
CA ALA I 260 -21.38 -16.98 -63.11
C ALA I 260 -21.18 -15.63 -63.77
N LEU I 261 -20.31 -15.56 -64.78
CA LEU I 261 -20.04 -14.30 -65.45
C LEU I 261 -21.24 -13.79 -66.23
N ALA I 262 -22.13 -14.68 -66.66
CA ALA I 262 -23.35 -14.25 -67.33
C ALA I 262 -24.27 -13.49 -66.38
N GLY I 263 -24.32 -13.91 -65.11
CA GLY I 263 -25.15 -13.22 -64.14
C GLY I 263 -24.62 -11.83 -63.77
N ILE I 264 -23.30 -11.67 -63.75
CA ILE I 264 -22.69 -10.44 -63.26
C ILE I 264 -22.59 -9.38 -64.35
N SER I 265 -23.18 -9.66 -65.51
CA SER I 265 -23.17 -8.73 -66.64
C SER I 265 -24.59 -8.49 -67.16
N PRO I 266 -25.38 -7.67 -66.46
CA PRO I 266 -26.71 -7.35 -66.95
C PRO I 266 -26.67 -6.22 -67.99
N MET I 267 -27.72 -6.16 -68.79
CA MET I 267 -27.94 -5.05 -69.73
C MET I 267 -28.97 -4.13 -69.09
N PHE I 268 -28.48 -3.05 -68.47
CA PHE I 268 -29.33 -2.21 -67.63
C PHE I 268 -30.37 -1.47 -68.47
N GLN I 269 -31.60 -1.42 -67.95
CA GLN I 269 -32.74 -0.83 -68.61
C GLN I 269 -33.34 0.27 -67.74
N PRO I 270 -33.95 1.29 -68.36
CA PRO I 270 -34.54 2.38 -67.56
C PRO I 270 -35.69 1.91 -66.70
N CYS I 271 -35.85 2.58 -65.56
CA CYS I 271 -36.89 2.22 -64.60
C CYS I 271 -38.24 2.76 -65.02
N VAL I 272 -39.29 1.94 -64.84
CA VAL I 272 -40.66 2.39 -65.05
C VAL I 272 -41.27 2.98 -63.79
N VAL I 273 -40.65 2.78 -62.63
CA VAL I 273 -41.08 3.38 -61.37
C VAL I 273 -39.93 4.29 -60.93
N PRO I 274 -40.11 5.24 -60.02
CA PRO I 274 -38.97 6.03 -59.52
C PRO I 274 -37.92 5.14 -58.88
N PRO I 275 -36.64 5.46 -59.06
CA PRO I 275 -35.57 4.59 -58.55
C PRO I 275 -35.51 4.61 -57.04
N LYS I 276 -34.93 3.54 -56.49
CA LYS I 276 -34.76 3.46 -55.04
C LYS I 276 -33.71 4.49 -54.59
N PRO I 277 -34.02 5.32 -53.60
CA PRO I 277 -33.02 6.26 -53.10
C PRO I 277 -31.85 5.53 -52.47
N TRP I 278 -30.65 6.11 -52.64
CA TRP I 278 -29.43 5.49 -52.12
C TRP I 278 -29.32 5.74 -50.63
N THR I 279 -29.26 4.66 -49.85
CA THR I 279 -29.02 4.74 -48.42
C THR I 279 -27.66 4.18 -48.04
N GLY I 280 -26.92 3.60 -48.98
CA GLY I 280 -25.63 3.03 -48.71
C GLY I 280 -24.79 2.98 -49.97
N ILE I 281 -23.63 2.33 -49.85
CA ILE I 281 -22.73 2.21 -50.99
C ILE I 281 -23.31 1.27 -52.04
N THR I 282 -24.06 0.25 -51.62
CA THR I 282 -24.61 -0.75 -52.52
C THR I 282 -26.11 -0.85 -52.32
N GLY I 283 -26.78 -1.41 -53.32
CA GLY I 283 -28.19 -1.70 -53.24
C GLY I 283 -29.11 -0.59 -53.72
N GLY I 284 -28.58 0.60 -53.99
CA GLY I 284 -29.42 1.68 -54.44
C GLY I 284 -29.75 1.61 -55.93
N GLY I 285 -30.62 2.52 -56.36
CA GLY I 285 -31.01 2.56 -57.75
C GLY I 285 -32.15 1.60 -58.05
N TYR I 286 -31.80 0.45 -58.60
CA TYR I 286 -32.79 -0.59 -58.87
C TYR I 286 -33.31 -1.21 -57.58
N TRP I 287 -34.60 -1.52 -57.54
CA TRP I 287 -35.23 -2.00 -56.31
C TRP I 287 -34.90 -3.46 -56.03
N ALA I 288 -34.83 -4.30 -57.06
CA ALA I 288 -34.67 -5.73 -56.85
C ALA I 288 -33.27 -6.06 -56.32
N ASN I 289 -33.23 -7.12 -55.51
CA ASN I 289 -31.97 -7.60 -54.93
C ASN I 289 -31.28 -8.39 -56.03
N GLY I 290 -30.45 -7.71 -56.81
CA GLY I 290 -29.74 -8.35 -57.89
C GLY I 290 -28.57 -9.20 -57.42
N ARG I 291 -28.06 -10.00 -58.34
CA ARG I 291 -26.86 -10.79 -58.06
C ARG I 291 -25.66 -9.88 -57.82
N ARG I 292 -25.52 -8.84 -58.62
CA ARG I 292 -24.58 -7.76 -58.36
C ARG I 292 -25.36 -6.48 -58.09
N PRO I 293 -25.31 -5.93 -56.88
CA PRO I 293 -26.01 -4.67 -56.63
C PRO I 293 -25.31 -3.50 -57.30
N LEU I 294 -26.07 -2.44 -57.51
CA LEU I 294 -25.49 -1.21 -58.03
C LEU I 294 -24.57 -0.58 -57.00
N ALA I 295 -23.45 -0.04 -57.49
CA ALA I 295 -22.47 0.63 -56.65
C ALA I 295 -22.61 2.13 -56.83
N LEU I 296 -22.66 2.87 -55.72
CA LEU I 296 -22.72 4.32 -55.79
C LEU I 296 -21.46 4.86 -56.46
N VAL I 297 -20.31 4.36 -56.08
CA VAL I 297 -19.03 4.74 -56.65
C VAL I 297 -18.54 3.58 -57.50
N ARG I 298 -18.38 3.81 -58.79
CA ARG I 298 -17.86 2.79 -59.70
C ARG I 298 -16.37 2.63 -59.44
N THR I 299 -16.01 1.57 -58.73
CA THR I 299 -14.64 1.34 -58.29
C THR I 299 -14.06 0.12 -58.98
N HIS I 300 -12.80 0.22 -59.38
CA HIS I 300 -12.09 -0.92 -59.94
C HIS I 300 -11.84 -1.99 -58.89
N SER I 301 -11.53 -1.57 -57.66
CA SER I 301 -11.29 -2.47 -56.54
C SER I 301 -12.48 -2.47 -55.62
N LYS I 302 -12.83 -3.66 -55.12
CA LYS I 302 -13.94 -3.76 -54.16
C LYS I 302 -13.58 -3.12 -52.83
N LYS I 303 -12.29 -3.02 -52.52
CA LYS I 303 -11.86 -2.37 -51.29
C LYS I 303 -12.08 -0.86 -51.36
N ALA I 304 -11.95 -0.27 -52.55
CA ALA I 304 -12.16 1.17 -52.70
C ALA I 304 -13.61 1.55 -52.40
N LEU I 305 -14.55 0.70 -52.78
CA LEU I 305 -15.95 0.92 -52.41
C LEU I 305 -16.16 0.85 -50.91
N MET I 306 -15.41 -0.02 -50.22
CA MET I 306 -15.56 -0.17 -48.77
C MET I 306 -15.14 1.07 -48.00
N ARG I 307 -14.26 1.89 -48.58
CA ARG I 307 -13.85 3.12 -47.93
C ARG I 307 -14.99 4.13 -47.85
N TYR I 308 -15.95 4.05 -48.78
CA TYR I 308 -17.04 5.01 -48.84
C TYR I 308 -18.15 4.73 -47.83
N GLU I 309 -18.20 3.51 -47.27
CA GLU I 309 -19.30 3.17 -46.38
C GLU I 309 -19.13 3.73 -44.97
N ASP I 310 -17.91 4.12 -44.60
CA ASP I 310 -17.70 4.71 -43.28
C ASP I 310 -17.71 6.24 -43.31
N VAL I 311 -17.38 6.84 -44.45
CA VAL I 311 -17.40 8.30 -44.55
C VAL I 311 -18.84 8.78 -44.61
N TYR I 312 -19.06 10.02 -44.18
CA TYR I 312 -20.39 10.60 -44.06
C TYR I 312 -20.47 11.76 -45.04
N MET I 313 -21.24 11.57 -46.12
CA MET I 313 -21.35 12.53 -47.21
C MET I 313 -22.82 12.77 -47.53
N PRO I 314 -23.54 13.48 -46.65
CA PRO I 314 -24.99 13.65 -46.84
C PRO I 314 -25.37 14.39 -48.12
N GLU I 315 -24.58 15.38 -48.54
CA GLU I 315 -24.97 16.20 -49.67
C GLU I 315 -24.82 15.48 -51.01
N VAL I 316 -23.85 14.55 -51.12
CA VAL I 316 -23.76 13.81 -52.36
C VAL I 316 -24.85 12.75 -52.43
N TYR I 317 -25.36 12.33 -51.27
CA TYR I 317 -26.43 11.33 -51.24
C TYR I 317 -27.74 11.95 -51.69
N LYS I 318 -28.01 13.20 -51.29
CA LYS I 318 -29.19 13.91 -51.75
C LYS I 318 -29.14 14.14 -53.26
N ALA I 319 -27.97 14.49 -53.78
CA ALA I 319 -27.85 14.91 -55.17
C ALA I 319 -28.17 13.79 -56.14
N ILE I 320 -27.63 12.59 -55.90
CA ILE I 320 -27.89 11.48 -56.80
C ILE I 320 -29.33 11.01 -56.69
N ASN I 321 -29.90 11.07 -55.48
CA ASN I 321 -31.30 10.66 -55.31
C ASN I 321 -32.25 11.66 -55.95
N ILE I 322 -31.95 12.96 -55.86
CA ILE I 322 -32.81 13.94 -56.52
C ILE I 322 -32.50 14.07 -58.01
N ALA I 323 -31.39 13.50 -58.47
CA ALA I 323 -31.23 13.27 -59.90
C ALA I 323 -32.05 12.07 -60.38
N GLN I 324 -32.42 11.17 -59.47
CA GLN I 324 -33.11 9.95 -59.84
C GLN I 324 -34.62 10.15 -59.95
N ASN I 325 -35.22 10.94 -59.05
CA ASN I 325 -36.66 11.14 -59.12
C ASN I 325 -37.07 11.97 -60.33
N THR I 326 -36.11 12.56 -61.02
CA THR I 326 -36.34 13.18 -62.32
C THR I 326 -36.99 12.18 -63.27
N ALA I 327 -38.20 12.49 -63.70
CA ALA I 327 -38.99 11.60 -64.55
C ALA I 327 -38.87 12.03 -66.01
N TRP I 328 -38.74 11.04 -66.89
CA TRP I 328 -38.55 11.26 -68.31
C TRP I 328 -39.64 10.56 -69.10
N LYS I 329 -39.97 11.11 -70.26
CA LYS I 329 -40.81 10.44 -71.23
C LYS I 329 -40.13 10.50 -72.59
N ILE I 330 -40.38 9.49 -73.41
CA ILE I 330 -39.89 9.49 -74.79
C ILE I 330 -40.91 10.21 -75.66
N ASN I 331 -40.49 11.33 -76.26
CA ASN I 331 -41.36 12.10 -77.12
C ASN I 331 -41.69 11.31 -78.39
N LYS I 332 -42.99 11.15 -78.65
CA LYS I 332 -43.44 10.34 -79.77
C LYS I 332 -43.28 11.04 -81.11
N LYS I 333 -43.21 12.38 -81.12
CA LYS I 333 -43.03 13.10 -82.37
C LYS I 333 -41.62 12.91 -82.93
N VAL I 334 -40.60 12.99 -82.08
CA VAL I 334 -39.23 12.76 -82.53
C VAL I 334 -39.05 11.28 -82.89
N LEU I 335 -39.66 10.39 -82.10
CA LEU I 335 -39.51 8.95 -82.33
C LEU I 335 -40.10 8.54 -83.68
N ALA I 336 -41.28 9.07 -84.03
CA ALA I 336 -41.93 8.68 -85.28
C ALA I 336 -41.11 9.10 -86.49
N VAL I 337 -40.48 10.27 -86.42
CA VAL I 337 -39.56 10.68 -87.48
C VAL I 337 -38.33 9.79 -87.50
N ALA I 338 -37.82 9.43 -86.32
CA ALA I 338 -36.64 8.58 -86.25
C ALA I 338 -36.92 7.17 -86.77
N ASN I 339 -38.13 6.65 -86.56
CA ASN I 339 -38.47 5.31 -87.02
C ASN I 339 -38.43 5.22 -88.54
N VAL I 340 -39.01 6.21 -89.24
CA VAL I 340 -39.08 6.12 -90.69
C VAL I 340 -37.72 6.42 -91.32
N ILE I 341 -36.94 7.33 -90.72
CA ILE I 341 -35.70 7.77 -91.35
C ILE I 341 -34.57 6.76 -91.15
N THR I 342 -34.64 5.92 -90.12
CA THR I 342 -33.59 4.94 -89.89
C THR I 342 -33.74 3.71 -90.78
N LYS I 343 -34.96 3.40 -91.21
CA LYS I 343 -35.18 2.31 -92.14
C LYS I 343 -34.83 2.68 -93.58
N TRP I 344 -34.53 3.94 -93.85
CA TRP I 344 -34.05 4.36 -95.16
C TRP I 344 -32.55 4.57 -95.21
N LYS I 345 -31.94 5.16 -94.18
CA LYS I 345 -30.51 5.41 -94.17
C LYS I 345 -29.87 4.73 -92.96
N HIS I 346 -28.61 4.35 -93.13
CA HIS I 346 -27.85 3.74 -92.04
C HIS I 346 -27.69 4.73 -90.89
N CYS I 347 -27.40 5.99 -91.19
CA CYS I 347 -27.47 7.07 -90.22
C CYS I 347 -28.34 8.16 -90.83
N PRO I 348 -29.31 8.69 -90.08
CA PRO I 348 -30.27 9.64 -90.67
C PRO I 348 -29.66 10.92 -91.19
N VAL I 349 -28.55 11.37 -90.62
CA VAL I 349 -27.95 12.67 -90.92
C VAL I 349 -26.55 12.50 -91.52
N GLU I 350 -26.19 11.28 -91.91
CA GLU I 350 -24.85 11.07 -92.46
C GLU I 350 -24.74 11.62 -93.88
N ASP I 351 -25.72 11.37 -94.72
CA ASP I 351 -25.72 11.88 -96.09
C ASP I 351 -27.09 12.45 -96.43
N ILE I 352 -27.13 13.74 -96.76
CA ILE I 352 -28.35 14.43 -97.17
C ILE I 352 -28.05 15.10 -98.50
N PRO I 353 -28.96 15.03 -99.48
CA PRO I 353 -28.76 15.78 -100.72
C PRO I 353 -28.68 17.28 -100.47
N ALA I 354 -27.76 17.93 -101.19
CA ALA I 354 -27.59 19.37 -101.11
C ALA I 354 -27.39 19.91 -102.52
N ILE I 355 -27.68 21.19 -102.69
CA ILE I 355 -27.57 21.83 -104.00
C ILE I 355 -26.11 21.99 -104.37
N TRP I 377 -2.51 8.33 -100.72
CA TRP I 377 -3.54 7.36 -101.04
C TRP I 377 -3.80 6.42 -99.87
N LYS I 378 -2.79 6.23 -99.02
CA LYS I 378 -2.93 5.30 -97.89
C LYS I 378 -3.99 5.78 -96.92
N ARG I 379 -4.03 7.09 -96.66
CA ARG I 379 -5.06 7.63 -95.77
C ARG I 379 -6.44 7.53 -96.39
N ALA I 380 -6.53 7.72 -97.71
CA ALA I 380 -7.82 7.63 -98.39
C ALA I 380 -8.31 6.18 -98.43
N ALA I 381 -7.40 5.22 -98.62
CA ALA I 381 -7.79 3.81 -98.61
C ALA I 381 -8.28 3.39 -97.22
N ALA I 382 -7.62 3.89 -96.17
CA ALA I 382 -8.05 3.56 -94.81
C ALA I 382 -9.33 4.30 -94.43
N ALA I 383 -9.59 5.46 -95.04
CA ALA I 383 -10.73 6.28 -94.64
C ALA I 383 -12.06 5.60 -94.97
N VAL I 384 -12.18 5.03 -96.17
CA VAL I 384 -13.41 4.36 -96.54
C VAL I 384 -13.60 3.08 -95.73
N TYR I 385 -12.50 2.37 -95.46
CA TYR I 385 -12.56 1.20 -94.57
C TYR I 385 -12.95 1.62 -93.16
N ARG I 386 -12.39 2.73 -92.67
CA ARG I 386 -12.72 3.20 -91.33
C ARG I 386 -14.15 3.71 -91.26
N LYS I 387 -14.60 4.43 -92.30
CA LYS I 387 -15.97 4.94 -92.31
C LYS I 387 -16.98 3.80 -92.41
N ASP I 388 -16.68 2.78 -93.22
CA ASP I 388 -17.57 1.63 -93.32
C ASP I 388 -17.59 0.82 -92.03
N LYS I 389 -16.45 0.74 -91.32
CA LYS I 389 -16.45 0.09 -90.02
C LYS I 389 -17.10 0.96 -88.95
N ALA I 390 -17.08 2.29 -89.14
CA ALA I 390 -17.71 3.19 -88.19
C ALA I 390 -19.22 3.25 -88.36
N ARG I 391 -19.70 3.14 -89.60
CA ARG I 391 -21.14 3.20 -89.86
C ARG I 391 -21.86 2.02 -89.22
N LYS I 392 -21.28 0.82 -89.32
CA LYS I 392 -21.88 -0.35 -88.69
C LYS I 392 -21.84 -0.23 -87.16
N SER I 393 -20.73 0.25 -86.60
CA SER I 393 -20.62 0.38 -85.16
C SER I 393 -21.56 1.45 -84.62
N ARG I 394 -21.81 2.50 -85.39
CA ARG I 394 -22.80 3.51 -84.98
C ARG I 394 -24.21 3.06 -85.30
N ARG I 395 -24.40 2.21 -86.31
CA ARG I 395 -25.74 1.71 -86.63
C ARG I 395 -26.27 0.83 -85.50
N ILE I 396 -25.46 -0.10 -85.00
CA ILE I 396 -25.91 -1.04 -83.98
C ILE I 396 -26.25 -0.31 -82.69
N SER I 397 -25.61 0.83 -82.43
CA SER I 397 -26.05 1.68 -81.33
C SER I 397 -27.41 2.32 -81.64
N LEU I 398 -27.61 2.77 -82.89
CA LEU I 398 -28.87 3.39 -83.27
C LEU I 398 -30.05 2.42 -83.17
N GLU I 399 -29.84 1.17 -83.57
CA GLU I 399 -30.90 0.17 -83.47
C GLU I 399 -31.28 -0.12 -82.02
N PHE I 400 -30.27 -0.21 -81.14
CA PHE I 400 -30.57 -0.50 -79.73
C PHE I 400 -31.23 0.69 -79.05
N MET I 401 -30.77 1.91 -79.34
CA MET I 401 -31.37 3.09 -78.74
C MET I 401 -32.79 3.32 -79.23
N LEU I 402 -33.08 2.94 -80.47
CA LEU I 402 -34.44 3.06 -80.98
C LEU I 402 -35.36 2.02 -80.34
N GLU I 403 -34.90 0.78 -80.19
CA GLU I 403 -35.72 -0.26 -79.60
C GLU I 403 -36.06 0.06 -78.15
N GLN I 404 -35.10 0.58 -77.40
CA GLN I 404 -35.38 1.05 -76.04
C GLN I 404 -36.36 2.22 -76.06
N ALA I 405 -36.22 3.11 -77.05
CA ALA I 405 -37.15 4.22 -77.19
C ALA I 405 -38.56 3.73 -77.52
N ASN I 406 -38.67 2.74 -78.40
CA ASN I 406 -39.98 2.23 -78.77
C ASN I 406 -40.62 1.43 -77.64
N LYS I 407 -39.81 0.73 -76.83
CA LYS I 407 -40.36 -0.08 -75.76
C LYS I 407 -41.00 0.77 -74.67
N PHE I 408 -40.33 1.86 -74.27
CA PHE I 408 -40.79 2.67 -73.16
C PHE I 408 -41.51 3.94 -73.62
N ALA I 409 -41.85 4.04 -74.90
CA ALA I 409 -42.57 5.21 -75.39
C ALA I 409 -43.99 5.28 -74.83
N ASN I 410 -44.63 4.12 -74.63
CA ASN I 410 -46.01 4.11 -74.15
C ASN I 410 -46.10 4.50 -72.68
N HIS I 411 -45.05 4.25 -71.90
CA HIS I 411 -45.08 4.58 -70.49
C HIS I 411 -45.11 6.10 -70.30
N LYS I 412 -45.95 6.54 -69.36
CA LYS I 412 -46.12 7.97 -69.13
C LYS I 412 -44.83 8.61 -68.63
N ALA I 413 -44.12 7.93 -67.75
CA ALA I 413 -42.84 8.41 -67.25
C ALA I 413 -41.88 7.24 -67.06
N ILE I 414 -40.62 7.45 -67.43
CA ILE I 414 -39.56 6.49 -67.18
C ILE I 414 -38.49 7.18 -66.34
N TRP I 415 -37.73 6.38 -65.62
CA TRP I 415 -36.75 6.88 -64.66
C TRP I 415 -35.40 6.23 -64.90
N PHE I 416 -34.34 6.99 -64.60
CA PHE I 416 -32.98 6.52 -64.77
C PHE I 416 -32.27 6.54 -63.41
N PRO I 417 -31.75 5.42 -62.93
CA PRO I 417 -30.90 5.46 -61.73
C PRO I 417 -29.59 6.15 -62.04
N TYR I 418 -28.98 6.70 -60.99
CA TYR I 418 -27.73 7.43 -61.13
C TYR I 418 -26.71 6.93 -60.13
N ASN I 419 -25.47 6.76 -60.61
CA ASN I 419 -24.31 6.50 -59.76
C ASN I 419 -23.15 7.31 -60.32
N MET I 420 -22.01 7.26 -59.64
CA MET I 420 -20.90 8.12 -59.98
C MET I 420 -19.61 7.30 -60.05
N ASP I 421 -18.65 7.81 -60.82
CA ASP I 421 -17.33 7.19 -60.88
C ASP I 421 -16.54 7.54 -59.63
N TRP I 422 -15.28 7.10 -59.57
CA TRP I 422 -14.46 7.38 -58.41
C TRP I 422 -14.15 8.87 -58.25
N ARG I 423 -14.16 9.63 -59.34
CA ARG I 423 -13.94 11.06 -59.26
C ARG I 423 -15.18 11.85 -58.85
N GLY I 424 -16.36 11.23 -58.89
CA GLY I 424 -17.57 11.87 -58.43
C GLY I 424 -18.51 12.37 -59.51
N ARG I 425 -18.10 12.35 -60.78
CA ARG I 425 -18.99 12.73 -61.86
C ARG I 425 -20.13 11.73 -61.97
N VAL I 426 -21.34 12.24 -62.21
CA VAL I 426 -22.55 11.43 -62.14
C VAL I 426 -22.92 10.90 -63.51
N TYR I 427 -23.15 9.59 -63.60
CA TYR I 427 -23.57 8.93 -64.82
C TYR I 427 -24.86 8.15 -64.57
N ALA I 428 -25.74 8.14 -65.57
CA ALA I 428 -26.91 7.28 -65.51
C ALA I 428 -26.51 5.84 -65.78
N VAL I 429 -27.03 4.91 -64.97
CA VAL I 429 -26.54 3.54 -65.01
C VAL I 429 -27.15 2.74 -66.17
N SER I 430 -28.26 3.20 -66.74
CA SER I 430 -28.90 2.45 -67.81
C SER I 430 -28.12 2.60 -69.11
N MET I 431 -28.24 1.60 -69.98
CA MET I 431 -27.63 1.67 -71.30
C MET I 431 -28.26 2.80 -72.12
N PHE I 432 -29.58 2.88 -72.11
CA PHE I 432 -30.30 4.00 -72.72
C PHE I 432 -30.42 5.09 -71.65
N ASN I 433 -29.70 6.19 -71.86
CA ASN I 433 -29.61 7.26 -70.88
C ASN I 433 -29.71 8.60 -71.60
N PRO I 434 -30.07 9.67 -70.89
CA PRO I 434 -30.06 11.01 -71.51
C PRO I 434 -28.67 11.52 -71.87
N GLN I 435 -27.61 10.84 -71.43
CA GLN I 435 -26.25 11.26 -71.70
C GLN I 435 -25.75 10.86 -73.08
N GLY I 436 -26.55 10.12 -73.86
CA GLY I 436 -26.11 9.60 -75.14
C GLY I 436 -26.01 10.63 -76.24
N ASN I 437 -25.97 10.17 -77.49
CA ASN I 437 -25.77 11.04 -78.65
C ASN I 437 -27.03 11.87 -78.91
N ASP I 438 -26.97 12.64 -80.00
CA ASP I 438 -28.01 13.63 -80.30
C ASP I 438 -29.36 12.96 -80.54
N MET I 439 -29.36 11.84 -81.27
CA MET I 439 -30.63 11.15 -81.54
C MET I 439 -31.27 10.65 -80.26
N THR I 440 -30.48 10.03 -79.39
CA THR I 440 -31.01 9.57 -78.10
C THR I 440 -31.40 10.75 -77.22
N LYS I 441 -30.63 11.83 -77.27
CA LYS I 441 -30.97 13.03 -76.51
C LYS I 441 -32.29 13.63 -76.98
N GLY I 442 -32.51 13.66 -78.30
CA GLY I 442 -33.77 14.14 -78.83
C GLY I 442 -34.94 13.21 -78.57
N LEU I 443 -34.67 11.92 -78.36
CA LEU I 443 -35.74 10.98 -78.06
C LEU I 443 -36.29 11.18 -76.65
N LEU I 444 -35.48 11.69 -75.73
CA LEU I 444 -35.86 11.80 -74.32
C LEU I 444 -36.20 13.25 -73.98
N THR I 445 -37.35 13.43 -73.31
CA THR I 445 -37.77 14.71 -72.79
C THR I 445 -38.31 14.50 -71.38
N LEU I 446 -38.38 15.58 -70.61
CA LEU I 446 -38.84 15.48 -69.23
C LEU I 446 -40.32 15.16 -69.19
N ALA I 447 -40.76 14.58 -68.06
CA ALA I 447 -42.14 14.13 -67.95
C ALA I 447 -43.07 15.22 -67.42
N LYS I 448 -42.62 16.01 -66.46
CA LYS I 448 -43.45 17.03 -65.83
C LYS I 448 -43.15 18.39 -66.42
N GLY I 449 -44.20 19.10 -66.83
CA GLY I 449 -44.04 20.37 -67.51
C GLY I 449 -44.87 21.48 -66.88
N LYS I 450 -44.40 22.70 -67.08
CA LYS I 450 -45.00 23.94 -66.61
C LYS I 450 -45.06 24.90 -67.78
N PRO I 451 -46.07 25.79 -67.83
CA PRO I 451 -46.14 26.74 -68.94
C PRO I 451 -44.88 27.58 -69.08
N ILE I 452 -44.48 27.82 -70.33
CA ILE I 452 -43.12 28.24 -70.63
C ILE I 452 -42.85 29.69 -70.23
N GLY I 453 -43.87 30.54 -70.27
CA GLY I 453 -43.67 31.95 -69.96
C GLY I 453 -42.82 32.66 -71.00
N LYS I 454 -42.52 33.93 -70.71
CA LYS I 454 -41.67 34.69 -71.63
C LYS I 454 -40.20 34.34 -71.45
N GLU I 455 -39.77 34.01 -70.23
CA GLU I 455 -38.38 33.66 -70.00
C GLU I 455 -38.05 32.30 -70.60
N GLY I 456 -38.92 31.31 -70.37
CA GLY I 456 -38.66 29.97 -70.89
C GLY I 456 -38.71 29.91 -72.40
N TYR I 457 -39.65 30.65 -73.01
CA TYR I 457 -39.68 30.74 -74.46
C TYR I 457 -38.42 31.42 -75.00
N TYR I 458 -37.94 32.44 -74.28
CA TYR I 458 -36.67 33.06 -74.65
C TYR I 458 -35.52 32.07 -74.55
N TRP I 459 -35.48 31.28 -73.48
CA TRP I 459 -34.44 30.26 -73.35
C TRP I 459 -34.65 29.13 -74.34
N LEU I 460 -35.89 28.82 -74.70
CA LEU I 460 -36.15 27.78 -75.69
C LEU I 460 -35.58 28.17 -77.05
N LYS I 461 -35.73 29.45 -77.42
CA LYS I 461 -35.07 29.95 -78.62
C LYS I 461 -33.55 29.94 -78.46
N ILE I 462 -33.05 30.21 -77.25
CA ILE I 462 -31.62 30.08 -77.00
C ILE I 462 -31.19 28.61 -77.14
N HIS I 463 -32.00 27.69 -76.62
CA HIS I 463 -31.67 26.26 -76.74
C HIS I 463 -31.66 25.81 -78.20
N GLY I 464 -32.61 26.28 -78.99
CA GLY I 464 -32.60 25.98 -80.42
C GLY I 464 -31.39 26.54 -81.13
N ALA I 465 -30.92 27.71 -80.70
CA ALA I 465 -29.72 28.29 -81.28
C ALA I 465 -28.50 27.45 -80.99
N ASN I 466 -28.38 26.93 -79.76
CA ASN I 466 -27.25 26.05 -79.42
C ASN I 466 -27.32 24.74 -80.19
N CYS I 467 -28.54 24.21 -80.40
CA CYS I 467 -28.68 23.01 -81.20
C CYS I 467 -28.37 23.27 -82.66
N ALA I 468 -28.64 24.48 -83.15
CA ALA I 468 -28.32 24.84 -84.53
C ALA I 468 -26.83 25.07 -84.73
N GLY I 469 -26.10 25.39 -83.68
CA GLY I 469 -24.68 25.71 -83.79
C GLY I 469 -24.34 27.18 -83.75
N VAL I 470 -25.32 28.06 -83.52
CA VAL I 470 -25.07 29.48 -83.41
C VAL I 470 -25.01 29.92 -81.95
N ASP I 471 -24.71 28.98 -81.05
CA ASP I 471 -24.47 29.32 -79.65
C ASP I 471 -23.29 30.25 -79.46
N LYS I 472 -22.37 30.29 -80.43
CA LYS I 472 -21.18 31.11 -80.31
C LYS I 472 -21.55 32.60 -80.30
N VAL I 473 -22.54 32.98 -81.11
CA VAL I 473 -22.91 34.39 -81.27
C VAL I 473 -23.71 34.78 -80.03
N PRO I 474 -23.71 36.05 -79.60
CA PRO I 474 -24.37 36.42 -78.34
C PRO I 474 -25.88 36.20 -78.33
N PHE I 475 -26.46 36.39 -77.14
CA PHE I 475 -27.89 36.16 -76.93
C PHE I 475 -28.80 37.02 -77.79
N PRO I 476 -28.61 38.35 -77.93
CA PRO I 476 -29.51 39.10 -78.83
C PRO I 476 -29.45 38.64 -80.26
N GLU I 477 -28.29 38.16 -80.73
CA GLU I 477 -28.21 37.63 -82.08
C GLU I 477 -28.68 36.19 -82.14
N ARG I 478 -28.55 35.42 -81.04
CA ARG I 478 -29.14 34.09 -80.99
C ARG I 478 -30.66 34.14 -81.12
N ILE I 479 -31.28 35.18 -80.59
CA ILE I 479 -32.72 35.35 -80.69
C ILE I 479 -33.12 35.60 -82.14
N LYS I 480 -32.30 36.33 -82.89
CA LYS I 480 -32.67 36.72 -84.25
C LYS I 480 -32.67 35.54 -85.21
N PHE I 481 -31.76 34.56 -85.03
CA PHE I 481 -31.74 33.42 -85.94
C PHE I 481 -32.96 32.55 -85.77
N ILE I 482 -33.48 32.43 -84.54
CA ILE I 482 -34.75 31.74 -84.35
C ILE I 482 -35.89 32.53 -84.97
N GLU I 483 -35.76 33.86 -85.01
CA GLU I 483 -36.78 34.70 -85.64
C GLU I 483 -36.60 34.83 -87.15
N GLU I 484 -35.35 34.84 -87.63
CA GLU I 484 -35.12 34.87 -89.07
C GLU I 484 -35.54 33.56 -89.73
N ASN I 485 -35.16 32.43 -89.13
CA ASN I 485 -35.53 31.11 -89.63
C ASN I 485 -36.83 30.61 -88.99
N HIS I 486 -37.69 31.52 -88.55
CA HIS I 486 -38.89 31.13 -87.82
C HIS I 486 -39.84 30.31 -88.69
N GLU I 487 -40.04 30.72 -89.95
CA GLU I 487 -40.92 29.97 -90.83
C GLU I 487 -40.33 28.61 -91.20
N ASN I 488 -39.00 28.50 -91.22
CA ASN I 488 -38.37 27.21 -91.49
C ASN I 488 -38.49 26.26 -90.31
N ILE I 489 -38.41 26.79 -89.08
CA ILE I 489 -38.55 25.95 -87.89
C ILE I 489 -39.96 25.38 -87.80
N MET I 490 -40.97 26.22 -88.06
CA MET I 490 -42.36 25.75 -88.05
C MET I 490 -42.60 24.72 -89.15
N ALA I 491 -42.03 24.95 -90.33
CA ALA I 491 -42.22 24.03 -91.45
C ALA I 491 -41.67 22.65 -91.14
N CYS I 492 -40.51 22.58 -90.49
CA CYS I 492 -39.97 21.30 -90.05
C CYS I 492 -40.83 20.66 -88.96
N ALA I 493 -41.63 21.44 -88.24
CA ALA I 493 -42.50 20.91 -87.20
C ALA I 493 -43.85 20.43 -87.72
N LYS I 494 -44.39 21.08 -88.76
CA LYS I 494 -45.64 20.59 -89.35
C LYS I 494 -45.44 19.22 -89.99
N SER I 495 -44.39 19.08 -90.80
CA SER I 495 -44.04 17.81 -91.41
C SER I 495 -42.51 17.71 -91.47
N PRO I 496 -41.90 16.95 -90.56
CA PRO I 496 -40.43 16.80 -90.60
C PRO I 496 -39.93 16.07 -91.83
N LEU I 497 -40.78 15.30 -92.51
CA LEU I 497 -40.36 14.59 -93.71
C LEU I 497 -40.24 15.52 -94.92
N GLU I 498 -41.05 16.58 -94.96
CA GLU I 498 -41.01 17.49 -96.11
C GLU I 498 -39.73 18.32 -96.12
N ASN I 499 -39.32 18.84 -94.96
CA ASN I 499 -38.21 19.78 -94.87
C ASN I 499 -37.04 19.12 -94.15
N THR I 500 -35.85 19.21 -94.76
CA THR I 500 -34.63 18.65 -94.20
C THR I 500 -33.77 19.70 -93.51
N TRP I 501 -34.35 20.85 -93.17
CA TRP I 501 -33.58 21.93 -92.55
C TRP I 501 -33.09 21.53 -91.16
N TRP I 502 -33.90 20.79 -90.40
CA TRP I 502 -33.51 20.40 -89.05
C TRP I 502 -32.32 19.46 -89.06
N ALA I 503 -32.19 18.63 -90.10
CA ALA I 503 -31.08 17.68 -90.16
C ALA I 503 -29.74 18.40 -90.31
N GLU I 504 -29.70 19.49 -91.09
CA GLU I 504 -28.45 20.17 -91.39
C GLU I 504 -27.80 20.80 -90.16
N GLN I 505 -28.54 20.97 -89.07
CA GLN I 505 -28.00 21.59 -87.87
C GLN I 505 -27.04 20.63 -87.15
N ASP I 506 -26.27 21.20 -86.22
CA ASP I 506 -25.23 20.43 -85.54
C ASP I 506 -25.81 19.33 -84.66
N SER I 507 -26.92 19.59 -83.99
CA SER I 507 -27.61 18.62 -83.15
C SER I 507 -29.04 18.52 -83.67
N PRO I 508 -29.25 17.78 -84.78
CA PRO I 508 -30.56 17.80 -85.45
C PRO I 508 -31.73 17.29 -84.61
N PHE I 509 -31.55 16.22 -83.84
CA PHE I 509 -32.69 15.61 -83.18
C PHE I 509 -33.16 16.42 -81.98
N CYS I 510 -32.24 17.03 -81.23
CA CYS I 510 -32.65 17.98 -80.21
C CYS I 510 -33.24 19.24 -80.84
N PHE I 511 -32.68 19.66 -81.98
CA PHE I 511 -33.24 20.81 -82.70
C PHE I 511 -34.63 20.50 -83.22
N LEU I 512 -34.85 19.28 -83.72
CA LEU I 512 -36.19 18.89 -84.16
C LEU I 512 -37.15 18.84 -82.98
N ALA I 513 -36.70 18.36 -81.83
CA ALA I 513 -37.51 18.43 -80.62
C ALA I 513 -37.79 19.87 -80.22
N PHE I 514 -36.80 20.75 -80.43
CA PHE I 514 -37.03 22.17 -80.21
C PHE I 514 -38.05 22.73 -81.18
N CYS I 515 -38.00 22.28 -82.44
CA CYS I 515 -38.99 22.73 -83.43
C CYS I 515 -40.41 22.32 -83.05
N PHE I 516 -40.56 21.09 -82.53
CA PHE I 516 -41.88 20.64 -82.10
C PHE I 516 -42.41 21.48 -80.95
N GLU I 517 -41.55 21.80 -79.97
CA GLU I 517 -41.99 22.61 -78.84
C GLU I 517 -42.13 24.08 -79.22
N TYR I 518 -41.27 24.58 -80.12
CA TYR I 518 -41.40 25.96 -80.56
C TYR I 518 -42.68 26.17 -81.34
N ALA I 519 -43.08 25.19 -82.16
CA ALA I 519 -44.36 25.29 -82.85
C ALA I 519 -45.52 25.17 -81.86
N GLY I 520 -45.35 24.35 -80.83
CA GLY I 520 -46.42 24.16 -79.85
C GLY I 520 -46.77 25.42 -79.08
N VAL I 521 -45.79 26.27 -78.82
CA VAL I 521 -46.09 27.52 -78.11
C VAL I 521 -46.68 28.58 -79.04
N GLN I 522 -46.57 28.39 -80.36
CA GLN I 522 -47.32 29.26 -81.27
C GLN I 522 -48.74 28.78 -81.49
N HIS I 523 -48.97 27.47 -81.47
CA HIS I 523 -50.32 26.95 -81.65
C HIS I 523 -51.19 27.22 -80.43
N HIS I 524 -50.60 27.14 -79.23
CA HIS I 524 -51.38 27.18 -77.99
C HIS I 524 -50.97 28.32 -77.07
N GLY I 525 -50.10 29.22 -77.50
CA GLY I 525 -49.71 30.35 -76.68
C GLY I 525 -48.70 29.99 -75.61
N LEU I 526 -48.47 30.96 -74.72
CA LEU I 526 -47.55 30.76 -73.60
C LEU I 526 -48.10 29.82 -72.55
N SER I 527 -49.41 29.57 -72.55
CA SER I 527 -50.02 28.71 -71.55
C SER I 527 -49.66 27.24 -71.74
N TYR I 528 -49.22 26.85 -72.93
CA TYR I 528 -48.89 25.45 -73.18
C TYR I 528 -47.58 25.10 -72.47
N ASN I 529 -47.58 23.97 -71.77
CA ASN I 529 -46.45 23.56 -70.95
C ASN I 529 -45.45 22.78 -71.81
N CYS I 530 -44.20 23.23 -71.81
CA CYS I 530 -43.12 22.58 -72.55
C CYS I 530 -42.22 21.84 -71.58
N SER I 531 -41.99 20.57 -71.85
CA SER I 531 -41.18 19.71 -70.97
C SER I 531 -39.82 19.39 -71.57
N LEU I 532 -39.43 20.06 -72.65
CA LEU I 532 -38.17 19.75 -73.30
C LEU I 532 -37.00 20.23 -72.43
N PRO I 533 -35.96 19.41 -72.26
CA PRO I 533 -34.77 19.87 -71.54
C PRO I 533 -34.07 21.01 -72.26
N LEU I 534 -33.61 21.98 -71.48
CA LEU I 534 -32.86 23.14 -71.99
C LEU I 534 -31.52 23.18 -71.27
N ALA I 535 -30.45 22.93 -72.01
CA ALA I 535 -29.14 22.65 -71.45
C ALA I 535 -28.19 23.82 -71.65
N PHE I 536 -27.35 24.07 -70.64
CA PHE I 536 -26.33 25.11 -70.70
C PHE I 536 -24.98 24.48 -70.37
N ASP I 537 -23.99 24.72 -71.24
CA ASP I 537 -22.69 24.09 -71.13
C ASP I 537 -21.58 25.13 -71.09
N GLY I 538 -20.74 25.07 -70.05
CA GLY I 538 -19.56 25.91 -70.03
C GLY I 538 -18.61 25.57 -71.15
N SER I 539 -17.89 26.59 -71.62
CA SER I 539 -17.02 26.43 -72.79
C SER I 539 -15.91 25.41 -72.50
N CYS I 540 -15.30 25.49 -71.32
CA CYS I 540 -14.33 24.50 -70.88
C CYS I 540 -14.42 24.40 -69.36
N SER I 541 -14.98 23.30 -68.86
CA SER I 541 -15.11 23.14 -67.42
C SER I 541 -13.76 22.98 -66.74
N GLY I 542 -12.76 22.50 -67.47
CA GLY I 542 -11.43 22.32 -66.89
C GLY I 542 -10.81 23.64 -66.49
N ILE I 543 -10.86 24.64 -67.39
CA ILE I 543 -10.24 25.93 -67.12
C ILE I 543 -11.24 26.96 -66.60
N GLN I 544 -12.54 26.65 -66.58
CA GLN I 544 -13.46 27.42 -65.75
C GLN I 544 -13.12 27.24 -64.28
N HIS I 545 -12.93 25.99 -63.85
CA HIS I 545 -12.65 25.72 -62.45
C HIS I 545 -11.24 26.16 -62.07
N PHE I 546 -10.27 25.94 -62.95
CA PHE I 546 -8.89 26.28 -62.65
C PHE I 546 -8.69 27.78 -62.56
N SER I 547 -9.45 28.56 -63.34
CA SER I 547 -9.43 30.01 -63.19
C SER I 547 -10.06 30.43 -61.87
N ALA I 548 -11.07 29.69 -61.40
CA ALA I 548 -11.71 30.01 -60.13
C ALA I 548 -10.87 29.58 -58.93
N MET I 549 -10.08 28.50 -59.08
CA MET I 549 -9.20 28.07 -58.01
C MET I 549 -8.14 29.13 -57.70
N LEU I 550 -7.46 29.63 -58.73
CA LEU I 550 -6.35 30.55 -58.56
C LEU I 550 -6.77 32.00 -58.73
N ARG I 551 -8.07 32.28 -58.89
CA ARG I 551 -8.62 33.62 -59.03
C ARG I 551 -7.95 34.39 -60.17
N ASP I 552 -7.73 33.72 -61.30
CA ASP I 552 -6.95 34.28 -62.39
C ASP I 552 -7.90 34.86 -63.44
N GLU I 553 -7.65 36.11 -63.82
CA GLU I 553 -8.55 36.80 -64.74
C GLU I 553 -8.41 36.28 -66.18
N VAL I 554 -7.17 36.12 -66.65
CA VAL I 554 -6.96 35.82 -68.07
C VAL I 554 -7.51 34.45 -68.42
N GLY I 555 -7.44 33.49 -67.51
CA GLY I 555 -8.17 32.25 -67.70
C GLY I 555 -9.67 32.45 -67.67
N GLY I 556 -10.14 33.34 -66.78
CA GLY I 556 -11.57 33.59 -66.68
C GLY I 556 -12.13 34.32 -67.89
N ARG I 557 -11.38 35.29 -68.43
CA ARG I 557 -11.86 36.04 -69.58
C ARG I 557 -12.04 35.16 -70.80
N ALA I 558 -11.07 34.27 -71.05
CA ALA I 558 -11.16 33.39 -72.22
C ALA I 558 -12.30 32.39 -72.08
N VAL I 559 -12.52 31.86 -70.87
CA VAL I 559 -13.55 30.85 -70.64
C VAL I 559 -14.87 31.52 -70.26
N ASN I 560 -14.91 32.85 -70.42
CA ASN I 560 -16.10 33.70 -70.25
C ASN I 560 -16.57 33.76 -68.80
N LEU I 561 -15.70 33.46 -67.84
CA LEU I 561 -16.07 33.56 -66.43
C LEU I 561 -16.36 35.00 -66.03
N LEU I 562 -15.56 35.94 -66.51
CA LEU I 562 -15.85 37.34 -66.28
C LEU I 562 -16.99 37.80 -67.20
N PRO I 563 -17.79 38.77 -66.77
CA PRO I 563 -18.80 39.34 -67.67
C PRO I 563 -18.15 40.08 -68.82
N SER I 564 -18.81 40.03 -69.98
CA SER I 564 -18.24 40.60 -71.19
C SER I 564 -19.35 40.92 -72.16
N GLU I 565 -19.01 41.76 -73.14
CA GLU I 565 -19.98 42.15 -74.16
C GLU I 565 -20.06 41.11 -75.28
N THR I 566 -18.91 40.59 -75.70
CA THR I 566 -18.83 39.52 -76.68
C THR I 566 -18.29 38.27 -76.01
N VAL I 567 -18.66 37.10 -76.55
CA VAL I 567 -18.07 35.87 -76.03
C VAL I 567 -16.61 35.80 -76.43
N GLN I 568 -15.86 34.98 -75.69
CA GLN I 568 -14.46 34.74 -76.00
C GLN I 568 -14.27 33.29 -76.39
N ASP I 569 -13.70 33.07 -77.57
CA ASP I 569 -13.31 31.75 -78.04
C ASP I 569 -11.84 31.53 -77.65
N ILE I 570 -11.61 30.55 -76.77
CA ILE I 570 -10.26 30.28 -76.29
C ILE I 570 -9.35 29.87 -77.45
N TYR I 571 -9.88 29.07 -78.37
CA TYR I 571 -9.08 28.60 -79.50
C TYR I 571 -8.69 29.74 -80.43
N GLY I 572 -9.52 30.78 -80.50
CA GLY I 572 -9.16 31.94 -81.29
C GLY I 572 -8.21 32.88 -80.59
N ILE I 573 -8.27 32.93 -79.26
CA ILE I 573 -7.36 33.79 -78.51
C ILE I 573 -5.93 33.26 -78.58
N VAL I 574 -5.76 31.94 -78.42
CA VAL I 574 -4.42 31.35 -78.49
C VAL I 574 -3.85 31.47 -79.90
N ALA I 575 -4.71 31.36 -80.92
CA ALA I 575 -4.25 31.45 -82.30
C ALA I 575 -3.80 32.86 -82.66
N LYS I 576 -4.45 33.88 -82.09
CA LYS I 576 -4.01 35.25 -82.33
C LYS I 576 -2.65 35.52 -81.71
N LYS I 577 -2.40 34.94 -80.52
CA LYS I 577 -1.06 35.00 -79.93
C LYS I 577 -0.05 34.23 -80.77
N VAL I 578 -0.50 33.16 -81.45
CA VAL I 578 0.38 32.39 -82.31
C VAL I 578 0.87 33.24 -83.48
N ASN I 579 -0.02 34.03 -84.08
CA ASN I 579 0.37 34.88 -85.20
C ASN I 579 1.35 35.97 -84.77
N GLU I 580 1.27 36.42 -83.51
CA GLU I 580 2.14 37.50 -83.07
C GLU I 580 3.58 37.03 -82.90
N ILE I 581 3.78 35.80 -82.41
CA ILE I 581 5.14 35.29 -82.36
C ILE I 581 5.65 34.97 -83.76
N LEU I 582 4.76 34.62 -84.68
CA LEU I 582 5.17 34.36 -86.07
C LEU I 582 5.56 35.64 -86.79
N GLN I 583 4.84 36.73 -86.52
CA GLN I 583 5.23 38.03 -87.10
C GLN I 583 6.59 38.47 -86.59
N ALA I 584 6.85 38.30 -85.29
CA ALA I 584 8.14 38.66 -84.73
C ALA I 584 9.23 37.70 -85.18
N ASP I 585 8.90 36.41 -85.31
CA ASP I 585 9.88 35.43 -85.75
C ASP I 585 10.31 35.69 -87.19
N ALA I 586 9.38 36.09 -88.05
CA ALA I 586 9.72 36.47 -89.42
C ALA I 586 10.57 37.72 -89.48
N ILE I 587 10.54 38.55 -88.43
CA ILE I 587 11.36 39.77 -88.41
C ILE I 587 12.82 39.42 -88.15
N ASN I 588 13.09 38.68 -87.07
CA ASN I 588 14.46 38.39 -86.67
C ASN I 588 14.80 36.90 -86.79
N GLY I 589 14.10 36.04 -86.05
CA GLY I 589 14.32 34.61 -86.07
C GLY I 589 15.75 34.12 -85.85
N THR I 590 16.05 32.91 -86.30
CA THR I 590 17.39 32.35 -86.24
C THR I 590 17.70 31.68 -87.57
N ASP I 591 19.00 31.56 -87.86
CA ASP I 591 19.45 31.00 -89.13
C ASP I 591 19.28 29.49 -89.16
N ASN I 592 19.15 28.95 -90.36
CA ASN I 592 19.05 27.51 -90.55
C ASN I 592 20.41 26.85 -90.31
N LEU I 611 15.62 23.28 -89.52
CA LEU I 611 15.00 24.51 -89.99
C LEU I 611 15.11 25.62 -88.95
N GLY I 612 15.51 26.81 -89.39
CA GLY I 612 15.58 27.94 -88.50
C GLY I 612 14.20 28.45 -88.10
N THR I 613 14.18 29.23 -87.03
CA THR I 613 12.91 29.72 -86.50
C THR I 613 12.25 30.73 -87.44
N LYS I 614 13.06 31.55 -88.13
CA LYS I 614 12.47 32.51 -89.06
C LYS I 614 12.00 31.85 -90.35
N ALA I 615 12.75 30.83 -90.83
CA ALA I 615 12.33 30.12 -92.03
C ALA I 615 11.07 29.32 -91.78
N LEU I 616 10.98 28.65 -90.64
CA LEU I 616 9.78 27.89 -90.29
C LEU I 616 8.60 28.81 -90.03
N ALA I 617 8.85 30.02 -89.50
CA ALA I 617 7.77 30.98 -89.34
C ALA I 617 7.26 31.46 -90.70
N GLY I 618 8.16 31.74 -91.64
CA GLY I 618 7.74 32.22 -92.94
C GLY I 618 6.88 31.23 -93.70
N GLN I 619 7.15 29.93 -93.52
CA GLN I 619 6.23 28.91 -94.04
C GLN I 619 4.91 28.93 -93.30
N TRP I 620 4.94 29.27 -92.00
CA TRP I 620 3.71 29.25 -91.20
C TRP I 620 2.81 30.45 -91.53
N LEU I 621 3.40 31.58 -91.95
CA LEU I 621 2.58 32.73 -92.34
C LEU I 621 1.75 32.42 -93.59
N ALA I 622 2.36 31.78 -94.58
CA ALA I 622 1.65 31.47 -95.82
C ALA I 622 0.52 30.48 -95.58
N TYR I 623 0.76 29.49 -94.71
CA TYR I 623 -0.30 28.54 -94.37
C TYR I 623 -1.39 29.22 -93.54
N GLY I 624 -1.00 30.01 -92.56
CA GLY I 624 -1.95 30.64 -91.66
C GLY I 624 -2.33 29.76 -90.49
N VAL I 625 -2.77 30.42 -89.41
CA VAL I 625 -3.17 29.75 -88.18
C VAL I 625 -4.60 30.17 -87.86
N THR I 626 -5.44 29.21 -87.52
CA THR I 626 -6.86 29.42 -87.33
C THR I 626 -7.28 28.86 -85.97
N ARG I 627 -8.39 29.39 -85.45
CA ARG I 627 -9.01 28.85 -84.24
C ARG I 627 -9.23 27.33 -84.33
N SER I 628 -9.67 26.85 -85.50
CA SER I 628 -9.92 25.43 -85.67
C SER I 628 -8.64 24.60 -85.59
N VAL I 629 -7.50 25.19 -85.96
CA VAL I 629 -6.23 24.47 -85.87
C VAL I 629 -5.85 24.21 -84.41
N THR I 630 -6.03 25.22 -83.56
CA THR I 630 -5.67 25.12 -82.15
C THR I 630 -6.81 24.65 -81.27
N LYS I 631 -7.95 24.28 -81.86
CA LYS I 631 -9.12 23.90 -81.07
C LYS I 631 -8.87 22.65 -80.24
N ARG I 632 -8.23 21.64 -80.84
CA ARG I 632 -7.97 20.39 -80.14
C ARG I 632 -6.97 20.55 -79.00
N SER I 633 -6.11 21.57 -79.06
CA SER I 633 -4.96 21.63 -78.17
C SER I 633 -5.36 22.01 -76.75
N VAL I 634 -6.30 22.94 -76.60
CA VAL I 634 -6.68 23.37 -75.25
C VAL I 634 -7.86 22.59 -74.69
N MET I 635 -8.62 21.89 -75.54
CA MET I 635 -9.48 20.84 -75.02
C MET I 635 -8.63 19.71 -74.44
N THR I 636 -7.53 19.38 -75.11
CA THR I 636 -6.56 18.44 -74.58
C THR I 636 -5.81 19.00 -73.38
N LEU I 637 -5.74 20.33 -73.24
CA LEU I 637 -5.06 20.92 -72.10
C LEU I 637 -5.80 20.65 -70.80
N ALA I 638 -7.13 20.73 -70.82
CA ALA I 638 -7.93 20.37 -69.65
C ALA I 638 -7.76 18.90 -69.29
N TYR I 639 -7.41 18.06 -70.26
CA TYR I 639 -7.02 16.68 -70.02
C TYR I 639 -5.52 16.51 -69.95
N GLY I 640 -4.77 17.61 -69.87
CA GLY I 640 -3.35 17.56 -69.61
C GLY I 640 -2.48 17.24 -70.81
N SER I 641 -2.55 18.07 -71.85
CA SER I 641 -1.64 17.89 -72.96
C SER I 641 -0.25 18.39 -72.61
N LYS I 642 0.73 17.99 -73.40
CA LYS I 642 2.12 18.37 -73.21
C LYS I 642 2.64 18.96 -74.52
N GLU I 643 3.82 19.56 -74.46
CA GLU I 643 4.43 20.11 -75.67
C GLU I 643 4.73 19.01 -76.68
N PHE I 644 5.18 17.84 -76.21
CA PHE I 644 5.30 16.71 -77.11
C PHE I 644 3.91 16.26 -77.60
N GLY I 645 2.91 16.37 -76.74
CA GLY I 645 1.56 16.05 -77.17
C GLY I 645 1.05 16.98 -78.26
N PHE I 646 1.49 18.24 -78.24
CA PHE I 646 1.02 19.21 -79.22
C PHE I 646 1.53 18.91 -80.62
N ARG I 647 2.79 18.47 -80.76
CA ARG I 647 3.37 18.32 -82.10
C ARG I 647 2.70 17.19 -82.87
N GLN I 648 2.34 16.10 -82.21
CA GLN I 648 1.74 14.98 -82.93
C GLN I 648 0.29 15.26 -83.30
N GLN I 649 -0.45 15.94 -82.41
CA GLN I 649 -1.89 16.10 -82.65
C GLN I 649 -2.16 17.13 -83.74
N VAL I 650 -1.31 18.15 -83.89
CA VAL I 650 -1.52 19.12 -84.95
C VAL I 650 -1.24 18.49 -86.31
N LEU I 651 -0.28 17.57 -86.38
CA LEU I 651 0.05 16.92 -87.64
C LEU I 651 -1.03 15.94 -88.07
N GLU I 652 -1.73 15.34 -87.10
CA GLU I 652 -2.63 14.22 -87.41
C GLU I 652 -3.90 14.69 -88.11
N ASP I 653 -4.41 15.87 -87.77
CA ASP I 653 -5.71 16.30 -88.28
C ASP I 653 -5.63 17.50 -89.22
N THR I 654 -4.69 18.42 -89.02
CA THR I 654 -4.71 19.67 -89.78
C THR I 654 -4.26 19.48 -91.23
N ILE I 655 -3.23 18.66 -91.46
CA ILE I 655 -2.58 18.65 -92.77
C ILE I 655 -3.34 17.82 -93.80
N GLN I 656 -4.16 16.85 -93.38
CA GLN I 656 -4.84 15.98 -94.36
C GLN I 656 -5.87 16.73 -95.20
N PRO I 657 -6.77 17.55 -94.65
CA PRO I 657 -7.66 18.33 -95.53
C PRO I 657 -6.92 19.33 -96.41
N ALA I 658 -5.80 19.88 -95.93
CA ALA I 658 -5.03 20.81 -96.74
C ALA I 658 -4.35 20.11 -97.91
N ILE I 659 -3.94 18.87 -97.73
CA ILE I 659 -3.38 18.08 -98.83
C ILE I 659 -4.46 17.82 -99.88
N ASP I 660 -5.67 17.47 -99.44
CA ASP I 660 -6.78 17.29 -100.37
C ASP I 660 -7.15 18.61 -101.06
N SER I 661 -7.06 19.72 -100.32
CA SER I 661 -7.35 21.02 -100.92
C SER I 661 -6.26 21.45 -101.89
N GLY I 662 -5.04 20.97 -101.71
CA GLY I 662 -3.93 21.40 -102.54
C GLY I 662 -3.41 22.78 -102.20
N LYS I 663 -3.68 23.27 -101.00
CA LYS I 663 -3.20 24.57 -100.54
C LYS I 663 -2.47 24.39 -99.21
N GLY I 664 -1.34 25.07 -99.09
CA GLY I 664 -0.56 25.00 -97.87
C GLY I 664 0.29 23.76 -97.71
N LEU I 665 0.47 22.98 -98.76
CA LEU I 665 1.31 21.79 -98.73
C LEU I 665 2.79 22.11 -98.82
N MET I 666 3.16 23.39 -98.84
CA MET I 666 4.48 23.82 -99.28
C MET I 666 5.58 23.60 -98.25
N PHE I 667 5.25 23.44 -96.97
CA PHE I 667 6.30 23.33 -95.97
C PHE I 667 7.09 22.04 -96.12
N THR I 668 8.40 22.12 -95.91
CA THR I 668 9.30 21.06 -96.32
C THR I 668 9.20 19.83 -95.41
N GLN I 669 9.18 20.05 -94.10
CA GLN I 669 9.15 18.93 -93.14
C GLN I 669 7.90 19.05 -92.27
N PRO I 670 7.00 18.06 -92.32
CA PRO I 670 5.87 18.07 -91.38
C PRO I 670 6.28 17.97 -89.93
N ASN I 671 7.36 17.24 -89.63
CA ASN I 671 7.77 17.05 -88.24
C ASN I 671 8.42 18.31 -87.67
N GLN I 672 9.24 19.00 -88.48
CA GLN I 672 9.85 20.24 -88.02
C GLN I 672 8.80 21.31 -87.76
N ALA I 673 7.82 21.44 -88.66
CA ALA I 673 6.74 22.40 -88.45
C ALA I 673 5.90 22.04 -87.24
N ALA I 674 5.72 20.74 -86.98
CA ALA I 674 4.97 20.30 -85.81
C ALA I 674 5.70 20.64 -84.52
N GLY I 675 7.03 20.47 -84.50
CA GLY I 675 7.77 20.71 -83.27
C GLY I 675 7.79 22.16 -82.84
N TYR I 676 8.00 23.08 -83.80
CA TYR I 676 8.04 24.50 -83.44
C TYR I 676 6.64 25.03 -83.14
N MET I 677 5.63 24.53 -83.86
CA MET I 677 4.25 24.88 -83.54
C MET I 677 3.89 24.42 -82.13
N ALA I 678 4.38 23.24 -81.74
CA ALA I 678 4.15 22.74 -80.40
C ALA I 678 4.78 23.63 -79.34
N LYS I 679 5.99 24.14 -79.61
CA LYS I 679 6.67 25.00 -78.66
C LYS I 679 5.91 26.30 -78.43
N LEU I 680 5.49 26.94 -79.52
CA LEU I 680 4.81 28.23 -79.39
C LEU I 680 3.36 28.09 -78.92
N ILE I 681 2.71 26.96 -79.22
CA ILE I 681 1.37 26.70 -78.68
C ILE I 681 1.43 26.59 -77.16
N TRP I 682 2.42 25.86 -76.65
CA TRP I 682 2.56 25.68 -75.21
C TRP I 682 2.82 27.01 -74.51
N GLU I 683 3.66 27.87 -75.11
CA GLU I 683 3.83 29.22 -74.57
C GLU I 683 2.54 30.03 -74.69
N SER I 684 1.86 29.93 -75.83
CA SER I 684 0.62 30.69 -76.02
C SER I 684 -0.51 30.16 -75.16
N VAL I 685 -0.55 28.85 -74.92
CA VAL I 685 -1.52 28.31 -73.98
C VAL I 685 -1.21 28.76 -72.56
N SER I 686 0.07 28.99 -72.26
CA SER I 686 0.45 29.46 -70.94
C SER I 686 -0.05 30.89 -70.67
N VAL I 687 0.07 31.77 -71.68
CA VAL I 687 -0.29 33.17 -71.45
C VAL I 687 -1.81 33.38 -71.43
N THR I 688 -2.58 32.52 -72.11
CA THR I 688 -4.03 32.71 -72.12
C THR I 688 -4.68 32.19 -70.84
N VAL I 689 -4.17 31.10 -70.26
CA VAL I 689 -4.63 30.59 -68.97
C VAL I 689 -3.37 30.29 -68.17
N VAL I 690 -2.96 31.24 -67.32
CA VAL I 690 -1.76 31.03 -66.52
C VAL I 690 -2.06 30.13 -65.32
N ALA I 691 -3.31 30.08 -64.88
CA ALA I 691 -3.66 29.34 -63.67
C ALA I 691 -3.57 27.83 -63.87
N ALA I 692 -4.07 27.34 -65.02
CA ALA I 692 -4.17 25.89 -65.21
C ALA I 692 -2.80 25.24 -65.30
N VAL I 693 -1.86 25.85 -66.02
CA VAL I 693 -0.54 25.25 -66.21
C VAL I 693 0.22 25.19 -64.88
N GLU I 694 0.09 26.23 -64.05
CA GLU I 694 0.73 26.19 -62.73
C GLU I 694 0.02 25.21 -61.80
N ALA I 695 -1.32 25.16 -61.88
CA ALA I 695 -2.08 24.26 -61.00
C ALA I 695 -1.76 22.81 -61.30
N MET I 696 -1.76 22.44 -62.59
CA MET I 696 -1.42 21.06 -62.95
C MET I 696 0.01 20.71 -62.58
N ASN I 697 0.94 21.66 -62.75
CA ASN I 697 2.33 21.40 -62.39
C ASN I 697 2.52 21.25 -60.89
N TRP I 698 1.73 21.98 -60.09
CA TRP I 698 1.79 21.80 -58.65
C TRP I 698 1.21 20.44 -58.24
N LEU I 699 0.13 20.01 -58.90
CA LEU I 699 -0.49 18.74 -58.55
C LEU I 699 0.36 17.56 -59.01
N LYS I 700 0.99 17.66 -60.19
CA LYS I 700 1.79 16.55 -60.71
C LYS I 700 3.04 16.32 -59.87
N SER I 701 3.67 17.39 -59.39
CA SER I 701 4.82 17.24 -58.51
C SER I 701 4.42 16.58 -57.20
N ALA I 702 3.25 16.98 -56.65
CA ALA I 702 2.77 16.39 -55.40
C ALA I 702 2.50 14.89 -55.56
N ALA I 703 1.89 14.51 -56.68
CA ALA I 703 1.65 13.08 -56.93
C ALA I 703 2.97 12.33 -57.10
N LYS I 704 3.95 12.96 -57.75
CA LYS I 704 5.24 12.31 -57.97
C LYS I 704 5.98 12.05 -56.67
N LEU I 705 5.98 13.04 -55.76
CA LEU I 705 6.64 12.83 -54.47
C LEU I 705 5.93 11.76 -53.65
N LEU I 706 4.61 11.71 -53.71
CA LEU I 706 3.87 10.68 -53.00
C LEU I 706 4.06 9.29 -53.62
N ALA I 707 4.20 9.22 -54.94
CA ALA I 707 4.30 7.94 -55.63
C ALA I 707 5.73 7.43 -55.77
N ALA I 708 6.72 8.17 -55.30
CA ALA I 708 8.11 7.78 -55.47
C ALA I 708 8.60 6.96 -54.28
N GLU I 709 9.26 5.84 -54.58
CA GLU I 709 9.99 5.10 -53.54
C GLU I 709 11.22 5.90 -53.15
N VAL I 710 11.32 6.24 -51.87
CA VAL I 710 12.35 7.14 -51.37
C VAL I 710 13.17 6.40 -50.32
N LYS I 711 14.43 6.16 -50.64
CA LYS I 711 15.37 5.46 -49.76
C LYS I 711 16.70 6.21 -49.78
N ASP I 712 17.41 6.15 -48.66
CA ASP I 712 18.80 6.57 -48.67
C ASP I 712 19.59 5.62 -49.54
N LYS I 713 20.37 6.18 -50.46
CA LYS I 713 20.93 5.38 -51.55
C LYS I 713 21.93 4.34 -51.04
N LYS I 714 22.69 4.68 -50.00
CA LYS I 714 23.59 3.71 -49.42
C LYS I 714 22.84 2.61 -48.67
N THR I 715 21.76 2.98 -47.98
CA THR I 715 21.05 1.99 -47.15
C THR I 715 20.28 1.00 -48.01
N GLY I 716 19.55 1.47 -49.02
CA GLY I 716 18.71 0.62 -49.82
C GLY I 716 17.37 0.29 -49.20
N GLU I 717 17.10 0.78 -47.99
CA GLU I 717 15.81 0.58 -47.32
C GLU I 717 15.02 1.88 -47.36
N ILE I 718 13.74 1.77 -47.69
CA ILE I 718 12.92 2.95 -47.91
C ILE I 718 12.61 3.63 -46.58
N LEU I 719 12.81 4.94 -46.53
CA LEU I 719 12.25 5.72 -45.43
C LEU I 719 10.75 5.89 -45.59
N ARG I 720 10.27 5.92 -46.83
CA ARG I 720 8.86 6.14 -47.13
C ARG I 720 8.46 5.23 -48.29
N LYS I 721 7.43 4.42 -48.08
CA LYS I 721 6.84 3.65 -49.16
C LYS I 721 6.09 4.58 -50.12
N ARG I 722 5.95 4.12 -51.37
CA ARG I 722 5.15 4.84 -52.34
C ARG I 722 3.70 4.94 -51.87
N CYS I 723 3.14 6.14 -51.95
CA CYS I 723 1.84 6.43 -51.37
C CYS I 723 0.88 6.99 -52.42
N ALA I 724 -0.39 6.67 -52.26
CA ALA I 724 -1.43 7.26 -53.07
C ALA I 724 -1.76 8.66 -52.55
N VAL I 725 -2.43 9.44 -53.39
CA VAL I 725 -2.91 10.76 -53.01
C VAL I 725 -4.41 10.69 -52.78
N HIS I 726 -4.88 11.51 -51.84
CA HIS I 726 -6.29 11.54 -51.47
C HIS I 726 -6.72 12.99 -51.28
N TRP I 727 -7.93 13.30 -51.74
CA TRP I 727 -8.48 14.63 -51.51
C TRP I 727 -9.98 14.52 -51.38
N VAL I 728 -10.56 15.52 -50.72
CA VAL I 728 -11.99 15.57 -50.44
C VAL I 728 -12.59 16.72 -51.23
N THR I 729 -13.64 16.43 -51.99
CA THR I 729 -14.36 17.46 -52.70
C THR I 729 -15.09 18.34 -51.70
N PRO I 730 -15.38 19.61 -52.08
CA PRO I 730 -16.06 20.50 -51.13
C PRO I 730 -17.45 20.04 -50.71
N ASP I 731 -18.09 19.16 -51.46
CA ASP I 731 -19.42 18.69 -51.15
C ASP I 731 -19.42 17.40 -50.32
N GLY I 732 -18.25 16.96 -49.84
CA GLY I 732 -18.15 15.87 -48.91
C GLY I 732 -17.70 14.55 -49.50
N PHE I 733 -17.72 14.42 -50.82
CA PHE I 733 -17.32 13.17 -51.45
C PHE I 733 -15.81 13.02 -51.43
N PRO I 734 -15.26 11.99 -50.81
CA PRO I 734 -13.83 11.74 -50.88
C PRO I 734 -13.45 10.93 -52.11
N VAL I 735 -12.22 11.13 -52.55
CA VAL I 735 -11.68 10.42 -53.71
C VAL I 735 -10.22 10.05 -53.44
N TRP I 736 -9.89 8.79 -53.69
CA TRP I 736 -8.54 8.27 -53.61
C TRP I 736 -8.09 7.87 -55.01
N GLN I 737 -6.90 8.33 -55.41
CA GLN I 737 -6.33 7.95 -56.69
C GLN I 737 -5.23 6.93 -56.43
N GLU I 738 -5.48 5.67 -56.80
CA GLU I 738 -4.51 4.59 -56.66
C GLU I 738 -4.43 3.86 -58.00
N TYR I 739 -3.61 4.38 -58.91
CA TYR I 739 -3.32 3.66 -60.15
C TYR I 739 -2.29 2.57 -59.85
N LYS I 740 -2.61 1.34 -60.22
CA LYS I 740 -1.79 0.18 -59.88
C LYS I 740 -1.23 -0.46 -61.15
N LYS I 741 0.05 -0.79 -61.11
CA LYS I 741 0.71 -1.46 -62.22
C LYS I 741 1.17 -2.85 -61.80
N PRO I 742 1.08 -3.83 -62.70
CA PRO I 742 1.53 -5.18 -62.36
C PRO I 742 3.04 -5.27 -62.25
N ILE I 743 3.50 -6.17 -61.38
CA ILE I 743 4.94 -6.38 -61.20
C ILE I 743 5.52 -7.06 -62.43
N GLN I 744 4.84 -8.07 -62.97
CA GLN I 744 5.31 -8.83 -64.12
C GLN I 744 4.28 -8.72 -65.25
N THR I 745 4.76 -8.40 -66.45
CA THR I 745 3.93 -8.37 -67.64
C THR I 745 4.61 -9.19 -68.74
N ARG I 746 3.79 -9.84 -69.55
CA ARG I 746 4.27 -10.68 -70.64
C ARG I 746 3.47 -10.36 -71.90
N LEU I 747 4.18 -10.08 -72.99
CA LEU I 747 3.55 -9.74 -74.26
C LEU I 747 4.09 -10.62 -75.36
N ASN I 748 3.19 -11.20 -76.14
CA ASN I 748 3.53 -11.95 -77.34
C ASN I 748 2.89 -11.21 -78.51
N LEU I 749 3.62 -11.12 -79.63
CA LEU I 749 3.11 -10.40 -80.79
C LEU I 749 1.91 -11.12 -81.40
N MET I 750 1.95 -12.44 -81.49
CA MET I 750 0.88 -13.18 -82.14
C MET I 750 -0.35 -13.34 -81.24
N PHE I 751 -0.13 -13.62 -79.96
CA PHE I 751 -1.21 -13.83 -79.00
C PHE I 751 -1.09 -12.81 -77.88
N LEU I 752 -2.21 -12.17 -77.54
CA LEU I 752 -2.18 -11.15 -76.49
C LEU I 752 -1.81 -11.77 -75.14
N GLY I 753 -1.09 -10.98 -74.34
CA GLY I 753 -0.62 -11.48 -73.07
C GLY I 753 -1.75 -11.65 -72.07
N GLN I 754 -1.54 -12.59 -71.15
CA GLN I 754 -2.51 -12.89 -70.09
C GLN I 754 -1.92 -12.52 -68.74
N PHE I 755 -2.78 -12.05 -67.84
CA PHE I 755 -2.31 -11.60 -66.53
C PHE I 755 -1.89 -12.79 -65.67
N ARG I 756 -0.87 -12.56 -64.85
CA ARG I 756 -0.35 -13.58 -63.95
C ARG I 756 -1.07 -13.50 -62.61
N ASP I 766 2.59 -8.45 -55.77
CA ASP I 766 1.23 -8.33 -56.28
C ASP I 766 1.14 -7.13 -57.22
N SER I 767 0.79 -5.97 -56.66
CA SER I 767 0.66 -4.74 -57.43
C SER I 767 1.29 -3.59 -56.68
N GLU I 768 1.79 -2.62 -57.44
CA GLU I 768 2.39 -1.42 -56.89
C GLU I 768 1.81 -0.21 -57.61
N ILE I 769 1.84 0.94 -56.92
CA ILE I 769 1.28 2.15 -57.48
C ILE I 769 2.19 2.69 -58.58
N ASP I 770 1.59 3.01 -59.73
CA ASP I 770 2.33 3.46 -60.89
C ASP I 770 2.44 4.98 -60.85
N ALA I 771 3.67 5.49 -60.73
CA ALA I 771 3.88 6.93 -60.59
C ALA I 771 3.46 7.69 -61.84
N HIS I 772 3.74 7.14 -63.02
CA HIS I 772 3.48 7.86 -64.26
C HIS I 772 1.99 8.10 -64.48
N LYS I 773 1.16 7.08 -64.23
CA LYS I 773 -0.28 7.30 -64.28
C LYS I 773 -0.75 8.23 -63.17
N GLN I 774 -0.10 8.17 -62.00
CA GLN I 774 -0.47 9.06 -60.91
C GLN I 774 -0.14 10.51 -61.25
N GLU I 775 1.01 10.75 -61.87
CA GLU I 775 1.38 12.12 -62.23
C GLU I 775 0.46 12.68 -63.31
N SER I 776 0.13 11.88 -64.32
CA SER I 776 -0.78 12.35 -65.37
C SER I 776 -2.22 12.37 -64.90
N GLY I 777 -2.58 11.47 -63.99
CA GLY I 777 -3.98 11.32 -63.61
C GLY I 777 -4.54 12.49 -62.83
N ILE I 778 -3.76 13.03 -61.89
CA ILE I 778 -4.33 13.84 -60.80
C ILE I 778 -4.97 15.13 -61.32
N ALA I 779 -4.40 15.74 -62.34
CA ALA I 779 -4.80 17.10 -62.68
C ALA I 779 -6.11 17.13 -63.45
N PRO I 780 -6.35 16.25 -64.44
CA PRO I 780 -7.73 16.13 -64.94
C PRO I 780 -8.68 15.54 -63.92
N ASN I 781 -8.22 14.60 -63.09
CA ASN I 781 -9.11 13.99 -62.10
C ASN I 781 -9.51 14.99 -61.02
N PHE I 782 -8.58 15.87 -60.63
CA PHE I 782 -8.90 16.88 -59.62
C PHE I 782 -9.97 17.82 -60.12
N VAL I 783 -9.79 18.39 -61.32
CA VAL I 783 -10.77 19.32 -61.85
C VAL I 783 -12.05 18.59 -62.23
N HIS I 784 -11.96 17.31 -62.58
CA HIS I 784 -13.17 16.53 -62.81
C HIS I 784 -13.90 16.26 -61.50
N SER I 785 -13.16 16.13 -60.40
CA SER I 785 -13.81 16.02 -59.10
C SER I 785 -14.48 17.31 -58.68
N GLN I 786 -13.92 18.46 -59.07
CA GLN I 786 -14.52 19.74 -58.70
C GLN I 786 -15.82 19.98 -59.44
N ASP I 787 -15.89 19.66 -60.73
CA ASP I 787 -17.16 19.84 -61.43
C ASP I 787 -18.17 18.80 -60.99
N GLY I 788 -17.70 17.63 -60.54
CA GLY I 788 -18.60 16.66 -59.94
C GLY I 788 -19.22 17.16 -58.65
N SER I 789 -18.42 17.81 -57.81
CA SER I 789 -18.96 18.44 -56.61
C SER I 789 -19.83 19.63 -56.97
N HIS I 790 -19.40 20.44 -57.95
CA HIS I 790 -20.20 21.56 -58.41
C HIS I 790 -21.52 21.10 -58.99
N LEU I 791 -21.49 20.02 -59.78
CA LEU I 791 -22.71 19.46 -60.36
C LEU I 791 -23.67 18.98 -59.27
N ARG I 792 -23.13 18.35 -58.22
CA ARG I 792 -23.96 17.90 -57.12
C ARG I 792 -24.49 19.07 -56.32
N LYS I 793 -23.69 20.13 -56.17
CA LYS I 793 -24.17 21.32 -55.46
C LYS I 793 -25.27 22.04 -56.25
N THR I 794 -25.19 22.04 -57.58
CA THR I 794 -26.19 22.74 -58.37
C THR I 794 -27.58 22.11 -58.20
N VAL I 795 -27.66 20.78 -58.21
CA VAL I 795 -28.97 20.14 -58.16
C VAL I 795 -29.58 20.21 -56.76
N VAL I 796 -28.76 20.16 -55.70
CA VAL I 796 -29.31 20.31 -54.36
C VAL I 796 -29.70 21.76 -54.09
N TRP I 797 -28.98 22.72 -54.68
CA TRP I 797 -29.31 24.13 -54.49
C TRP I 797 -30.55 24.50 -55.29
N ALA I 798 -30.65 24.00 -56.53
CA ALA I 798 -31.81 24.32 -57.35
C ALA I 798 -33.09 23.69 -56.83
N HIS I 799 -32.98 22.52 -56.19
CA HIS I 799 -34.17 21.87 -55.64
C HIS I 799 -34.64 22.52 -54.35
N GLU I 800 -33.72 23.09 -53.56
CA GLU I 800 -34.10 23.67 -52.28
C GLU I 800 -34.42 25.16 -52.39
N LYS I 801 -33.56 25.92 -53.07
CA LYS I 801 -33.84 27.35 -53.25
C LYS I 801 -35.05 27.57 -54.15
N TYR I 802 -35.18 26.79 -55.21
CA TYR I 802 -36.24 26.93 -56.19
C TYR I 802 -37.05 25.65 -56.26
N GLY I 803 -38.16 25.69 -57.00
CA GLY I 803 -39.09 24.59 -57.05
C GLY I 803 -38.75 23.48 -58.02
N ILE I 804 -37.52 23.44 -58.52
CA ILE I 804 -37.14 22.50 -59.57
C ILE I 804 -36.97 21.11 -58.98
N GLU I 805 -37.61 20.13 -59.60
CA GLU I 805 -37.39 18.73 -59.25
C GLU I 805 -36.93 17.88 -60.43
N SER I 806 -37.05 18.39 -61.66
CA SER I 806 -36.66 17.66 -62.86
C SER I 806 -35.37 18.26 -63.41
N PHE I 807 -34.34 17.42 -63.54
CA PHE I 807 -33.01 17.88 -63.92
C PHE I 807 -32.41 16.94 -64.96
N ALA I 808 -31.87 17.52 -66.04
CA ALA I 808 -31.17 16.76 -67.07
C ALA I 808 -29.68 17.01 -66.90
N LEU I 809 -28.93 15.97 -66.54
CA LEU I 809 -27.54 16.13 -66.14
C LEU I 809 -26.60 15.54 -67.19
N ILE I 810 -25.75 16.38 -67.75
CA ILE I 810 -24.48 15.96 -68.33
C ILE I 810 -23.40 16.58 -67.46
N HIS I 811 -22.19 16.04 -67.56
CA HIS I 811 -21.14 16.43 -66.61
C HIS I 811 -20.79 17.91 -66.73
N ASP I 812 -20.68 18.43 -67.95
CA ASP I 812 -20.49 19.86 -68.15
C ASP I 812 -21.81 20.61 -68.22
N SER I 813 -22.86 19.97 -68.71
CA SER I 813 -24.07 20.64 -69.16
C SER I 813 -25.22 20.38 -68.19
N PHE I 814 -25.82 21.46 -67.70
CA PHE I 814 -26.95 21.38 -66.77
C PHE I 814 -28.23 21.78 -67.49
N GLY I 815 -29.24 20.92 -67.40
CA GLY I 815 -30.46 21.13 -68.14
C GLY I 815 -31.70 20.85 -67.29
N THR I 816 -32.76 21.58 -67.60
CA THR I 816 -34.05 21.42 -66.93
C THR I 816 -35.13 22.03 -67.82
N ILE I 817 -36.36 22.02 -67.32
CA ILE I 817 -37.53 22.57 -68.02
C ILE I 817 -37.37 24.09 -68.15
N PRO I 818 -37.92 24.71 -69.20
CA PRO I 818 -37.52 26.10 -69.55
C PRO I 818 -37.81 27.14 -68.48
N ALA I 819 -38.97 27.08 -67.82
CA ALA I 819 -39.29 28.08 -66.81
C ALA I 819 -38.39 27.95 -65.59
N ASP I 820 -37.95 26.73 -65.29
CA ASP I 820 -37.00 26.50 -64.21
C ASP I 820 -35.56 26.78 -64.63
N ALA I 821 -35.30 26.98 -65.93
CA ALA I 821 -33.93 27.15 -66.40
C ALA I 821 -33.34 28.49 -65.98
N ALA I 822 -34.16 29.55 -65.92
CA ALA I 822 -33.67 30.85 -65.48
C ALA I 822 -33.19 30.80 -64.03
N ASN I 823 -33.92 30.11 -63.16
CA ASN I 823 -33.45 29.88 -61.81
C ASN I 823 -32.24 28.95 -61.80
N LEU I 824 -32.24 27.93 -62.67
CA LEU I 824 -31.11 27.02 -62.74
C LEU I 824 -29.87 27.68 -63.31
N PHE I 825 -30.06 28.61 -64.26
CA PHE I 825 -28.92 29.37 -64.78
C PHE I 825 -28.31 30.24 -63.68
N LYS I 826 -29.15 30.82 -62.83
CA LYS I 826 -28.66 31.53 -61.66
C LYS I 826 -28.11 30.57 -60.61
N ALA I 827 -28.62 29.34 -60.57
CA ALA I 827 -28.19 28.39 -59.54
C ALA I 827 -26.79 27.88 -59.78
N VAL I 828 -26.39 27.69 -61.04
CA VAL I 828 -25.10 27.07 -61.33
C VAL I 828 -23.95 28.03 -60.98
N ARG I 829 -24.14 29.33 -61.20
CA ARG I 829 -23.08 30.28 -60.85
C ARG I 829 -22.95 30.44 -59.35
N GLU I 830 -24.08 30.54 -58.63
CA GLU I 830 -24.06 30.80 -57.20
C GLU I 830 -23.37 29.66 -56.44
N THR I 831 -23.58 28.42 -56.87
CA THR I 831 -22.90 27.29 -56.26
C THR I 831 -21.39 27.38 -56.48
N MET I 832 -20.97 27.79 -57.68
CA MET I 832 -19.56 27.79 -58.01
C MET I 832 -18.81 28.89 -57.26
N VAL I 833 -19.39 30.10 -57.18
CA VAL I 833 -18.70 31.18 -56.48
C VAL I 833 -18.65 30.92 -54.99
N ASP I 834 -19.75 30.40 -54.42
CA ASP I 834 -19.77 30.10 -52.99
C ASP I 834 -18.79 28.99 -52.64
N THR I 835 -18.68 27.97 -53.50
CA THR I 835 -17.74 26.88 -53.26
C THR I 835 -16.30 27.37 -53.24
N TYR I 836 -15.94 28.25 -54.17
CA TYR I 836 -14.57 28.70 -54.31
C TYR I 836 -14.24 29.86 -53.38
N GLU I 837 -15.24 30.65 -52.98
CA GLU I 837 -15.01 31.67 -51.96
C GLU I 837 -14.89 31.07 -50.56
N SER I 838 -15.64 29.99 -50.30
CA SER I 838 -15.59 29.38 -48.97
C SER I 838 -14.26 28.68 -48.72
N CYS I 839 -13.70 28.03 -49.74
CA CYS I 839 -12.49 27.25 -49.56
C CYS I 839 -11.72 27.21 -50.88
N ASP I 840 -10.40 27.18 -50.76
CA ASP I 840 -9.51 26.96 -51.89
C ASP I 840 -9.11 25.48 -51.83
N VAL I 841 -9.57 24.70 -52.81
CA VAL I 841 -9.48 23.24 -52.72
C VAL I 841 -8.02 22.78 -52.86
N LEU I 842 -7.19 23.56 -53.55
CA LEU I 842 -5.76 23.25 -53.60
C LEU I 842 -5.12 23.38 -52.22
N ALA I 843 -5.53 24.39 -51.46
CA ALA I 843 -4.99 24.57 -50.11
C ALA I 843 -5.40 23.42 -49.20
N ASP I 844 -6.66 22.98 -49.28
CA ASP I 844 -7.07 21.82 -48.50
C ASP I 844 -6.35 20.55 -48.96
N PHE I 845 -6.23 20.37 -50.29
CA PHE I 845 -5.55 19.18 -50.83
C PHE I 845 -4.13 19.05 -50.31
N TYR I 846 -3.45 20.18 -50.09
CA TYR I 846 -2.11 20.14 -49.51
C TYR I 846 -2.12 19.49 -48.12
N ASP I 847 -3.22 19.66 -47.37
CA ASP I 847 -3.26 19.15 -46.01
C ASP I 847 -3.35 17.63 -45.94
N GLN I 848 -3.99 16.98 -46.92
CA GLN I 848 -4.07 15.52 -46.86
C GLN I 848 -2.71 14.86 -47.11
N PHE I 849 -1.91 15.39 -48.04
CA PHE I 849 -0.63 14.75 -48.35
C PHE I 849 0.56 15.40 -47.66
N ALA I 850 0.36 16.46 -46.89
CA ALA I 850 1.48 17.09 -46.19
C ALA I 850 2.06 16.16 -45.13
N ASP I 851 1.19 15.50 -44.36
CA ASP I 851 1.67 14.56 -43.36
C ASP I 851 2.31 13.33 -43.99
N GLN I 852 1.82 12.92 -45.16
CA GLN I 852 2.38 11.77 -45.85
C GLN I 852 3.75 12.06 -46.47
N LEU I 853 4.10 13.33 -46.62
CA LEU I 853 5.37 13.69 -47.26
C LEU I 853 6.53 13.49 -46.28
N HIS I 854 7.52 12.72 -46.72
CA HIS I 854 8.72 12.48 -45.93
C HIS I 854 9.58 13.75 -45.89
N GLU I 855 10.53 13.78 -44.95
CA GLU I 855 11.26 15.01 -44.63
C GLU I 855 12.07 15.54 -45.81
N SER I 856 12.73 14.66 -46.56
CA SER I 856 13.56 15.11 -47.67
C SER I 856 12.75 15.75 -48.79
N GLN I 857 11.47 15.39 -48.92
CA GLN I 857 10.64 15.91 -49.98
C GLN I 857 10.24 17.36 -49.73
N LEU I 858 10.18 17.78 -48.47
CA LEU I 858 9.80 19.15 -48.14
C LEU I 858 10.79 20.15 -48.73
N ASP I 859 12.04 19.75 -48.91
CA ASP I 859 12.99 20.57 -49.66
C ASP I 859 12.68 20.54 -51.16
N LYS I 860 12.30 19.36 -51.67
CA LYS I 860 12.00 19.23 -53.10
C LYS I 860 10.61 19.73 -53.46
N MET I 861 9.70 19.83 -52.49
CA MET I 861 8.30 20.13 -52.81
C MET I 861 8.15 21.58 -53.24
N PRO I 862 7.51 21.84 -54.38
CA PRO I 862 7.28 23.23 -54.81
C PRO I 862 6.22 23.92 -53.97
N ALA I 863 6.22 25.24 -54.06
CA ALA I 863 5.25 26.05 -53.33
C ALA I 863 3.91 26.08 -54.07
N LEU I 864 2.85 26.35 -53.31
CA LEU I 864 1.51 26.41 -53.88
C LEU I 864 1.38 27.65 -54.77
N PRO I 865 0.73 27.50 -55.94
CA PRO I 865 0.67 28.63 -56.88
C PRO I 865 -0.10 29.83 -56.31
N ALA I 866 0.38 31.02 -56.65
CA ALA I 866 -0.18 32.24 -56.07
C ALA I 866 -1.58 32.50 -56.61
N LYS I 867 -2.41 33.09 -55.75
CA LYS I 867 -3.74 33.51 -56.15
C LYS I 867 -3.65 34.73 -57.06
N GLY I 868 -4.69 34.90 -57.89
CA GLY I 868 -4.73 35.97 -58.85
C GLY I 868 -5.61 37.12 -58.40
N ASN I 869 -5.86 38.03 -59.35
CA ASN I 869 -6.61 39.26 -59.08
C ASN I 869 -8.10 39.14 -59.34
N LEU I 870 -8.56 38.08 -60.00
CA LEU I 870 -9.96 37.98 -60.37
C LEU I 870 -10.85 37.77 -59.16
N ASN I 871 -11.95 38.52 -59.09
CA ASN I 871 -12.97 38.38 -58.06
C ASN I 871 -14.05 37.42 -58.50
N LEU I 872 -14.35 36.44 -57.63
CA LEU I 872 -15.29 35.38 -57.99
C LEU I 872 -16.73 35.86 -58.11
N ARG I 873 -17.06 37.04 -57.59
CA ARG I 873 -18.40 37.58 -57.79
C ARG I 873 -18.67 37.93 -59.25
N ASP I 874 -17.62 38.14 -60.05
CA ASP I 874 -17.79 38.39 -61.47
C ASP I 874 -18.37 37.19 -62.21
N ILE I 875 -18.23 35.98 -61.66
CA ILE I 875 -18.77 34.79 -62.30
C ILE I 875 -20.29 34.85 -62.34
N LEU I 876 -20.91 35.43 -61.31
CA LEU I 876 -22.36 35.57 -61.27
C LEU I 876 -22.89 36.49 -62.35
N GLU I 877 -22.05 37.36 -62.90
CA GLU I 877 -22.51 38.37 -63.86
C GLU I 877 -22.43 37.92 -65.30
N SER I 878 -21.61 36.92 -65.60
CA SER I 878 -21.35 36.51 -66.98
C SER I 878 -22.41 35.51 -67.41
N ASP I 879 -23.26 35.92 -68.36
CA ASP I 879 -24.17 34.99 -69.00
C ASP I 879 -23.46 34.08 -70.00
N PHE I 880 -22.31 34.52 -70.53
CA PHE I 880 -21.57 33.73 -71.50
C PHE I 880 -20.85 32.55 -70.86
N ALA I 881 -20.64 32.58 -69.53
CA ALA I 881 -19.96 31.48 -68.86
C ALA I 881 -20.74 30.18 -68.97
N PHE I 882 -22.08 30.27 -68.95
CA PHE I 882 -23.03 29.19 -69.15
C PHE I 882 -23.00 28.16 -68.02
N ALA I 883 -22.12 28.29 -67.05
CA ALA I 883 -21.97 27.35 -65.95
C ALA I 883 -21.15 27.99 -64.83
N ASN M 2 39.77 69.12 65.05
CA ASN M 2 38.45 69.65 64.69
C ASN M 2 37.59 68.55 64.09
N THR M 3 36.35 68.45 64.56
CA THR M 3 35.39 67.51 64.03
C THR M 3 34.03 68.20 63.93
N ILE M 4 33.27 67.82 62.90
CA ILE M 4 32.00 68.47 62.56
C ILE M 4 30.88 67.48 62.77
N ASN M 5 29.84 67.88 63.48
CA ASN M 5 28.67 67.05 63.75
C ASN M 5 27.53 67.49 62.84
N ILE M 6 27.17 66.62 61.90
CA ILE M 6 26.02 66.84 61.03
C ILE M 6 24.82 66.04 61.52
N ALA M 7 24.92 65.45 62.71
CA ALA M 7 23.99 64.42 63.16
C ALA M 7 22.58 64.95 63.34
N LYS M 8 22.43 66.11 63.99
CA LYS M 8 21.11 66.61 64.35
C LYS M 8 20.27 66.91 63.12
N ASN M 9 20.87 67.50 62.09
CA ASN M 9 20.07 67.81 60.91
C ASN M 9 19.91 66.59 60.02
N ASP M 10 21.00 65.90 59.69
CA ASP M 10 20.94 64.87 58.66
C ASP M 10 20.14 63.65 59.12
N PHE M 11 20.24 63.28 60.40
CA PHE M 11 19.38 62.22 60.92
C PHE M 11 17.92 62.67 60.96
N SER M 12 17.68 63.98 61.10
CA SER M 12 16.32 64.50 61.06
C SER M 12 15.74 64.48 59.65
N ASP M 13 16.57 64.68 58.63
CA ASP M 13 16.08 64.53 57.26
C ASP M 13 15.65 63.10 56.96
N ILE M 14 16.19 62.13 57.68
CA ILE M 14 15.73 60.74 57.53
C ILE M 14 14.32 60.61 58.09
N GLU M 15 14.08 61.18 59.26
CA GLU M 15 12.77 61.12 59.87
C GLU M 15 11.77 62.05 59.19
N LEU M 16 12.26 63.12 58.54
CA LEU M 16 11.36 64.13 57.97
C LEU M 16 10.61 63.64 56.74
N ALA M 17 11.19 62.69 56.00
CA ALA M 17 10.65 62.30 54.71
C ALA M 17 9.25 61.72 54.85
N ALA M 18 8.34 62.19 53.99
CA ALA M 18 6.92 61.91 54.21
C ALA M 18 6.56 60.48 53.84
N ILE M 19 7.14 59.95 52.76
CA ILE M 19 6.74 58.63 52.26
C ILE M 19 6.95 57.51 53.28
N PRO M 20 8.08 57.43 54.00
CA PRO M 20 8.11 56.48 55.13
C PRO M 20 7.07 56.79 56.20
N PHE M 21 6.80 58.06 56.46
CA PHE M 21 5.92 58.43 57.57
C PHE M 21 4.47 58.10 57.28
N ASN M 22 3.95 58.53 56.12
CA ASN M 22 2.53 58.38 55.82
C ASN M 22 2.14 56.91 55.70
N THR M 23 3.00 56.10 55.08
CA THR M 23 2.72 54.66 54.99
C THR M 23 2.77 54.01 56.37
N LEU M 24 3.81 54.32 57.15
CA LEU M 24 3.96 53.72 58.48
C LEU M 24 2.84 54.17 59.42
N ALA M 25 2.33 55.39 59.23
CA ALA M 25 1.22 55.86 60.07
C ALA M 25 -0.08 55.11 59.76
N ASP M 26 -0.23 54.62 58.53
CA ASP M 26 -1.43 53.85 58.21
C ASP M 26 -1.32 52.44 58.78
N HIS M 27 -0.12 51.84 58.72
CA HIS M 27 0.02 50.44 59.11
C HIS M 27 -0.14 50.25 60.60
N TYR M 28 0.54 51.07 61.41
CA TYR M 28 0.62 50.85 62.84
C TYR M 28 0.22 52.07 63.66
N GLY M 29 -0.39 53.07 63.03
CA GLY M 29 -0.66 54.33 63.69
C GLY M 29 0.48 55.32 63.51
N GLU M 30 0.15 56.60 63.65
CA GLU M 30 1.18 57.64 63.66
C GLU M 30 2.11 57.46 64.85
N ARG M 31 1.64 56.77 65.90
CA ARG M 31 2.38 56.53 67.12
C ARG M 31 3.63 55.71 66.90
N LEU M 32 3.42 54.45 66.52
CA LEU M 32 4.53 53.53 66.30
C LEU M 32 5.39 53.98 65.13
N ALA M 33 4.80 54.69 64.17
CA ALA M 33 5.58 55.31 63.10
C ALA M 33 6.54 56.35 63.65
N ARG M 34 6.05 57.21 64.55
CA ARG M 34 6.90 58.22 65.18
C ARG M 34 7.93 57.58 66.08
N GLU M 35 7.54 56.53 66.81
CA GLU M 35 8.48 55.80 67.66
C GLU M 35 9.55 55.11 66.82
N GLN M 36 9.16 54.52 65.69
CA GLN M 36 10.12 53.81 64.85
C GLN M 36 11.14 54.78 64.24
N LEU M 37 10.68 55.92 63.73
CA LEU M 37 11.59 56.89 63.15
C LEU M 37 12.53 57.48 64.19
N ALA M 38 12.03 57.76 65.39
CA ALA M 38 12.87 58.30 66.45
C ALA M 38 13.86 57.27 66.96
N LEU M 39 13.46 55.99 67.02
CA LEU M 39 14.37 54.95 67.47
C LEU M 39 15.51 54.75 66.47
N GLU M 40 15.20 54.76 65.17
CA GLU M 40 16.26 54.71 64.16
C GLU M 40 17.13 55.95 64.20
N HIS M 41 16.53 57.12 64.47
CA HIS M 41 17.29 58.35 64.59
C HIS M 41 18.28 58.26 65.75
N GLU M 42 17.80 57.83 66.92
CA GLU M 42 18.67 57.65 68.07
C GLU M 42 19.70 56.57 67.81
N SER M 43 19.30 55.51 67.09
CA SER M 43 20.21 54.42 66.74
C SER M 43 21.39 54.92 65.93
N TYR M 44 21.15 55.86 65.02
CA TYR M 44 22.25 56.48 64.28
C TYR M 44 23.07 57.39 65.17
N GLU M 45 22.43 58.09 66.11
CA GLU M 45 23.15 58.99 67.00
C GLU M 45 24.09 58.23 67.93
N MET M 46 23.68 57.04 68.38
CA MET M 46 24.52 56.24 69.25
C MET M 46 25.80 55.81 68.53
N GLY M 47 25.68 55.45 67.25
CA GLY M 47 26.86 55.10 66.48
C GLY M 47 27.79 56.27 66.25
N GLU M 48 27.24 57.47 66.08
CA GLU M 48 28.08 58.65 65.92
C GLU M 48 28.86 58.94 67.20
N ALA M 49 28.21 58.82 68.36
CA ALA M 49 28.89 59.06 69.63
C ALA M 49 29.94 57.99 69.91
N ARG M 50 29.69 56.74 69.51
CA ARG M 50 30.68 55.68 69.69
C ARG M 50 31.91 55.94 68.81
N PHE M 51 31.70 56.42 67.58
CA PHE M 51 32.82 56.71 66.70
C PHE M 51 33.66 57.86 67.23
N ARG M 52 33.01 58.90 67.76
CA ARG M 52 33.74 60.11 68.16
C ARG M 52 34.59 59.86 69.40
N LYS M 53 34.09 59.08 70.36
CA LYS M 53 34.88 58.77 71.55
C LYS M 53 36.06 57.86 71.21
N MET M 54 35.90 56.99 70.21
CA MET M 54 37.01 56.17 69.76
C MET M 54 38.01 57.00 68.96
N PHE M 55 37.53 57.97 68.19
CA PHE M 55 38.43 58.87 67.46
C PHE M 55 39.22 59.75 68.41
N GLU M 56 38.56 60.29 69.44
CA GLU M 56 39.25 61.14 70.41
C GLU M 56 40.30 60.34 71.19
N ARG M 57 39.97 59.11 71.56
CA ARG M 57 40.93 58.23 72.24
C ARG M 57 42.09 57.88 71.31
N GLN M 58 41.80 57.62 70.03
CA GLN M 58 42.88 57.42 69.06
C GLN M 58 43.70 58.68 68.87
N LEU M 59 43.07 59.85 68.96
CA LEU M 59 43.81 61.11 68.88
C LEU M 59 44.75 61.28 70.07
N LYS M 60 44.29 60.92 71.27
CA LYS M 60 45.16 60.97 72.44
C LYS M 60 46.26 59.92 72.39
N ALA M 61 45.98 58.77 71.77
CA ALA M 61 46.97 57.70 71.71
C ALA M 61 48.01 57.92 70.62
N GLY M 62 47.78 58.86 69.71
CA GLY M 62 48.63 58.99 68.55
C GLY M 62 48.33 58.01 67.44
N GLU M 63 47.21 57.28 67.54
CA GLU M 63 46.81 56.30 66.55
C GLU M 63 45.87 56.89 65.49
N VAL M 64 46.01 58.18 65.20
CA VAL M 64 45.20 58.83 64.17
C VAL M 64 45.50 58.21 62.80
N ALA M 65 46.77 57.91 62.54
CA ALA M 65 47.13 57.23 61.30
C ALA M 65 46.46 55.86 61.21
N ASP M 66 46.36 55.15 62.33
CA ASP M 66 45.66 53.88 62.34
C ASP M 66 44.16 54.06 62.16
N ASN M 67 43.63 55.23 62.54
CA ASN M 67 42.20 55.50 62.37
C ASN M 67 41.87 55.61 60.88
N ALA M 68 40.61 55.26 60.55
CA ALA M 68 40.24 55.06 59.16
C ALA M 68 40.17 56.36 58.37
N ALA M 69 39.85 57.48 59.03
CA ALA M 69 39.66 58.73 58.31
C ALA M 69 40.96 59.27 57.71
N ALA M 70 42.09 59.02 58.37
CA ALA M 70 43.37 59.53 57.89
C ALA M 70 43.99 58.67 56.79
N LYS M 71 43.57 57.41 56.68
CA LYS M 71 44.24 56.48 55.77
C LYS M 71 44.16 56.87 54.29
N PRO M 72 43.01 57.26 53.72
CA PRO M 72 43.02 57.70 52.31
C PRO M 72 43.87 58.93 52.07
N LEU M 73 43.95 59.85 53.03
CA LEU M 73 44.74 61.06 52.83
C LEU M 73 46.23 60.76 52.84
N ILE M 74 46.68 59.90 53.77
CA ILE M 74 48.09 59.54 53.80
C ILE M 74 48.47 58.60 52.65
N THR M 75 47.49 57.90 52.08
CA THR M 75 47.78 57.03 50.94
C THR M 75 48.10 57.87 49.69
N THR M 76 47.41 59.00 49.51
CA THR M 76 47.72 59.88 48.39
C THR M 76 49.01 60.65 48.63
N LEU M 77 49.31 61.00 49.87
CA LEU M 77 50.53 61.74 50.19
C LEU M 77 51.76 60.85 50.28
N LEU M 78 51.59 59.53 50.37
CA LEU M 78 52.73 58.63 50.49
C LEU M 78 53.66 58.62 49.27
N PRO M 79 53.19 58.48 48.02
CA PRO M 79 54.15 58.38 46.90
C PRO M 79 55.04 59.59 46.72
N LYS M 80 54.56 60.79 47.07
CA LYS M 80 55.41 61.97 46.97
C LYS M 80 56.58 61.90 47.94
N MET M 81 56.32 61.45 49.18
CA MET M 81 57.40 61.40 50.18
C MET M 81 58.45 60.35 49.82
N ILE M 82 58.01 59.21 49.29
CA ILE M 82 58.97 58.18 48.85
C ILE M 82 59.83 58.71 47.71
N ALA M 83 59.21 59.44 46.76
CA ALA M 83 59.94 59.95 45.61
C ALA M 83 61.00 60.97 46.03
N ARG M 84 60.67 61.83 47.00
CA ARG M 84 61.65 62.79 47.51
C ARG M 84 62.80 62.09 48.22
N ILE M 85 62.52 60.96 48.88
CA ILE M 85 63.58 60.18 49.51
C ILE M 85 64.51 59.60 48.45
N ASN M 86 63.96 59.07 47.35
CA ASN M 86 64.80 58.49 46.30
C ASN M 86 65.69 59.53 45.66
N ASP M 87 65.19 60.76 45.47
CA ASP M 87 66.04 61.83 44.97
C ASP M 87 67.12 62.19 45.99
N TRP M 88 66.74 62.36 47.25
CA TRP M 88 67.73 62.69 48.28
C TRP M 88 68.73 61.56 48.48
N PHE M 89 68.25 60.31 48.47
CA PHE M 89 69.16 59.17 48.54
C PHE M 89 70.13 59.19 47.37
N GLU M 90 69.67 59.60 46.20
CA GLU M 90 70.56 59.73 45.05
C GLU M 90 71.48 60.93 45.20
N GLU M 91 70.97 62.08 45.65
CA GLU M 91 71.74 63.32 45.62
C GLU M 91 72.98 63.25 46.51
N VAL M 92 72.89 62.57 47.66
CA VAL M 92 74.04 62.48 48.55
C VAL M 92 75.14 61.64 47.93
N LYS M 93 74.79 60.58 47.19
CA LYS M 93 75.80 59.82 46.46
C LYS M 93 76.41 60.64 45.34
N ALA M 94 75.65 61.56 44.72
CA ALA M 94 76.17 62.38 43.64
C ALA M 94 77.27 63.30 44.12
N LYS M 95 77.07 63.94 45.27
CA LYS M 95 78.09 64.79 45.83
C LYS M 95 79.23 63.93 46.38
N ARG M 96 80.43 64.14 45.85
CA ARG M 96 81.59 63.40 46.31
C ARG M 96 82.10 63.95 47.64
N ALA M 115 59.30 56.61 54.88
CA ALA M 115 58.27 57.54 54.46
C ALA M 115 57.01 57.38 55.31
N TYR M 116 56.60 56.13 55.53
CA TYR M 116 55.42 55.87 56.34
C TYR M 116 55.68 56.19 57.81
N ILE M 117 56.91 55.98 58.29
CA ILE M 117 57.24 56.28 59.68
C ILE M 117 57.16 57.77 59.95
N THR M 118 57.68 58.58 59.01
CA THR M 118 57.73 60.03 59.23
C THR M 118 56.34 60.65 59.21
N ILE M 119 55.44 60.16 58.35
CA ILE M 119 54.09 60.71 58.29
C ILE M 119 53.31 60.36 59.55
N LYS M 120 53.43 59.11 60.02
CA LYS M 120 52.69 58.68 61.20
C LYS M 120 53.19 59.39 62.46
N THR M 121 54.51 59.59 62.58
CA THR M 121 55.07 60.18 63.78
C THR M 121 54.72 61.67 63.90
N THR M 122 54.69 62.38 62.77
CA THR M 122 54.34 63.80 62.80
C THR M 122 52.89 64.00 63.23
N LEU M 123 51.98 63.14 62.76
CA LEU M 123 50.59 63.22 63.18
C LEU M 123 50.42 62.82 64.63
N ALA M 124 51.17 61.80 65.08
CA ALA M 124 50.99 61.27 66.42
C ALA M 124 51.48 62.26 67.48
N CYS M 125 52.69 62.80 67.30
CA CYS M 125 53.28 63.65 68.33
C CYS M 125 52.57 65.00 68.42
N LEU M 126 52.08 65.53 67.29
CA LEU M 126 51.40 66.82 67.32
C LEU M 126 50.06 66.73 68.05
N THR M 127 49.31 65.65 67.81
CA THR M 127 47.98 65.53 68.41
C THR M 127 48.05 65.10 69.88
N SER M 128 49.02 64.26 70.24
CA SER M 128 49.02 63.60 71.54
C SER M 128 49.93 64.28 72.57
N ALA M 129 51.17 64.59 72.19
CA ALA M 129 52.15 65.07 73.16
C ALA M 129 51.90 66.50 73.59
N ASP M 130 51.11 67.26 72.82
CA ASP M 130 50.80 68.67 73.05
C ASP M 130 52.03 69.57 73.01
N ASN M 131 53.17 69.06 72.56
CA ASN M 131 54.37 69.85 72.31
C ASN M 131 54.61 69.87 70.81
N THR M 132 54.54 71.06 70.22
CA THR M 132 54.65 71.22 68.78
C THR M 132 56.08 71.51 68.32
N THR M 133 57.05 71.41 69.22
CA THR M 133 58.44 71.67 68.85
C THR M 133 58.96 70.62 67.88
N VAL M 134 59.85 71.05 67.00
CA VAL M 134 60.39 70.15 65.98
C VAL M 134 61.34 69.14 66.59
N GLN M 135 62.06 69.52 67.65
CA GLN M 135 63.10 68.65 68.21
C GLN M 135 62.52 67.38 68.83
N ALA M 136 61.39 67.50 69.53
CA ALA M 136 60.76 66.33 70.13
C ALA M 136 60.20 65.40 69.06
N VAL M 137 59.64 65.97 67.98
CA VAL M 137 59.12 65.15 66.89
C VAL M 137 60.27 64.49 66.13
N ALA M 138 61.31 65.27 65.82
CA ALA M 138 62.47 64.72 65.11
C ALA M 138 63.21 63.69 65.94
N SER M 139 63.18 63.83 67.28
CA SER M 139 63.72 62.79 68.14
C SER M 139 62.94 61.49 68.00
N ALA M 140 61.60 61.59 67.96
CA ALA M 140 60.78 60.39 67.84
C ALA M 140 60.88 59.76 66.45
N ILE M 141 61.10 60.58 65.42
CA ILE M 141 61.29 60.04 64.08
C ILE M 141 62.56 59.20 64.01
N GLY M 142 63.65 59.72 64.59
CA GLY M 142 64.91 58.97 64.59
C GLY M 142 64.86 57.70 65.41
N ARG M 143 64.11 57.71 66.53
CA ARG M 143 63.98 56.52 67.35
C ARG M 143 63.25 55.40 66.61
N ALA M 144 62.18 55.74 65.90
CA ALA M 144 61.38 54.73 65.22
C ALA M 144 62.16 54.08 64.08
N ILE M 145 62.97 54.87 63.37
CA ILE M 145 63.83 54.30 62.33
C ILE M 145 64.90 53.43 62.95
N GLU M 146 65.46 53.85 64.09
CA GLU M 146 66.48 53.06 64.78
C GLU M 146 65.92 51.73 65.28
N ASP M 147 64.71 51.73 65.82
CA ASP M 147 64.09 50.49 66.27
C ASP M 147 63.76 49.57 65.10
N GLU M 148 63.29 50.15 63.99
CA GLU M 148 62.91 49.35 62.83
C GLU M 148 64.12 48.74 62.13
N ALA M 149 65.30 49.34 62.27
CA ALA M 149 66.46 48.88 61.52
C ALA M 149 66.96 47.52 62.01
N ARG M 150 67.12 47.36 63.34
CA ARG M 150 67.83 46.19 63.87
C ARG M 150 67.08 44.90 63.57
N PHE M 151 65.79 44.85 63.91
CA PHE M 151 65.01 43.64 63.66
C PHE M 151 64.46 43.59 62.23
N GLY M 152 64.65 44.65 61.45
CA GLY M 152 64.11 44.72 60.10
C GLY M 152 65.00 44.13 59.04
N ARG M 153 66.32 44.38 59.11
CA ARG M 153 67.21 43.89 58.07
C ARG M 153 67.28 42.37 58.05
N ILE M 154 67.13 41.72 59.20
CA ILE M 154 67.10 40.26 59.23
C ILE M 154 65.83 39.74 58.55
N ARG M 155 64.75 40.53 58.59
CA ARG M 155 63.53 40.16 57.87
C ARG M 155 63.66 40.44 56.37
N ASP M 156 64.38 41.51 56.01
CA ASP M 156 64.47 41.89 54.61
C ASP M 156 65.45 41.01 53.84
N LEU M 157 66.67 40.82 54.36
CA LEU M 157 67.73 40.18 53.60
C LEU M 157 68.26 38.90 54.24
N GLU M 158 68.51 38.92 55.55
CA GLU M 158 69.32 37.85 56.16
C GLU M 158 68.55 36.55 56.25
N ALA M 159 67.46 36.54 57.01
CA ALA M 159 66.67 35.33 57.24
C ALA M 159 65.19 35.68 57.10
N LYS M 160 64.67 35.60 55.87
CA LYS M 160 63.24 35.80 55.66
C LYS M 160 62.43 34.61 56.17
N HIS M 161 62.98 33.40 56.05
CA HIS M 161 62.29 32.22 56.58
C HIS M 161 62.19 32.28 58.09
N PHE M 162 63.25 32.75 58.77
CA PHE M 162 63.18 32.92 60.21
C PHE M 162 62.26 34.07 60.60
N LYS M 163 62.06 35.04 59.70
CA LYS M 163 61.11 36.11 59.97
C LYS M 163 59.69 35.56 60.06
N LYS M 164 59.36 34.60 59.20
CA LYS M 164 58.07 33.92 59.28
C LYS M 164 57.90 33.20 60.61
N ASN M 165 58.99 32.67 61.17
CA ASN M 165 58.93 31.99 62.46
C ASN M 165 58.71 32.98 63.60
N VAL M 166 59.31 34.17 63.51
CA VAL M 166 59.24 35.15 64.58
C VAL M 166 58.14 36.17 64.38
N GLU M 167 57.37 36.08 63.28
CA GLU M 167 56.26 37.01 63.08
C GLU M 167 55.16 36.79 64.12
N GLU M 168 55.02 35.58 64.64
CA GLU M 168 53.99 35.30 65.64
C GLU M 168 54.27 36.04 66.93
N GLN M 169 55.53 36.10 67.35
CA GLN M 169 55.88 36.82 68.57
C GLN M 169 55.69 38.32 68.43
N LEU M 170 55.82 38.85 67.21
CA LEU M 170 55.52 40.26 66.98
C LEU M 170 54.05 40.56 67.21
N ASN M 171 53.17 39.66 66.75
CA ASN M 171 51.74 39.83 66.97
C ASN M 171 51.35 39.65 68.44
N LYS M 172 52.17 38.93 69.21
CA LYS M 172 51.95 38.84 70.65
C LYS M 172 52.30 40.13 71.39
N ARG M 173 52.91 41.09 70.71
CA ARG M 173 53.51 42.25 71.35
C ARG M 173 52.69 43.50 71.08
N VAL M 174 52.39 44.25 72.15
CA VAL M 174 51.58 45.45 72.09
C VAL M 174 52.39 46.62 72.64
N GLY M 175 52.44 47.73 71.90
CA GLY M 175 53.12 48.92 72.36
C GLY M 175 54.53 49.05 71.83
N HIS M 176 54.91 50.26 71.40
CA HIS M 176 56.18 50.46 70.69
C HIS M 176 57.38 50.13 71.56
N VAL M 177 57.37 50.57 72.82
CA VAL M 177 58.49 50.29 73.72
C VAL M 177 58.61 48.79 73.98
N TYR M 178 57.46 48.10 74.06
CA TYR M 178 57.46 46.69 74.37
C TYR M 178 57.98 45.83 73.22
N LYS M 179 57.94 46.33 71.98
CA LYS M 179 58.52 45.57 70.87
C LYS M 179 60.03 45.44 71.02
N LYS M 180 60.70 46.53 71.39
CA LYS M 180 62.15 46.48 71.58
C LYS M 180 62.52 45.61 72.78
N ALA M 181 61.72 45.70 73.86
CA ALA M 181 62.02 44.92 75.05
C ALA M 181 61.79 43.43 74.82
N PHE M 182 60.77 43.07 74.04
CA PHE M 182 60.50 41.66 73.76
C PHE M 182 61.62 41.04 72.93
N MET M 183 62.13 41.77 71.94
CA MET M 183 63.20 41.27 71.09
C MET M 183 64.55 41.38 71.81
N SER M 203 73.20 51.64 66.79
CA SER M 203 72.29 52.58 67.40
C SER M 203 72.63 54.02 67.04
N TRP M 204 71.64 54.77 66.58
CA TRP M 204 71.84 56.16 66.23
C TRP M 204 71.99 57.01 67.50
N HIS M 205 72.99 57.89 67.51
CA HIS M 205 73.13 58.85 68.59
C HIS M 205 71.97 59.84 68.55
N LYS M 206 71.64 60.40 69.71
CA LYS M 206 70.45 61.25 69.80
C LYS M 206 70.58 62.50 68.94
N GLU M 207 71.79 63.08 68.91
CA GLU M 207 72.03 64.18 67.97
C GLU M 207 71.99 63.70 66.53
N ASP M 208 72.52 62.50 66.28
CA ASP M 208 72.40 61.90 64.94
C ASP M 208 70.94 61.58 64.62
N SER M 209 70.17 61.14 65.61
CA SER M 209 68.77 60.81 65.38
C SER M 209 67.94 62.04 65.03
N ILE M 210 68.18 63.16 65.71
CA ILE M 210 67.46 64.38 65.35
C ILE M 210 67.98 64.94 64.03
N HIS M 211 69.26 64.69 63.70
CA HIS M 211 69.76 65.03 62.38
C HIS M 211 69.07 64.18 61.31
N VAL M 212 68.82 62.91 61.61
CA VAL M 212 67.94 62.11 60.75
C VAL M 212 66.53 62.68 60.76
N GLY M 213 66.06 63.09 61.94
CA GLY M 213 64.70 63.60 62.05
C GLY M 213 64.49 64.92 61.32
N VAL M 214 65.43 65.86 61.46
CA VAL M 214 65.24 67.16 60.80
C VAL M 214 65.40 67.01 59.30
N ARG M 215 66.23 66.07 58.84
CA ARG M 215 66.34 65.81 57.41
C ARG M 215 65.06 65.14 56.88
N CYS M 216 64.42 64.31 57.70
CA CYS M 216 63.14 63.73 57.33
C CYS M 216 62.04 64.78 57.34
N ILE M 217 62.12 65.74 58.27
CA ILE M 217 61.12 66.80 58.34
C ILE M 217 61.19 67.70 57.11
N GLU M 218 62.41 68.02 56.66
CA GLU M 218 62.57 68.83 55.46
C GLU M 218 62.01 68.13 54.23
N MET M 219 62.22 66.81 54.13
CA MET M 219 61.63 66.04 53.04
C MET M 219 60.11 65.97 53.16
N LEU M 220 59.58 65.97 54.38
CA LEU M 220 58.13 66.00 54.57
C LEU M 220 57.53 67.31 54.08
N ILE M 221 58.25 68.41 54.29
CA ILE M 221 57.78 69.72 53.84
C ILE M 221 57.67 69.75 52.32
N GLU M 222 58.65 69.14 51.64
CA GLU M 222 58.64 69.05 50.18
C GLU M 222 57.45 68.23 49.68
N SER M 241 63.77 76.63 68.66
CA SER M 241 63.10 75.45 68.12
C SER M 241 61.82 75.84 67.39
N GLU M 242 61.73 75.45 66.12
CA GLU M 242 60.55 75.75 65.32
C GLU M 242 59.36 74.92 65.78
N THR M 243 58.17 75.41 65.45
CA THR M 243 56.91 74.78 65.82
C THR M 243 56.18 74.32 64.55
N ILE M 244 55.80 73.05 64.53
CA ILE M 244 55.14 72.45 63.37
C ILE M 244 53.65 72.34 63.64
N GLU M 245 52.85 72.84 62.72
CA GLU M 245 51.40 72.73 62.78
C GLU M 245 50.89 72.09 61.50
N LEU M 246 49.89 71.22 61.64
CA LEU M 246 49.27 70.59 60.48
C LEU M 246 48.53 71.63 59.65
N ALA M 247 48.61 71.49 58.33
CA ALA M 247 47.96 72.45 57.45
C ALA M 247 46.45 72.38 57.63
N PRO M 248 45.75 73.53 57.64
CA PRO M 248 44.32 73.52 57.99
C PRO M 248 43.46 72.75 57.00
N GLU M 249 43.68 72.91 55.69
CA GLU M 249 42.82 72.29 54.70
C GLU M 249 42.87 70.77 54.77
N TYR M 250 44.00 70.20 55.18
CA TYR M 250 44.08 68.76 55.39
C TYR M 250 43.20 68.33 56.57
N ALA M 251 43.17 69.14 57.63
CA ALA M 251 42.43 68.76 58.83
C ALA M 251 40.93 68.82 58.61
N GLU M 252 40.44 69.80 57.84
CA GLU M 252 39.02 69.85 57.52
C GLU M 252 38.60 68.66 56.66
N ALA M 253 39.46 68.26 55.71
CA ALA M 253 39.11 67.15 54.82
C ALA M 253 38.97 65.84 55.59
N ILE M 254 39.88 65.58 56.53
CA ILE M 254 39.75 64.38 57.35
C ILE M 254 38.64 64.53 58.38
N ALA M 255 38.26 65.76 58.73
CA ALA M 255 37.14 65.97 59.62
C ALA M 255 35.81 65.65 58.94
N THR M 256 35.65 66.09 57.70
CA THR M 256 34.44 65.76 56.94
C THR M 256 34.37 64.26 56.67
N ARG M 257 35.51 63.63 56.41
CA ARG M 257 35.52 62.18 56.23
C ARG M 257 35.18 61.45 57.52
N ALA M 258 35.75 61.90 58.65
CA ALA M 258 35.51 61.24 59.93
C ALA M 258 34.03 61.30 60.31
N GLY M 259 33.39 62.46 60.12
CA GLY M 259 31.96 62.55 60.35
C GLY M 259 31.16 61.69 59.39
N ALA M 260 31.64 61.54 58.16
CA ALA M 260 30.97 60.67 57.18
C ALA M 260 31.03 59.22 57.62
N LEU M 261 32.17 58.76 58.14
CA LEU M 261 32.25 57.42 58.70
C LEU M 261 31.39 57.27 59.95
N ALA M 262 31.27 58.34 60.74
CA ALA M 262 30.42 58.29 61.93
C ALA M 262 28.96 58.10 61.56
N GLY M 263 28.49 58.79 60.52
CA GLY M 263 27.13 58.58 60.05
C GLY M 263 26.92 57.23 59.39
N ILE M 264 27.98 56.62 58.87
CA ILE M 264 27.88 55.29 58.29
C ILE M 264 27.65 54.25 59.39
N SER M 265 28.39 54.36 60.48
CA SER M 265 28.42 53.33 61.52
C SER M 265 27.12 53.28 62.30
N PRO M 266 26.34 52.20 62.21
CA PRO M 266 25.10 52.11 62.97
C PRO M 266 25.20 51.32 64.27
N MET M 267 24.33 51.65 65.23
CA MET M 267 23.96 50.76 66.32
C MET M 267 22.53 50.33 66.06
N PHE M 268 22.28 49.03 66.07
CA PHE M 268 20.99 48.49 65.66
C PHE M 268 20.20 48.01 66.86
N GLN M 269 18.98 48.51 67.01
CA GLN M 269 18.04 48.13 68.05
C GLN M 269 16.79 47.54 67.42
N PRO M 270 16.15 46.57 68.08
CA PRO M 270 14.94 45.96 67.51
C PRO M 270 13.82 46.96 67.33
N CYS M 271 13.10 46.83 66.22
CA CYS M 271 12.08 47.79 65.85
C CYS M 271 10.77 47.50 66.61
N VAL M 272 10.19 48.55 67.18
CA VAL M 272 8.93 48.44 67.91
C VAL M 272 7.80 48.03 66.98
N VAL M 273 7.82 48.52 65.74
CA VAL M 273 6.86 48.14 64.71
C VAL M 273 7.29 46.81 64.10
N PRO M 274 6.39 46.09 63.42
CA PRO M 274 6.85 45.03 62.52
C PRO M 274 7.71 45.58 61.40
N PRO M 275 8.73 44.85 60.97
CA PRO M 275 9.67 45.40 59.99
C PRO M 275 9.05 45.46 58.60
N LYS M 276 9.64 46.28 57.75
CA LYS M 276 9.22 46.34 56.36
C LYS M 276 9.68 45.06 55.66
N PRO M 277 8.79 44.37 54.95
CA PRO M 277 9.22 43.17 54.22
C PRO M 277 10.21 43.51 53.13
N TRP M 278 11.19 42.63 52.94
CA TRP M 278 12.18 42.81 51.88
C TRP M 278 11.53 42.42 50.56
N THR M 279 11.35 43.40 49.68
CA THR M 279 10.93 43.16 48.31
C THR M 279 12.03 43.47 47.31
N GLY M 280 13.19 43.93 47.78
CA GLY M 280 14.31 44.26 46.92
C GLY M 280 15.61 43.98 47.63
N ILE M 281 16.70 44.28 46.94
CA ILE M 281 18.03 44.02 47.50
C ILE M 281 18.34 44.99 48.64
N THR M 282 17.99 46.26 48.48
CA THR M 282 18.27 47.28 49.47
C THR M 282 16.98 47.99 49.86
N GLY M 283 17.01 48.61 51.04
CA GLY M 283 15.89 49.38 51.53
C GLY M 283 14.91 48.64 52.41
N GLY M 284 15.04 47.32 52.53
CA GLY M 284 14.15 46.54 53.36
C GLY M 284 14.54 46.59 54.83
N GLY M 285 13.76 45.88 55.63
CA GLY M 285 14.00 45.84 57.06
C GLY M 285 13.45 47.05 57.78
N TYR M 286 14.33 47.96 58.18
CA TYR M 286 13.91 49.20 58.78
C TYR M 286 13.20 50.09 57.76
N TRP M 287 12.11 50.72 58.18
CA TRP M 287 11.27 51.47 57.24
C TRP M 287 11.93 52.77 56.80
N ALA M 288 12.55 53.48 57.73
CA ALA M 288 13.19 54.75 57.38
C ALA M 288 14.35 54.52 56.43
N ASN M 289 14.47 55.38 55.43
CA ASN M 289 15.61 55.31 54.53
C ASN M 289 16.90 55.62 55.30
N GLY M 290 17.98 55.00 54.88
CA GLY M 290 19.24 55.06 55.59
C GLY M 290 20.30 55.83 54.83
N ARG M 291 21.17 56.52 55.58
CA ARG M 291 22.38 57.05 54.96
C ARG M 291 23.25 55.93 54.43
N ARG M 292 23.36 54.85 55.21
CA ARG M 292 23.90 53.58 54.71
C ARG M 292 22.76 52.58 54.66
N PRO M 293 22.39 52.08 53.49
CA PRO M 293 21.22 51.20 53.38
C PRO M 293 21.50 49.80 53.90
N LEU M 294 20.45 49.17 54.41
CA LEU M 294 20.52 47.77 54.79
C LEU M 294 20.49 46.88 53.55
N ALA M 295 21.29 45.83 53.55
CA ALA M 295 21.40 44.92 52.42
C ALA M 295 20.80 43.57 52.77
N LEU M 296 20.09 42.98 51.80
CA LEU M 296 19.54 41.64 51.99
C LEU M 296 20.65 40.62 52.17
N VAL M 297 21.74 40.77 51.42
CA VAL M 297 22.90 39.90 51.53
C VAL M 297 24.10 40.74 51.95
N ARG M 298 24.76 40.33 53.03
CA ARG M 298 25.98 41.01 53.47
C ARG M 298 27.12 40.63 52.53
N THR M 299 27.63 41.62 51.81
CA THR M 299 28.64 41.40 50.77
C THR M 299 29.85 42.27 51.06
N HIS M 300 31.04 41.66 50.98
CA HIS M 300 32.27 42.43 51.12
C HIS M 300 32.44 43.40 49.96
N SER M 301 32.10 42.97 48.74
CA SER M 301 32.16 43.82 47.56
C SER M 301 30.74 44.24 47.17
N LYS M 302 30.59 45.52 46.85
CA LYS M 302 29.29 46.04 46.43
C LYS M 302 28.81 45.39 45.14
N LYS M 303 29.75 44.98 44.28
CA LYS M 303 29.36 44.39 43.00
C LYS M 303 28.72 43.02 43.18
N ALA M 304 29.17 42.26 44.18
CA ALA M 304 28.52 40.98 44.49
C ALA M 304 27.10 41.20 44.99
N LEU M 305 26.84 42.32 45.67
CA LEU M 305 25.48 42.65 46.07
C LEU M 305 24.62 42.96 44.84
N MET M 306 25.20 43.61 43.82
CA MET M 306 24.47 43.90 42.59
C MET M 306 24.12 42.65 41.81
N ARG M 307 24.87 41.55 42.00
CA ARG M 307 24.56 40.30 41.32
C ARG M 307 23.21 39.75 41.73
N TYR M 308 22.79 40.02 42.97
CA TYR M 308 21.54 39.49 43.50
C TYR M 308 20.30 40.22 42.97
N GLU M 309 20.48 41.37 42.32
CA GLU M 309 19.33 42.19 41.94
C GLU M 309 18.52 41.54 40.84
N ASP M 310 19.18 40.98 39.83
CA ASP M 310 18.47 40.31 38.75
C ASP M 310 17.92 38.95 39.16
N VAL M 311 18.43 38.38 40.24
CA VAL M 311 18.02 37.04 40.65
C VAL M 311 16.62 37.08 41.25
N TYR M 312 15.79 36.12 40.85
CA TYR M 312 14.44 35.96 41.37
C TYR M 312 14.44 34.73 42.27
N MET M 313 14.30 34.96 43.58
CA MET M 313 14.34 33.90 44.59
C MET M 313 13.10 34.04 45.45
N PRO M 314 11.96 33.49 45.02
CA PRO M 314 10.71 33.75 45.74
C PRO M 314 10.64 33.12 47.12
N GLU M 315 11.07 31.86 47.25
CA GLU M 315 10.96 31.18 48.54
C GLU M 315 11.96 31.72 49.54
N VAL M 316 13.11 32.22 49.07
CA VAL M 316 14.08 32.85 49.95
C VAL M 316 13.55 34.17 50.48
N TYR M 317 12.91 34.95 49.61
CA TYR M 317 12.45 36.29 49.98
C TYR M 317 11.35 36.23 51.03
N LYS M 318 10.46 35.23 50.95
CA LYS M 318 9.45 35.05 51.98
C LYS M 318 10.08 34.69 53.32
N ALA M 319 11.14 33.88 53.29
CA ALA M 319 11.74 33.37 54.52
C ALA M 319 12.30 34.50 55.38
N ILE M 320 12.97 35.47 54.75
CA ILE M 320 13.46 36.63 55.48
C ILE M 320 12.30 37.45 56.02
N ASN M 321 11.26 37.65 55.21
CA ASN M 321 10.15 38.52 55.59
C ASN M 321 9.33 37.92 56.72
N ILE M 322 9.02 36.61 56.66
CA ILE M 322 8.22 36.01 57.72
C ILE M 322 9.00 35.91 59.02
N ALA M 323 10.32 35.75 58.93
CA ALA M 323 11.15 35.79 60.14
C ALA M 323 11.14 37.18 60.76
N GLN M 324 11.12 38.21 59.92
CA GLN M 324 10.96 39.57 60.41
C GLN M 324 9.61 39.75 61.11
N ASN M 325 8.55 39.12 60.57
CA ASN M 325 7.20 39.28 61.10
C ASN M 325 7.00 38.64 62.47
N THR M 326 7.94 37.81 62.94
CA THR M 326 7.79 37.19 64.25
C THR M 326 7.92 38.24 65.35
N ALA M 327 6.97 38.24 66.28
CA ALA M 327 6.89 39.24 67.34
C ALA M 327 7.56 38.71 68.60
N TRP M 328 8.40 39.53 69.21
CA TRP M 328 9.13 39.17 70.41
C TRP M 328 8.75 40.12 71.55
N LYS M 329 8.78 39.59 72.77
CA LYS M 329 8.59 40.41 73.96
C LYS M 329 9.66 40.04 74.99
N ILE M 330 10.08 41.03 75.76
CA ILE M 330 11.10 40.79 76.78
C ILE M 330 10.44 40.13 77.98
N ASN M 331 10.95 38.96 78.35
CA ASN M 331 10.42 38.24 79.51
C ASN M 331 10.84 39.01 80.77
N LYS M 332 9.85 39.64 81.42
CA LYS M 332 10.15 40.55 82.51
C LYS M 332 10.73 39.83 83.73
N LYS M 333 10.23 38.62 84.00
CA LYS M 333 10.61 37.93 85.24
C LYS M 333 12.08 37.54 85.26
N VAL M 334 12.63 37.07 84.12
CA VAL M 334 14.07 36.83 84.10
C VAL M 334 14.82 38.15 84.11
N LEU M 335 14.26 39.20 83.49
CA LEU M 335 14.92 40.49 83.47
C LEU M 335 15.03 41.08 84.87
N ALA M 336 13.95 41.00 85.65
CA ALA M 336 13.96 41.53 87.01
C ALA M 336 14.99 40.80 87.88
N VAL M 337 15.07 39.47 87.73
CA VAL M 337 16.12 38.71 88.42
C VAL M 337 17.49 39.14 87.92
N ALA M 338 17.61 39.37 86.60
CA ALA M 338 18.92 39.62 85.99
C ALA M 338 19.57 40.90 86.53
N ASN M 339 18.79 41.97 86.68
CA ASN M 339 19.38 43.24 87.13
C ASN M 339 19.96 43.11 88.54
N VAL M 340 19.28 42.39 89.43
CA VAL M 340 19.72 42.29 90.82
C VAL M 340 21.07 41.58 90.90
N ILE M 341 21.16 40.40 90.28
CA ILE M 341 22.38 39.60 90.41
C ILE M 341 23.55 40.22 89.67
N THR M 342 23.29 40.93 88.56
CA THR M 342 24.36 41.62 87.87
C THR M 342 24.92 42.79 88.67
N LYS M 343 24.12 43.38 89.56
CA LYS M 343 24.68 44.38 90.48
C LYS M 343 25.62 43.76 91.50
N TRP M 344 25.50 42.46 91.77
CA TRP M 344 26.32 41.81 92.77
C TRP M 344 27.50 41.04 92.19
N LYS M 345 27.39 40.54 90.95
CA LYS M 345 28.49 39.86 90.28
C LYS M 345 28.67 40.40 88.87
N HIS M 346 29.91 40.33 88.38
CA HIS M 346 30.17 40.66 86.98
C HIS M 346 29.42 39.70 86.06
N CYS M 347 29.55 38.41 86.31
CA CYS M 347 28.70 37.40 85.68
C CYS M 347 27.95 36.67 86.78
N PRO M 348 26.62 36.66 86.78
CA PRO M 348 25.87 36.06 87.90
C PRO M 348 26.10 34.57 88.08
N VAL M 349 26.56 33.88 87.04
CA VAL M 349 26.73 32.44 87.09
C VAL M 349 28.21 32.04 87.21
N GLU M 350 29.13 33.01 87.13
CA GLU M 350 30.55 32.69 87.07
C GLU M 350 31.04 32.04 88.36
N ASP M 351 30.59 32.54 89.51
CA ASP M 351 31.03 32.02 90.81
C ASP M 351 29.82 31.77 91.68
N ILE M 352 29.49 30.49 91.89
CA ILE M 352 28.43 30.06 92.78
C ILE M 352 29.07 29.22 93.89
N PRO M 353 28.80 29.50 95.17
CA PRO M 353 29.34 28.67 96.25
C PRO M 353 28.71 27.29 96.29
N GLU M 372 61.20 22.83 82.31
CA GLU M 372 60.06 23.55 81.74
C GLU M 372 59.10 24.01 82.83
N ALA M 373 59.55 23.93 84.09
CA ALA M 373 58.71 24.31 85.21
C ALA M 373 58.39 25.80 85.20
N LEU M 374 59.38 26.63 84.87
CA LEU M 374 59.13 28.07 84.79
C LEU M 374 58.23 28.42 83.62
N THR M 375 58.31 27.66 82.52
CA THR M 375 57.41 27.89 81.39
C THR M 375 55.99 27.44 81.71
N ALA M 376 55.84 26.39 82.52
CA ALA M 376 54.50 25.97 82.94
C ALA M 376 53.86 27.01 83.85
N TRP M 377 54.64 27.62 84.74
CA TRP M 377 54.11 28.66 85.61
C TRP M 377 53.78 29.92 84.83
N LYS M 378 54.58 30.24 83.81
CA LYS M 378 54.31 31.41 82.98
C LYS M 378 53.09 31.20 82.08
N ARG M 379 52.85 29.96 81.67
CA ARG M 379 51.67 29.67 80.86
C ARG M 379 50.40 29.76 81.69
N ALA M 380 50.44 29.32 82.95
CA ALA M 380 49.31 29.50 83.83
C ALA M 380 49.09 30.97 84.17
N ALA M 381 50.17 31.74 84.28
CA ALA M 381 50.05 33.18 84.47
C ALA M 381 49.47 33.85 83.23
N ALA M 382 49.77 33.32 82.04
CA ALA M 382 49.16 33.84 80.81
C ALA M 382 47.67 33.56 80.78
N ALA M 383 47.24 32.41 81.31
CA ALA M 383 45.81 32.12 81.40
C ALA M 383 45.12 33.04 82.39
N VAL M 384 45.81 33.43 83.47
CA VAL M 384 45.24 34.37 84.43
C VAL M 384 45.06 35.74 83.79
N TYR M 385 46.05 36.19 83.01
CA TYR M 385 45.93 37.47 82.31
C TYR M 385 44.83 37.42 81.26
N ARG M 386 44.69 36.30 80.56
CA ARG M 386 43.62 36.16 79.57
C ARG M 386 42.25 36.08 80.23
N LYS M 387 42.17 35.49 81.42
CA LYS M 387 40.89 35.40 82.13
C LYS M 387 40.39 36.79 82.55
N ASP M 388 41.29 37.65 83.01
CA ASP M 388 40.90 39.01 83.39
C ASP M 388 40.46 39.81 82.17
N LYS M 389 41.16 39.64 81.04
CA LYS M 389 40.73 40.29 79.81
C LYS M 389 39.39 39.75 79.34
N ALA M 390 39.16 38.44 79.52
CA ALA M 390 37.90 37.83 79.11
C ALA M 390 36.73 38.39 79.91
N ARG M 391 36.88 38.45 81.24
CA ARG M 391 35.76 38.83 82.11
C ARG M 391 35.31 40.27 81.84
N LYS M 392 36.26 41.16 81.55
CA LYS M 392 35.90 42.53 81.21
C LYS M 392 35.10 42.58 79.91
N SER M 393 35.45 41.74 78.93
CA SER M 393 34.75 41.74 77.65
C SER M 393 33.35 41.14 77.78
N ARG M 394 33.19 40.11 78.61
CA ARG M 394 31.87 39.53 78.82
C ARG M 394 30.94 40.48 79.56
N ARG M 395 31.48 41.31 80.45
CA ARG M 395 30.61 42.17 81.26
C ARG M 395 30.07 43.33 80.45
N ILE M 396 30.90 43.95 79.60
CA ILE M 396 30.46 45.14 78.87
C ILE M 396 29.38 44.78 77.86
N SER M 397 29.47 43.60 77.24
CA SER M 397 28.39 43.12 76.38
C SER M 397 27.16 42.78 77.18
N LEU M 398 27.34 42.26 78.41
CA LEU M 398 26.21 41.93 79.26
C LEU M 398 25.42 43.17 79.66
N GLU M 399 26.12 44.28 79.94
CA GLU M 399 25.44 45.50 80.36
C GLU M 399 24.61 46.11 79.24
N PHE M 400 25.13 46.06 78.01
CA PHE M 400 24.37 46.60 76.88
C PHE M 400 23.13 45.76 76.58
N MET M 401 23.24 44.43 76.73
CA MET M 401 22.09 43.57 76.53
C MET M 401 21.01 43.86 77.56
N LEU M 402 21.41 44.10 78.81
CA LEU M 402 20.46 44.45 79.86
C LEU M 402 19.80 45.80 79.60
N GLU M 403 20.59 46.79 79.13
CA GLU M 403 20.04 48.12 78.89
C GLU M 403 19.01 48.09 77.77
N GLN M 404 19.27 47.33 76.70
CA GLN M 404 18.31 47.22 75.60
C GLN M 404 17.04 46.50 76.05
N ALA M 405 17.19 45.45 76.87
CA ALA M 405 16.02 44.75 77.38
C ALA M 405 15.21 45.62 78.33
N ASN M 406 15.88 46.42 79.16
CA ASN M 406 15.18 47.34 80.04
C ASN M 406 14.47 48.44 79.26
N LYS M 407 15.10 48.91 78.17
CA LYS M 407 14.50 49.98 77.38
C LYS M 407 13.20 49.53 76.71
N PHE M 408 13.19 48.32 76.15
CA PHE M 408 12.08 47.85 75.34
C PHE M 408 11.07 47.01 76.12
N ALA M 409 11.26 46.85 77.43
CA ALA M 409 10.38 45.99 78.20
C ALA M 409 8.96 46.53 78.29
N ASN M 410 8.80 47.86 78.29
CA ASN M 410 7.46 48.45 78.37
C ASN M 410 6.68 48.25 77.07
N HIS M 411 7.38 48.16 75.94
CA HIS M 411 6.71 47.90 74.67
C HIS M 411 6.09 46.50 74.67
N LYS M 412 4.86 46.41 74.14
CA LYS M 412 4.13 45.16 74.17
C LYS M 412 4.81 44.10 73.31
N ALA M 413 5.35 44.50 72.16
CA ALA M 413 6.04 43.57 71.28
C ALA M 413 7.14 44.31 70.53
N ILE M 414 8.26 43.65 70.32
CA ILE M 414 9.32 44.18 69.47
C ILE M 414 9.51 43.21 68.31
N TRP M 415 10.10 43.72 67.24
CA TRP M 415 10.35 42.95 66.03
C TRP M 415 11.81 43.12 65.64
N PHE M 416 12.36 42.11 64.99
CA PHE M 416 13.77 42.08 64.68
C PHE M 416 13.98 41.97 63.18
N PRO M 417 14.78 42.86 62.58
CA PRO M 417 15.06 42.73 61.14
C PRO M 417 16.02 41.58 60.88
N TYR M 418 15.96 41.04 59.66
CA TYR M 418 16.76 39.89 59.27
C TYR M 418 17.42 40.12 57.92
N ASN M 419 18.69 39.74 57.83
CA ASN M 419 19.43 39.74 56.59
C ASN M 419 20.35 38.52 56.58
N MET M 420 20.96 38.27 55.42
CA MET M 420 21.75 37.06 55.20
C MET M 420 23.19 37.45 54.87
N ASP M 421 24.11 36.54 55.17
CA ASP M 421 25.46 36.68 54.65
C ASP M 421 25.51 36.15 53.21
N TRP M 422 26.71 36.13 52.64
CA TRP M 422 26.85 35.67 51.26
C TRP M 422 26.53 34.18 51.14
N ARG M 423 26.91 33.39 52.14
CA ARG M 423 26.59 31.97 52.15
C ARG M 423 25.10 31.72 52.26
N GLY M 424 24.37 32.58 52.95
CA GLY M 424 22.93 32.47 53.05
C GLY M 424 22.39 32.20 54.44
N ARG M 425 23.25 32.15 55.46
CA ARG M 425 22.77 31.95 56.82
C ARG M 425 22.02 33.19 57.31
N VAL M 426 20.90 32.96 57.96
CA VAL M 426 20.03 34.05 58.41
C VAL M 426 20.64 34.69 59.66
N TYR M 427 20.64 36.03 59.67
CA TYR M 427 21.20 36.81 60.76
C TYR M 427 20.22 37.89 61.16
N ALA M 428 20.29 38.31 62.42
CA ALA M 428 19.43 39.37 62.94
C ALA M 428 20.20 40.69 62.94
N VAL M 429 19.58 41.73 62.39
CA VAL M 429 20.28 43.00 62.19
C VAL M 429 20.56 43.68 63.53
N SER M 430 19.62 43.59 64.47
CA SER M 430 19.77 44.26 65.75
C SER M 430 20.90 43.64 66.57
N MET M 431 21.65 44.49 67.27
CA MET M 431 22.71 44.01 68.15
C MET M 431 22.14 43.16 69.27
N PHE M 432 21.07 43.63 69.89
CA PHE M 432 20.27 42.82 70.81
C PHE M 432 19.39 41.91 69.99
N ASN M 433 19.69 40.62 69.98
CA ASN M 433 19.03 39.65 69.13
C ASN M 433 18.88 38.33 69.86
N PRO M 434 17.89 37.50 69.48
CA PRO M 434 17.71 36.21 70.15
C PRO M 434 18.79 35.19 69.84
N GLN M 435 19.77 35.54 69.01
CA GLN M 435 20.85 34.65 68.63
C GLN M 435 22.08 34.78 69.52
N GLY M 436 22.01 35.60 70.56
CA GLY M 436 23.14 35.85 71.43
C GLY M 436 23.31 34.80 72.50
N ASN M 437 23.97 35.19 73.58
CA ASN M 437 24.30 34.27 74.66
C ASN M 437 23.04 33.93 75.46
N ASP M 438 23.22 33.06 76.46
CA ASP M 438 22.09 32.48 77.17
C ASP M 438 21.29 33.51 77.95
N MET M 439 21.98 34.50 78.55
CA MET M 439 21.25 35.59 79.21
C MET M 439 20.43 36.37 78.20
N THR M 440 21.00 36.64 77.02
CA THR M 440 20.27 37.34 75.96
C THR M 440 19.10 36.50 75.46
N LYS M 441 19.31 35.18 75.31
CA LYS M 441 18.24 34.30 74.88
C LYS M 441 17.11 34.23 75.92
N GLY M 442 17.47 34.18 77.20
CA GLY M 442 16.46 34.12 78.25
C GLY M 442 15.63 35.37 78.36
N LEU M 443 16.22 36.54 78.08
CA LEU M 443 15.52 37.81 78.23
C LEU M 443 14.33 37.91 77.27
N LEU M 444 14.49 37.41 76.05
CA LEU M 444 13.49 37.57 75.01
C LEU M 444 12.63 36.32 74.86
N THR M 445 11.33 36.54 74.67
CA THR M 445 10.39 35.47 74.36
C THR M 445 9.40 35.99 73.31
N LEU M 446 8.76 35.07 72.60
CA LEU M 446 7.85 35.46 71.54
C LEU M 446 6.62 36.13 72.13
N ALA M 447 6.08 37.11 71.38
CA ALA M 447 5.03 37.95 71.93
C ALA M 447 3.65 37.30 71.83
N LYS M 448 3.38 36.55 70.76
CA LYS M 448 2.08 35.93 70.56
C LYS M 448 2.14 34.47 70.96
N GLY M 449 1.21 34.06 71.83
CA GLY M 449 1.18 32.70 72.32
C GLY M 449 -0.23 32.11 72.23
N LYS M 450 -0.26 30.78 72.20
CA LYS M 450 -1.47 29.99 72.16
C LYS M 450 -1.47 29.02 73.34
N PRO M 451 -2.65 28.53 73.75
CA PRO M 451 -2.69 27.58 74.87
C PRO M 451 -1.84 26.35 74.60
N ILE M 452 -1.16 25.88 75.64
CA ILE M 452 -0.01 24.99 75.47
C ILE M 452 -0.46 23.60 75.01
N GLY M 453 -1.57 23.09 75.54
CA GLY M 453 -1.96 21.72 75.25
C GLY M 453 -1.08 20.68 75.91
N LYS M 454 -1.53 19.42 75.92
CA LYS M 454 -0.73 18.36 76.52
C LYS M 454 0.57 18.12 75.75
N GLU M 455 0.51 18.16 74.41
CA GLU M 455 1.71 17.97 73.61
C GLU M 455 2.70 19.11 73.82
N GLY M 456 2.21 20.35 73.87
CA GLY M 456 3.09 21.47 74.13
C GLY M 456 3.71 21.43 75.51
N TYR M 457 2.96 20.92 76.49
CA TYR M 457 3.53 20.69 77.82
C TYR M 457 4.66 19.67 77.77
N TYR M 458 4.49 18.63 76.94
CA TYR M 458 5.55 17.64 76.76
C TYR M 458 6.81 18.28 76.18
N TRP M 459 6.63 19.18 75.21
CA TRP M 459 7.78 19.81 74.57
C TRP M 459 8.48 20.80 75.49
N LEU M 460 7.74 21.44 76.39
CA LEU M 460 8.37 22.38 77.32
C LEU M 460 9.23 21.63 78.34
N LYS M 461 8.79 20.45 78.76
CA LYS M 461 9.65 19.60 79.58
C LYS M 461 10.88 19.15 78.82
N ILE M 462 10.73 18.87 77.52
CA ILE M 462 11.88 18.57 76.67
C ILE M 462 12.82 19.76 76.62
N HIS M 463 12.26 20.96 76.42
CA HIS M 463 13.09 22.17 76.34
C HIS M 463 13.82 22.45 77.63
N GLY M 464 13.15 22.26 78.77
CA GLY M 464 13.81 22.43 80.06
C GLY M 464 14.92 21.43 80.29
N ALA M 465 14.78 20.23 79.72
CA ALA M 465 15.87 19.26 79.78
C ALA M 465 17.05 19.69 78.92
N ASN M 466 16.78 20.34 77.79
CA ASN M 466 17.87 20.81 76.93
C ASN M 466 18.69 21.90 77.62
N CYS M 467 18.03 22.80 78.34
CA CYS M 467 18.74 23.86 79.04
C CYS M 467 19.55 23.33 80.22
N ALA M 468 19.22 22.16 80.74
CA ALA M 468 19.95 21.56 81.85
C ALA M 468 21.03 20.59 81.40
N GLY M 469 21.21 20.40 80.10
CA GLY M 469 22.15 19.41 79.59
C GLY M 469 21.61 18.01 79.50
N VAL M 470 20.31 17.81 79.78
CA VAL M 470 19.70 16.49 79.70
C VAL M 470 19.31 16.13 78.27
N ASP M 471 19.59 17.00 77.30
CA ASP M 471 19.22 16.76 75.91
C ASP M 471 19.96 15.58 75.30
N LYS M 472 21.09 15.17 75.88
CA LYS M 472 21.89 14.07 75.35
C LYS M 472 21.41 12.70 75.82
N VAL M 473 20.36 12.64 76.64
CA VAL M 473 19.79 11.38 77.10
C VAL M 473 18.46 11.27 76.36
N PRO M 474 17.89 10.08 76.17
CA PRO M 474 16.62 9.99 75.43
C PRO M 474 15.46 10.70 76.13
N PHE M 475 14.41 10.93 75.33
CA PHE M 475 13.28 11.77 75.78
C PHE M 475 12.55 11.28 77.03
N PRO M 476 12.23 9.98 77.21
CA PRO M 476 11.55 9.59 78.46
C PRO M 476 12.34 9.89 79.71
N GLU M 477 13.67 9.82 79.65
CA GLU M 477 14.48 10.26 80.78
C GLU M 477 14.47 11.77 80.93
N ARG M 478 14.36 12.50 79.81
CA ARG M 478 14.24 13.96 79.86
C ARG M 478 12.95 14.39 80.52
N ILE M 479 11.84 13.71 80.20
CA ILE M 479 10.56 14.00 80.84
C ILE M 479 10.65 13.68 82.32
N LYS M 480 11.27 12.56 82.67
CA LYS M 480 11.35 12.11 84.05
C LYS M 480 12.12 13.10 84.91
N PHE M 481 13.21 13.67 84.40
CA PHE M 481 14.07 14.53 85.20
C PHE M 481 13.37 15.82 85.60
N ILE M 482 12.44 16.32 84.77
CA ILE M 482 11.70 17.53 85.11
C ILE M 482 10.75 17.25 86.27
N GLU M 483 10.02 16.11 86.22
CA GLU M 483 9.06 15.80 87.28
C GLU M 483 9.74 15.51 88.61
N GLU M 484 10.92 14.89 88.59
CA GLU M 484 11.65 14.65 89.83
C GLU M 484 12.08 15.95 90.48
N ASN M 485 12.56 16.91 89.67
CA ASN M 485 12.99 18.21 90.16
C ASN M 485 11.86 19.24 90.12
N HIS M 486 10.60 18.78 90.15
CA HIS M 486 9.47 19.69 90.10
C HIS M 486 9.45 20.64 91.28
N GLU M 487 9.79 20.14 92.47
CA GLU M 487 9.86 21.02 93.65
C GLU M 487 11.01 22.01 93.52
N ASN M 488 12.12 21.59 92.91
CA ASN M 488 13.23 22.51 92.67
C ASN M 488 12.86 23.58 91.65
N ILE M 489 12.14 23.21 90.60
CA ILE M 489 11.71 24.18 89.60
C ILE M 489 10.72 25.17 90.19
N MET M 490 9.74 24.67 90.97
CA MET M 490 8.74 25.54 91.57
C MET M 490 9.36 26.52 92.56
N ALA M 491 10.36 26.07 93.31
CA ALA M 491 11.04 26.96 94.25
C ALA M 491 11.79 28.08 93.52
N CYS M 492 12.40 27.75 92.38
CA CYS M 492 13.11 28.76 91.60
C CYS M 492 12.16 29.80 91.03
N ALA M 493 10.94 29.39 90.66
CA ALA M 493 9.98 30.34 90.10
C ALA M 493 9.50 31.34 91.15
N LYS M 494 9.12 30.87 92.33
CA LYS M 494 8.57 31.76 93.35
C LYS M 494 9.65 32.63 93.99
N SER M 495 10.84 32.07 94.23
CA SER M 495 11.94 32.79 94.87
C SER M 495 13.22 32.52 94.10
N PRO M 496 13.44 33.24 92.99
CA PRO M 496 14.66 32.99 92.19
C PRO M 496 15.94 33.30 92.92
N LEU M 497 15.97 34.35 93.74
CA LEU M 497 17.17 34.70 94.47
C LEU M 497 17.52 33.67 95.53
N GLU M 498 16.50 33.01 96.10
CA GLU M 498 16.73 32.08 97.20
C GLU M 498 17.33 30.76 96.71
N ASN M 499 17.02 30.34 95.50
CA ASN M 499 17.45 29.04 94.99
C ASN M 499 18.49 29.22 93.88
N THR M 500 19.62 28.56 94.02
CA THR M 500 20.74 28.67 93.09
C THR M 500 20.77 27.53 92.08
N TRP M 501 19.71 26.71 92.02
CA TRP M 501 19.73 25.54 91.16
C TRP M 501 19.74 25.91 89.69
N TRP M 502 19.04 26.99 89.31
CA TRP M 502 18.97 27.37 87.91
C TRP M 502 20.32 27.85 87.39
N ALA M 503 21.11 28.49 88.25
CA ALA M 503 22.47 28.89 87.85
C ALA M 503 23.35 27.67 87.59
N GLU M 504 23.19 26.62 88.40
CA GLU M 504 24.03 25.44 88.27
C GLU M 504 23.86 24.76 86.92
N GLN M 505 22.68 24.86 86.32
CA GLN M 505 22.42 24.20 85.05
C GLN M 505 23.24 24.85 83.93
N ASP M 506 23.45 24.08 82.85
CA ASP M 506 24.40 24.47 81.83
C ASP M 506 24.00 25.78 81.13
N SER M 507 22.71 25.98 80.91
CA SER M 507 22.17 27.21 80.32
C SER M 507 21.25 27.85 81.33
N PRO M 508 21.76 28.73 82.18
CA PRO M 508 21.04 29.13 83.41
C PRO M 508 19.82 30.01 83.19
N PHE M 509 19.95 31.10 82.43
CA PHE M 509 18.83 32.03 82.31
C PHE M 509 17.68 31.45 81.51
N CYS M 510 17.98 30.61 80.51
CA CYS M 510 16.93 29.90 79.79
C CYS M 510 16.25 28.88 80.69
N PHE M 511 17.03 28.23 81.57
CA PHE M 511 16.44 27.31 82.55
C PHE M 511 15.53 28.05 83.52
N LEU M 512 15.93 29.25 83.93
CA LEU M 512 15.10 30.04 84.83
C LEU M 512 13.78 30.43 84.17
N ALA M 513 13.83 30.82 82.89
CA ALA M 513 12.60 31.13 82.16
C ALA M 513 11.75 29.89 81.95
N PHE M 514 12.40 28.73 81.76
CA PHE M 514 11.68 27.46 81.72
C PHE M 514 10.98 27.19 83.04
N CYS M 515 11.65 27.51 84.16
CA CYS M 515 11.05 27.30 85.47
C CYS M 515 9.83 28.19 85.68
N PHE M 516 9.88 29.42 85.17
CA PHE M 516 8.71 30.30 85.25
C PHE M 516 7.55 29.74 84.42
N GLU M 517 7.83 29.28 83.21
CA GLU M 517 6.77 28.76 82.34
C GLU M 517 6.21 27.44 82.87
N TYR M 518 7.06 26.60 83.44
CA TYR M 518 6.58 25.34 84.00
C TYR M 518 5.65 25.58 85.18
N ALA M 519 5.94 26.61 85.98
CA ALA M 519 5.02 27.00 87.03
C ALA M 519 3.72 27.53 86.46
N GLY M 520 3.79 28.28 85.36
CA GLY M 520 2.59 28.87 84.78
C GLY M 520 1.62 27.83 84.23
N VAL M 521 2.15 26.84 83.50
CA VAL M 521 1.29 25.77 83.00
C VAL M 521 0.78 24.92 84.18
N GLN M 522 1.56 24.79 85.24
CA GLN M 522 1.08 24.14 86.45
C GLN M 522 -0.02 24.95 87.13
N HIS M 523 0.24 26.25 87.38
CA HIS M 523 -0.66 27.06 88.19
C HIS M 523 -2.01 27.26 87.52
N HIS M 524 -2.01 27.53 86.21
CA HIS M 524 -3.23 27.85 85.49
C HIS M 524 -3.75 26.69 84.65
N GLY M 525 -3.15 25.51 84.77
CA GLY M 525 -3.60 24.37 84.00
C GLY M 525 -3.07 24.40 82.56
N LEU M 526 -3.58 23.45 81.78
CA LEU M 526 -3.11 23.31 80.40
C LEU M 526 -3.64 24.40 79.48
N SER M 527 -4.65 25.17 79.92
CA SER M 527 -5.21 26.22 79.09
C SER M 527 -4.35 27.48 79.06
N TYR M 528 -3.39 27.61 79.97
CA TYR M 528 -2.54 28.79 80.00
C TYR M 528 -1.64 28.82 78.78
N ASN M 529 -1.57 29.98 78.12
CA ASN M 529 -0.77 30.11 76.92
C ASN M 529 0.68 30.39 77.28
N CYS M 530 1.59 29.61 76.71
CA CYS M 530 3.02 29.81 76.87
C CYS M 530 3.62 30.18 75.52
N SER M 531 4.37 31.28 75.50
CA SER M 531 4.96 31.78 74.26
C SER M 531 6.48 31.71 74.28
N LEU M 532 7.05 30.91 75.19
CA LEU M 532 8.50 30.80 75.29
C LEU M 532 9.04 29.92 74.16
N PRO M 533 10.19 30.29 73.59
CA PRO M 533 10.73 29.50 72.46
C PRO M 533 11.29 28.16 72.92
N LEU M 534 11.07 27.14 72.09
CA LEU M 534 11.52 25.77 72.35
C LEU M 534 12.42 25.33 71.21
N ALA M 535 13.64 24.92 71.53
CA ALA M 535 14.71 24.76 70.55
C ALA M 535 15.11 23.30 70.38
N PHE M 536 15.38 22.92 69.13
CA PHE M 536 15.92 21.61 68.78
C PHE M 536 17.12 21.81 67.86
N ASP M 537 18.25 21.19 68.21
CA ASP M 537 19.52 21.43 67.54
C ASP M 537 20.10 20.12 67.02
N GLY M 538 20.42 20.09 65.73
CA GLY M 538 21.18 18.96 65.21
C GLY M 538 22.57 18.93 65.83
N SER M 539 23.06 17.71 66.09
CA SER M 539 24.31 17.55 66.81
C SER M 539 25.50 18.10 66.03
N CYS M 540 25.55 17.83 64.72
CA CYS M 540 26.59 18.38 63.86
C CYS M 540 25.95 18.64 62.49
N SER M 541 25.67 19.91 62.21
CA SER M 541 24.95 20.27 60.99
C SER M 541 25.78 19.97 59.74
N GLY M 542 27.11 20.09 59.83
CA GLY M 542 27.94 19.87 58.66
C GLY M 542 27.88 18.43 58.15
N ILE M 543 28.10 17.47 59.05
CA ILE M 543 28.04 16.06 58.65
C ILE M 543 26.62 15.52 58.60
N GLN M 544 25.65 16.26 59.15
CA GLN M 544 24.25 15.93 58.91
C GLN M 544 23.90 16.13 57.44
N HIS M 545 24.31 17.26 56.87
CA HIS M 545 24.07 17.51 55.45
C HIS M 545 24.97 16.64 54.58
N PHE M 546 26.22 16.42 55.01
CA PHE M 546 27.15 15.62 54.23
C PHE M 546 26.71 14.17 54.14
N SER M 547 26.16 13.62 55.23
CA SER M 547 25.65 12.25 55.20
C SER M 547 24.45 12.14 54.26
N ALA M 548 23.59 13.16 54.23
CA ALA M 548 22.42 13.12 53.36
C ALA M 548 22.80 13.32 51.90
N MET M 549 23.90 14.03 51.63
CA MET M 549 24.34 14.22 50.25
C MET M 549 24.75 12.91 49.61
N LEU M 550 25.51 12.09 50.34
CA LEU M 550 25.97 10.80 49.84
C LEU M 550 25.09 9.64 50.29
N ARG M 551 24.03 9.92 51.05
CA ARG M 551 23.10 8.90 51.56
C ARG M 551 23.82 7.83 52.37
N ASP M 552 24.78 8.26 53.18
CA ASP M 552 25.66 7.34 53.91
C ASP M 552 25.03 6.98 55.24
N GLU M 553 24.94 5.68 55.53
CA GLU M 553 24.26 5.23 56.75
C GLU M 553 25.11 5.41 58.00
N VAL M 554 26.43 5.20 57.91
CA VAL M 554 27.25 5.32 59.11
C VAL M 554 27.41 6.77 59.53
N GLY M 555 27.25 7.73 58.61
CA GLY M 555 27.24 9.12 59.00
C GLY M 555 25.91 9.59 59.53
N GLY M 556 24.81 8.96 59.09
CA GLY M 556 23.50 9.31 59.61
C GLY M 556 23.32 8.92 61.07
N ARG M 557 23.89 7.77 61.46
CA ARG M 557 23.84 7.36 62.87
C ARG M 557 24.67 8.28 63.75
N ALA M 558 25.69 8.92 63.18
CA ALA M 558 26.55 9.81 63.96
C ALA M 558 25.77 11.02 64.47
N VAL M 559 24.99 11.64 63.58
CA VAL M 559 24.15 12.78 63.95
C VAL M 559 22.77 12.29 64.34
N ASN M 560 22.62 10.96 64.43
CA ASN M 560 21.35 10.30 64.74
C ASN M 560 20.26 10.71 63.76
N LEU M 561 20.64 10.88 62.49
CA LEU M 561 19.66 11.05 61.44
C LEU M 561 18.75 9.84 61.34
N LEU M 562 19.32 8.65 61.48
CA LEU M 562 18.54 7.43 61.50
C LEU M 562 17.81 7.28 62.83
N PRO M 563 16.67 6.60 62.85
CA PRO M 563 16.01 6.31 64.12
C PRO M 563 16.80 5.32 64.94
N SER M 564 17.10 5.70 66.18
CA SER M 564 17.86 4.85 67.08
C SER M 564 17.17 4.78 68.43
N GLU M 565 17.35 3.66 69.11
CA GLU M 565 16.84 3.54 70.48
C GLU M 565 17.53 4.51 71.42
N THR M 566 18.86 4.64 71.29
CA THR M 566 19.65 5.55 72.09
C THR M 566 20.36 6.54 71.18
N VAL M 567 20.34 7.82 71.57
CA VAL M 567 21.10 8.82 70.84
C VAL M 567 22.59 8.59 71.07
N GLN M 568 23.35 8.51 70.00
CA GLN M 568 24.77 8.18 70.05
C GLN M 568 25.59 9.44 69.81
N ASP M 569 26.47 9.74 70.77
CA ASP M 569 27.42 10.81 70.57
C ASP M 569 28.42 10.40 69.50
N ILE M 570 28.64 11.28 68.51
CA ILE M 570 29.64 10.99 67.49
C ILE M 570 31.03 10.90 68.10
N TYR M 571 31.36 11.81 69.02
CA TYR M 571 32.71 11.87 69.58
C TYR M 571 33.07 10.58 70.31
N GLY M 572 32.10 9.91 70.93
CA GLY M 572 32.38 8.66 71.61
C GLY M 572 32.48 7.46 70.68
N ILE M 573 31.79 7.49 69.54
CA ILE M 573 31.86 6.38 68.60
C ILE M 573 33.23 6.31 67.95
N VAL M 574 33.74 7.46 67.48
CA VAL M 574 35.10 7.52 66.95
C VAL M 574 36.12 7.29 68.07
N ALA M 575 35.80 7.71 69.30
CA ALA M 575 36.64 7.35 70.44
C ALA M 575 36.67 5.85 70.65
N LYS M 576 35.52 5.19 70.47
CA LYS M 576 35.50 3.73 70.49
C LYS M 576 36.29 3.15 69.33
N LYS M 577 36.23 3.80 68.15
CA LYS M 577 37.06 3.39 67.03
C LYS M 577 38.54 3.60 67.32
N VAL M 578 38.88 4.71 67.98
CA VAL M 578 40.26 4.93 68.41
C VAL M 578 40.63 3.92 69.49
N ASN M 579 39.68 3.55 70.35
CA ASN M 579 39.93 2.52 71.34
C ASN M 579 40.18 1.16 70.69
N GLU M 580 39.45 0.86 69.62
CA GLU M 580 39.68 -0.39 68.89
C GLU M 580 41.05 -0.40 68.22
N ILE M 581 41.47 0.75 67.69
CA ILE M 581 42.79 0.85 67.08
C ILE M 581 43.88 0.79 68.13
N LEU M 582 43.64 1.38 69.31
CA LEU M 582 44.66 1.44 70.35
C LEU M 582 45.04 0.06 70.87
N GLN M 583 44.04 -0.82 71.02
CA GLN M 583 44.34 -2.20 71.42
C GLN M 583 45.10 -2.93 70.32
N ALA M 584 44.75 -2.69 69.05
CA ALA M 584 45.43 -3.33 67.94
C ALA M 584 46.89 -2.86 67.85
N ASP M 585 47.13 -1.57 68.11
CA ASP M 585 48.50 -1.07 68.16
C ASP M 585 49.28 -1.70 69.30
N ALA M 586 48.63 -1.89 70.46
CA ALA M 586 49.30 -2.50 71.60
C ALA M 586 49.61 -3.97 71.35
N ILE M 587 48.70 -4.70 70.70
CA ILE M 587 48.91 -6.12 70.45
C ILE M 587 50.03 -6.31 69.42
N ASN M 588 49.98 -5.58 68.32
CA ASN M 588 51.00 -5.62 67.28
C ASN M 588 51.54 -4.21 67.10
N GLY M 589 52.78 -3.99 67.55
CA GLY M 589 53.39 -2.67 67.54
C GLY M 589 54.51 -2.58 66.53
N THR M 590 54.58 -1.44 65.85
CA THR M 590 55.71 -1.15 64.99
C THR M 590 56.98 -1.04 65.81
N ASP M 591 58.08 -1.48 65.22
CA ASP M 591 59.35 -1.49 65.93
C ASP M 591 59.82 -0.07 66.25
N ASN M 592 60.37 0.11 67.43
CA ASN M 592 60.84 1.40 67.91
C ASN M 592 62.36 1.46 67.71
N GLU M 593 62.82 2.46 66.96
CA GLU M 593 64.23 2.63 66.65
C GLU M 593 64.72 3.97 67.19
N VAL M 594 66.03 4.08 67.33
CA VAL M 594 66.65 5.30 67.83
C VAL M 594 67.63 5.86 66.80
N LYS M 610 62.44 7.17 67.81
CA LYS M 610 61.15 6.87 67.18
C LYS M 610 60.33 5.93 68.05
N LEU M 611 59.24 6.46 68.61
CA LEU M 611 58.37 5.66 69.46
C LEU M 611 57.62 4.62 68.64
N GLY M 612 57.53 3.42 69.20
CA GLY M 612 56.74 2.37 68.58
C GLY M 612 55.25 2.64 68.71
N THR M 613 54.49 2.01 67.81
CA THR M 613 53.04 2.12 67.84
C THR M 613 52.46 1.51 69.11
N LYS M 614 53.02 0.39 69.54
CA LYS M 614 52.61 -0.19 70.82
C LYS M 614 53.02 0.69 71.99
N ALA M 615 54.21 1.29 71.91
CA ALA M 615 54.68 2.17 72.98
C ALA M 615 53.79 3.40 73.11
N LEU M 616 53.39 4.00 71.99
CA LEU M 616 52.49 5.14 72.04
C LEU M 616 51.10 4.74 72.53
N ALA M 617 50.65 3.53 72.15
CA ALA M 617 49.33 3.07 72.57
C ALA M 617 49.26 2.86 74.08
N GLY M 618 50.37 2.40 74.68
CA GLY M 618 50.40 2.21 76.12
C GLY M 618 50.27 3.52 76.88
N GLN M 619 50.90 4.59 76.38
CA GLN M 619 50.71 5.91 76.98
C GLN M 619 49.28 6.38 76.84
N TRP M 620 48.67 6.17 75.66
CA TRP M 620 47.29 6.57 75.45
C TRP M 620 46.32 5.71 76.25
N LEU M 621 46.62 4.42 76.41
CA LEU M 621 45.78 3.55 77.22
C LEU M 621 45.81 3.96 78.69
N ALA M 622 46.98 4.38 79.18
CA ALA M 622 47.08 4.86 80.56
C ALA M 622 46.33 6.17 80.74
N TYR M 623 46.30 7.02 79.70
CA TYR M 623 45.46 8.21 79.75
C TYR M 623 43.99 7.86 79.56
N GLY M 624 43.71 6.74 78.90
CA GLY M 624 42.35 6.41 78.53
C GLY M 624 41.93 7.16 77.28
N VAL M 625 40.75 6.81 76.79
CA VAL M 625 40.16 7.45 75.62
C VAL M 625 38.86 8.12 76.07
N THR M 626 38.74 9.41 75.80
CA THR M 626 37.61 10.21 76.24
C THR M 626 36.93 10.81 75.02
N ARG M 627 35.62 11.06 75.13
CA ARG M 627 34.93 11.82 74.11
C ARG M 627 35.42 13.27 74.04
N SER M 628 35.97 13.78 75.15
CA SER M 628 36.43 15.16 75.19
C SER M 628 37.73 15.37 74.44
N VAL M 629 38.58 14.32 74.34
CA VAL M 629 39.81 14.45 73.57
C VAL M 629 39.52 14.48 72.08
N THR M 630 38.32 14.07 71.69
CA THR M 630 37.93 13.93 70.29
C THR M 630 37.02 15.05 69.81
N LYS M 631 36.23 15.63 70.73
CA LYS M 631 35.09 16.45 70.35
C LYS M 631 35.50 17.67 69.52
N ARG M 632 36.62 18.30 69.87
CA ARG M 632 37.05 19.48 69.11
C ARG M 632 37.44 19.11 67.69
N SER M 633 38.09 17.95 67.52
CA SER M 633 38.48 17.53 66.18
C SER M 633 37.27 17.26 65.29
N VAL M 634 36.20 16.70 65.88
CA VAL M 634 35.01 16.39 65.08
C VAL M 634 34.29 17.68 64.67
N MET M 635 34.12 18.61 65.61
CA MET M 635 33.43 19.87 65.28
C MET M 635 34.24 20.71 64.30
N THR M 636 35.57 20.73 64.44
CA THR M 636 36.39 21.53 63.55
C THR M 636 36.55 20.91 62.16
N LEU M 637 36.27 19.61 62.03
CA LEU M 637 36.46 18.93 60.75
C LEU M 637 35.55 19.51 59.67
N ALA M 638 34.30 19.82 60.03
CA ALA M 638 33.39 20.45 59.09
C ALA M 638 33.81 21.87 58.72
N TYR M 639 34.69 22.49 59.51
CA TYR M 639 35.20 23.82 59.24
C TYR M 639 36.43 23.80 58.35
N GLY M 640 36.82 22.62 57.86
CA GLY M 640 37.99 22.50 57.01
C GLY M 640 39.24 22.02 57.70
N SER M 641 39.15 21.64 58.98
CA SER M 641 40.33 21.23 59.71
C SER M 641 40.81 19.85 59.27
N LYS M 642 42.13 19.67 59.29
CA LYS M 642 42.79 18.47 58.80
C LYS M 642 43.46 17.78 59.99
N GLU M 643 43.87 16.53 59.77
CA GLU M 643 44.52 15.76 60.84
C GLU M 643 45.81 16.42 61.32
N PHE M 644 46.50 17.16 60.46
CA PHE M 644 47.71 17.85 60.90
C PHE M 644 47.37 19.05 61.79
N GLY M 645 46.24 19.69 61.54
CA GLY M 645 45.76 20.71 62.45
C GLY M 645 45.16 20.15 63.72
N PHE M 646 44.81 18.86 63.72
CA PHE M 646 44.27 18.22 64.91
C PHE M 646 45.32 18.02 65.98
N ARG M 647 46.59 17.86 65.58
CA ARG M 647 47.64 17.48 66.52
C ARG M 647 47.86 18.58 67.56
N GLN M 648 47.75 19.84 67.16
CA GLN M 648 47.93 20.93 68.11
C GLN M 648 46.80 20.93 69.15
N GLN M 649 45.57 20.64 68.73
CA GLN M 649 44.46 20.58 69.67
C GLN M 649 44.59 19.38 70.61
N VAL M 650 45.09 18.25 70.10
CA VAL M 650 45.27 17.06 70.93
C VAL M 650 46.20 17.35 72.10
N LEU M 651 47.26 18.12 71.85
CA LEU M 651 48.11 18.58 72.93
C LEU M 651 47.41 19.66 73.76
N GLU M 652 46.76 20.62 73.10
CA GLU M 652 46.24 21.79 73.80
C GLU M 652 45.01 21.45 74.63
N ASP M 653 44.13 20.59 74.11
CA ASP M 653 42.94 20.22 74.89
C ASP M 653 43.28 19.23 76.00
N THR M 654 44.20 18.30 75.74
CA THR M 654 44.41 17.17 76.64
C THR M 654 45.79 17.18 77.30
N ILE M 655 46.86 17.20 76.52
CA ILE M 655 48.20 17.03 77.09
C ILE M 655 48.61 18.28 77.87
N GLN M 656 48.29 19.47 77.35
CA GLN M 656 48.67 20.71 78.02
C GLN M 656 47.95 20.89 79.36
N PRO M 657 46.64 20.61 79.50
CA PRO M 657 46.08 20.55 80.86
C PRO M 657 46.62 19.42 81.71
N ALA M 658 47.14 18.36 81.09
CA ALA M 658 47.61 17.20 81.87
C ALA M 658 48.88 17.52 82.64
N ILE M 659 49.81 18.25 82.03
CA ILE M 659 51.09 18.53 82.69
C ILE M 659 50.89 19.45 83.88
N ASP M 660 49.89 20.33 83.84
CA ASP M 660 49.60 21.15 85.00
C ASP M 660 48.95 20.34 86.12
N SER M 661 48.10 19.38 85.76
CA SER M 661 47.45 18.52 86.75
C SER M 661 48.35 17.39 87.23
N GLY M 662 49.53 17.22 86.63
CA GLY M 662 50.39 16.10 86.92
C GLY M 662 50.17 14.89 86.05
N LYS M 663 49.11 14.88 85.24
CA LYS M 663 48.86 13.79 84.31
C LYS M 663 49.77 13.95 83.10
N GLY M 664 49.65 13.02 82.16
CA GLY M 664 50.56 13.04 81.03
C GLY M 664 51.97 12.59 81.34
N LEU M 665 52.19 12.03 82.53
CA LEU M 665 53.48 11.42 82.85
C LEU M 665 53.79 10.26 81.92
N MET M 666 52.74 9.63 81.39
CA MET M 666 52.89 8.51 80.47
C MET M 666 53.57 8.94 79.18
N PHE M 667 53.24 10.14 78.68
CA PHE M 667 53.96 10.70 77.53
C PHE M 667 55.25 11.32 78.02
N THR M 668 56.38 10.69 77.69
CA THR M 668 57.67 11.31 77.97
C THR M 668 57.89 12.53 77.08
N GLN M 669 57.33 12.51 75.87
CA GLN M 669 57.31 13.65 74.96
C GLN M 669 55.89 13.90 74.49
N PRO M 670 55.46 15.16 74.44
CA PRO M 670 54.07 15.45 74.08
C PRO M 670 53.80 15.49 72.59
N ASN M 671 54.82 15.87 71.80
CA ASN M 671 54.60 16.13 70.38
C ASN M 671 54.40 14.83 69.60
N GLN M 672 55.17 13.79 69.90
CA GLN M 672 55.05 12.53 69.17
C GLN M 672 53.71 11.85 69.47
N ALA M 673 53.23 11.95 70.71
CA ALA M 673 51.94 11.36 71.06
C ALA M 673 50.79 12.09 70.38
N ALA M 674 50.87 13.42 70.30
CA ALA M 674 49.82 14.18 69.63
C ALA M 674 49.78 13.90 68.14
N GLY M 675 50.94 13.74 67.51
CA GLY M 675 50.97 13.34 66.11
C GLY M 675 50.45 11.93 65.90
N TYR M 676 50.78 11.02 66.82
CA TYR M 676 50.28 9.65 66.72
C TYR M 676 48.77 9.61 66.88
N MET M 677 48.23 10.38 67.84
CA MET M 677 46.80 10.38 68.10
C MET M 677 46.02 10.96 66.92
N ALA M 678 46.56 11.97 66.25
CA ALA M 678 45.87 12.57 65.11
C ALA M 678 45.74 11.61 63.95
N LYS M 679 46.76 10.75 63.74
CA LYS M 679 46.65 9.70 62.74
C LYS M 679 45.53 8.72 63.07
N LEU M 680 45.44 8.33 64.34
CA LEU M 680 44.39 7.38 64.75
C LEU M 680 43.00 7.96 64.61
N ILE M 681 42.80 9.23 65.01
CA ILE M 681 41.46 9.79 64.92
C ILE M 681 41.07 10.04 63.46
N TRP M 682 42.02 10.42 62.60
CA TRP M 682 41.69 10.69 61.21
C TRP M 682 41.27 9.42 60.48
N GLU M 683 41.95 8.31 60.73
CA GLU M 683 41.45 7.03 60.23
C GLU M 683 40.14 6.66 60.89
N SER M 684 39.94 7.07 62.15
CA SER M 684 38.70 6.76 62.84
C SER M 684 37.56 7.70 62.45
N VAL M 685 37.84 8.97 62.16
CA VAL M 685 36.76 9.83 61.67
C VAL M 685 36.43 9.57 60.22
N SER M 686 37.32 8.91 59.47
CA SER M 686 37.01 8.60 58.07
C SER M 686 35.99 7.47 57.99
N VAL M 687 36.08 6.49 58.89
CA VAL M 687 35.15 5.36 58.83
C VAL M 687 33.80 5.73 59.46
N THR M 688 33.82 6.54 60.53
CA THR M 688 32.56 6.92 61.19
C THR M 688 31.67 7.77 60.27
N VAL M 689 32.26 8.70 59.53
CA VAL M 689 31.53 9.48 58.53
C VAL M 689 32.37 9.50 57.25
N VAL M 690 32.06 8.57 56.35
CA VAL M 690 32.76 8.51 55.07
C VAL M 690 32.29 9.62 54.15
N ALA M 691 31.02 10.02 54.26
CA ALA M 691 30.42 10.96 53.32
C ALA M 691 31.06 12.33 53.40
N ALA M 692 31.38 12.79 54.60
CA ALA M 692 31.88 14.16 54.76
C ALA M 692 33.27 14.33 54.16
N VAL M 693 34.20 13.42 54.48
CA VAL M 693 35.57 13.58 54.04
C VAL M 693 35.70 13.47 52.53
N GLU M 694 34.91 12.59 51.90
CA GLU M 694 34.90 12.53 50.45
C GLU M 694 34.30 13.78 49.85
N ALA M 695 33.30 14.37 50.53
CA ALA M 695 32.70 15.61 50.04
C ALA M 695 33.68 16.78 50.16
N MET M 696 34.46 16.84 51.24
CA MET M 696 35.44 17.91 51.40
C MET M 696 36.52 17.85 50.32
N ASN M 697 37.04 16.66 50.03
CA ASN M 697 38.13 16.54 49.06
C ASN M 697 37.64 16.81 47.63
N TRP M 698 36.42 16.36 47.31
CA TRP M 698 35.87 16.65 45.98
C TRP M 698 35.60 18.14 45.82
N LEU M 699 35.13 18.80 46.87
CA LEU M 699 34.85 20.23 46.81
C LEU M 699 36.15 21.03 46.79
N LYS M 700 37.15 20.62 47.59
CA LYS M 700 38.43 21.31 47.61
C LYS M 700 39.14 21.22 46.27
N SER M 701 39.12 20.03 45.65
CA SER M 701 39.74 19.87 44.35
C SER M 701 38.99 20.65 43.27
N ALA M 702 37.69 20.85 43.45
CA ALA M 702 36.95 21.69 42.52
C ALA M 702 37.43 23.14 42.57
N ALA M 703 37.45 23.71 43.77
CA ALA M 703 37.90 25.10 43.90
C ALA M 703 39.38 25.25 43.60
N LYS M 704 40.17 24.20 43.81
CA LYS M 704 41.59 24.25 43.48
C LYS M 704 41.81 24.45 41.99
N LEU M 705 41.04 23.74 41.16
CA LEU M 705 41.22 23.84 39.72
C LEU M 705 40.71 25.17 39.17
N LEU M 706 39.54 25.62 39.62
CA LEU M 706 39.02 26.90 39.14
C LEU M 706 39.87 28.08 39.60
N ALA M 707 40.34 28.05 40.85
CA ALA M 707 41.14 29.16 41.35
C ALA M 707 42.53 29.17 40.75
N ALA M 708 43.05 28.03 40.31
CA ALA M 708 44.32 28.00 39.61
C ALA M 708 44.18 28.61 38.23
N GLU M 709 45.27 29.22 37.76
CA GLU M 709 45.36 29.72 36.40
C GLU M 709 46.32 28.84 35.62
N VAL M 710 45.91 28.47 34.40
CA VAL M 710 46.63 27.52 33.57
C VAL M 710 47.44 28.30 32.55
N LYS M 711 48.76 28.21 32.66
CA LYS M 711 49.67 28.92 31.78
C LYS M 711 50.71 27.93 31.26
N ASP M 712 50.95 27.98 29.94
CA ASP M 712 52.00 27.19 29.31
C ASP M 712 53.29 27.98 29.37
N LYS M 713 54.36 27.35 29.90
CA LYS M 713 55.65 28.00 30.00
C LYS M 713 56.23 28.30 28.62
N LYS M 714 56.00 27.42 27.65
CA LYS M 714 56.46 27.67 26.29
C LYS M 714 55.68 28.81 25.65
N THR M 715 54.39 28.94 25.94
CA THR M 715 53.58 29.99 25.32
C THR M 715 53.90 31.37 25.89
N GLY M 716 54.17 31.44 27.20
CA GLY M 716 54.30 32.72 27.85
C GLY M 716 52.99 33.42 28.11
N GLU M 717 51.88 32.70 28.02
CA GLU M 717 50.55 33.25 28.25
C GLU M 717 49.74 32.26 29.07
N ILE M 718 48.70 32.77 29.71
CA ILE M 718 47.81 31.97 30.55
C ILE M 718 46.60 31.59 29.71
N LEU M 719 46.45 30.28 29.46
CA LEU M 719 45.31 29.82 28.69
C LEU M 719 44.00 30.01 29.43
N ARG M 720 44.00 29.80 30.74
CA ARG M 720 42.79 29.97 31.53
C ARG M 720 43.10 30.92 32.66
N LYS M 721 42.14 31.78 33.00
CA LYS M 721 42.28 32.73 34.09
C LYS M 721 41.75 32.16 35.39
N ARG M 722 42.02 32.84 36.50
CA ARG M 722 41.52 32.36 37.78
C ARG M 722 40.00 32.56 37.87
N CYS M 723 39.29 31.49 38.22
CA CYS M 723 37.84 31.46 38.18
C CYS M 723 37.28 31.24 39.58
N ALA M 724 36.22 31.99 39.91
CA ALA M 724 35.51 31.79 41.16
C ALA M 724 34.53 30.62 41.05
N VAL M 725 34.04 30.17 42.19
CA VAL M 725 33.10 29.05 42.27
C VAL M 725 31.73 29.60 42.66
N HIS M 726 30.69 29.09 41.98
CA HIS M 726 29.33 29.52 42.24
C HIS M 726 28.41 28.30 42.28
N TRP M 727 27.45 28.34 43.20
CA TRP M 727 26.43 27.30 43.28
C TRP M 727 25.11 27.96 43.67
N VAL M 728 24.01 27.27 43.35
CA VAL M 728 22.67 27.74 43.64
C VAL M 728 22.06 26.81 44.68
N THR M 729 21.65 27.38 45.81
CA THR M 729 20.99 26.60 46.84
C THR M 729 19.63 26.10 46.34
N PRO M 730 19.17 24.96 46.84
CA PRO M 730 17.86 24.43 46.39
C PRO M 730 16.69 25.35 46.71
N ASP M 731 16.86 26.26 47.67
CA ASP M 731 15.86 27.30 47.91
C ASP M 731 15.76 28.30 46.76
N GLY M 732 16.75 28.32 45.87
CA GLY M 732 16.79 29.27 44.78
C GLY M 732 17.69 30.47 45.00
N PHE M 733 18.55 30.43 46.01
CA PHE M 733 19.43 31.52 46.40
C PHE M 733 20.81 31.33 45.80
N PRO M 734 21.35 32.31 45.09
CA PRO M 734 22.69 32.17 44.52
C PRO M 734 23.78 32.59 45.48
N VAL M 735 24.96 32.01 45.27
CA VAL M 735 26.13 32.38 46.06
C VAL M 735 27.40 32.19 45.24
N TRP M 736 28.19 33.25 45.13
CA TRP M 736 29.47 33.21 44.45
C TRP M 736 30.57 33.39 45.49
N GLN M 737 31.49 32.43 45.55
CA GLN M 737 32.63 32.52 46.46
C GLN M 737 33.83 33.04 45.68
N GLU M 738 34.21 34.29 45.95
CA GLU M 738 35.34 34.94 45.29
C GLU M 738 36.24 35.55 46.36
N TYR M 739 37.16 34.74 46.90
CA TYR M 739 38.14 35.25 47.84
C TYR M 739 39.22 36.00 47.09
N LYS M 740 39.45 37.25 47.45
CA LYS M 740 40.38 38.13 46.75
C LYS M 740 41.60 38.39 47.62
N LYS M 741 42.78 38.37 47.01
CA LYS M 741 43.97 38.80 47.74
C LYS M 741 44.54 40.06 47.11
N PRO M 742 44.99 41.03 47.91
CA PRO M 742 45.57 42.24 47.35
C PRO M 742 46.92 41.98 46.69
N ILE M 743 47.26 42.84 45.74
CA ILE M 743 48.50 42.66 44.98
C ILE M 743 49.71 42.94 45.85
N GLN M 744 49.65 43.99 46.68
CA GLN M 744 50.83 44.50 47.37
C GLN M 744 50.50 44.77 48.83
N THR M 745 51.27 44.16 49.73
CA THR M 745 51.22 44.45 51.16
C THR M 745 52.60 44.84 51.64
N ARG M 746 52.67 45.85 52.50
CA ARG M 746 53.94 46.38 53.00
C ARG M 746 53.88 46.40 54.53
N LEU M 747 54.25 45.30 55.15
CA LEU M 747 54.26 45.22 56.61
C LEU M 747 55.46 45.98 57.18
N ASP M 766 40.67 44.69 39.97
CA ASP M 766 41.04 45.20 41.28
C ASP M 766 42.23 44.45 41.83
N SER M 767 41.97 43.24 42.32
CA SER M 767 42.99 42.40 42.93
C SER M 767 42.76 40.95 42.52
N GLU M 768 43.84 40.17 42.52
CA GLU M 768 43.73 38.77 42.11
C GLU M 768 43.02 37.97 43.19
N ILE M 769 42.53 36.79 42.81
CA ILE M 769 41.85 35.94 43.77
C ILE M 769 42.89 35.14 44.54
N ASP M 770 42.52 34.72 45.75
CA ASP M 770 43.40 33.93 46.61
C ASP M 770 43.00 32.47 46.46
N ALA M 771 43.85 31.69 45.81
CA ALA M 771 43.52 30.29 45.52
C ALA M 771 43.39 29.48 46.79
N HIS M 772 44.30 29.68 47.75
CA HIS M 772 44.32 28.86 48.96
C HIS M 772 43.08 29.12 49.82
N LYS M 773 42.64 30.38 49.91
CA LYS M 773 41.44 30.68 50.68
C LYS M 773 40.19 30.15 50.00
N GLN M 774 40.18 30.12 48.67
CA GLN M 774 39.06 29.51 47.94
C GLN M 774 38.99 28.02 48.21
N GLU M 775 40.14 27.35 48.29
CA GLU M 775 40.16 25.91 48.56
C GLU M 775 39.70 25.59 49.96
N SER M 776 40.14 26.37 50.95
CA SER M 776 39.78 26.10 52.33
C SER M 776 38.33 26.48 52.64
N GLY M 777 37.77 27.42 51.89
CA GLY M 777 36.45 27.93 52.22
C GLY M 777 35.28 27.22 51.56
N ILE M 778 35.51 26.53 50.44
CA ILE M 778 34.42 26.02 49.63
C ILE M 778 33.61 24.97 50.38
N ALA M 779 34.30 24.01 50.99
CA ALA M 779 33.59 22.93 51.69
C ALA M 779 32.80 23.40 52.92
N PRO M 780 33.31 24.26 53.80
CA PRO M 780 32.45 24.74 54.89
C PRO M 780 31.33 25.66 54.42
N ASN M 781 31.56 26.48 53.39
CA ASN M 781 30.55 27.44 52.96
C ASN M 781 29.42 26.76 52.20
N PHE M 782 29.74 25.72 51.43
CA PHE M 782 28.72 24.98 50.69
C PHE M 782 27.76 24.29 51.64
N VAL M 783 28.29 23.59 52.65
CA VAL M 783 27.44 22.90 53.61
C VAL M 783 26.70 23.90 54.48
N HIS M 784 27.29 25.08 54.70
CA HIS M 784 26.58 26.13 55.41
C HIS M 784 25.53 26.81 54.55
N SER M 785 25.77 26.91 53.24
CA SER M 785 24.71 27.37 52.34
C SER M 785 23.56 26.38 52.30
N GLN M 786 23.85 25.09 52.43
CA GLN M 786 22.79 24.08 52.46
C GLN M 786 21.94 24.19 53.72
N ASP M 787 22.58 24.44 54.88
CA ASP M 787 21.80 24.55 56.11
C ASP M 787 20.95 25.82 56.12
N GLY M 788 21.42 26.88 55.46
CA GLY M 788 20.61 28.07 55.30
C GLY M 788 19.39 27.81 54.44
N SER M 789 19.56 27.10 53.33
CA SER M 789 18.43 26.78 52.47
C SER M 789 17.42 25.87 53.17
N HIS M 790 17.92 24.91 53.97
CA HIS M 790 17.03 24.09 54.78
C HIS M 790 16.27 24.95 55.78
N LEU M 791 16.96 25.88 56.43
CA LEU M 791 16.32 26.76 57.41
C LEU M 791 15.29 27.67 56.76
N ARG M 792 15.62 28.22 55.58
CA ARG M 792 14.66 29.05 54.86
C ARG M 792 13.50 28.21 54.32
N LYS M 793 13.78 26.98 53.90
CA LYS M 793 12.70 26.10 53.46
C LYS M 793 11.78 25.73 54.61
N THR M 794 12.35 25.47 55.79
CA THR M 794 11.55 25.09 56.95
C THR M 794 10.61 26.21 57.39
N VAL M 795 11.13 27.44 57.44
CA VAL M 795 10.33 28.56 57.95
C VAL M 795 9.19 28.91 56.99
N VAL M 796 9.40 28.80 55.68
CA VAL M 796 8.29 29.02 54.76
C VAL M 796 7.34 27.83 54.77
N TRP M 797 7.85 26.61 54.95
CA TRP M 797 6.99 25.43 54.97
C TRP M 797 6.12 25.41 56.22
N ALA M 798 6.70 25.73 57.38
CA ALA M 798 5.93 25.73 58.62
C ALA M 798 4.85 26.80 58.62
N HIS M 799 5.05 27.89 57.87
CA HIS M 799 3.99 28.90 57.72
C HIS M 799 2.96 28.50 56.69
N GLU M 800 3.34 27.68 55.70
CA GLU M 800 2.35 27.18 54.74
C GLU M 800 1.68 25.90 55.22
N LYS M 801 2.44 24.98 55.80
CA LYS M 801 1.86 23.73 56.28
C LYS M 801 1.07 23.92 57.57
N TYR M 802 1.49 24.85 58.43
CA TYR M 802 0.82 25.12 59.69
C TYR M 802 0.64 26.63 59.86
N GLY M 803 -0.03 27.01 60.95
CA GLY M 803 -0.36 28.40 61.18
C GLY M 803 0.65 29.16 62.02
N ILE M 804 1.87 28.63 62.11
CA ILE M 804 2.89 29.26 62.94
C ILE M 804 3.40 30.52 62.25
N GLU M 805 3.43 31.64 62.99
CA GLU M 805 3.99 32.88 62.48
C GLU M 805 5.17 33.39 63.30
N SER M 806 5.48 32.77 64.44
CA SER M 806 6.56 33.20 65.31
C SER M 806 7.61 32.10 65.40
N PHE M 807 8.86 32.47 65.16
CA PHE M 807 9.96 31.51 65.09
C PHE M 807 11.20 32.08 65.77
N ALA M 808 12.11 31.18 66.14
CA ALA M 808 13.39 31.55 66.74
C ALA M 808 14.46 30.62 66.17
N LEU M 809 15.35 31.15 65.33
CA LEU M 809 16.25 30.28 64.57
C LEU M 809 17.66 30.83 64.66
N ILE M 810 18.62 29.98 65.07
CA ILE M 810 20.02 30.30 64.85
C ILE M 810 20.73 29.10 64.20
N HIS M 811 20.62 29.03 62.88
CA HIS M 811 21.42 28.24 61.94
C HIS M 811 21.32 26.73 62.08
N ASP M 812 21.02 26.25 63.29
CA ASP M 812 20.76 24.85 63.62
C ASP M 812 19.59 24.72 64.58
N SER M 813 19.18 25.82 65.20
CA SER M 813 18.15 25.82 66.23
C SER M 813 16.83 26.27 65.61
N PHE M 814 15.74 25.69 66.09
CA PHE M 814 14.42 25.96 65.55
C PHE M 814 13.45 26.17 66.71
N GLY M 815 13.06 27.43 66.93
CA GLY M 815 12.20 27.78 68.05
C GLY M 815 10.80 28.12 67.59
N THR M 816 9.82 27.80 68.44
CA THR M 816 8.42 28.02 68.13
C THR M 816 7.60 27.91 69.41
N ILE M 817 6.31 28.23 69.28
CA ILE M 817 5.35 28.11 70.38
C ILE M 817 5.19 26.64 70.74
N PRO M 818 5.09 26.28 72.04
CA PRO M 818 4.99 24.85 72.40
C PRO M 818 3.81 24.12 71.77
N ALA M 819 2.65 24.77 71.64
CA ALA M 819 1.54 24.14 70.93
C ALA M 819 1.86 23.94 69.46
N ASP M 820 2.61 24.87 68.88
CA ASP M 820 3.07 24.77 67.50
C ASP M 820 4.35 23.95 67.37
N ALA M 821 4.92 23.49 68.48
CA ALA M 821 6.25 22.86 68.44
C ALA M 821 6.20 21.45 67.87
N ALA M 822 5.07 20.74 68.03
CA ALA M 822 4.94 19.41 67.46
C ALA M 822 5.01 19.46 65.94
N ASN M 823 4.37 20.46 65.34
CA ASN M 823 4.34 20.58 63.89
C ASN M 823 5.70 20.97 63.33
N LEU M 824 6.38 21.93 63.97
CA LEU M 824 7.65 22.40 63.46
C LEU M 824 8.75 21.37 63.64
N PHE M 825 8.65 20.51 64.66
CA PHE M 825 9.60 19.41 64.82
C PHE M 825 9.50 18.44 63.65
N LYS M 826 8.27 18.19 63.18
CA LYS M 826 8.08 17.39 61.98
C LYS M 826 8.43 18.17 60.71
N ALA M 827 8.24 19.49 60.73
CA ALA M 827 8.41 20.30 59.52
C ALA M 827 9.87 20.33 59.07
N VAL M 828 10.81 20.45 60.01
CA VAL M 828 12.22 20.51 59.65
C VAL M 828 12.67 19.17 59.07
N ARG M 829 12.13 18.07 59.59
CA ARG M 829 12.37 16.76 58.98
C ARG M 829 11.78 16.68 57.58
N GLU M 830 10.55 17.19 57.42
CA GLU M 830 9.86 17.09 56.13
C GLU M 830 10.55 17.92 55.06
N THR M 831 11.17 19.05 55.44
CA THR M 831 11.86 19.87 54.46
C THR M 831 13.18 19.24 54.03
N MET M 832 13.90 18.61 54.97
CA MET M 832 15.21 18.03 54.64
C MET M 832 15.07 16.86 53.67
N VAL M 833 14.06 16.01 53.86
CA VAL M 833 13.88 14.87 52.97
C VAL M 833 13.42 15.33 51.60
N ASP M 834 12.54 16.33 51.54
CA ASP M 834 12.03 16.80 50.25
C ASP M 834 13.09 17.58 49.48
N THR M 835 13.90 18.37 50.19
CA THR M 835 14.96 19.13 49.53
C THR M 835 16.01 18.21 48.94
N TYR M 836 16.44 17.19 49.69
CA TYR M 836 17.55 16.35 49.27
C TYR M 836 17.13 15.33 48.21
N GLU M 837 15.88 14.87 48.25
CA GLU M 837 15.40 13.96 47.21
C GLU M 837 15.18 14.68 45.89
N SER M 838 14.79 15.96 45.95
CA SER M 838 14.51 16.71 44.72
C SER M 838 15.79 17.08 43.98
N CYS M 839 16.83 17.50 44.71
CA CYS M 839 18.05 18.00 44.11
C CYS M 839 19.26 17.30 44.69
N ASP M 840 20.23 17.00 43.84
CA ASP M 840 21.56 16.53 44.25
C ASP M 840 22.50 17.70 44.00
N VAL M 841 22.88 18.38 45.08
CA VAL M 841 23.61 19.65 44.94
C VAL M 841 25.01 19.43 44.39
N LEU M 842 25.64 18.29 44.70
CA LEU M 842 26.98 18.02 44.18
C LEU M 842 26.97 17.88 42.66
N ALA M 843 25.97 17.18 42.12
CA ALA M 843 25.83 17.09 40.67
C ALA M 843 25.52 18.44 40.05
N ASP M 844 24.62 19.21 40.68
CA ASP M 844 24.30 20.54 40.17
C ASP M 844 25.49 21.49 40.28
N PHE M 845 26.24 21.42 41.39
CA PHE M 845 27.43 22.24 41.54
C PHE M 845 28.46 21.93 40.45
N TYR M 846 28.61 20.66 40.10
CA TYR M 846 29.51 20.28 39.02
C TYR M 846 29.08 20.91 37.70
N ASP M 847 27.77 20.99 37.46
CA ASP M 847 27.28 21.56 36.21
C ASP M 847 27.59 23.05 36.10
N GLN M 848 27.69 23.77 37.22
CA GLN M 848 28.03 25.19 37.13
C GLN M 848 29.52 25.42 36.84
N PHE M 849 30.41 24.50 37.20
CA PHE M 849 31.83 24.71 36.93
C PHE M 849 32.41 23.74 35.89
N ALA M 850 31.59 22.85 35.33
CA ALA M 850 32.11 21.90 34.33
C ALA M 850 32.60 22.61 33.08
N ASP M 851 31.96 23.71 32.69
CA ASP M 851 32.43 24.47 31.55
C ASP M 851 33.62 25.35 31.87
N GLN M 852 33.80 25.72 33.15
CA GLN M 852 34.92 26.58 33.51
C GLN M 852 36.25 25.82 33.52
N LEU M 853 36.22 24.52 33.80
CA LEU M 853 37.46 23.78 33.94
C LEU M 853 38.12 23.54 32.57
N HIS M 854 39.43 23.77 32.51
CA HIS M 854 40.20 23.63 31.29
C HIS M 854 40.40 22.15 30.97
N GLU M 855 40.68 21.85 29.69
CA GLU M 855 40.73 20.46 29.24
C GLU M 855 41.89 19.69 29.87
N SER M 856 42.97 20.38 30.24
CA SER M 856 44.05 19.74 30.99
C SER M 856 43.67 19.46 32.43
N GLN M 857 42.54 19.99 32.90
CA GLN M 857 42.11 19.74 34.26
C GLN M 857 41.00 18.70 34.37
N LEU M 858 40.35 18.35 33.26
CA LEU M 858 39.25 17.39 33.34
C LEU M 858 39.74 16.01 33.73
N ASP M 859 41.00 15.69 33.41
CA ASP M 859 41.58 14.43 33.88
C ASP M 859 41.96 14.50 35.35
N LYS M 860 42.43 15.66 35.80
CA LYS M 860 42.86 15.82 37.19
C LYS M 860 41.68 15.83 38.17
N MET M 861 40.49 16.18 37.71
CA MET M 861 39.32 16.25 38.59
C MET M 861 38.91 14.85 39.04
N PRO M 862 38.84 14.59 40.35
CA PRO M 862 38.30 13.31 40.82
C PRO M 862 36.82 13.19 40.54
N ALA M 863 36.36 11.94 40.43
CA ALA M 863 34.96 11.67 40.15
C ALA M 863 34.09 12.03 41.37
N LEU M 864 32.81 12.24 41.09
CA LEU M 864 31.86 12.58 42.15
C LEU M 864 31.71 11.40 43.10
N PRO M 865 31.63 11.66 44.41
CA PRO M 865 31.58 10.56 45.39
C PRO M 865 30.34 9.70 45.25
N ALA M 866 30.49 8.42 45.60
CA ALA M 866 29.44 7.44 45.39
C ALA M 866 28.27 7.63 46.35
N LYS M 867 27.09 7.24 45.91
CA LYS M 867 25.91 7.26 46.76
C LYS M 867 25.97 6.13 47.80
N GLY M 868 25.08 6.22 48.78
CA GLY M 868 25.11 5.26 49.87
C GLY M 868 23.81 4.52 50.11
N ASN M 869 23.72 3.86 51.27
CA ASN M 869 22.62 2.97 51.59
C ASN M 869 21.52 3.63 52.43
N LEU M 870 21.83 4.75 53.11
CA LEU M 870 20.88 5.37 54.00
C LEU M 870 19.64 5.85 53.25
N ASN M 871 18.47 5.58 53.82
CA ASN M 871 17.19 5.97 53.25
C ASN M 871 16.69 7.22 53.95
N LEU M 872 16.30 8.23 53.16
CA LEU M 872 15.87 9.50 53.71
C LEU M 872 14.54 9.41 54.45
N ARG M 873 13.72 8.40 54.14
CA ARG M 873 12.42 8.30 54.82
C ARG M 873 12.58 7.93 56.29
N ASP M 874 13.60 7.15 56.64
CA ASP M 874 13.85 6.82 58.03
C ASP M 874 14.22 8.06 58.85
N ILE M 875 14.76 9.09 58.19
CA ILE M 875 15.29 10.26 58.88
C ILE M 875 14.19 11.02 59.61
N LEU M 876 12.98 11.05 59.03
CA LEU M 876 11.89 11.82 59.62
C LEU M 876 11.45 11.24 60.97
N GLU M 877 11.47 9.92 61.13
CA GLU M 877 11.01 9.34 62.39
C GLU M 877 11.98 9.54 63.54
N SER M 878 13.24 9.87 63.25
CA SER M 878 14.25 9.98 64.30
C SER M 878 14.02 11.25 65.12
N ASP M 879 13.70 11.07 66.41
CA ASP M 879 13.56 12.22 67.29
C ASP M 879 14.91 12.84 67.63
N PHE M 880 15.97 12.04 67.61
CA PHE M 880 17.28 12.48 68.06
C PHE M 880 18.01 13.36 67.05
N ALA M 881 17.56 13.36 65.78
CA ALA M 881 18.22 14.18 64.77
C ALA M 881 17.97 15.67 65.00
N PHE M 882 16.84 16.02 65.60
CA PHE M 882 16.47 17.40 65.91
C PHE M 882 16.43 18.29 64.66
#